data_5UQG
#
_entry.id   5UQG
#
_cell.length_a   95.887
_cell.length_b   137.963
_cell.length_c   116.548
_cell.angle_alpha   90.00
_cell.angle_beta   95.99
_cell.angle_gamma   90.00
#
_symmetry.space_group_name_H-M   'P 1 21 1'
#
loop_
_entity.id
_entity.type
_entity.pdbx_description
1 polymer "Inosine-5'-monophosphate dehydrogenase"
2 non-polymer 'INOSINIC ACID'
3 non-polymer 3-(2-{[(4-chlorophenyl)carbamoyl]amino}propan-2-yl)-N-hydroxybenzene-1-carboximidamide
4 non-polymer 1,2-ETHANEDIOL
5 non-polymer 'POTASSIUM ION'
6 water water
#
_entity_poly.entity_id   1
_entity_poly.type   'polypeptide(L)'
_entity_poly.pdbx_seq_one_letter_code
;MHHHHHHSSGVDLGTENLYFQSNAMKIVKRALTFEDVLLRPGYSEVLPKEVKIHTKLTKNITLNMPLISAAMDTVTEHRA
AIMMARLGGLGVIHKNMDIASQVREVKRVKKSESGGIKDLKKRKEYPDANKDNFGRLRVGAAIGVGQMDRVDALVEAGVD
VVVLDSAHGHSKGIIDTVKAIKAKYPNLDLIAGNIATAAAAKALCEAGVDAVKVGIGPGSICTTRIVSGVGVPQISAIDE
CVEEANKFGVPVIADGGIKYSGDIAKALAVGASSVMIGSLLAGTDESPGELFTYQGRQYKSYRGMGSLGAMQKGSSDRYF
QQGTAQDKLVPEGIEGRVPYVGSIRSVVHQLLGGLRSSMGYVGAKDIEDFQKRAEFVEITTAGLKESHVHDVTITHEAPN
YKVNHQ
;
_entity_poly.pdbx_strand_id   A,B,C,D,E,F,G,H
#
loop_
_chem_comp.id
_chem_comp.type
_chem_comp.name
_chem_comp.formula
8L4 non-polymer 3-(2-{[(4-chlorophenyl)carbamoyl]amino}propan-2-yl)-N-hydroxybenzene-1-carboximidamide 'C17 H19 Cl N4 O2'
EDO non-polymer 1,2-ETHANEDIOL 'C2 H6 O2'
IMP non-polymer 'INOSINIC ACID' 'C10 H13 N4 O8 P'
K non-polymer 'POTASSIUM ION' 'K 1'
#
# COMPACT_ATOMS: atom_id res chain seq x y z
N ASN A 23 -45.44 11.10 5.66
CA ASN A 23 -44.14 10.72 6.22
C ASN A 23 -44.07 10.99 7.70
N ALA A 24 -43.65 9.99 8.46
CA ALA A 24 -43.50 10.16 9.89
C ALA A 24 -42.41 11.18 10.23
N MET A 25 -41.29 11.14 9.52
CA MET A 25 -40.14 12.03 9.76
C MET A 25 -40.33 13.48 9.40
N LYS A 26 -39.82 14.36 10.24
CA LYS A 26 -40.04 15.78 10.04
C LYS A 26 -38.75 16.38 9.47
N ILE A 27 -38.80 16.75 8.19
CA ILE A 27 -37.69 17.44 7.52
C ILE A 27 -38.08 18.91 7.38
N VAL A 28 -37.31 19.78 8.03
CA VAL A 28 -37.72 21.18 8.15
C VAL A 28 -37.31 21.98 6.93
N LYS A 29 -36.20 21.64 6.28
CA LYS A 29 -35.71 22.41 5.15
C LYS A 29 -34.58 21.63 4.49
N ARG A 30 -34.26 22.03 3.26
CA ARG A 30 -33.07 21.57 2.58
C ARG A 30 -31.97 22.59 2.89
N ALA A 31 -30.88 22.13 3.49
CA ALA A 31 -29.85 23.02 4.01
C ALA A 31 -28.64 23.03 3.09
N LEU A 32 -28.11 24.22 2.81
CA LEU A 32 -26.98 24.40 1.91
C LEU A 32 -25.71 24.72 2.68
N THR A 33 -24.56 24.48 2.06
CA THR A 33 -23.36 25.05 2.64
C THR A 33 -22.54 25.81 1.60
N PHE A 34 -21.28 26.15 1.91
CA PHE A 34 -20.55 27.14 1.12
C PHE A 34 -20.49 26.75 -0.35
N GLU A 35 -20.15 25.51 -0.62
CA GLU A 35 -19.98 25.03 -1.98
C GLU A 35 -21.25 25.07 -2.83
N ASP A 36 -22.40 25.19 -2.20
CA ASP A 36 -23.68 25.22 -2.92
C ASP A 36 -24.05 26.58 -3.45
N VAL A 37 -23.33 27.66 -3.09
CA VAL A 37 -23.75 29.00 -3.48
C VAL A 37 -22.56 29.81 -3.99
N LEU A 38 -22.88 30.83 -4.78
CA LEU A 38 -21.90 31.84 -5.22
C LEU A 38 -22.55 33.20 -5.09
N LEU A 39 -21.73 34.21 -4.81
CA LEU A 39 -22.16 35.60 -4.84
C LEU A 39 -22.28 36.12 -6.27
N ARG A 40 -23.36 36.86 -6.55
CA ARG A 40 -23.51 37.55 -7.82
C ARG A 40 -22.68 38.83 -7.82
N PRO A 41 -21.97 39.14 -8.90
CA PRO A 41 -21.29 40.43 -9.00
C PRO A 41 -22.32 41.53 -9.00
N GLY A 42 -21.91 42.71 -8.51
CA GLY A 42 -22.77 43.87 -8.55
C GLY A 42 -21.99 45.07 -9.05
N TYR A 43 -22.73 46.10 -9.47
CA TYR A 43 -22.08 47.33 -9.91
C TYR A 43 -21.14 47.85 -8.84
N SER A 44 -19.92 48.19 -9.23
CA SER A 44 -18.92 48.57 -8.25
C SER A 44 -18.29 49.92 -8.60
N GLU A 45 -18.24 50.80 -7.60
CA GLU A 45 -17.50 52.04 -7.68
C GLU A 45 -16.31 52.04 -6.72
N VAL A 46 -15.95 50.89 -6.17
CA VAL A 46 -14.90 50.79 -5.16
C VAL A 46 -13.91 49.70 -5.57
N LEU A 47 -12.65 49.99 -5.42
CA LEU A 47 -11.63 48.98 -5.61
C LEU A 47 -11.43 48.16 -4.34
N PRO A 48 -10.94 46.91 -4.47
CA PRO A 48 -10.69 46.08 -3.29
C PRO A 48 -9.84 46.76 -2.22
N LYS A 49 -8.82 47.54 -2.62
CA LYS A 49 -7.97 48.14 -1.60
C LYS A 49 -8.67 49.27 -0.85
N GLU A 50 -9.84 49.72 -1.32
CA GLU A 50 -10.55 50.83 -0.71
C GLU A 50 -11.63 50.39 0.26
N VAL A 51 -12.05 49.11 0.25
CA VAL A 51 -13.18 48.74 1.09
C VAL A 51 -12.75 48.72 2.55
N LYS A 52 -13.73 48.91 3.43
CA LYS A 52 -13.54 48.86 4.88
C LYS A 52 -13.99 47.49 5.38
N ILE A 53 -13.16 46.84 6.19
CA ILE A 53 -13.48 45.48 6.62
C ILE A 53 -13.60 45.36 8.14
N HIS A 54 -13.77 46.47 8.86
CA HIS A 54 -14.04 46.39 10.28
C HIS A 54 -15.45 45.81 10.52
N THR A 55 -15.64 45.26 11.71
CA THR A 55 -16.89 44.57 12.03
C THR A 55 -17.02 44.50 13.56
N LYS A 56 -18.09 43.88 14.03
CA LYS A 56 -18.32 43.70 15.46
C LYS A 56 -18.02 42.27 15.85
N LEU A 57 -17.28 42.09 16.95
CA LEU A 57 -17.13 40.76 17.55
C LEU A 57 -18.33 40.43 18.43
N THR A 58 -18.66 41.32 19.36
CA THR A 58 -19.79 41.23 20.25
C THR A 58 -20.54 42.55 20.17
N LYS A 59 -21.65 42.64 20.91
CA LYS A 59 -22.40 43.88 21.01
C LYS A 59 -21.51 45.06 21.41
N ASN A 60 -20.37 44.81 22.05
CA ASN A 60 -19.61 45.90 22.63
C ASN A 60 -18.16 45.97 22.15
N ILE A 61 -17.67 44.94 21.47
CA ILE A 61 -16.28 44.87 21.04
C ILE A 61 -16.26 44.86 19.52
N THR A 62 -15.44 45.71 18.93
CA THR A 62 -15.27 45.77 17.49
C THR A 62 -13.99 45.05 17.09
N LEU A 63 -13.96 44.63 15.83
CA LEU A 63 -12.77 44.11 15.18
C LEU A 63 -12.38 45.02 14.03
N ASN A 64 -11.09 45.14 13.76
CA ASN A 64 -10.69 45.91 12.59
C ASN A 64 -10.69 45.06 11.33
N MET A 65 -10.64 43.74 11.49
CA MET A 65 -10.69 42.75 10.39
C MET A 65 -11.52 41.59 10.96
N PRO A 66 -12.23 40.85 10.14
CA PRO A 66 -13.22 39.92 10.72
C PRO A 66 -12.76 38.50 11.02
N LEU A 67 -11.49 38.24 11.31
CA LEU A 67 -11.02 36.88 11.50
C LEU A 67 -10.66 36.61 12.95
N ILE A 68 -11.03 35.42 13.43
CA ILE A 68 -10.76 34.96 14.79
C ILE A 68 -10.07 33.60 14.69
N SER A 69 -8.95 33.43 15.39
CA SER A 69 -8.31 32.12 15.41
C SER A 69 -8.97 31.21 16.44
N ALA A 70 -9.16 29.95 16.06
CA ALA A 70 -9.95 28.99 16.84
C ALA A 70 -9.31 28.69 18.19
N ALA A 71 -10.15 28.32 19.16
CA ALA A 71 -9.69 27.99 20.51
C ALA A 71 -9.29 26.51 20.55
N MET A 72 -8.14 26.21 19.94
CA MET A 72 -7.71 24.83 19.79
C MET A 72 -6.25 24.75 20.17
N ASP A 73 -5.85 23.62 20.77
CA ASP A 73 -4.49 23.48 21.27
C ASP A 73 -3.49 23.26 20.14
N THR A 74 -3.91 23.14 18.89
CA THR A 74 -2.95 23.23 17.82
C THR A 74 -3.11 24.52 17.00
N VAL A 75 -3.76 25.55 17.55
CA VAL A 75 -4.01 26.78 16.78
C VAL A 75 -3.63 28.04 17.55
N THR A 76 -4.23 28.26 18.73
CA THR A 76 -4.09 29.54 19.41
C THR A 76 -3.52 29.38 20.82
N GLU A 77 -2.26 29.78 21.00
CA GLU A 77 -1.78 30.20 22.32
C GLU A 77 -1.30 31.64 22.18
N HIS A 78 -0.35 32.10 23.02
CA HIS A 78 -0.12 33.54 23.05
C HIS A 78 0.44 34.07 21.73
N ARG A 79 1.34 33.33 21.06
CA ARG A 79 1.94 33.88 19.84
C ARG A 79 0.88 34.14 18.77
N ALA A 80 -0.02 33.18 18.58
CA ALA A 80 -1.07 33.33 17.58
C ALA A 80 -2.04 34.43 17.98
N ALA A 81 -2.40 34.47 19.25
CA ALA A 81 -3.33 35.49 19.72
C ALA A 81 -2.74 36.88 19.54
N ILE A 82 -1.44 37.03 19.79
CA ILE A 82 -0.78 38.32 19.61
C ILE A 82 -0.81 38.74 18.16
N MET A 83 -0.47 37.82 17.24
CA MET A 83 -0.47 38.18 15.83
C MET A 83 -1.86 38.48 15.31
N MET A 84 -2.85 37.69 15.71
CA MET A 84 -4.21 37.95 15.24
C MET A 84 -4.68 39.32 15.69
N ALA A 85 -4.40 39.69 16.95
CA ALA A 85 -4.82 41.01 17.43
C ALA A 85 -4.03 42.11 16.75
N ARG A 86 -2.72 41.90 16.54
CA ARG A 86 -1.95 42.93 15.84
C ARG A 86 -2.51 43.19 14.45
N LEU A 87 -3.07 42.16 13.80
CA LEU A 87 -3.56 42.33 12.44
C LEU A 87 -4.99 42.85 12.40
N GLY A 88 -5.63 43.03 13.54
CA GLY A 88 -6.94 43.63 13.65
C GLY A 88 -8.00 42.68 14.15
N GLY A 89 -7.67 41.40 14.27
CA GLY A 89 -8.62 40.39 14.65
C GLY A 89 -8.51 40.02 16.12
N LEU A 90 -8.64 38.72 16.39
CA LEU A 90 -8.69 38.22 17.75
C LEU A 90 -8.24 36.76 17.76
N GLY A 91 -7.55 36.37 18.82
CA GLY A 91 -7.32 34.96 19.09
C GLY A 91 -8.00 34.58 20.39
N VAL A 92 -8.48 33.35 20.45
CA VAL A 92 -9.10 32.82 21.65
C VAL A 92 -8.18 31.73 22.19
N ILE A 93 -7.58 31.95 23.37
CA ILE A 93 -6.72 30.96 24.00
C ILE A 93 -7.54 29.73 24.36
N HIS A 94 -7.10 28.55 23.92
CA HIS A 94 -7.84 27.33 24.20
C HIS A 94 -7.83 27.02 25.70
N LYS A 95 -8.70 26.10 26.11
CA LYS A 95 -8.92 25.77 27.52
C LYS A 95 -8.39 24.39 27.88
N ASN A 96 -7.56 23.77 27.03
CA ASN A 96 -7.00 22.45 27.34
C ASN A 96 -5.66 22.60 28.07
N MET A 97 -5.74 23.26 29.23
CA MET A 97 -4.61 23.59 30.10
C MET A 97 -5.20 24.01 31.44
N ASP A 98 -4.36 23.99 32.48
CA ASP A 98 -4.90 24.37 33.78
C ASP A 98 -5.10 25.89 33.84
N ILE A 99 -5.79 26.34 34.89
CA ILE A 99 -6.21 27.73 34.97
C ILE A 99 -5.00 28.65 34.94
N ALA A 100 -3.97 28.31 35.71
CA ALA A 100 -2.77 29.15 35.79
C ALA A 100 -2.10 29.32 34.44
N SER A 101 -2.01 28.24 33.65
CA SER A 101 -1.38 28.34 32.33
C SER A 101 -2.17 29.25 31.40
N GLN A 102 -3.50 29.12 31.42
CA GLN A 102 -4.37 29.96 30.60
C GLN A 102 -4.27 31.42 31.02
N VAL A 103 -4.28 31.68 32.31
CA VAL A 103 -4.05 33.03 32.81
C VAL A 103 -2.72 33.57 32.31
N ARG A 104 -1.68 32.74 32.36
CA ARG A 104 -0.36 33.15 31.91
C ARG A 104 -0.40 33.53 30.43
N GLU A 105 -1.10 32.74 29.62
CA GLU A 105 -1.26 33.04 28.20
C GLU A 105 -2.01 34.37 27.97
N VAL A 106 -3.11 34.61 28.70
CA VAL A 106 -3.83 35.87 28.55
C VAL A 106 -2.95 37.05 28.92
N LYS A 107 -2.24 36.92 30.04
CA LYS A 107 -1.35 37.99 30.48
C LYS A 107 -0.25 38.26 29.46
N ARG A 108 0.28 37.20 28.83
CA ARG A 108 1.33 37.45 27.83
C ARG A 108 0.79 38.21 26.64
N VAL A 109 -0.43 37.92 26.20
CA VAL A 109 -1.04 38.74 25.16
C VAL A 109 -1.21 40.17 25.65
N LYS A 110 -1.68 40.32 26.89
CA LYS A 110 -2.01 41.66 27.39
C LYS A 110 -0.76 42.50 27.67
N LYS A 111 0.39 41.91 28.03
CA LYS A 111 1.51 42.84 28.17
C LYS A 111 2.23 43.04 26.84
N SER A 112 1.80 42.40 25.74
CA SER A 112 2.60 42.50 24.53
C SER A 112 2.88 43.94 24.18
N GLU A 113 1.97 44.84 24.54
CA GLU A 113 1.98 46.26 24.15
C GLU A 113 1.14 47.11 25.11
N ARG A 123 6.41 50.03 15.90
CA ARG A 123 5.22 49.23 16.14
C ARG A 123 4.11 49.64 15.18
N LYS A 124 4.43 50.60 14.31
CA LYS A 124 3.50 51.10 13.29
C LYS A 124 3.41 50.08 12.15
N GLU A 125 4.14 48.99 12.31
CA GLU A 125 4.10 47.86 11.40
C GLU A 125 2.68 47.30 11.48
N TYR A 126 2.00 47.54 12.61
CA TYR A 126 0.64 47.08 12.85
C TYR A 126 -0.34 48.22 13.15
N PRO A 127 -0.71 48.98 12.13
CA PRO A 127 -1.60 50.13 12.35
C PRO A 127 -3.04 49.73 12.60
N ASP A 128 -3.44 48.51 12.27
CA ASP A 128 -4.80 48.05 12.47
C ASP A 128 -4.96 47.23 13.74
N ALA A 129 -3.98 47.27 14.63
CA ALA A 129 -4.03 46.44 15.83
C ALA A 129 -5.32 46.68 16.62
N ASN A 130 -5.93 45.58 17.04
CA ASN A 130 -7.18 45.60 17.80
C ASN A 130 -6.85 45.70 19.30
N LYS A 131 -7.10 46.87 19.89
CA LYS A 131 -6.67 47.21 21.24
C LYS A 131 -7.85 47.61 22.13
N ASP A 132 -7.68 47.40 23.44
CA ASP A 132 -8.68 47.81 24.41
C ASP A 132 -8.49 49.29 24.72
N ASN A 133 -9.27 49.80 25.69
CA ASN A 133 -9.22 51.21 26.02
C ASN A 133 -7.89 51.63 26.65
N PHE A 134 -7.03 50.69 27.04
CA PHE A 134 -5.74 51.01 27.62
C PHE A 134 -4.58 50.86 26.65
N GLY A 135 -4.87 50.56 25.38
CA GLY A 135 -3.80 50.33 24.42
C GLY A 135 -3.21 48.94 24.43
N ARG A 136 -3.84 47.98 25.10
CA ARG A 136 -3.34 46.61 25.10
C ARG A 136 -4.08 45.79 24.05
N LEU A 137 -3.41 44.78 23.48
CA LEU A 137 -4.08 43.89 22.52
C LEU A 137 -5.31 43.21 23.15
N ARG A 138 -6.44 43.11 22.39
CA ARG A 138 -7.57 42.27 22.79
C ARG A 138 -7.19 40.78 22.76
N VAL A 139 -7.75 40.03 23.69
CA VAL A 139 -7.61 38.58 23.65
C VAL A 139 -8.90 37.96 24.17
N GLY A 140 -9.16 36.76 23.67
CA GLY A 140 -10.25 35.97 24.17
C GLY A 140 -9.73 34.72 24.86
N ALA A 141 -10.54 34.08 25.68
CA ALA A 141 -10.13 32.82 26.29
C ALA A 141 -11.36 31.94 26.42
N ALA A 142 -11.19 30.67 26.10
CA ALA A 142 -12.30 29.72 26.14
C ALA A 142 -12.51 29.18 27.55
N ILE A 143 -13.77 28.85 27.87
CA ILE A 143 -14.14 28.21 29.12
C ILE A 143 -15.21 27.17 28.85
N GLY A 144 -15.37 26.25 29.80
CA GLY A 144 -16.40 25.23 29.75
C GLY A 144 -17.52 25.49 30.75
N VAL A 145 -18.56 24.67 30.63
CA VAL A 145 -19.71 24.73 31.54
C VAL A 145 -19.23 24.65 32.97
N GLY A 146 -19.77 25.52 33.82
CA GLY A 146 -19.54 25.46 35.25
C GLY A 146 -18.16 25.85 35.71
N GLN A 147 -17.30 26.34 34.82
CA GLN A 147 -15.92 26.67 35.20
C GLN A 147 -15.82 28.10 35.73
N MET A 148 -16.52 28.38 36.81
CA MET A 148 -16.45 29.72 37.37
C MET A 148 -15.10 30.08 37.92
N ASP A 149 -14.37 29.14 38.51
CA ASP A 149 -13.10 29.60 39.06
C ASP A 149 -12.20 30.11 37.95
N ARG A 150 -12.23 29.45 36.79
CA ARG A 150 -11.47 29.90 35.63
C ARG A 150 -11.91 31.28 35.16
N VAL A 151 -13.22 31.52 35.10
CA VAL A 151 -13.73 32.83 34.70
C VAL A 151 -13.18 33.90 35.64
N ASP A 152 -13.24 33.63 36.95
CA ASP A 152 -12.68 34.56 37.94
C ASP A 152 -11.24 34.91 37.60
N ALA A 153 -10.42 33.88 37.37
CA ALA A 153 -9.00 34.12 37.13
C ALA A 153 -8.79 34.90 35.84
N LEU A 154 -9.54 34.57 34.78
CA LEU A 154 -9.36 35.25 33.50
C LEU A 154 -9.76 36.72 33.59
N VAL A 155 -10.80 37.02 34.35
CA VAL A 155 -11.20 38.42 34.54
C VAL A 155 -10.08 39.21 35.23
N GLU A 156 -9.49 38.66 36.30
CA GLU A 156 -8.36 39.32 36.95
C GLU A 156 -7.20 39.54 36.00
N ALA A 157 -6.93 38.58 35.14
CA ALA A 157 -5.83 38.68 34.19
C ALA A 157 -6.09 39.66 33.05
N GLY A 158 -7.29 40.23 32.97
CA GLY A 158 -7.60 41.25 31.98
C GLY A 158 -8.23 40.76 30.69
N VAL A 159 -8.82 39.56 30.66
CA VAL A 159 -9.35 39.02 29.41
C VAL A 159 -10.44 39.96 28.89
N ASP A 160 -10.50 40.08 27.57
CA ASP A 160 -11.44 41.00 26.94
C ASP A 160 -12.79 40.36 26.67
N VAL A 161 -12.80 39.06 26.39
CA VAL A 161 -14.01 38.34 26.10
C VAL A 161 -13.81 36.90 26.50
N VAL A 162 -14.83 36.32 27.10
CA VAL A 162 -14.84 34.90 27.45
C VAL A 162 -15.68 34.16 26.44
N VAL A 163 -15.18 33.04 25.98
CA VAL A 163 -15.88 32.25 25.02
C VAL A 163 -16.34 30.96 25.66
N LEU A 164 -17.62 30.87 25.94
CA LEU A 164 -18.19 29.72 26.57
C LEU A 164 -18.54 28.74 25.49
N ASP A 165 -17.78 27.67 25.44
CA ASP A 165 -17.97 26.69 24.42
C ASP A 165 -18.33 25.32 24.90
N SER A 166 -19.14 24.67 24.10
CA SER A 166 -19.55 23.32 24.31
C SER A 166 -19.94 22.74 22.98
N ALA A 167 -19.77 21.45 22.85
CA ALA A 167 -20.29 20.71 21.70
C ALA A 167 -21.73 21.11 21.40
N HIS A 168 -22.54 21.29 22.44
CA HIS A 168 -23.97 21.55 22.31
C HIS A 168 -24.32 22.77 23.16
N GLY A 169 -24.27 23.95 22.53
CA GLY A 169 -24.56 25.19 23.22
C GLY A 169 -26.01 25.37 23.61
N HIS A 170 -26.93 24.70 22.92
CA HIS A 170 -28.35 24.86 23.19
C HIS A 170 -28.76 23.90 24.30
N SER A 171 -28.26 24.17 25.51
CA SER A 171 -28.36 23.22 26.62
C SER A 171 -28.52 23.96 27.95
N LYS A 172 -29.17 23.30 28.91
CA LYS A 172 -29.36 23.90 30.22
C LYS A 172 -28.04 24.24 30.88
N GLY A 173 -27.05 23.37 30.76
CA GLY A 173 -25.75 23.64 31.36
C GLY A 173 -25.15 24.96 30.85
N ILE A 174 -25.19 25.16 29.52
CA ILE A 174 -24.67 26.39 28.93
C ILE A 174 -25.47 27.60 29.38
N ILE A 175 -26.80 27.52 29.30
CA ILE A 175 -27.64 28.67 29.64
C ILE A 175 -27.47 29.06 31.11
N ASP A 176 -27.45 28.06 32.01
CA ASP A 176 -27.19 28.33 33.42
C ASP A 176 -25.84 29.01 33.62
N THR A 177 -24.81 28.57 32.90
CA THR A 177 -23.50 29.20 33.05
C THR A 177 -23.52 30.63 32.52
N VAL A 178 -24.17 30.86 31.38
CA VAL A 178 -24.35 32.23 30.88
C VAL A 178 -24.98 33.09 31.96
N LYS A 179 -26.12 32.64 32.51
CA LYS A 179 -26.82 33.43 33.51
C LYS A 179 -25.95 33.71 34.72
N ALA A 180 -25.15 32.73 35.14
CA ALA A 180 -24.34 32.90 36.33
C ALA A 180 -23.18 33.85 36.08
N ILE A 181 -22.61 33.80 34.88
CA ILE A 181 -21.48 34.69 34.58
C ILE A 181 -21.96 36.14 34.46
N LYS A 182 -23.05 36.36 33.72
CA LYS A 182 -23.57 37.72 33.58
C LYS A 182 -24.10 38.28 34.90
N ALA A 183 -24.49 37.40 35.84
CA ALA A 183 -24.91 37.87 37.16
C ALA A 183 -23.71 38.34 37.98
N LYS A 184 -22.56 37.66 37.85
CA LYS A 184 -21.39 38.05 38.63
C LYS A 184 -20.55 39.10 37.92
N TYR A 185 -20.46 39.04 36.59
CA TYR A 185 -19.69 40.00 35.80
C TYR A 185 -20.58 40.66 34.74
N PRO A 186 -21.45 41.58 35.14
CA PRO A 186 -22.45 42.13 34.19
C PRO A 186 -21.84 42.72 32.95
N ASN A 187 -20.64 43.29 33.06
CA ASN A 187 -20.02 44.01 31.96
C ASN A 187 -18.93 43.20 31.26
N LEU A 188 -18.84 41.90 31.55
CA LEU A 188 -17.91 41.01 30.85
C LEU A 188 -18.55 40.53 29.55
N ASP A 189 -17.90 40.78 28.42
CA ASP A 189 -18.41 40.28 27.15
C ASP A 189 -18.31 38.76 27.09
N LEU A 190 -19.41 38.11 26.73
CA LEU A 190 -19.53 36.67 26.77
C LEU A 190 -20.06 36.16 25.43
N ILE A 191 -19.29 35.28 24.80
CA ILE A 191 -19.67 34.59 23.57
C ILE A 191 -19.98 33.15 23.95
N ALA A 192 -21.12 32.63 23.46
CA ALA A 192 -21.50 31.26 23.77
C ALA A 192 -21.78 30.49 22.49
N GLY A 193 -21.49 29.19 22.53
CA GLY A 193 -21.74 28.30 21.38
C GLY A 193 -21.34 26.88 21.76
N ASN A 194 -21.40 25.94 20.80
CA ASN A 194 -21.91 26.24 19.46
C ASN A 194 -23.34 25.83 19.24
N ILE A 195 -23.99 26.56 18.33
CA ILE A 195 -25.39 26.34 17.99
C ILE A 195 -25.54 26.27 16.48
N ALA A 196 -26.73 25.86 16.05
CA ALA A 196 -27.02 25.83 14.62
C ALA A 196 -28.52 25.97 14.31
N THR A 197 -29.34 26.47 15.23
CA THR A 197 -30.75 26.69 14.94
C THR A 197 -31.19 28.06 15.43
N ALA A 198 -32.29 28.54 14.88
CA ALA A 198 -32.88 29.79 15.34
C ALA A 198 -33.35 29.67 16.78
N ALA A 199 -33.92 28.52 17.16
CA ALA A 199 -34.35 28.34 18.55
C ALA A 199 -33.18 28.46 19.51
N ALA A 200 -32.00 27.97 19.11
CA ALA A 200 -30.83 28.05 19.97
C ALA A 200 -30.32 29.49 20.09
N ALA A 201 -30.29 30.21 18.96
CA ALA A 201 -29.90 31.62 19.01
C ALA A 201 -30.82 32.42 19.93
N LYS A 202 -32.13 32.18 19.86
CA LYS A 202 -33.06 32.89 20.74
C LYS A 202 -32.79 32.55 22.21
N ALA A 203 -32.55 31.27 22.51
CA ALA A 203 -32.33 30.87 23.90
C ALA A 203 -31.08 31.52 24.48
N LEU A 204 -29.97 31.55 23.70
CA LEU A 204 -28.76 32.19 24.20
C LEU A 204 -28.90 33.70 24.30
N CYS A 205 -29.52 34.33 23.30
CA CYS A 205 -29.76 35.78 23.37
C CYS A 205 -30.61 36.14 24.57
N GLU A 206 -31.63 35.33 24.87
CA GLU A 206 -32.45 35.60 26.04
C GLU A 206 -31.68 35.37 27.34
N ALA A 207 -30.72 34.44 27.34
CA ALA A 207 -29.92 34.21 28.53
C ALA A 207 -28.95 35.36 28.79
N GLY A 208 -28.63 36.16 27.78
CA GLY A 208 -27.85 37.36 27.97
C GLY A 208 -26.50 37.43 27.27
N VAL A 209 -26.26 36.56 26.27
CA VAL A 209 -24.94 36.56 25.62
C VAL A 209 -24.75 37.81 24.77
N ASP A 210 -23.49 38.11 24.47
CA ASP A 210 -23.12 39.26 23.65
C ASP A 210 -22.80 38.88 22.21
N ALA A 211 -22.71 37.58 21.91
CA ALA A 211 -22.56 37.02 20.57
C ALA A 211 -22.79 35.52 20.67
N VAL A 212 -23.24 34.91 19.56
CA VAL A 212 -23.38 33.47 19.48
C VAL A 212 -22.41 32.96 18.42
N LYS A 213 -21.94 31.73 18.62
CA LYS A 213 -20.96 31.12 17.74
C LYS A 213 -21.66 29.94 17.08
N VAL A 214 -21.70 29.94 15.76
CA VAL A 214 -22.52 29.03 14.97
C VAL A 214 -21.62 28.04 14.26
N GLY A 215 -21.91 26.75 14.42
CA GLY A 215 -21.22 25.68 13.73
C GLY A 215 -21.33 24.36 14.46
N ILE A 216 -22.19 23.46 13.98
CA ILE A 216 -22.28 22.10 14.52
C ILE A 216 -21.92 21.19 13.35
N GLY A 217 -20.70 20.65 13.37
CA GLY A 217 -20.28 19.72 12.36
C GLY A 217 -19.40 20.18 11.19
N PRO A 218 -19.28 21.48 10.88
CA PRO A 218 -18.57 21.83 9.63
C PRO A 218 -17.06 21.81 9.73
N GLY A 219 -16.47 21.76 10.94
CA GLY A 219 -15.03 21.79 11.05
C GLY A 219 -14.29 20.76 10.22
N SER A 220 -13.12 21.15 9.71
CA SER A 220 -12.31 20.23 8.92
C SER A 220 -11.96 18.95 9.68
N ILE A 221 -11.70 19.06 10.98
CA ILE A 221 -11.28 17.91 11.80
C ILE A 221 -12.45 17.28 12.56
N CYS A 222 -13.68 17.73 12.29
CA CYS A 222 -14.88 17.37 13.05
C CYS A 222 -15.54 16.14 12.45
N THR A 223 -15.91 15.18 13.31
CA THR A 223 -16.71 14.04 12.87
C THR A 223 -18.11 14.04 13.47
N THR A 224 -18.47 15.05 14.27
CA THR A 224 -19.78 15.10 14.93
C THR A 224 -20.94 14.63 14.07
N ARG A 225 -21.05 15.17 12.85
CA ARG A 225 -22.19 14.81 12.01
C ARG A 225 -22.15 13.35 11.61
N ILE A 226 -20.95 12.78 11.49
CA ILE A 226 -20.84 11.39 11.08
C ILE A 226 -21.08 10.45 12.27
N VAL A 227 -20.59 10.84 13.44
CA VAL A 227 -20.60 9.97 14.62
C VAL A 227 -21.94 10.02 15.35
N SER A 228 -22.62 11.16 15.34
CA SER A 228 -23.90 11.32 16.00
C SER A 228 -25.06 11.58 15.05
N GLY A 229 -24.78 11.89 13.78
CA GLY A 229 -25.86 12.19 12.86
C GLY A 229 -26.44 13.58 12.98
N VAL A 230 -25.84 14.45 13.79
CA VAL A 230 -26.40 15.75 14.13
C VAL A 230 -25.57 16.85 13.46
N GLY A 231 -26.25 17.82 12.88
CA GLY A 231 -25.58 19.00 12.36
C GLY A 231 -26.45 19.74 11.39
N VAL A 232 -26.01 20.94 11.03
CA VAL A 232 -26.69 21.74 10.01
C VAL A 232 -25.62 22.30 9.08
N PRO A 233 -25.71 22.06 7.76
CA PRO A 233 -24.79 22.68 6.79
C PRO A 233 -24.59 24.17 7.04
N GLN A 234 -23.35 24.64 6.90
CA GLN A 234 -22.94 25.85 7.60
C GLN A 234 -23.62 27.11 7.05
N ILE A 235 -23.81 27.23 5.73
CA ILE A 235 -24.50 28.40 5.19
C ILE A 235 -25.91 28.55 5.76
N SER A 236 -26.70 27.47 5.70
CA SER A 236 -28.06 27.52 6.24
C SER A 236 -28.06 27.76 7.76
N ALA A 237 -27.09 27.21 8.47
CA ALA A 237 -27.01 27.44 9.91
C ALA A 237 -26.73 28.91 10.23
N ILE A 238 -25.80 29.53 9.49
CA ILE A 238 -25.55 30.95 9.70
C ILE A 238 -26.81 31.75 9.40
N ASP A 239 -27.44 31.44 8.26
CA ASP A 239 -28.59 32.22 7.81
C ASP A 239 -29.71 32.20 8.84
N GLU A 240 -30.05 31.01 9.31
CA GLU A 240 -31.11 30.85 10.31
C GLU A 240 -30.74 31.53 11.63
N CYS A 241 -29.50 31.38 12.07
CA CYS A 241 -29.12 31.99 13.35
C CYS A 241 -28.97 33.51 13.26
N VAL A 242 -28.48 34.03 12.13
CA VAL A 242 -28.38 35.47 11.96
C VAL A 242 -29.76 36.10 11.98
N GLU A 243 -30.71 35.51 11.27
CA GLU A 243 -32.06 36.07 11.26
C GLU A 243 -32.63 36.18 12.66
N GLU A 244 -32.37 35.18 13.51
CA GLU A 244 -32.92 35.21 14.86
C GLU A 244 -32.10 36.14 15.76
N ALA A 245 -30.77 36.05 15.69
CA ALA A 245 -29.93 36.85 16.58
C ALA A 245 -30.02 38.34 16.27
N ASN A 246 -30.30 38.71 15.02
CA ASN A 246 -30.49 40.13 14.70
C ASN A 246 -31.67 40.73 15.45
N LYS A 247 -32.69 39.92 15.75
CA LYS A 247 -33.83 40.43 16.51
C LYS A 247 -33.43 40.84 17.91
N PHE A 248 -32.26 40.44 18.37
CA PHE A 248 -31.75 40.81 19.68
C PHE A 248 -30.54 41.72 19.60
N GLY A 249 -30.11 42.11 18.40
CA GLY A 249 -28.90 42.89 18.25
C GLY A 249 -27.62 42.14 18.56
N VAL A 250 -27.60 40.82 18.38
CA VAL A 250 -26.48 39.98 18.81
C VAL A 250 -25.70 39.51 17.58
N PRO A 251 -24.40 39.77 17.49
CA PRO A 251 -23.61 39.30 16.34
C PRO A 251 -23.46 37.78 16.34
N VAL A 252 -23.24 37.25 15.14
CA VAL A 252 -23.02 35.82 14.90
C VAL A 252 -21.58 35.62 14.44
N ILE A 253 -20.88 34.69 15.08
CA ILE A 253 -19.57 34.24 14.62
C ILE A 253 -19.75 32.95 13.84
N ALA A 254 -19.29 32.92 12.59
CA ALA A 254 -19.38 31.72 11.76
C ALA A 254 -18.12 30.91 12.02
N ASP A 255 -18.27 29.77 12.73
CA ASP A 255 -17.15 28.97 13.21
C ASP A 255 -17.08 27.63 12.48
N GLY A 256 -16.05 27.45 11.67
CA GLY A 256 -15.71 26.14 11.13
C GLY A 256 -16.14 25.98 9.68
N GLY A 257 -15.40 25.14 8.94
CA GLY A 257 -15.74 24.84 7.57
C GLY A 257 -15.17 25.79 6.53
N ILE A 258 -14.43 26.80 6.93
CA ILE A 258 -13.81 27.71 5.97
C ILE A 258 -12.61 27.01 5.35
N LYS A 259 -12.65 26.84 4.03
CA LYS A 259 -11.63 26.17 3.25
C LYS A 259 -10.81 27.13 2.40
N TYR A 260 -11.46 28.15 1.85
CA TYR A 260 -10.83 29.11 0.98
C TYR A 260 -11.26 30.51 1.39
N SER A 261 -10.54 31.51 0.90
CA SER A 261 -10.91 32.88 1.21
C SER A 261 -12.33 33.20 0.75
N GLY A 262 -12.78 32.58 -0.35
CA GLY A 262 -14.14 32.83 -0.82
C GLY A 262 -15.21 32.46 0.20
N ASP A 263 -14.92 31.46 1.05
CA ASP A 263 -15.89 31.06 2.06
C ASP A 263 -16.06 32.13 3.14
N ILE A 264 -15.00 32.87 3.43
CA ILE A 264 -15.11 33.99 4.37
C ILE A 264 -16.10 35.01 3.84
N ALA A 265 -15.96 35.37 2.57
CA ALA A 265 -16.87 36.37 2.01
C ALA A 265 -18.31 35.87 2.07
N LYS A 266 -18.52 34.61 1.74
CA LYS A 266 -19.89 34.09 1.76
C LYS A 266 -20.45 34.10 3.18
N ALA A 267 -19.66 33.67 4.16
CA ALA A 267 -20.12 33.69 5.55
C ALA A 267 -20.52 35.10 5.98
N LEU A 268 -19.70 36.10 5.63
CA LEU A 268 -20.01 37.48 6.00
C LEU A 268 -21.20 38.01 5.23
N ALA A 269 -21.32 37.65 3.95
CA ALA A 269 -22.40 38.16 3.13
C ALA A 269 -23.74 37.64 3.61
N VAL A 270 -23.81 36.38 4.04
CA VAL A 270 -25.04 35.83 4.58
C VAL A 270 -25.41 36.53 5.88
N GLY A 271 -24.45 37.14 6.57
CA GLY A 271 -24.81 37.98 7.70
C GLY A 271 -24.05 37.71 8.97
N ALA A 272 -23.10 36.78 8.97
CA ALA A 272 -22.23 36.65 10.12
C ALA A 272 -21.40 37.92 10.29
N SER A 273 -21.06 38.24 11.52
CA SER A 273 -20.24 39.41 11.79
C SER A 273 -18.75 39.10 11.79
N SER A 274 -18.37 37.86 12.03
CA SER A 274 -16.97 37.49 12.01
C SER A 274 -16.91 36.00 11.77
N VAL A 275 -15.71 35.51 11.51
CA VAL A 275 -15.48 34.15 11.08
C VAL A 275 -14.37 33.58 11.94
N MET A 276 -14.57 32.37 12.46
CA MET A 276 -13.55 31.68 13.23
C MET A 276 -12.95 30.56 12.38
N ILE A 277 -11.62 30.46 12.41
CA ILE A 277 -10.85 29.63 11.49
C ILE A 277 -9.83 28.81 12.28
N GLY A 278 -9.75 27.51 11.97
CA GLY A 278 -8.75 26.64 12.57
C GLY A 278 -7.73 26.11 11.57
N SER A 279 -8.16 25.25 10.63
CA SER A 279 -7.20 24.54 9.78
C SER A 279 -6.33 25.51 8.98
N LEU A 280 -6.91 26.60 8.49
CA LEU A 280 -6.12 27.54 7.67
C LEU A 280 -5.03 28.26 8.46
N LEU A 281 -5.07 28.23 9.79
CA LEU A 281 -4.04 28.85 10.62
C LEU A 281 -3.16 27.85 11.35
N ALA A 282 -3.55 26.57 11.38
CA ALA A 282 -2.80 25.55 12.10
C ALA A 282 -1.38 25.39 11.56
N GLY A 283 -1.16 25.69 10.29
CA GLY A 283 0.14 25.42 9.70
C GLY A 283 1.09 26.59 9.69
N THR A 284 0.89 27.55 10.60
CA THR A 284 1.72 28.75 10.62
C THR A 284 2.82 28.64 11.67
N ASP A 285 3.85 29.48 11.50
CA ASP A 285 4.90 29.62 12.50
C ASP A 285 4.31 29.81 13.90
N GLU A 286 3.30 30.67 14.02
CA GLU A 286 2.86 31.10 15.35
C GLU A 286 1.95 30.10 16.06
N SER A 287 1.40 29.11 15.36
CA SER A 287 0.55 28.17 16.06
C SER A 287 1.43 27.27 16.94
N PRO A 288 0.84 26.64 17.96
CA PRO A 288 1.65 25.81 18.86
C PRO A 288 2.09 24.56 18.14
N GLY A 289 3.18 23.98 18.62
CA GLY A 289 3.65 22.76 18.00
C GLY A 289 4.77 23.01 17.01
N GLU A 290 5.64 22.00 16.83
CA GLU A 290 6.80 22.12 15.97
C GLU A 290 6.48 21.67 14.55
N LEU A 291 7.22 22.22 13.60
CA LEU A 291 7.28 21.66 12.26
C LEU A 291 7.82 20.24 12.29
N PHE A 292 7.33 19.43 11.36
CA PHE A 292 7.99 18.16 11.07
C PHE A 292 7.90 17.87 9.59
N THR A 293 8.79 17.00 9.13
CA THR A 293 8.88 16.65 7.73
C THR A 293 8.23 15.30 7.49
N TYR A 294 7.38 15.21 6.46
CA TYR A 294 7.00 13.90 5.99
C TYR A 294 6.97 13.85 4.47
N GLN A 295 7.68 12.83 3.95
CA GLN A 295 7.91 12.61 2.53
C GLN A 295 8.32 13.89 1.83
N GLY A 296 9.36 14.53 2.37
CA GLY A 296 10.01 15.64 1.71
C GLY A 296 9.40 17.01 1.96
N ARG A 297 8.24 17.07 2.61
CA ARG A 297 7.48 18.32 2.85
C ARG A 297 7.23 18.57 4.34
N GLN A 298 7.02 19.81 4.72
CA GLN A 298 6.88 20.15 6.13
C GLN A 298 5.42 20.34 6.50
N TYR A 299 5.07 19.88 7.70
CA TYR A 299 3.71 20.01 8.20
C TYR A 299 3.71 20.39 9.68
N LYS A 300 2.52 20.68 10.19
CA LYS A 300 2.28 20.78 11.62
C LYS A 300 1.05 19.94 11.97
N SER A 301 0.99 19.50 13.22
CA SER A 301 -0.16 18.75 13.70
C SER A 301 -1.38 19.65 13.80
N TYR A 302 -2.54 19.06 13.56
CA TYR A 302 -3.79 19.77 13.71
C TYR A 302 -4.83 18.73 14.08
N ARG A 303 -5.57 18.98 15.14
CA ARG A 303 -6.43 17.92 15.65
C ARG A 303 -7.65 18.52 16.31
N GLY A 304 -8.73 17.76 16.31
CA GLY A 304 -9.93 18.20 16.97
C GLY A 304 -9.74 18.22 18.47
N MET A 305 -10.34 19.22 19.11
CA MET A 305 -10.41 19.24 20.58
C MET A 305 -11.29 18.11 21.12
N GLY A 306 -12.07 17.45 20.27
CA GLY A 306 -12.81 16.27 20.67
C GLY A 306 -12.17 14.99 20.16
N SER A 307 -10.92 15.08 19.74
CA SER A 307 -10.19 13.89 19.33
C SER A 307 -9.57 13.21 20.56
N LEU A 308 -9.27 11.91 20.42
CA LEU A 308 -8.66 11.15 21.53
C LEU A 308 -7.43 11.86 22.08
N GLY A 309 -6.53 12.29 21.20
CA GLY A 309 -5.29 12.89 21.67
C GLY A 309 -5.51 14.13 22.50
N ALA A 310 -6.41 15.01 22.05
CA ALA A 310 -6.69 16.22 22.81
C ALA A 310 -7.41 15.89 24.12
N MET A 311 -8.31 14.91 24.11
CA MET A 311 -9.01 14.60 25.36
C MET A 311 -8.12 13.86 26.35
N GLN A 312 -7.09 13.18 25.88
CA GLN A 312 -6.20 12.48 26.78
C GLN A 312 -5.16 13.40 27.42
N LYS A 313 -5.20 14.70 27.17
CA LYS A 313 -4.27 15.62 27.82
C LYS A 313 -4.72 15.96 29.22
N LEU A 329 -18.25 10.92 25.45
CA LEU A 329 -16.85 10.72 25.80
C LEU A 329 -16.15 10.06 24.61
N VAL A 330 -16.95 9.43 23.76
CA VAL A 330 -16.53 8.88 22.47
C VAL A 330 -16.09 10.03 21.55
N PRO A 331 -15.01 9.91 20.80
CA PRO A 331 -14.48 11.10 20.11
C PRO A 331 -15.38 11.64 19.00
N GLU A 332 -15.27 12.97 18.79
CA GLU A 332 -15.98 13.68 17.73
C GLU A 332 -15.01 14.50 16.90
N GLY A 333 -13.75 14.05 16.84
CA GLY A 333 -12.77 14.69 15.98
C GLY A 333 -11.64 13.73 15.72
N ILE A 334 -10.75 14.13 14.81
CA ILE A 334 -9.61 13.30 14.43
C ILE A 334 -8.32 14.06 14.69
N GLU A 335 -7.22 13.33 14.61
CA GLU A 335 -5.88 13.87 14.76
C GLU A 335 -5.22 13.80 13.39
N GLY A 336 -4.68 14.91 12.93
CA GLY A 336 -4.11 14.94 11.60
C GLY A 336 -2.98 15.92 11.42
N ARG A 337 -2.68 16.27 10.17
CA ARG A 337 -1.64 17.24 9.87
C ARG A 337 -2.11 18.15 8.73
N VAL A 338 -1.54 19.35 8.70
CA VAL A 338 -1.75 20.32 7.62
C VAL A 338 -0.40 20.80 7.13
N PRO A 339 -0.26 21.18 5.85
CA PRO A 339 1.03 21.67 5.36
C PRO A 339 1.46 22.93 6.09
N TYR A 340 2.76 23.10 6.22
CA TYR A 340 3.33 24.37 6.71
C TYR A 340 3.19 25.46 5.66
N VAL A 341 2.63 26.61 6.06
CA VAL A 341 2.32 27.70 5.14
C VAL A 341 2.94 29.02 5.57
N GLY A 342 3.90 28.99 6.50
CA GLY A 342 4.61 30.21 6.84
C GLY A 342 3.98 31.05 7.93
N SER A 343 4.12 32.37 7.85
CA SER A 343 3.62 33.27 8.89
C SER A 343 2.09 33.41 8.82
N ILE A 344 1.46 33.57 10.00
CA ILE A 344 0.04 33.94 10.04
C ILE A 344 -0.18 35.20 9.21
N ARG A 345 0.82 36.09 9.18
CA ARG A 345 0.66 37.34 8.46
C ARG A 345 0.44 37.09 6.96
N SER A 346 1.22 36.18 6.37
CA SER A 346 1.05 35.92 4.94
C SER A 346 -0.25 35.19 4.68
N VAL A 347 -0.69 34.32 5.60
CA VAL A 347 -1.98 33.65 5.48
C VAL A 347 -3.11 34.68 5.52
N VAL A 348 -3.11 35.52 6.55
CA VAL A 348 -4.15 36.52 6.70
C VAL A 348 -4.18 37.48 5.51
N HIS A 349 -3.00 37.85 4.99
CA HIS A 349 -2.97 38.71 3.82
C HIS A 349 -3.75 38.11 2.65
N GLN A 350 -3.58 36.81 2.41
CA GLN A 350 -4.29 36.15 1.31
C GLN A 350 -5.79 36.05 1.60
N LEU A 351 -6.15 35.68 2.84
CA LEU A 351 -7.55 35.55 3.20
C LEU A 351 -8.29 36.87 3.06
N LEU A 352 -7.71 37.95 3.58
CA LEU A 352 -8.34 39.25 3.47
C LEU A 352 -8.27 39.82 2.07
N GLY A 353 -7.21 39.49 1.31
CA GLY A 353 -7.17 39.89 -0.09
C GLY A 353 -8.35 39.33 -0.84
N GLY A 354 -8.71 38.07 -0.53
CA GLY A 354 -9.88 37.45 -1.15
C GLY A 354 -11.17 38.10 -0.72
N LEU A 355 -11.30 38.41 0.57
CA LEU A 355 -12.48 39.15 1.04
C LEU A 355 -12.61 40.50 0.34
N ARG A 356 -11.50 41.24 0.22
CA ARG A 356 -11.54 42.55 -0.42
C ARG A 356 -11.90 42.45 -1.89
N SER A 357 -11.32 41.46 -2.58
N SER A 357 -11.38 41.47 -2.61
CA SER A 357 -11.71 41.20 -3.95
CA SER A 357 -11.79 41.25 -3.98
C SER A 357 -13.20 40.92 -4.06
C SER A 357 -13.25 40.93 -4.06
N SER A 358 -13.73 40.10 -3.15
CA SER A 358 -15.15 39.78 -3.13
C SER A 358 -16.00 41.04 -2.96
N MET A 359 -15.63 41.90 -2.02
CA MET A 359 -16.40 43.10 -1.77
C MET A 359 -16.35 44.04 -2.96
N GLY A 360 -15.19 44.12 -3.63
CA GLY A 360 -15.11 44.92 -4.85
C GLY A 360 -16.00 44.41 -5.97
N TYR A 361 -16.07 43.08 -6.14
CA TYR A 361 -16.94 42.43 -7.11
C TYR A 361 -18.41 42.69 -6.82
N VAL A 362 -18.78 42.72 -5.53
CA VAL A 362 -20.15 42.99 -5.12
C VAL A 362 -20.41 44.48 -5.09
N GLY A 363 -19.36 45.29 -5.01
CA GLY A 363 -19.53 46.74 -5.01
C GLY A 363 -19.85 47.32 -3.65
N ALA A 364 -19.44 46.66 -2.58
CA ALA A 364 -19.73 47.11 -1.23
C ALA A 364 -18.55 47.86 -0.63
N LYS A 365 -18.84 49.00 0.00
CA LYS A 365 -17.76 49.80 0.57
C LYS A 365 -17.33 49.31 1.96
N ASP A 366 -18.19 48.58 2.66
CA ASP A 366 -17.89 48.07 4.00
C ASP A 366 -18.76 46.85 4.24
N ILE A 367 -18.57 46.20 5.39
CA ILE A 367 -19.24 44.92 5.62
C ILE A 367 -20.75 45.12 5.71
N GLU A 368 -21.19 46.20 6.35
CA GLU A 368 -22.62 46.43 6.48
C GLU A 368 -23.30 46.53 5.12
N ASP A 369 -22.66 47.23 4.18
CA ASP A 369 -23.18 47.39 2.83
C ASP A 369 -23.11 46.06 2.08
N PHE A 370 -22.05 45.29 2.33
CA PHE A 370 -21.90 43.95 1.76
C PHE A 370 -23.06 43.05 2.18
N GLN A 371 -23.42 43.10 3.47
CA GLN A 371 -24.51 42.26 3.95
C GLN A 371 -25.86 42.75 3.45
N LYS A 372 -26.05 44.06 3.28
CA LYS A 372 -27.34 44.52 2.80
C LYS A 372 -27.59 44.14 1.33
N ARG A 373 -26.56 44.19 0.49
CA ARG A 373 -26.79 44.06 -0.94
C ARG A 373 -26.26 42.78 -1.57
N ALA A 374 -25.59 41.90 -0.83
CA ALA A 374 -25.14 40.65 -1.45
C ALA A 374 -26.34 39.85 -1.93
N GLU A 375 -26.25 39.34 -3.16
CA GLU A 375 -27.21 38.37 -3.65
C GLU A 375 -26.45 37.11 -4.06
N PHE A 376 -27.11 35.96 -3.89
CA PHE A 376 -26.52 34.66 -4.16
C PHE A 376 -27.25 33.94 -5.29
N VAL A 377 -26.55 33.02 -5.93
CA VAL A 377 -27.16 31.96 -6.73
C VAL A 377 -26.81 30.62 -6.11
N GLU A 378 -27.76 29.69 -6.14
CA GLU A 378 -27.46 28.29 -5.85
C GLU A 378 -26.90 27.60 -7.09
N ILE A 379 -25.87 26.79 -6.91
CA ILE A 379 -25.24 26.14 -8.05
C ILE A 379 -25.38 24.62 -7.89
N THR A 380 -24.97 23.90 -8.93
CA THR A 380 -25.01 22.45 -8.96
C THR A 380 -23.59 21.91 -8.79
N THR A 381 -23.50 20.59 -8.70
CA THR A 381 -22.21 19.91 -8.69
C THR A 381 -21.36 20.28 -9.89
N ALA A 382 -21.98 20.41 -11.07
CA ALA A 382 -21.21 20.81 -12.25
C ALA A 382 -20.79 22.27 -12.17
N GLY A 383 -21.65 23.13 -11.61
CA GLY A 383 -21.24 24.49 -11.32
C GLY A 383 -20.02 24.55 -10.43
N LEU A 384 -19.98 23.71 -9.39
CA LEU A 384 -18.83 23.70 -8.50
C LEU A 384 -17.57 23.24 -9.23
N LYS A 385 -17.67 22.16 -10.03
CA LYS A 385 -16.56 21.73 -10.87
C LYS A 385 -16.05 22.86 -11.76
N GLU A 386 -16.99 23.57 -12.40
CA GLU A 386 -16.63 24.72 -13.23
C GLU A 386 -15.94 25.82 -12.43
N SER A 387 -16.29 25.97 -11.14
CA SER A 387 -15.75 27.06 -10.33
C SER A 387 -14.28 26.80 -9.95
N HIS A 388 -13.95 25.57 -9.58
CA HIS A 388 -12.56 25.19 -9.38
C HIS A 388 -11.78 25.23 -10.69
N VAL A 389 -10.46 25.05 -10.56
CA VAL A 389 -9.63 24.80 -11.71
C VAL A 389 -10.06 23.48 -12.35
N HIS A 390 -10.11 23.44 -13.68
CA HIS A 390 -10.55 22.22 -14.34
C HIS A 390 -9.84 22.05 -15.67
N ASP A 391 -9.54 20.80 -16.01
CA ASP A 391 -9.02 20.38 -17.32
C ASP A 391 -7.62 20.89 -17.60
N VAL A 392 -6.90 21.33 -16.57
CA VAL A 392 -5.52 21.78 -16.69
C VAL A 392 -4.76 21.22 -15.50
N THR A 393 -3.52 20.83 -15.70
CA THR A 393 -2.68 20.37 -14.60
C THR A 393 -1.94 21.56 -14.00
N ILE A 394 -2.23 21.86 -12.73
CA ILE A 394 -1.52 22.92 -12.03
C ILE A 394 -0.05 22.54 -11.88
N THR A 395 0.85 23.43 -12.26
CA THR A 395 2.29 23.16 -12.16
C THR A 395 3.00 24.01 -11.12
N HIS A 396 2.40 25.12 -10.70
CA HIS A 396 3.00 26.05 -9.75
C HIS A 396 2.01 26.22 -8.60
N GLU A 397 2.51 26.32 -7.38
CA GLU A 397 1.59 26.56 -6.29
C GLU A 397 1.10 28.00 -6.31
N ALA A 398 -0.10 28.16 -6.10
CA ALA A 398 -0.69 29.47 -5.89
C ALA A 398 -0.85 29.73 -4.39
N PRO A 399 -0.58 30.96 -3.93
CA PRO A 399 -0.59 31.20 -2.48
C PRO A 399 -1.98 31.13 -1.85
N ASN A 400 -3.04 31.15 -2.66
CA ASN A 400 -4.40 31.19 -2.16
C ASN A 400 -5.30 30.08 -2.74
N TYR A 401 -4.71 29.10 -3.43
CA TYR A 401 -5.46 27.99 -3.99
C TYR A 401 -4.69 26.66 -3.95
N LYS A 402 -5.23 25.67 -3.24
CA LYS A 402 -4.62 24.34 -3.15
C LYS A 402 -5.51 23.23 -3.71
N ALA B 24 -47.29 8.01 -19.19
CA ALA B 24 -45.95 8.29 -18.68
C ALA B 24 -45.62 7.34 -17.53
N MET B 25 -44.36 7.32 -17.12
CA MET B 25 -43.96 6.45 -16.05
C MET B 25 -44.34 7.04 -14.70
N LYS B 26 -44.55 6.12 -13.77
CA LYS B 26 -44.99 6.50 -12.47
C LYS B 26 -43.88 6.53 -11.44
N ILE B 27 -43.50 7.75 -11.10
CA ILE B 27 -42.51 7.97 -10.04
C ILE B 27 -43.23 8.37 -8.78
N VAL B 28 -43.11 7.54 -7.74
CA VAL B 28 -43.93 7.69 -6.54
C VAL B 28 -43.39 8.82 -5.67
N LYS B 29 -42.08 8.95 -5.57
CA LYS B 29 -41.47 9.99 -4.74
C LYS B 29 -39.98 10.03 -5.02
N ARG B 30 -39.34 11.05 -4.46
CA ARG B 30 -37.89 11.13 -4.36
C ARG B 30 -37.47 10.54 -3.02
N ALA B 31 -36.64 9.50 -3.06
CA ALA B 31 -36.32 8.72 -1.87
C ALA B 31 -34.91 9.05 -1.39
N LEU B 32 -34.75 9.18 -0.06
CA LEU B 32 -33.52 9.62 0.56
C LEU B 32 -32.91 8.47 1.34
N THR B 33 -31.59 8.49 1.50
CA THR B 33 -30.97 7.57 2.45
C THR B 33 -30.13 8.36 3.45
N PHE B 34 -29.31 7.64 4.22
CA PHE B 34 -28.69 8.20 5.43
C PHE B 34 -27.85 9.43 5.12
N GLU B 35 -27.07 9.39 4.04
CA GLU B 35 -26.18 10.52 3.75
C GLU B 35 -26.92 11.75 3.24
N ASP B 36 -28.22 11.64 2.94
CA ASP B 36 -29.00 12.78 2.48
C ASP B 36 -29.57 13.64 3.61
N VAL B 37 -29.47 13.20 4.86
CA VAL B 37 -30.15 13.89 5.97
C VAL B 37 -29.23 14.02 7.18
N LEU B 38 -29.48 15.04 7.99
CA LEU B 38 -28.86 15.22 9.29
C LEU B 38 -29.92 15.59 10.31
N LEU B 39 -29.65 15.25 11.58
CA LEU B 39 -30.52 15.64 12.68
C LEU B 39 -30.21 17.06 13.13
N ARG B 40 -31.26 17.83 13.42
CA ARG B 40 -31.05 19.15 13.99
C ARG B 40 -30.87 19.05 15.50
N PRO B 41 -29.94 19.81 16.07
CA PRO B 41 -29.85 19.85 17.53
C PRO B 41 -31.12 20.45 18.11
N GLY B 42 -31.45 20.03 19.34
CA GLY B 42 -32.56 20.62 20.07
C GLY B 42 -32.14 21.00 21.48
N TYR B 43 -33.05 21.68 22.17
CA TYR B 43 -32.78 22.07 23.54
C TYR B 43 -32.62 20.84 24.42
N SER B 44 -31.54 20.78 25.18
CA SER B 44 -31.23 19.57 25.93
C SER B 44 -30.98 19.85 27.40
N GLU B 45 -31.56 19.04 28.26
CA GLU B 45 -31.23 19.04 29.68
C GLU B 45 -30.61 17.73 30.10
N VAL B 46 -30.17 16.91 29.15
CA VAL B 46 -29.64 15.60 29.46
C VAL B 46 -28.24 15.46 28.87
N LEU B 47 -27.40 14.73 29.55
CA LEU B 47 -26.07 14.41 29.05
C LEU B 47 -26.09 13.02 28.41
N PRO B 48 -25.15 12.75 27.51
CA PRO B 48 -25.15 11.42 26.83
C PRO B 48 -25.11 10.24 27.79
N LYS B 49 -24.34 10.30 28.87
CA LYS B 49 -24.30 9.14 29.78
C LYS B 49 -25.60 8.93 30.54
N GLU B 50 -26.52 9.89 30.51
CA GLU B 50 -27.80 9.78 31.23
C GLU B 50 -28.95 9.29 30.36
N VAL B 51 -28.82 9.25 29.04
CA VAL B 51 -29.96 8.88 28.21
C VAL B 51 -30.21 7.36 28.31
N LYS B 52 -31.42 6.94 27.99
CA LYS B 52 -31.78 5.54 28.03
C LYS B 52 -31.89 5.02 26.62
N ILE B 53 -31.33 3.85 26.36
CA ILE B 53 -31.29 3.30 25.01
C ILE B 53 -31.99 1.94 24.94
N HIS B 54 -32.76 1.61 25.98
CA HIS B 54 -33.69 0.48 25.96
C HIS B 54 -34.70 0.65 24.84
N THR B 55 -35.08 -0.45 24.16
CA THR B 55 -35.99 -0.34 23.02
C THR B 55 -36.75 -1.65 22.80
N LYS B 56 -37.73 -1.59 21.91
CA LYS B 56 -38.52 -2.77 21.57
C LYS B 56 -37.86 -3.50 20.40
N LEU B 57 -37.76 -4.82 20.53
CA LEU B 57 -37.41 -5.70 19.41
C LEU B 57 -38.67 -6.12 18.64
N THR B 58 -39.64 -6.68 19.36
CA THR B 58 -40.94 -7.03 18.83
C THR B 58 -41.98 -6.40 19.72
N LYS B 59 -43.25 -6.72 19.45
CA LYS B 59 -44.35 -6.30 20.31
C LYS B 59 -44.17 -6.75 21.75
N ASN B 60 -43.40 -7.82 21.98
CA ASN B 60 -43.40 -8.54 23.25
C ASN B 60 -42.02 -8.67 23.88
N ILE B 61 -40.94 -8.39 23.15
CA ILE B 61 -39.56 -8.57 23.58
C ILE B 61 -38.82 -7.24 23.46
N THR B 62 -38.07 -6.87 24.49
CA THR B 62 -37.26 -5.66 24.46
C THR B 62 -35.78 -5.99 24.43
N LEU B 63 -35.00 -4.97 24.06
CA LEU B 63 -33.56 -4.99 24.11
C LEU B 63 -33.10 -3.90 25.07
N ASN B 64 -31.99 -4.14 25.76
CA ASN B 64 -31.33 -3.11 26.56
C ASN B 64 -30.55 -2.12 25.69
N MET B 65 -30.24 -2.51 24.46
CA MET B 65 -29.48 -1.71 23.50
C MET B 65 -30.05 -2.05 22.10
N PRO B 66 -30.15 -1.11 21.16
CA PRO B 66 -30.91 -1.39 19.93
C PRO B 66 -30.16 -2.04 18.78
N LEU B 67 -29.10 -2.80 19.02
CA LEU B 67 -28.32 -3.40 17.94
C LEU B 67 -28.55 -4.89 17.81
N ILE B 68 -28.64 -5.36 16.57
CA ILE B 68 -28.83 -6.76 16.22
C ILE B 68 -27.76 -7.14 15.21
N SER B 69 -27.04 -8.23 15.44
CA SER B 69 -26.07 -8.67 14.45
C SER B 69 -26.78 -9.45 13.36
N ALA B 70 -26.33 -9.28 12.12
CA ALA B 70 -27.02 -9.82 10.95
C ALA B 70 -26.95 -11.34 10.89
N ALA B 71 -27.95 -11.93 10.23
CA ALA B 71 -28.08 -13.39 10.12
C ALA B 71 -27.29 -13.87 8.90
N MET B 72 -25.97 -13.80 9.02
CA MET B 72 -25.06 -14.04 7.90
C MET B 72 -23.98 -15.00 8.35
N ASP B 73 -23.50 -15.87 7.43
CA ASP B 73 -22.53 -16.87 7.85
C ASP B 73 -21.11 -16.31 8.00
N THR B 74 -20.92 -15.01 7.85
CA THR B 74 -19.67 -14.38 8.23
C THR B 74 -19.85 -13.35 9.36
N VAL B 75 -20.99 -13.37 10.04
CA VAL B 75 -21.24 -12.40 11.10
C VAL B 75 -21.68 -13.11 12.39
N THR B 76 -22.72 -13.95 12.33
CA THR B 76 -23.36 -14.43 13.57
C THR B 76 -23.46 -15.94 13.61
N GLU B 77 -22.60 -16.57 14.41
CA GLU B 77 -22.91 -17.90 14.95
C GLU B 77 -22.90 -17.74 16.47
N HIS B 78 -22.67 -18.82 17.24
CA HIS B 78 -23.00 -18.74 18.66
C HIS B 78 -22.13 -17.70 19.39
N ARG B 79 -20.86 -17.58 19.01
CA ARG B 79 -19.98 -16.70 19.77
C ARG B 79 -20.40 -15.23 19.65
N ALA B 80 -20.71 -14.79 18.43
CA ALA B 80 -21.18 -13.42 18.23
C ALA B 80 -22.53 -13.20 18.91
N ALA B 81 -23.41 -14.20 18.85
CA ALA B 81 -24.73 -14.07 19.48
C ALA B 81 -24.60 -13.97 20.99
N ILE B 82 -23.70 -14.75 21.59
CA ILE B 82 -23.46 -14.65 23.03
C ILE B 82 -23.05 -13.22 23.40
N MET B 83 -22.05 -12.67 22.72
CA MET B 83 -21.57 -11.33 23.04
C MET B 83 -22.63 -10.25 22.81
N MET B 84 -23.36 -10.33 21.68
CA MET B 84 -24.40 -9.32 21.43
C MET B 84 -25.45 -9.34 22.54
N ALA B 85 -25.88 -10.54 22.95
CA ALA B 85 -26.88 -10.60 24.01
C ALA B 85 -26.28 -10.14 25.34
N ARG B 86 -25.02 -10.47 25.61
CA ARG B 86 -24.37 -10.00 26.85
C ARG B 86 -24.26 -8.49 26.92
N LEU B 87 -24.13 -7.82 25.78
CA LEU B 87 -24.05 -6.37 25.74
C LEU B 87 -25.42 -5.71 25.66
N GLY B 88 -26.50 -6.50 25.64
CA GLY B 88 -27.83 -5.96 25.73
C GLY B 88 -28.66 -6.10 24.48
N GLY B 89 -28.08 -6.54 23.37
CA GLY B 89 -28.86 -6.64 22.15
C GLY B 89 -29.15 -8.08 21.78
N LEU B 90 -28.88 -8.42 20.53
CA LEU B 90 -29.31 -9.74 20.07
C LEU B 90 -28.46 -10.14 18.86
N GLY B 91 -28.23 -11.45 18.74
CA GLY B 91 -27.68 -12.02 17.53
C GLY B 91 -28.69 -12.97 16.91
N VAL B 92 -28.70 -13.03 15.58
CA VAL B 92 -29.59 -13.92 14.82
C VAL B 92 -28.72 -14.95 14.12
N ILE B 93 -28.84 -16.21 14.54
CA ILE B 93 -28.08 -17.28 13.91
C ILE B 93 -28.53 -17.45 12.46
N HIS B 94 -27.57 -17.45 11.54
CA HIS B 94 -27.88 -17.54 10.12
C HIS B 94 -28.41 -18.94 9.77
N LYS B 95 -29.04 -19.05 8.60
CA LYS B 95 -29.68 -20.29 8.21
C LYS B 95 -28.96 -21.01 7.07
N ASN B 96 -27.72 -20.61 6.78
CA ASN B 96 -26.97 -21.28 5.72
C ASN B 96 -26.25 -22.50 6.30
N MET B 97 -27.06 -23.37 6.87
CA MET B 97 -26.60 -24.60 7.52
C MET B 97 -27.83 -25.48 7.73
N ASP B 98 -27.58 -26.77 7.99
CA ASP B 98 -28.72 -27.66 8.17
C ASP B 98 -29.43 -27.36 9.49
N ILE B 99 -30.63 -27.91 9.63
CA ILE B 99 -31.44 -27.68 10.83
C ILE B 99 -30.69 -28.09 12.08
N ALA B 100 -30.02 -29.25 12.06
CA ALA B 100 -29.32 -29.71 13.26
C ALA B 100 -28.17 -28.79 13.64
N SER B 101 -27.46 -28.25 12.64
CA SER B 101 -26.37 -27.33 12.95
C SER B 101 -26.88 -26.04 13.58
N GLN B 102 -28.03 -25.56 13.12
CA GLN B 102 -28.56 -24.32 13.64
C GLN B 102 -29.13 -24.52 15.04
N VAL B 103 -29.76 -25.68 15.28
CA VAL B 103 -30.16 -26.04 16.65
C VAL B 103 -28.95 -26.06 17.57
N ARG B 104 -27.82 -26.60 17.09
CA ARG B 104 -26.63 -26.68 17.93
C ARG B 104 -26.14 -25.28 18.32
N GLU B 105 -26.14 -24.35 17.37
CA GLU B 105 -25.69 -22.99 17.67
C GLU B 105 -26.61 -22.32 18.67
N VAL B 106 -27.93 -22.46 18.47
CA VAL B 106 -28.90 -21.91 19.41
C VAL B 106 -28.69 -22.46 20.82
N LYS B 107 -28.47 -23.78 20.94
CA LYS B 107 -28.27 -24.35 22.27
C LYS B 107 -27.00 -23.80 22.92
N ARG B 108 -25.93 -23.60 22.13
CA ARG B 108 -24.71 -23.03 22.69
C ARG B 108 -24.94 -21.67 23.31
N VAL B 109 -25.73 -20.81 22.66
CA VAL B 109 -26.03 -19.50 23.24
C VAL B 109 -26.87 -19.68 24.50
N LYS B 110 -27.87 -20.56 24.43
CA LYS B 110 -28.78 -20.76 25.56
C LYS B 110 -28.07 -21.43 26.73
N LYS B 111 -27.01 -22.21 26.48
CA LYS B 111 -26.28 -22.80 27.59
C LYS B 111 -25.29 -21.86 28.23
N SER B 112 -25.11 -20.66 27.68
CA SER B 112 -24.01 -19.82 28.08
C SER B 112 -24.23 -19.29 29.49
N ASP B 119 -21.38 -18.18 35.08
CA ASP B 119 -20.59 -17.89 36.27
C ASP B 119 -20.98 -16.51 36.81
N LEU B 120 -20.73 -16.23 38.09
CA LEU B 120 -21.26 -14.99 38.66
C LEU B 120 -20.43 -13.76 38.31
N LYS B 121 -19.14 -13.91 37.94
CA LYS B 121 -18.44 -12.69 37.51
C LYS B 121 -19.03 -12.13 36.23
N LYS B 122 -19.38 -12.99 35.26
CA LYS B 122 -19.98 -12.51 34.00
C LYS B 122 -21.13 -11.55 34.24
N ARG B 123 -21.99 -11.88 35.22
CA ARG B 123 -23.10 -11.00 35.55
C ARG B 123 -22.61 -9.64 36.05
N LYS B 124 -21.44 -9.58 36.72
CA LYS B 124 -20.85 -8.27 36.96
C LYS B 124 -20.39 -7.65 35.66
N GLU B 125 -19.65 -8.40 34.84
CA GLU B 125 -19.05 -7.73 33.70
C GLU B 125 -20.08 -7.37 32.64
N TYR B 126 -21.22 -8.06 32.61
CA TYR B 126 -22.27 -7.76 31.64
C TYR B 126 -23.59 -7.48 32.35
N PRO B 127 -23.69 -6.35 33.03
CA PRO B 127 -24.92 -6.07 33.81
C PRO B 127 -26.11 -5.75 32.93
N ASP B 128 -25.92 -5.50 31.64
CA ASP B 128 -27.01 -5.19 30.72
C ASP B 128 -27.37 -6.38 29.83
N ALA B 129 -27.00 -7.59 30.22
CA ALA B 129 -27.27 -8.75 29.38
C ALA B 129 -28.77 -8.91 29.13
N ASN B 130 -29.10 -9.24 27.89
CA ASN B 130 -30.48 -9.45 27.45
C ASN B 130 -30.82 -10.92 27.67
N LYS B 131 -31.50 -11.21 28.77
CA LYS B 131 -31.81 -12.58 29.16
C LYS B 131 -33.31 -12.87 29.10
N ASP B 132 -33.63 -14.16 28.91
CA ASP B 132 -35.01 -14.62 28.96
C ASP B 132 -35.44 -14.79 30.42
N ASN B 133 -36.62 -15.39 30.63
CA ASN B 133 -37.17 -15.55 31.96
C ASN B 133 -36.32 -16.43 32.85
N PHE B 134 -35.54 -17.34 32.26
CA PHE B 134 -34.74 -18.26 33.07
C PHE B 134 -33.33 -17.74 33.31
N GLY B 135 -32.99 -16.55 32.83
CA GLY B 135 -31.64 -16.06 32.99
C GLY B 135 -30.69 -16.55 31.94
N ARG B 136 -31.20 -17.06 30.83
CA ARG B 136 -30.37 -17.47 29.73
C ARG B 136 -30.32 -16.34 28.69
N LEU B 137 -29.18 -16.20 28.04
CA LEU B 137 -29.05 -15.20 26.98
C LEU B 137 -30.08 -15.44 25.89
N ARG B 138 -30.71 -14.36 25.42
CA ARG B 138 -31.65 -14.45 24.32
C ARG B 138 -30.92 -14.63 23.00
N VAL B 139 -31.60 -15.23 22.02
CA VAL B 139 -31.00 -15.48 20.72
C VAL B 139 -32.11 -15.62 19.69
N GLY B 140 -31.83 -15.19 18.46
CA GLY B 140 -32.74 -15.31 17.36
C GLY B 140 -32.16 -16.28 16.36
N ALA B 141 -32.99 -16.80 15.46
CA ALA B 141 -32.48 -17.63 14.38
C ALA B 141 -33.31 -17.40 13.11
N ALA B 142 -32.62 -17.40 11.98
CA ALA B 142 -33.25 -17.14 10.70
C ALA B 142 -33.90 -18.41 10.14
N ILE B 143 -35.07 -18.26 9.53
CA ILE B 143 -35.67 -19.33 8.75
C ILE B 143 -36.08 -18.78 7.40
N GLY B 144 -36.45 -19.70 6.50
CA GLY B 144 -36.92 -19.36 5.17
C GLY B 144 -38.38 -19.74 4.95
N VAL B 145 -38.90 -19.34 3.79
CA VAL B 145 -40.28 -19.65 3.41
C VAL B 145 -40.53 -21.14 3.53
N GLY B 146 -41.66 -21.48 4.15
CA GLY B 146 -42.13 -22.85 4.22
C GLY B 146 -41.29 -23.79 5.07
N GLN B 147 -40.34 -23.30 5.86
CA GLN B 147 -39.42 -24.19 6.60
C GLN B 147 -39.98 -24.50 7.99
N MET B 148 -41.11 -25.20 8.00
CA MET B 148 -41.80 -25.44 9.26
C MET B 148 -41.06 -26.47 10.13
N ASP B 149 -40.38 -27.43 9.50
CA ASP B 149 -39.54 -28.34 10.26
C ASP B 149 -38.41 -27.60 10.99
N ARG B 150 -37.85 -26.58 10.35
CA ARG B 150 -36.79 -25.83 11.03
C ARG B 150 -37.36 -25.07 12.24
N VAL B 151 -38.54 -24.48 12.09
CA VAL B 151 -39.20 -23.77 13.18
C VAL B 151 -39.43 -24.69 14.37
N ASP B 152 -39.91 -25.92 14.10
CA ASP B 152 -40.18 -26.87 15.17
C ASP B 152 -38.93 -27.16 15.99
N ALA B 153 -37.79 -27.35 15.32
CA ALA B 153 -36.56 -27.72 16.03
C ALA B 153 -36.00 -26.53 16.81
N LEU B 154 -36.11 -25.31 16.27
CA LEU B 154 -35.62 -24.12 16.96
C LEU B 154 -36.47 -23.80 18.18
N VAL B 155 -37.79 -24.00 18.10
CA VAL B 155 -38.64 -23.82 19.27
C VAL B 155 -38.25 -24.80 20.38
N GLU B 156 -38.10 -26.08 20.05
CA GLU B 156 -37.67 -27.03 21.06
C GLU B 156 -36.26 -26.74 21.57
N ALA B 157 -35.42 -26.08 20.79
CA ALA B 157 -34.12 -25.63 21.29
C ALA B 157 -34.21 -24.42 22.20
N GLY B 158 -35.37 -23.78 22.32
CA GLY B 158 -35.51 -22.61 23.16
C GLY B 158 -35.23 -21.29 22.48
N VAL B 159 -35.38 -21.20 21.16
CA VAL B 159 -35.09 -19.93 20.49
C VAL B 159 -36.08 -18.88 20.97
N ASP B 160 -35.60 -17.65 21.11
CA ASP B 160 -36.41 -16.59 21.67
C ASP B 160 -37.22 -15.85 20.60
N VAL B 161 -36.73 -15.82 19.37
CA VAL B 161 -37.42 -15.16 18.27
C VAL B 161 -36.96 -15.80 16.97
N VAL B 162 -37.91 -15.98 16.05
CA VAL B 162 -37.62 -16.50 14.71
C VAL B 162 -37.69 -15.34 13.71
N VAL B 163 -36.66 -15.23 12.87
CA VAL B 163 -36.57 -14.20 11.86
C VAL B 163 -36.88 -14.85 10.52
N LEU B 164 -38.11 -14.66 10.03
CA LEU B 164 -38.49 -15.22 8.73
C LEU B 164 -37.96 -14.28 7.68
N ASP B 165 -36.99 -14.73 6.91
CA ASP B 165 -36.26 -13.85 6.03
C ASP B 165 -36.41 -14.33 4.60
N SER B 166 -36.74 -13.39 3.70
CA SER B 166 -36.67 -13.62 2.27
C SER B 166 -36.06 -12.38 1.64
N ALA B 167 -35.50 -12.56 0.44
CA ALA B 167 -35.17 -11.41 -0.38
C ALA B 167 -36.40 -10.53 -0.56
N HIS B 168 -37.58 -11.14 -0.60
CA HIS B 168 -38.81 -10.40 -0.86
C HIS B 168 -39.87 -10.81 0.16
N GLY B 169 -39.95 -10.04 1.23
CA GLY B 169 -40.91 -10.29 2.29
C GLY B 169 -42.34 -10.06 1.90
N HIS B 170 -42.59 -9.19 0.91
CA HIS B 170 -43.96 -8.83 0.54
C HIS B 170 -44.47 -9.83 -0.51
N SER B 171 -44.62 -11.08 -0.07
CA SER B 171 -44.94 -12.17 -0.98
C SER B 171 -45.91 -13.14 -0.34
N LYS B 172 -46.67 -13.84 -1.20
CA LYS B 172 -47.58 -14.86 -0.71
C LYS B 172 -46.84 -15.91 0.10
N GLY B 173 -45.63 -16.30 -0.33
CA GLY B 173 -44.89 -17.31 0.41
C GLY B 173 -44.58 -16.90 1.83
N ILE B 174 -44.07 -15.67 2.01
CA ILE B 174 -43.84 -15.17 3.35
C ILE B 174 -45.14 -15.08 4.13
N ILE B 175 -46.18 -14.50 3.52
CA ILE B 175 -47.42 -14.26 4.26
C ILE B 175 -48.04 -15.57 4.74
N ASP B 176 -48.02 -16.60 3.89
CA ASP B 176 -48.62 -17.88 4.31
C ASP B 176 -47.82 -18.52 5.43
N THR B 177 -46.49 -18.37 5.41
CA THR B 177 -45.64 -18.93 6.46
C THR B 177 -45.82 -18.18 7.78
N VAL B 178 -45.93 -16.85 7.74
CA VAL B 178 -46.27 -16.12 8.95
C VAL B 178 -47.53 -16.69 9.58
N LYS B 179 -48.56 -16.90 8.76
CA LYS B 179 -49.82 -17.39 9.29
C LYS B 179 -49.68 -18.78 9.88
N ALA B 180 -48.95 -19.66 9.20
CA ALA B 180 -48.81 -21.03 9.70
C ALA B 180 -47.99 -21.04 10.99
N ILE B 181 -46.96 -20.21 11.08
CA ILE B 181 -46.18 -20.16 12.31
C ILE B 181 -47.01 -19.57 13.46
N LYS B 182 -47.72 -18.47 13.21
CA LYS B 182 -48.50 -17.90 14.31
C LYS B 182 -49.66 -18.79 14.71
N ALA B 183 -50.20 -19.58 13.77
CA ALA B 183 -51.24 -20.54 14.14
C ALA B 183 -50.67 -21.64 15.05
N LYS B 184 -49.48 -22.16 14.73
CA LYS B 184 -48.97 -23.29 15.49
C LYS B 184 -48.28 -22.86 16.77
N TYR B 185 -47.63 -21.70 16.77
CA TYR B 185 -46.91 -21.19 17.94
C TYR B 185 -47.39 -19.78 18.27
N PRO B 186 -48.59 -19.65 18.81
CA PRO B 186 -49.12 -18.30 19.12
C PRO B 186 -48.20 -17.43 19.95
N ASN B 187 -47.40 -18.00 20.84
CA ASN B 187 -46.56 -17.23 21.74
C ASN B 187 -45.12 -17.08 21.25
N LEU B 188 -44.78 -17.62 20.09
CA LEU B 188 -43.45 -17.44 19.55
C LEU B 188 -43.35 -16.09 18.85
N ASP B 189 -42.37 -15.29 19.25
CA ASP B 189 -42.15 -14.00 18.59
C ASP B 189 -41.59 -14.19 17.18
N LEU B 190 -42.16 -13.46 16.22
CA LEU B 190 -41.87 -13.66 14.81
C LEU B 190 -41.57 -12.33 14.14
N ILE B 191 -40.37 -12.22 13.59
CA ILE B 191 -39.96 -11.10 12.75
C ILE B 191 -40.01 -11.60 11.31
N ALA B 192 -40.47 -10.76 10.40
CA ALA B 192 -40.51 -11.12 8.99
C ALA B 192 -39.96 -9.98 8.14
N GLY B 193 -39.32 -10.34 7.03
CA GLY B 193 -38.75 -9.36 6.12
C GLY B 193 -38.22 -10.07 4.89
N ASN B 194 -37.54 -9.33 4.01
CA ASN B 194 -37.41 -7.88 4.16
C ASN B 194 -38.39 -7.12 3.28
N ILE B 195 -38.73 -5.90 3.69
CA ILE B 195 -39.72 -5.09 2.98
C ILE B 195 -39.18 -3.67 2.84
N ALA B 196 -39.90 -2.87 2.03
CA ALA B 196 -39.49 -1.49 1.83
C ALA B 196 -40.66 -0.55 1.56
N THR B 197 -41.90 -0.97 1.75
CA THR B 197 -43.04 -0.13 1.40
C THR B 197 -44.09 -0.25 2.49
N ALA B 198 -44.97 0.74 2.52
CA ALA B 198 -46.05 0.78 3.50
C ALA B 198 -47.06 -0.32 3.24
N ALA B 199 -47.33 -0.62 1.97
CA ALA B 199 -48.23 -1.72 1.65
C ALA B 199 -47.68 -3.04 2.18
N ALA B 200 -46.36 -3.21 2.14
CA ALA B 200 -45.75 -4.44 2.64
C ALA B 200 -45.83 -4.52 4.15
N ALA B 201 -45.59 -3.41 4.86
CA ALA B 201 -45.71 -3.43 6.31
C ALA B 201 -47.14 -3.75 6.72
N LYS B 202 -48.11 -3.18 6.00
CA LYS B 202 -49.51 -3.46 6.29
C LYS B 202 -49.83 -4.94 6.11
N ALA B 203 -49.37 -5.54 5.02
CA ALA B 203 -49.66 -6.96 4.78
C ALA B 203 -49.06 -7.84 5.87
N LEU B 204 -47.81 -7.57 6.26
CA LEU B 204 -47.18 -8.40 7.28
C LEU B 204 -47.81 -8.18 8.65
N CYS B 205 -48.13 -6.92 9.00
CA CYS B 205 -48.77 -6.67 10.28
C CYS B 205 -50.14 -7.32 10.34
N GLU B 206 -50.91 -7.25 9.25
CA GLU B 206 -52.22 -7.88 9.24
C GLU B 206 -52.13 -9.40 9.31
N ALA B 207 -51.03 -9.99 8.83
CA ALA B 207 -50.89 -11.43 8.92
C ALA B 207 -50.42 -11.87 10.30
N GLY B 208 -49.96 -10.95 11.12
CA GLY B 208 -49.67 -11.21 12.51
C GLY B 208 -48.21 -11.17 12.95
N VAL B 209 -47.32 -10.53 12.19
CA VAL B 209 -45.92 -10.51 12.63
C VAL B 209 -45.79 -9.67 13.91
N ASP B 210 -44.69 -9.89 14.60
CA ASP B 210 -44.40 -9.15 15.82
C ASP B 210 -43.40 -8.02 15.61
N ALA B 211 -42.65 -8.06 14.50
CA ALA B 211 -41.84 -6.95 14.00
C ALA B 211 -41.67 -7.17 12.51
N VAL B 212 -41.43 -6.08 11.79
CA VAL B 212 -41.10 -6.18 10.38
C VAL B 212 -39.66 -5.72 10.21
N LYS B 213 -38.98 -6.29 9.23
CA LYS B 213 -37.59 -5.91 9.00
C LYS B 213 -37.48 -5.25 7.64
N VAL B 214 -36.89 -4.06 7.62
CA VAL B 214 -36.96 -3.14 6.48
C VAL B 214 -35.58 -3.03 5.86
N GLY B 215 -35.49 -3.28 4.55
CA GLY B 215 -34.22 -3.12 3.88
C GLY B 215 -34.12 -3.95 2.61
N ILE B 216 -34.33 -3.32 1.46
CA ILE B 216 -34.19 -3.96 0.16
C ILE B 216 -33.08 -3.20 -0.55
N GLY B 217 -31.89 -3.80 -0.60
CA GLY B 217 -30.78 -3.22 -1.33
C GLY B 217 -29.70 -2.42 -0.61
N PRO B 218 -29.88 -1.96 0.64
CA PRO B 218 -28.88 -1.05 1.20
C PRO B 218 -27.60 -1.73 1.67
N GLY B 219 -27.57 -3.05 1.79
CA GLY B 219 -26.44 -3.71 2.44
C GLY B 219 -25.12 -3.43 1.74
N SER B 220 -24.07 -3.32 2.55
CA SER B 220 -22.71 -3.12 2.03
C SER B 220 -22.35 -4.11 0.94
N ILE B 221 -22.70 -5.39 1.12
CA ILE B 221 -22.34 -6.48 0.22
C ILE B 221 -23.44 -6.81 -0.80
N CYS B 222 -24.48 -6.00 -0.85
CA CYS B 222 -25.67 -6.32 -1.60
C CYS B 222 -25.63 -5.71 -3.00
N THR B 223 -25.99 -6.50 -4.01
CA THR B 223 -26.10 -6.00 -5.38
C THR B 223 -27.54 -6.02 -5.90
N THR B 224 -28.52 -6.28 -5.04
CA THR B 224 -29.92 -6.42 -5.48
C THR B 224 -30.37 -5.27 -6.38
N ARG B 225 -30.15 -4.03 -5.93
CA ARG B 225 -30.60 -2.87 -6.71
C ARG B 225 -29.89 -2.80 -8.05
N ILE B 226 -28.67 -3.30 -8.16
CA ILE B 226 -27.96 -3.26 -9.42
C ILE B 226 -28.30 -4.47 -10.29
N VAL B 227 -28.41 -5.64 -9.70
CA VAL B 227 -28.79 -6.81 -10.46
C VAL B 227 -30.24 -6.81 -10.93
N SER B 228 -31.15 -6.31 -10.11
CA SER B 228 -32.57 -6.34 -10.43
C SER B 228 -33.20 -4.96 -10.62
N GLY B 229 -32.51 -3.88 -10.27
CA GLY B 229 -33.09 -2.56 -10.36
C GLY B 229 -34.12 -2.22 -9.29
N VAL B 230 -34.25 -3.05 -8.25
CA VAL B 230 -35.31 -2.94 -7.25
C VAL B 230 -34.73 -2.51 -5.91
N GLY B 231 -35.39 -1.57 -5.26
CA GLY B 231 -35.00 -1.15 -3.91
C GLY B 231 -35.57 0.22 -3.60
N VAL B 232 -35.42 0.58 -2.33
CA VAL B 232 -35.82 1.90 -1.84
C VAL B 232 -34.72 2.38 -0.89
N PRO B 233 -34.14 3.56 -1.14
CA PRO B 233 -33.14 4.13 -0.21
C PRO B 233 -33.61 4.08 1.23
N GLN B 234 -32.66 3.81 2.14
CA GLN B 234 -33.05 3.19 3.41
C GLN B 234 -33.81 4.15 4.31
N ILE B 235 -33.48 5.45 4.29
CA ILE B 235 -34.17 6.39 5.17
C ILE B 235 -35.64 6.49 4.80
N SER B 236 -35.93 6.61 3.49
CA SER B 236 -37.32 6.70 3.07
C SER B 236 -38.04 5.39 3.31
N ALA B 237 -37.34 4.27 3.14
CA ALA B 237 -37.97 2.98 3.39
C ALA B 237 -38.36 2.85 4.86
N ILE B 238 -37.44 3.17 5.78
CA ILE B 238 -37.80 3.12 7.21
C ILE B 238 -39.02 4.00 7.47
N ASP B 239 -38.98 5.23 6.96
CA ASP B 239 -40.00 6.23 7.25
C ASP B 239 -41.38 5.79 6.77
N GLU B 240 -41.45 5.21 5.58
CA GLU B 240 -42.71 4.73 5.05
C GLU B 240 -43.23 3.52 5.83
N CYS B 241 -42.34 2.60 6.20
CA CYS B 241 -42.78 1.40 6.91
C CYS B 241 -43.14 1.72 8.36
N VAL B 242 -42.41 2.63 9.01
CA VAL B 242 -42.74 2.97 10.39
C VAL B 242 -44.14 3.57 10.49
N GLU B 243 -44.49 4.47 9.58
CA GLU B 243 -45.79 5.11 9.67
C GLU B 243 -46.92 4.08 9.61
N GLU B 244 -46.77 3.07 8.76
CA GLU B 244 -47.82 2.07 8.65
C GLU B 244 -47.77 1.09 9.82
N ALA B 245 -46.57 0.61 10.18
CA ALA B 245 -46.46 -0.38 11.25
C ALA B 245 -46.86 0.19 12.60
N ASN B 246 -46.62 1.49 12.83
CA ASN B 246 -47.07 2.08 14.09
C ASN B 246 -48.58 1.99 14.28
N LYS B 247 -49.34 1.91 13.19
CA LYS B 247 -50.79 1.77 13.32
C LYS B 247 -51.18 0.45 13.97
N PHE B 248 -50.32 -0.56 13.88
CA PHE B 248 -50.54 -1.87 14.48
C PHE B 248 -49.72 -2.07 15.75
N GLY B 249 -48.99 -1.04 16.19
CA GLY B 249 -48.08 -1.18 17.32
C GLY B 249 -46.92 -2.13 17.08
N VAL B 250 -46.40 -2.20 15.86
CA VAL B 250 -45.44 -3.21 15.43
C VAL B 250 -44.09 -2.55 15.21
N PRO B 251 -43.05 -3.00 15.89
CA PRO B 251 -41.72 -2.40 15.71
C PRO B 251 -41.14 -2.63 14.32
N VAL B 252 -40.28 -1.70 13.88
CA VAL B 252 -39.52 -1.79 12.64
C VAL B 252 -38.05 -1.96 12.99
N ILE B 253 -37.44 -2.99 12.39
CA ILE B 253 -36.00 -3.19 12.44
C ILE B 253 -35.40 -2.66 11.15
N ALA B 254 -34.49 -1.68 11.24
CA ALA B 254 -33.81 -1.11 10.08
C ALA B 254 -32.58 -1.97 9.77
N ASP B 255 -32.61 -2.67 8.64
CA ASP B 255 -31.65 -3.72 8.29
C ASP B 255 -30.75 -3.24 7.15
N GLY B 256 -29.50 -2.94 7.43
CA GLY B 256 -28.63 -2.79 6.28
C GLY B 256 -28.24 -1.33 6.03
N GLY B 257 -27.04 -1.14 5.48
CA GLY B 257 -26.57 0.16 5.05
C GLY B 257 -25.98 1.04 6.13
N ILE B 258 -25.91 0.57 7.36
CA ILE B 258 -25.30 1.33 8.45
C ILE B 258 -23.79 1.34 8.24
N LYS B 259 -23.23 2.53 8.08
CA LYS B 259 -21.81 2.67 7.86
C LYS B 259 -21.10 3.26 9.06
N TYR B 260 -21.75 4.19 9.76
CA TYR B 260 -21.20 4.89 10.89
C TYR B 260 -22.24 4.92 12.01
N SER B 261 -21.79 5.22 13.23
CA SER B 261 -22.71 5.29 14.37
C SER B 261 -23.80 6.32 14.15
N GLY B 262 -23.50 7.41 13.44
CA GLY B 262 -24.53 8.39 13.13
C GLY B 262 -25.71 7.83 12.35
N ASP B 263 -25.46 6.78 11.55
CA ASP B 263 -26.55 6.19 10.79
C ASP B 263 -27.52 5.46 11.71
N ILE B 264 -27.00 4.82 12.76
CA ILE B 264 -27.86 4.20 13.77
C ILE B 264 -28.79 5.26 14.37
N ALA B 265 -28.23 6.42 14.72
CA ALA B 265 -29.05 7.47 15.32
C ALA B 265 -30.12 7.95 14.35
N LYS B 266 -29.77 8.16 13.08
CA LYS B 266 -30.77 8.59 12.10
C LYS B 266 -31.88 7.55 11.95
N ALA B 267 -31.52 6.27 11.90
CA ALA B 267 -32.53 5.22 11.70
C ALA B 267 -33.50 5.17 12.87
N LEU B 268 -32.98 5.26 14.09
CA LEU B 268 -33.86 5.22 15.26
C LEU B 268 -34.70 6.48 15.33
N ALA B 269 -34.11 7.65 15.05
CA ALA B 269 -34.84 8.90 15.11
C ALA B 269 -35.96 8.93 14.07
N VAL B 270 -35.74 8.30 12.91
CA VAL B 270 -36.79 8.20 11.91
C VAL B 270 -37.97 7.39 12.43
N GLY B 271 -37.73 6.41 13.29
CA GLY B 271 -38.84 5.69 13.89
C GLY B 271 -38.59 4.20 14.02
N ALA B 272 -37.46 3.72 13.49
CA ALA B 272 -37.06 2.34 13.71
C ALA B 272 -36.82 2.10 15.20
N SER B 273 -37.12 0.89 15.64
CA SER B 273 -36.95 0.50 17.03
C SER B 273 -35.60 -0.16 17.29
N SER B 274 -35.00 -0.74 16.28
CA SER B 274 -33.71 -1.41 16.43
C SER B 274 -33.05 -1.43 15.07
N VAL B 275 -31.78 -1.77 15.06
CA VAL B 275 -30.96 -1.70 13.85
C VAL B 275 -30.17 -2.99 13.73
N MET B 276 -30.12 -3.55 12.52
CA MET B 276 -29.37 -4.77 12.23
C MET B 276 -28.11 -4.45 11.45
N ILE B 277 -26.99 -5.04 11.87
CA ILE B 277 -25.66 -4.65 11.45
C ILE B 277 -24.90 -5.87 10.94
N GLY B 278 -24.35 -5.76 9.73
CA GLY B 278 -23.47 -6.79 9.21
C GLY B 278 -22.01 -6.39 9.13
N SER B 279 -21.67 -5.47 8.23
CA SER B 279 -20.25 -5.21 7.92
C SER B 279 -19.48 -4.68 9.12
N LEU B 280 -20.11 -3.86 9.96
CA LEU B 280 -19.39 -3.30 11.10
C LEU B 280 -19.02 -4.34 12.15
N LEU B 281 -19.63 -5.52 12.13
CA LEU B 281 -19.32 -6.58 13.08
C LEU B 281 -18.56 -7.73 12.45
N ALA B 282 -18.41 -7.74 11.12
CA ALA B 282 -17.83 -8.90 10.46
C ALA B 282 -16.33 -9.06 10.73
N GLY B 283 -15.64 -7.98 11.06
CA GLY B 283 -14.21 -8.12 11.26
C GLY B 283 -13.84 -8.24 12.73
N THR B 284 -14.77 -8.71 13.56
CA THR B 284 -14.53 -8.83 14.99
C THR B 284 -14.01 -10.21 15.36
N ASP B 285 -13.41 -10.30 16.55
CA ASP B 285 -12.98 -11.60 17.08
C ASP B 285 -14.11 -12.62 17.04
N GLU B 286 -15.32 -12.20 17.38
CA GLU B 286 -16.41 -13.14 17.61
C GLU B 286 -17.11 -13.59 16.32
N SER B 287 -16.97 -12.89 15.20
CA SER B 287 -17.65 -13.38 14.02
C SER B 287 -17.02 -14.71 13.60
N PRO B 288 -17.81 -15.61 13.03
CA PRO B 288 -17.26 -16.90 12.62
C PRO B 288 -16.38 -16.68 11.40
N GLY B 289 -15.58 -17.68 11.08
CA GLY B 289 -14.64 -17.46 10.00
C GLY B 289 -13.34 -16.86 10.48
N GLU B 290 -12.34 -16.97 9.63
CA GLU B 290 -10.94 -16.98 10.01
C GLU B 290 -10.34 -15.59 9.87
N LEU B 291 -9.55 -15.18 10.87
CA LEU B 291 -8.57 -14.11 10.64
C LEU B 291 -7.51 -14.58 9.67
N PHE B 292 -7.20 -13.75 8.69
CA PHE B 292 -6.08 -14.02 7.81
C PHE B 292 -5.35 -12.71 7.56
N THR B 293 -4.12 -12.84 7.11
CA THR B 293 -3.28 -11.68 6.86
C THR B 293 -3.14 -11.51 5.35
N TYR B 294 -3.30 -10.29 4.86
CA TYR B 294 -2.94 -10.03 3.48
C TYR B 294 -2.29 -8.66 3.34
N GLN B 295 -1.11 -8.69 2.71
CA GLN B 295 -0.21 -7.55 2.55
C GLN B 295 -0.07 -6.76 3.85
N GLY B 296 0.35 -7.49 4.89
CA GLY B 296 0.69 -6.88 6.16
C GLY B 296 -0.47 -6.46 7.03
N ARG B 297 -1.72 -6.76 6.66
CA ARG B 297 -2.87 -6.37 7.46
C ARG B 297 -3.78 -7.57 7.67
N GLN B 298 -4.47 -7.59 8.80
CA GLN B 298 -5.37 -8.69 9.10
C GLN B 298 -6.79 -8.37 8.65
N TYR B 299 -7.44 -9.35 8.02
CA TYR B 299 -8.84 -9.16 7.63
C TYR B 299 -9.66 -10.38 8.00
N LYS B 300 -10.97 -10.24 7.85
CA LYS B 300 -11.86 -11.38 7.85
C LYS B 300 -12.72 -11.33 6.60
N SER B 301 -13.13 -12.51 6.15
CA SER B 301 -14.05 -12.64 5.04
C SER B 301 -15.41 -12.06 5.39
N TYR B 302 -16.05 -11.42 4.42
CA TYR B 302 -17.42 -10.94 4.60
C TYR B 302 -18.11 -11.02 3.26
N ARG B 303 -19.26 -11.70 3.23
CA ARG B 303 -19.90 -11.97 1.96
C ARG B 303 -21.40 -11.95 2.14
N GLY B 304 -22.08 -11.58 1.07
CA GLY B 304 -23.53 -11.65 1.07
C GLY B 304 -24.01 -13.07 1.13
N MET B 305 -25.14 -13.26 1.83
CA MET B 305 -25.80 -14.56 1.82
C MET B 305 -26.34 -14.90 0.43
N GLY B 306 -26.38 -13.95 -0.49
CA GLY B 306 -26.75 -14.20 -1.86
C GLY B 306 -25.57 -14.18 -2.82
N SER B 307 -24.35 -14.23 -2.32
CA SER B 307 -23.18 -14.36 -3.17
C SER B 307 -23.08 -15.80 -3.67
N LEU B 308 -22.32 -16.00 -4.77
CA LEU B 308 -22.15 -17.36 -5.28
C LEU B 308 -21.55 -18.28 -4.24
N GLY B 309 -20.55 -17.80 -3.50
CA GLY B 309 -19.90 -18.65 -2.51
C GLY B 309 -20.87 -19.09 -1.42
N ALA B 310 -21.68 -18.16 -0.92
CA ALA B 310 -22.64 -18.51 0.12
C ALA B 310 -23.67 -19.52 -0.40
N MET B 311 -24.12 -19.37 -1.64
CA MET B 311 -25.14 -20.28 -2.16
C MET B 311 -24.56 -21.63 -2.56
N GLN B 312 -23.28 -21.66 -2.98
CA GLN B 312 -22.66 -22.94 -3.29
C GLN B 312 -22.41 -23.75 -2.03
N LYS B 313 -22.09 -23.08 -0.93
CA LYS B 313 -22.17 -23.70 0.39
C LYS B 313 -23.50 -24.40 0.61
N GLY B 314 -24.61 -23.67 0.45
CA GLY B 314 -25.93 -24.27 0.63
C GLY B 314 -26.16 -25.49 -0.25
N SER B 315 -25.56 -25.52 -1.43
CA SER B 315 -25.74 -26.63 -2.36
C SER B 315 -24.87 -27.83 -2.04
N LYS B 328 -32.29 -22.37 -8.48
CA LYS B 328 -31.11 -21.57 -8.81
C LYS B 328 -31.51 -20.16 -9.25
N LEU B 329 -30.90 -19.15 -8.62
CA LEU B 329 -31.09 -17.75 -8.97
C LEU B 329 -29.70 -17.11 -9.04
N VAL B 330 -29.52 -16.09 -9.88
CA VAL B 330 -28.24 -15.41 -10.05
C VAL B 330 -27.93 -14.67 -8.77
N PRO B 331 -26.67 -14.42 -8.44
CA PRO B 331 -26.34 -13.85 -7.14
C PRO B 331 -26.86 -12.43 -6.99
N GLU B 332 -27.13 -12.05 -5.76
CA GLU B 332 -27.50 -10.70 -5.40
C GLU B 332 -26.55 -10.15 -4.34
N GLY B 333 -25.31 -10.62 -4.36
CA GLY B 333 -24.31 -10.16 -3.42
C GLY B 333 -22.94 -10.56 -3.88
N ILE B 334 -21.93 -10.05 -3.18
CA ILE B 334 -20.53 -10.30 -3.52
C ILE B 334 -19.84 -10.98 -2.34
N GLU B 335 -18.60 -11.38 -2.59
CA GLU B 335 -17.73 -12.01 -1.60
C GLU B 335 -16.55 -11.07 -1.41
N GLY B 336 -16.32 -10.64 -0.17
CA GLY B 336 -15.25 -9.70 0.08
C GLY B 336 -14.52 -9.89 1.40
N ARG B 337 -13.88 -8.82 1.85
CA ARG B 337 -13.14 -8.86 3.10
C ARG B 337 -13.22 -7.49 3.75
N VAL B 338 -13.22 -7.50 5.08
CA VAL B 338 -13.23 -6.26 5.85
C VAL B 338 -12.03 -6.29 6.79
N PRO B 339 -11.50 -5.14 7.18
CA PRO B 339 -10.36 -5.14 8.11
C PRO B 339 -10.78 -5.69 9.46
N TYR B 340 -9.85 -6.39 10.12
CA TYR B 340 -10.02 -6.78 11.51
C TYR B 340 -10.09 -5.55 12.39
N VAL B 341 -11.08 -5.50 13.28
CA VAL B 341 -11.31 -4.35 14.15
C VAL B 341 -11.26 -4.71 15.64
N GLY B 342 -10.97 -5.96 16.01
CA GLY B 342 -10.91 -6.31 17.42
C GLY B 342 -12.21 -6.92 17.94
N SER B 343 -12.54 -6.66 19.19
CA SER B 343 -13.68 -7.33 19.81
C SER B 343 -14.98 -6.62 19.48
N ILE B 344 -16.08 -7.39 19.46
CA ILE B 344 -17.41 -6.81 19.32
C ILE B 344 -17.66 -5.79 20.42
N ARG B 345 -17.18 -6.06 21.63
CA ARG B 345 -17.41 -5.11 22.73
C ARG B 345 -16.86 -3.73 22.39
N SER B 346 -15.67 -3.66 21.80
CA SER B 346 -15.11 -2.33 21.52
C SER B 346 -15.90 -1.63 20.42
N VAL B 347 -16.30 -2.37 19.39
CA VAL B 347 -17.14 -1.83 18.32
C VAL B 347 -18.47 -1.31 18.89
N VAL B 348 -19.18 -2.16 19.62
CA VAL B 348 -20.46 -1.78 20.19
C VAL B 348 -20.33 -0.55 21.09
N HIS B 349 -19.26 -0.48 21.89
CA HIS B 349 -19.03 0.69 22.73
C HIS B 349 -19.04 1.97 21.88
N GLN B 350 -18.30 1.95 20.77
CA GLN B 350 -18.24 3.14 19.92
C GLN B 350 -19.59 3.44 19.28
N LEU B 351 -20.28 2.43 18.74
CA LEU B 351 -21.59 2.64 18.12
C LEU B 351 -22.58 3.25 19.11
N LEU B 352 -22.68 2.67 20.31
CA LEU B 352 -23.62 3.19 21.29
C LEU B 352 -23.19 4.55 21.83
N GLY B 353 -21.88 4.81 21.91
CA GLY B 353 -21.42 6.15 22.27
C GLY B 353 -21.88 7.21 21.28
N GLY B 354 -21.87 6.86 19.99
CA GLY B 354 -22.43 7.78 19.01
C GLY B 354 -23.92 8.01 19.19
N LEU B 355 -24.68 6.93 19.46
CA LEU B 355 -26.12 7.07 19.69
C LEU B 355 -26.40 7.95 20.90
N ARG B 356 -25.68 7.73 22.00
CA ARG B 356 -25.87 8.53 23.21
C ARG B 356 -25.59 10.01 22.95
N SER B 357 -24.49 10.30 22.25
CA SER B 357 -24.17 11.67 21.89
C SER B 357 -25.31 12.32 21.09
N SER B 358 -25.84 11.58 20.11
CA SER B 358 -26.93 12.07 19.27
C SER B 358 -28.15 12.42 20.11
N MET B 359 -28.52 11.53 21.04
CA MET B 359 -29.68 11.79 21.87
C MET B 359 -29.44 12.98 22.78
N GLY B 360 -28.20 13.17 23.22
CA GLY B 360 -27.86 14.38 23.96
C GLY B 360 -28.03 15.64 23.12
N TYR B 361 -27.55 15.62 21.86
CA TYR B 361 -27.76 16.77 20.98
C TYR B 361 -29.23 17.08 20.76
N VAL B 362 -30.07 16.05 20.68
CA VAL B 362 -31.49 16.25 20.41
C VAL B 362 -32.27 16.60 21.67
N GLY B 363 -31.72 16.34 22.85
CA GLY B 363 -32.44 16.58 24.09
C GLY B 363 -33.30 15.42 24.54
N ALA B 364 -33.08 14.23 24.02
CA ALA B 364 -33.97 13.09 24.25
C ALA B 364 -33.49 12.26 25.43
N LYS B 365 -34.39 12.01 26.38
CA LYS B 365 -34.05 11.20 27.55
C LYS B 365 -34.12 9.70 27.27
N ASP B 366 -34.83 9.28 26.22
CA ASP B 366 -34.99 7.87 25.88
C ASP B 366 -35.41 7.76 24.41
N ILE B 367 -35.46 6.51 23.90
CA ILE B 367 -35.67 6.33 22.46
C ILE B 367 -37.00 6.94 22.03
N GLU B 368 -38.08 6.62 22.74
CA GLU B 368 -39.38 7.20 22.40
C GLU B 368 -39.35 8.72 22.40
N ASP B 369 -38.66 9.33 23.37
CA ASP B 369 -38.47 10.77 23.37
C ASP B 369 -37.66 11.22 22.16
N PHE B 370 -36.63 10.43 21.79
CA PHE B 370 -35.81 10.70 20.61
C PHE B 370 -36.71 10.89 19.39
N GLN B 371 -37.59 9.91 19.18
CA GLN B 371 -38.43 9.88 17.99
C GLN B 371 -39.42 11.04 17.99
N LYS B 372 -39.97 11.36 19.16
CA LYS B 372 -40.92 12.47 19.22
C LYS B 372 -40.27 13.81 18.92
N ARG B 373 -39.02 14.01 19.35
CA ARG B 373 -38.35 15.30 19.22
C ARG B 373 -37.62 15.51 17.90
N ALA B 374 -37.29 14.44 17.18
CA ALA B 374 -36.32 14.53 16.10
C ALA B 374 -36.84 15.38 14.95
N GLU B 375 -36.00 16.30 14.48
CA GLU B 375 -36.24 17.02 13.24
C GLU B 375 -34.98 16.96 12.39
N PHE B 376 -35.17 16.80 11.09
CA PHE B 376 -34.09 16.58 10.14
C PHE B 376 -33.95 17.79 9.21
N VAL B 377 -32.77 17.92 8.61
CA VAL B 377 -32.61 18.68 7.39
C VAL B 377 -32.10 17.73 6.32
N GLU B 378 -32.54 17.97 5.08
CA GLU B 378 -31.94 17.35 3.91
C GLU B 378 -30.69 18.13 3.50
N ILE B 379 -29.65 17.41 3.07
CA ILE B 379 -28.38 18.07 2.76
C ILE B 379 -27.99 17.75 1.31
N THR B 380 -26.96 18.46 0.82
CA THR B 380 -26.42 18.29 -0.52
C THR B 380 -25.14 17.47 -0.47
N THR B 381 -24.62 17.14 -1.65
CA THR B 381 -23.32 16.47 -1.72
C THR B 381 -22.23 17.32 -1.09
N ALA B 382 -22.30 18.65 -1.28
CA ALA B 382 -21.34 19.51 -0.61
C ALA B 382 -21.54 19.51 0.90
N GLY B 383 -22.79 19.36 1.35
CA GLY B 383 -23.06 19.24 2.77
C GLY B 383 -22.45 17.99 3.36
N LEU B 384 -22.55 16.87 2.64
CA LEU B 384 -21.95 15.63 3.10
C LEU B 384 -20.44 15.77 3.15
N LYS B 385 -19.84 16.44 2.18
CA LYS B 385 -18.41 16.66 2.18
C LYS B 385 -18.01 17.50 3.39
N GLU B 386 -18.76 18.57 3.68
CA GLU B 386 -18.49 19.35 4.88
C GLU B 386 -18.60 18.50 6.14
N SER B 387 -19.53 17.52 6.14
CA SER B 387 -19.78 16.72 7.34
C SER B 387 -18.63 15.79 7.65
N HIS B 388 -18.08 15.13 6.64
CA HIS B 388 -16.89 14.31 6.84
C HIS B 388 -15.68 15.16 7.21
N VAL B 389 -14.59 14.49 7.58
CA VAL B 389 -13.30 15.17 7.67
C VAL B 389 -12.90 15.67 6.28
N HIS B 390 -12.41 16.91 6.21
CA HIS B 390 -12.00 17.47 4.92
C HIS B 390 -10.81 18.39 5.12
N ASP B 391 -9.96 18.45 4.10
CA ASP B 391 -8.86 19.40 3.97
C ASP B 391 -7.77 19.20 5.02
N VAL B 392 -7.77 18.07 5.73
CA VAL B 392 -6.73 17.68 6.66
C VAL B 392 -6.44 16.21 6.41
N THR B 393 -5.17 15.81 6.53
CA THR B 393 -4.80 14.41 6.40
C THR B 393 -4.88 13.77 7.78
N ILE B 394 -5.59 12.65 7.89
CA ILE B 394 -5.71 11.95 9.16
C ILE B 394 -4.44 11.15 9.38
N THR B 395 -3.85 11.29 10.57
CA THR B 395 -2.60 10.62 10.87
C THR B 395 -2.72 9.57 11.98
N HIS B 396 -3.81 9.55 12.73
CA HIS B 396 -4.04 8.60 13.82
C HIS B 396 -5.37 7.93 13.61
N GLU B 397 -5.48 6.70 14.09
CA GLU B 397 -6.73 5.97 13.93
C GLU B 397 -7.77 6.54 14.87
N ALA B 398 -8.95 6.78 14.36
CA ALA B 398 -10.01 7.14 15.28
C ALA B 398 -10.94 5.95 15.48
N PRO B 399 -11.36 5.66 16.71
CA PRO B 399 -12.09 4.40 16.94
C PRO B 399 -13.49 4.37 16.34
N ASN B 400 -14.09 5.51 16.01
CA ASN B 400 -15.46 5.55 15.51
C ASN B 400 -15.56 6.20 14.13
N TYR B 401 -14.42 6.36 13.44
CA TYR B 401 -14.41 7.04 12.15
C TYR B 401 -13.28 6.48 11.28
N LYS B 402 -13.65 5.68 10.32
CA LYS B 402 -12.72 5.19 9.33
C LYS B 402 -12.75 5.99 8.02
N ALA C 24 35.75 -36.33 17.54
CA ALA C 24 35.00 -35.28 16.86
C ALA C 24 34.78 -35.59 15.37
N MET C 25 33.71 -35.00 14.82
CA MET C 25 33.37 -35.17 13.42
C MET C 25 34.41 -34.50 12.53
N LYS C 26 34.51 -34.99 11.29
CA LYS C 26 35.63 -34.59 10.44
C LYS C 26 35.12 -33.59 9.39
N ILE C 27 35.41 -32.32 9.65
CA ILE C 27 35.13 -31.22 8.73
C ILE C 27 36.43 -30.94 7.97
N VAL C 28 36.39 -31.10 6.65
CA VAL C 28 37.60 -31.04 5.85
C VAL C 28 37.95 -29.60 5.47
N LYS C 29 36.96 -28.74 5.26
CA LYS C 29 37.22 -27.36 4.94
C LYS C 29 35.94 -26.55 5.05
N ARG C 30 36.10 -25.24 5.03
CA ARG C 30 35.00 -24.32 4.83
C ARG C 30 34.91 -24.09 3.33
N ALA C 31 33.74 -24.36 2.76
CA ALA C 31 33.57 -24.33 1.31
C ALA C 31 32.73 -23.12 0.93
N LEU C 32 33.10 -22.49 -0.19
CA LEU C 32 32.47 -21.26 -0.64
C LEU C 32 31.70 -21.51 -1.92
N THR C 33 30.71 -20.67 -2.16
CA THR C 33 30.07 -20.65 -3.46
C THR C 33 30.11 -19.25 -4.06
N PHE C 34 29.40 -19.07 -5.17
CA PHE C 34 29.53 -17.86 -5.99
C PHE C 34 29.31 -16.59 -5.18
N GLU C 35 28.24 -16.56 -4.38
CA GLU C 35 27.91 -15.35 -3.63
C GLU C 35 28.92 -15.03 -2.52
N ASP C 36 29.87 -15.92 -2.23
CA ASP C 36 30.85 -15.69 -1.19
C ASP C 36 32.11 -14.99 -1.68
N VAL C 37 32.29 -14.80 -2.98
CA VAL C 37 33.54 -14.30 -3.50
C VAL C 37 33.28 -13.27 -4.60
N LEU C 38 34.26 -12.40 -4.80
CA LEU C 38 34.31 -11.45 -5.90
C LEU C 38 35.70 -11.50 -6.50
N LEU C 39 35.79 -11.22 -7.80
CA LEU C 39 37.06 -11.00 -8.46
C LEU C 39 37.58 -9.60 -8.17
N ARG C 40 38.88 -9.48 -7.88
CA ARG C 40 39.55 -8.18 -7.75
C ARG C 40 39.86 -7.61 -9.14
N PRO C 41 39.68 -6.31 -9.33
CA PRO C 41 40.14 -5.71 -10.58
C PRO C 41 41.64 -5.79 -10.65
N GLY C 42 42.17 -5.94 -11.86
CA GLY C 42 43.60 -5.89 -12.08
C GLY C 42 43.95 -4.85 -13.14
N TYR C 43 45.24 -4.57 -13.26
CA TYR C 43 45.69 -3.66 -14.31
C TYR C 43 45.35 -4.23 -15.68
N SER C 44 44.73 -3.42 -16.53
CA SER C 44 44.15 -3.93 -17.76
C SER C 44 44.61 -3.09 -18.95
N GLU C 45 45.05 -3.77 -20.01
CA GLU C 45 45.30 -3.13 -21.29
C GLU C 45 44.31 -3.60 -22.34
N VAL C 46 43.17 -4.15 -21.93
CA VAL C 46 42.22 -4.72 -22.88
C VAL C 46 40.81 -4.27 -22.50
N LEU C 47 39.99 -4.00 -23.52
CA LEU C 47 38.60 -3.64 -23.31
C LEU C 47 37.71 -4.85 -23.53
N PRO C 48 36.50 -4.85 -22.94
CA PRO C 48 35.59 -6.00 -23.10
C PRO C 48 35.36 -6.43 -24.54
N LYS C 49 35.21 -5.50 -25.47
CA LYS C 49 34.98 -5.91 -26.85
C LYS C 49 36.24 -6.48 -27.52
N GLU C 50 37.41 -6.42 -26.85
CA GLU C 50 38.65 -6.90 -27.41
C GLU C 50 39.02 -8.32 -26.97
N VAL C 51 38.44 -8.82 -25.88
CA VAL C 51 38.89 -10.08 -25.31
C VAL C 51 38.34 -11.23 -26.14
N LYS C 52 38.97 -12.40 -26.02
CA LYS C 52 38.56 -13.63 -26.70
C LYS C 52 37.91 -14.57 -25.71
N ILE C 53 36.77 -15.16 -26.08
CA ILE C 53 36.03 -16.02 -25.17
C ILE C 53 35.91 -17.46 -25.70
N HIS C 54 36.75 -17.87 -26.65
CA HIS C 54 36.77 -19.28 -27.02
C HIS C 54 37.33 -20.13 -25.88
N THR C 55 36.99 -21.41 -25.88
CA THR C 55 37.43 -22.31 -24.82
C THR C 55 37.33 -23.75 -25.32
N LYS C 56 37.76 -24.68 -24.48
CA LYS C 56 37.72 -26.11 -24.79
C LYS C 56 36.51 -26.74 -24.09
N LEU C 57 35.67 -27.42 -24.87
CA LEU C 57 34.72 -28.37 -24.29
C LEU C 57 35.43 -29.63 -23.83
N THR C 58 36.16 -30.26 -24.75
CA THR C 58 37.11 -31.34 -24.51
C THR C 58 38.36 -30.97 -25.29
N LYS C 59 39.38 -31.82 -25.36
CA LYS C 59 40.59 -31.50 -26.12
C LYS C 59 40.48 -31.85 -27.60
N ASN C 60 39.32 -32.29 -28.06
CA ASN C 60 39.07 -32.41 -29.49
C ASN C 60 38.00 -31.44 -29.97
N ILE C 61 37.27 -30.81 -29.05
CA ILE C 61 36.14 -29.97 -29.39
C ILE C 61 36.33 -28.62 -28.75
N THR C 62 36.48 -27.59 -29.57
CA THR C 62 36.53 -26.22 -29.09
C THR C 62 35.15 -25.59 -29.19
N LEU C 63 34.93 -24.58 -28.36
CA LEU C 63 33.74 -23.76 -28.36
C LEU C 63 34.17 -22.32 -28.59
N ASN C 64 33.37 -21.59 -29.38
CA ASN C 64 33.66 -20.17 -29.59
C ASN C 64 33.07 -19.30 -28.49
N MET C 65 32.22 -19.88 -27.65
CA MET C 65 31.48 -19.36 -26.50
C MET C 65 31.46 -20.43 -25.42
N PRO C 66 31.66 -20.09 -24.14
CA PRO C 66 31.81 -21.17 -23.13
C PRO C 66 30.50 -21.62 -22.48
N LEU C 67 29.37 -21.47 -23.17
CA LEU C 67 28.08 -21.80 -22.60
C LEU C 67 27.51 -23.09 -23.17
N ILE C 68 26.97 -23.93 -22.30
CA ILE C 68 26.30 -25.17 -22.66
C ILE C 68 24.93 -25.17 -22.03
N SER C 69 23.89 -25.50 -22.80
CA SER C 69 22.57 -25.58 -22.23
C SER C 69 22.33 -26.96 -21.60
N ALA C 70 21.65 -26.96 -20.44
CA ALA C 70 21.51 -28.16 -19.62
C ALA C 70 20.70 -29.24 -20.35
N ALA C 71 21.03 -30.49 -20.02
CA ALA C 71 20.35 -31.67 -20.55
C ALA C 71 19.05 -31.93 -19.77
N MET C 72 18.08 -31.06 -19.99
CA MET C 72 16.84 -31.08 -19.23
C MET C 72 15.66 -30.99 -20.18
N ASP C 73 14.55 -31.63 -19.82
CA ASP C 73 13.43 -31.71 -20.75
C ASP C 73 12.59 -30.45 -20.78
N THR C 74 12.95 -29.45 -19.97
CA THR C 74 12.42 -28.10 -20.11
C THR C 74 13.47 -27.12 -20.62
N VAL C 75 14.61 -27.60 -21.11
CA VAL C 75 15.65 -26.67 -21.57
C VAL C 75 16.11 -26.95 -22.99
N THR C 76 16.57 -28.17 -23.28
CA THR C 76 17.29 -28.44 -24.53
C THR C 76 16.65 -29.60 -25.29
N GLU C 77 15.95 -29.26 -26.38
CA GLU C 77 15.74 -30.19 -27.49
C GLU C 77 16.35 -29.54 -28.72
N HIS C 78 15.90 -29.88 -29.93
CA HIS C 78 16.72 -29.54 -31.08
C HIS C 78 16.77 -28.03 -31.34
N ARG C 79 15.65 -27.31 -31.17
CA ARG C 79 15.65 -25.87 -31.42
C ARG C 79 16.67 -25.14 -30.56
N ALA C 80 16.70 -25.44 -29.26
CA ALA C 80 17.65 -24.78 -28.38
C ALA C 80 19.07 -25.20 -28.68
N ALA C 81 19.27 -26.50 -28.98
CA ALA C 81 20.61 -26.99 -29.32
C ALA C 81 21.11 -26.37 -30.62
N ILE C 82 20.21 -26.12 -31.57
CA ILE C 82 20.59 -25.43 -32.80
C ILE C 82 21.05 -24.02 -32.48
N MET C 83 20.29 -23.29 -31.65
CA MET C 83 20.67 -21.92 -31.34
C MET C 83 21.95 -21.85 -30.50
N MET C 84 22.12 -22.76 -29.54
CA MET C 84 23.36 -22.75 -28.76
C MET C 84 24.56 -22.94 -29.67
N ALA C 85 24.48 -23.91 -30.60
CA ALA C 85 25.58 -24.14 -31.53
C ALA C 85 25.77 -22.96 -32.48
N ARG C 86 24.68 -22.40 -33.00
CA ARG C 86 24.81 -21.24 -33.88
C ARG C 86 25.50 -20.07 -33.20
N LEU C 87 25.33 -19.94 -31.88
CA LEU C 87 25.96 -18.85 -31.15
C LEU C 87 27.37 -19.21 -30.69
N GLY C 88 27.83 -20.43 -30.97
CA GLY C 88 29.20 -20.82 -30.72
C GLY C 88 29.37 -21.76 -29.56
N GLY C 89 28.31 -22.11 -28.86
CA GLY C 89 28.39 -23.00 -27.73
C GLY C 89 27.83 -24.36 -28.08
N LEU C 90 27.02 -24.93 -27.19
CA LEU C 90 26.59 -26.31 -27.35
C LEU C 90 25.31 -26.54 -26.57
N GLY C 91 24.43 -27.36 -27.15
CA GLY C 91 23.29 -27.90 -26.43
C GLY C 91 23.48 -29.40 -26.20
N VAL C 92 22.98 -29.88 -25.07
CA VAL C 92 22.97 -31.31 -24.78
C VAL C 92 21.50 -31.76 -24.77
N ILE C 93 21.12 -32.58 -25.77
CA ILE C 93 19.76 -33.12 -25.83
C ILE C 93 19.52 -34.03 -24.62
N HIS C 94 18.39 -33.84 -23.94
CA HIS C 94 18.13 -34.60 -22.72
C HIS C 94 17.77 -36.05 -23.04
N LYS C 95 17.79 -36.90 -22.01
CA LYS C 95 17.58 -38.33 -22.20
C LYS C 95 16.22 -38.81 -21.72
N ASN C 96 15.32 -37.89 -21.35
CA ASN C 96 14.00 -38.28 -20.89
C ASN C 96 13.05 -38.52 -22.06
N MET C 97 13.49 -39.37 -22.99
CA MET C 97 12.75 -39.75 -24.19
C MET C 97 13.33 -41.06 -24.68
N ASP C 98 12.58 -41.77 -25.51
CA ASP C 98 13.09 -43.04 -26.01
C ASP C 98 14.21 -42.79 -27.02
N ILE C 99 14.93 -43.87 -27.35
CA ILE C 99 16.19 -43.71 -28.08
C ILE C 99 15.95 -43.12 -29.46
N ALA C 100 14.92 -43.61 -30.16
CA ALA C 100 14.62 -43.10 -31.50
C ALA C 100 14.29 -41.61 -31.48
N SER C 101 13.59 -41.14 -30.43
CA SER C 101 13.29 -39.71 -30.31
C SER C 101 14.56 -38.89 -30.15
N GLN C 102 15.48 -39.37 -29.31
CA GLN C 102 16.71 -38.63 -29.06
C GLN C 102 17.60 -38.64 -30.29
N VAL C 103 17.64 -39.76 -31.02
CA VAL C 103 18.31 -39.81 -32.31
C VAL C 103 17.73 -38.76 -33.25
N ARG C 104 16.40 -38.71 -33.36
CA ARG C 104 15.77 -37.73 -34.25
C ARG C 104 16.11 -36.31 -33.82
N GLU C 105 16.18 -36.05 -32.52
CA GLU C 105 16.58 -34.72 -32.08
C GLU C 105 18.03 -34.41 -32.52
N VAL C 106 18.93 -35.38 -32.37
CA VAL C 106 20.32 -35.17 -32.77
C VAL C 106 20.40 -34.90 -34.26
N LYS C 107 19.67 -35.69 -35.05
CA LYS C 107 19.71 -35.54 -36.51
C LYS C 107 19.16 -34.19 -36.95
N ARG C 108 18.10 -33.71 -36.31
CA ARG C 108 17.60 -32.37 -36.61
C ARG C 108 18.68 -31.30 -36.43
N VAL C 109 19.54 -31.44 -35.40
CA VAL C 109 20.61 -30.47 -35.21
C VAL C 109 21.68 -30.66 -36.27
N LYS C 110 22.07 -31.92 -36.54
CA LYS C 110 23.13 -32.18 -37.51
C LYS C 110 22.74 -31.82 -38.94
N LYS C 111 21.45 -31.83 -39.26
CA LYS C 111 20.97 -31.51 -40.60
C LYS C 111 20.65 -30.04 -40.78
N SER C 112 20.93 -29.20 -39.77
CA SER C 112 20.52 -27.81 -39.87
C SER C 112 21.28 -27.07 -40.96
N GLU C 113 22.57 -27.40 -41.15
CA GLU C 113 23.30 -26.84 -42.29
C GLU C 113 24.09 -27.91 -43.03
N LYS C 122 22.30 -17.41 -43.14
CA LYS C 122 22.56 -17.83 -41.76
C LYS C 122 24.07 -17.91 -41.49
N ARG C 123 24.88 -18.18 -42.52
CA ARG C 123 26.33 -18.03 -42.38
C ARG C 123 26.69 -16.58 -42.10
N LYS C 124 25.80 -15.66 -42.48
CA LYS C 124 25.89 -14.25 -42.14
C LYS C 124 25.42 -13.96 -40.73
N GLU C 125 24.27 -14.52 -40.34
CA GLU C 125 23.67 -14.27 -39.04
C GLU C 125 24.48 -14.88 -37.89
N TYR C 126 25.17 -15.99 -38.14
CA TYR C 126 25.82 -16.78 -37.09
C TYR C 126 27.25 -17.10 -37.50
N PRO C 127 28.11 -16.07 -37.62
CA PRO C 127 29.49 -16.32 -38.07
C PRO C 127 30.31 -17.10 -37.07
N ASP C 128 29.89 -17.20 -35.80
CA ASP C 128 30.67 -17.93 -34.81
C ASP C 128 30.11 -19.32 -34.56
N ALA C 129 29.31 -19.83 -35.48
CA ALA C 129 28.68 -21.14 -35.30
C ALA C 129 29.73 -22.20 -34.96
N ASN C 130 29.37 -23.10 -34.05
CA ASN C 130 30.24 -24.20 -33.63
C ASN C 130 29.95 -25.42 -34.52
N LYS C 131 30.86 -25.69 -35.46
CA LYS C 131 30.64 -26.70 -36.49
C LYS C 131 31.69 -27.80 -36.44
N ASP C 132 31.31 -29.00 -36.90
CA ASP C 132 32.23 -30.14 -36.95
C ASP C 132 33.00 -30.07 -38.26
N ASN C 133 33.78 -31.12 -38.59
CA ASN C 133 34.63 -31.10 -39.78
C ASN C 133 33.85 -31.10 -41.08
N PHE C 134 32.57 -31.47 -41.05
CA PHE C 134 31.72 -31.49 -42.22
C PHE C 134 30.86 -30.24 -42.36
N GLY C 135 31.09 -29.23 -41.52
CA GLY C 135 30.26 -28.05 -41.57
C GLY C 135 28.93 -28.17 -40.87
N ARG C 136 28.72 -29.23 -40.09
CA ARG C 136 27.46 -29.41 -39.37
C ARG C 136 27.57 -28.85 -37.96
N LEU C 137 26.44 -28.34 -37.45
CA LEU C 137 26.42 -27.86 -36.07
C LEU C 137 26.74 -29.01 -35.11
N ARG C 138 27.60 -28.72 -34.15
CA ARG C 138 27.91 -29.61 -33.04
C ARG C 138 26.70 -29.80 -32.13
N VAL C 139 26.54 -31.01 -31.58
CA VAL C 139 25.50 -31.26 -30.60
C VAL C 139 25.94 -32.36 -29.65
N GLY C 140 25.46 -32.28 -28.40
CA GLY C 140 25.66 -33.31 -27.41
C GLY C 140 24.35 -34.00 -27.05
N ALA C 141 24.49 -35.14 -26.36
CA ALA C 141 23.35 -35.96 -26.00
C ALA C 141 23.62 -36.66 -24.67
N ALA C 142 22.62 -36.65 -23.80
CA ALA C 142 22.77 -37.27 -22.49
C ALA C 142 22.51 -38.76 -22.56
N ILE C 143 23.16 -39.49 -21.66
CA ILE C 143 22.91 -40.92 -21.46
C ILE C 143 23.06 -41.21 -19.97
N GLY C 144 22.51 -42.36 -19.56
CA GLY C 144 22.61 -42.84 -18.21
C GLY C 144 23.53 -44.05 -18.12
N VAL C 145 23.74 -44.49 -16.87
CA VAL C 145 24.57 -45.66 -16.60
C VAL C 145 24.07 -46.86 -17.39
N GLY C 146 25.02 -47.58 -18.01
CA GLY C 146 24.75 -48.83 -18.69
C GLY C 146 23.96 -48.72 -19.98
N GLN C 147 23.61 -47.51 -20.43
CA GLN C 147 22.73 -47.33 -21.58
C GLN C 147 23.52 -47.46 -22.89
N MET C 148 23.97 -48.68 -23.16
CA MET C 148 24.86 -48.84 -24.30
C MET C 148 24.08 -48.83 -25.61
N ASP C 149 22.85 -49.36 -25.64
CA ASP C 149 22.03 -49.27 -26.84
C ASP C 149 21.85 -47.83 -27.27
N ARG C 150 21.67 -46.91 -26.31
CA ARG C 150 21.47 -45.50 -26.62
C ARG C 150 22.72 -44.90 -27.22
N VAL C 151 23.90 -45.20 -26.63
CA VAL C 151 25.19 -44.73 -27.17
C VAL C 151 25.37 -45.17 -28.61
N ASP C 152 25.16 -46.48 -28.87
CA ASP C 152 25.29 -46.99 -30.23
C ASP C 152 24.46 -46.17 -31.21
N ALA C 153 23.20 -45.86 -30.85
CA ALA C 153 22.33 -45.16 -31.79
C ALA C 153 22.76 -43.71 -31.97
N LEU C 154 23.24 -43.09 -30.88
CA LEU C 154 23.68 -41.70 -30.95
C LEU C 154 24.96 -41.57 -31.74
N VAL C 155 25.90 -42.51 -31.56
CA VAL C 155 27.11 -42.52 -32.38
C VAL C 155 26.75 -42.59 -33.86
N GLU C 156 25.85 -43.51 -34.23
CA GLU C 156 25.43 -43.60 -35.62
C GLU C 156 24.73 -42.34 -36.12
N ALA C 157 23.98 -41.65 -35.24
CA ALA C 157 23.34 -40.40 -35.60
C ALA C 157 24.33 -39.25 -35.80
N GLY C 158 25.62 -39.47 -35.54
CA GLY C 158 26.61 -38.42 -35.71
C GLY C 158 26.72 -37.44 -34.55
N VAL C 159 26.37 -37.86 -33.33
CA VAL C 159 26.47 -36.96 -32.18
C VAL C 159 27.95 -36.64 -31.95
N ASP C 160 28.22 -35.42 -31.50
CA ASP C 160 29.60 -34.97 -31.37
C ASP C 160 30.20 -35.33 -30.02
N VAL C 161 29.37 -35.40 -28.99
CA VAL C 161 29.84 -35.76 -27.66
C VAL C 161 28.66 -36.35 -26.91
N VAL C 162 28.95 -37.36 -26.09
CA VAL C 162 27.98 -38.02 -25.22
C VAL C 162 28.21 -37.55 -23.80
N VAL C 163 27.13 -37.22 -23.08
CA VAL C 163 27.23 -36.67 -21.73
C VAL C 163 26.63 -37.71 -20.79
N LEU C 164 27.51 -38.45 -20.13
CA LEU C 164 27.11 -39.50 -19.19
C LEU C 164 26.77 -38.85 -17.85
N ASP C 165 25.48 -38.89 -17.49
CA ASP C 165 24.93 -38.21 -16.32
C ASP C 165 24.50 -39.21 -15.27
N SER C 166 24.84 -38.91 -14.02
CA SER C 166 24.30 -39.60 -12.85
C SER C 166 24.20 -38.59 -11.72
N ALA C 167 23.24 -38.83 -10.84
CA ALA C 167 23.22 -38.09 -9.59
C ALA C 167 24.59 -38.17 -8.92
N HIS C 168 25.29 -39.28 -9.07
CA HIS C 168 26.53 -39.52 -8.36
C HIS C 168 27.56 -40.08 -9.33
N GLY C 169 28.38 -39.18 -9.91
CA GLY C 169 29.37 -39.60 -10.89
C GLY C 169 30.47 -40.46 -10.32
N HIS C 170 30.79 -40.26 -9.03
CA HIS C 170 31.93 -40.94 -8.40
C HIS C 170 31.48 -42.31 -7.90
N SER C 171 31.11 -43.16 -8.84
CA SER C 171 30.51 -44.44 -8.51
C SER C 171 30.99 -45.53 -9.47
N LYS C 172 30.98 -46.77 -8.98
CA LYS C 172 31.37 -47.89 -9.82
C LYS C 172 30.53 -47.94 -11.10
N GLY C 173 29.22 -47.73 -10.99
CA GLY C 173 28.38 -47.78 -12.18
C GLY C 173 28.80 -46.80 -13.26
N ILE C 174 29.17 -45.58 -12.84
CA ILE C 174 29.63 -44.59 -13.82
C ILE C 174 30.99 -44.98 -14.40
N ILE C 175 31.92 -45.39 -13.55
CA ILE C 175 33.26 -45.70 -14.02
C ILE C 175 33.23 -46.89 -14.98
N ASP C 176 32.44 -47.92 -14.66
CA ASP C 176 32.36 -49.06 -15.56
C ASP C 176 31.74 -48.67 -16.90
N THR C 177 30.75 -47.77 -16.88
CA THR C 177 30.17 -47.32 -18.15
C THR C 177 31.18 -46.51 -18.96
N VAL C 178 31.93 -45.63 -18.29
CA VAL C 178 32.98 -44.88 -18.98
C VAL C 178 33.95 -45.84 -19.68
N LYS C 179 34.47 -46.82 -18.92
CA LYS C 179 35.41 -47.78 -19.49
C LYS C 179 34.81 -48.53 -20.67
N ALA C 180 33.54 -48.93 -20.55
CA ALA C 180 32.94 -49.72 -21.63
C ALA C 180 32.75 -48.87 -22.89
N ILE C 181 32.38 -47.61 -22.71
CA ILE C 181 32.18 -46.72 -23.86
C ILE C 181 33.50 -46.39 -24.54
N LYS C 182 34.53 -46.05 -23.75
CA LYS C 182 35.81 -45.72 -24.37
C LYS C 182 36.41 -46.95 -25.04
N ALA C 183 36.07 -48.15 -24.56
CA ALA C 183 36.59 -49.36 -25.19
C ALA C 183 35.92 -49.60 -26.54
N LYS C 184 34.60 -49.45 -26.59
CA LYS C 184 33.88 -49.73 -27.83
C LYS C 184 34.02 -48.58 -28.82
N TYR C 185 34.09 -47.33 -28.36
CA TYR C 185 34.18 -46.16 -29.22
C TYR C 185 35.36 -45.31 -28.81
N PRO C 186 36.57 -45.77 -29.14
CA PRO C 186 37.76 -44.99 -28.76
C PRO C 186 37.76 -43.55 -29.30
N ASN C 187 37.04 -43.28 -30.40
CA ASN C 187 37.01 -41.96 -31.04
C ASN C 187 35.83 -41.09 -30.61
N LEU C 188 35.06 -41.51 -29.62
CA LEU C 188 33.92 -40.75 -29.14
C LEU C 188 34.33 -39.88 -27.95
N ASP C 189 34.10 -38.57 -28.05
CA ASP C 189 34.30 -37.69 -26.91
C ASP C 189 33.24 -37.97 -25.84
N LEU C 190 33.70 -38.12 -24.60
CA LEU C 190 32.83 -38.55 -23.52
C LEU C 190 32.99 -37.61 -22.33
N ILE C 191 31.87 -37.05 -21.89
CA ILE C 191 31.80 -36.23 -20.69
C ILE C 191 31.06 -37.05 -19.65
N ALA C 192 31.50 -36.99 -18.39
CA ALA C 192 30.81 -37.70 -17.33
C ALA C 192 30.70 -36.80 -16.11
N GLY C 193 29.58 -36.96 -15.38
CA GLY C 193 29.30 -36.20 -14.18
C GLY C 193 28.16 -36.87 -13.41
N ASN C 194 27.74 -36.28 -12.28
CA ASN C 194 28.40 -35.10 -11.74
C ASN C 194 29.26 -35.44 -10.53
N ILE C 195 30.31 -34.64 -10.32
CA ILE C 195 31.23 -34.86 -9.22
C ILE C 195 31.42 -33.57 -8.45
N ALA C 196 32.12 -33.69 -7.32
CA ALA C 196 32.32 -32.53 -6.46
C ALA C 196 33.59 -32.61 -5.61
N THR C 197 34.47 -33.60 -5.83
CA THR C 197 35.71 -33.73 -5.08
C THR C 197 36.87 -34.03 -6.03
N ALA C 198 38.08 -33.76 -5.55
CA ALA C 198 39.27 -34.08 -6.33
C ALA C 198 39.43 -35.58 -6.54
N ALA C 199 39.12 -36.40 -5.53
CA ALA C 199 39.20 -37.84 -5.70
C ALA C 199 38.29 -38.32 -6.84
N ALA C 200 37.11 -37.74 -6.96
CA ALA C 200 36.21 -38.11 -8.05
C ALA C 200 36.76 -37.69 -9.41
N ALA C 201 37.38 -36.51 -9.50
CA ALA C 201 37.92 -36.06 -10.77
C ALA C 201 39.06 -36.98 -11.22
N LYS C 202 39.97 -37.30 -10.31
CA LYS C 202 41.02 -38.29 -10.56
C LYS C 202 40.43 -39.59 -11.10
N ALA C 203 39.40 -40.11 -10.43
CA ALA C 203 38.85 -41.40 -10.82
C ALA C 203 38.22 -41.34 -12.21
N LEU C 204 37.47 -40.29 -12.52
CA LEU C 204 36.89 -40.21 -13.86
C LEU C 204 37.95 -39.98 -14.93
N CYS C 205 38.94 -39.12 -14.66
CA CYS C 205 40.02 -38.90 -15.64
C CYS C 205 40.80 -40.18 -15.90
N GLU C 206 41.11 -40.95 -14.84
CA GLU C 206 41.78 -42.23 -15.03
C GLU C 206 40.94 -43.17 -15.87
N ALA C 207 39.62 -43.21 -15.64
CA ALA C 207 38.74 -44.05 -16.43
C ALA C 207 38.72 -43.65 -17.90
N GLY C 208 39.01 -42.38 -18.21
CA GLY C 208 39.16 -41.98 -19.60
C GLY C 208 38.20 -40.93 -20.12
N VAL C 209 37.55 -40.18 -19.23
CA VAL C 209 36.61 -39.16 -19.71
C VAL C 209 37.39 -38.05 -20.42
N ASP C 210 36.68 -37.33 -21.29
CA ASP C 210 37.30 -36.22 -22.00
C ASP C 210 36.99 -34.88 -21.35
N ALA C 211 36.06 -34.86 -20.40
CA ALA C 211 35.78 -33.70 -19.58
C ALA C 211 34.98 -34.19 -18.39
N VAL C 212 35.06 -33.47 -17.28
CA VAL C 212 34.32 -33.82 -16.08
C VAL C 212 33.32 -32.70 -15.82
N LYS C 213 32.15 -33.07 -15.33
CA LYS C 213 31.13 -32.06 -15.06
C LYS C 213 30.90 -31.98 -13.57
N VAL C 214 31.07 -30.79 -13.01
CA VAL C 214 31.16 -30.59 -11.56
C VAL C 214 29.87 -29.94 -11.07
N GLY C 215 29.28 -30.52 -10.04
CA GLY C 215 28.11 -29.92 -9.43
C GLY C 215 27.18 -30.91 -8.76
N ILE C 216 27.26 -31.01 -7.43
CA ILE C 216 26.33 -31.80 -6.64
C ILE C 216 25.57 -30.83 -5.75
N GLY C 217 24.31 -30.57 -6.08
CA GLY C 217 23.49 -29.72 -5.27
C GLY C 217 23.28 -28.25 -5.64
N PRO C 218 24.08 -27.62 -6.52
CA PRO C 218 23.89 -26.16 -6.70
C PRO C 218 22.68 -25.77 -7.53
N GLY C 219 22.11 -26.68 -8.32
CA GLY C 219 21.11 -26.28 -9.30
C GLY C 219 19.92 -25.58 -8.69
N SER C 220 19.34 -24.64 -9.43
CA SER C 220 18.19 -23.89 -8.94
C SER C 220 17.04 -24.81 -8.52
N ILE C 221 16.80 -25.88 -9.28
CA ILE C 221 15.70 -26.80 -9.04
C ILE C 221 16.13 -28.02 -8.23
N CYS C 222 17.34 -28.01 -7.68
CA CYS C 222 17.91 -29.18 -7.04
C CYS C 222 17.63 -29.18 -5.55
N THR C 223 17.20 -30.31 -5.02
CA THR C 223 17.00 -30.48 -3.58
C THR C 223 17.94 -31.52 -2.98
N THR C 224 18.91 -32.03 -3.74
CA THR C 224 19.80 -33.10 -3.25
C THR C 224 20.40 -32.78 -1.89
N ARG C 225 20.91 -31.54 -1.72
CA ARG C 225 21.58 -31.22 -0.47
C ARG C 225 20.61 -31.21 0.68
N ILE C 226 19.35 -30.90 0.43
CA ILE C 226 18.36 -30.89 1.50
C ILE C 226 17.81 -32.29 1.75
N VAL C 227 17.65 -33.06 0.68
CA VAL C 227 17.04 -34.37 0.79
C VAL C 227 18.04 -35.41 1.28
N SER C 228 19.30 -35.26 0.89
CA SER C 228 20.32 -36.22 1.32
C SER C 228 21.40 -35.61 2.21
N GLY C 229 21.46 -34.28 2.32
CA GLY C 229 22.52 -33.68 3.12
C GLY C 229 23.88 -33.67 2.46
N VAL C 230 23.97 -34.07 1.19
CA VAL C 230 25.21 -34.24 0.46
C VAL C 230 25.39 -33.10 -0.52
N GLY C 231 26.61 -32.59 -0.62
CA GLY C 231 26.92 -31.53 -1.57
C GLY C 231 28.17 -30.78 -1.15
N VAL C 232 28.70 -30.00 -2.10
CA VAL C 232 29.84 -29.12 -1.87
C VAL C 232 29.50 -27.80 -2.54
N PRO C 233 29.58 -26.67 -1.83
CA PRO C 233 29.36 -25.35 -2.47
C PRO C 233 30.20 -25.19 -3.75
N GLN C 234 29.55 -24.65 -4.80
CA GLN C 234 30.01 -24.85 -6.17
C GLN C 234 31.40 -24.23 -6.44
N ILE C 235 31.74 -23.11 -5.82
CA ILE C 235 33.07 -22.53 -6.07
C ILE C 235 34.17 -23.45 -5.56
N SER C 236 34.00 -23.98 -4.35
CA SER C 236 35.00 -24.90 -3.81
C SER C 236 35.02 -26.20 -4.60
N ALA C 237 33.85 -26.66 -5.07
CA ALA C 237 33.81 -27.88 -5.86
C ALA C 237 34.59 -27.73 -7.16
N ILE C 238 34.39 -26.60 -7.85
CA ILE C 238 35.16 -26.33 -9.08
C ILE C 238 36.65 -26.25 -8.78
N ASP C 239 37.00 -25.52 -7.73
CA ASP C 239 38.39 -25.27 -7.42
C ASP C 239 39.13 -26.57 -7.16
N GLU C 240 38.52 -27.45 -6.36
CA GLU C 240 39.12 -28.73 -6.02
C GLU C 240 39.22 -29.64 -7.26
N CYS C 241 38.18 -29.68 -8.08
CA CYS C 241 38.20 -30.60 -9.21
C CYS C 241 39.12 -30.12 -10.32
N VAL C 242 39.12 -28.81 -10.59
CA VAL C 242 40.04 -28.24 -11.58
C VAL C 242 41.47 -28.62 -11.28
N GLU C 243 41.86 -28.50 -10.01
CA GLU C 243 43.25 -28.74 -9.65
C GLU C 243 43.64 -30.19 -9.96
N GLU C 244 42.75 -31.14 -9.69
CA GLU C 244 43.06 -32.52 -10.01
C GLU C 244 42.95 -32.78 -11.52
N ALA C 245 41.92 -32.23 -12.18
CA ALA C 245 41.69 -32.53 -13.59
C ALA C 245 42.74 -31.94 -14.50
N ASN C 246 43.33 -30.80 -14.11
CA ASN C 246 44.39 -30.20 -14.91
C ASN C 246 45.59 -31.13 -15.05
N LYS C 247 45.83 -32.00 -14.05
CA LYS C 247 46.94 -32.94 -14.15
C LYS C 247 46.80 -33.85 -15.36
N PHE C 248 45.57 -34.17 -15.75
CA PHE C 248 45.26 -34.97 -16.92
C PHE C 248 45.02 -34.11 -18.16
N GLY C 249 45.11 -32.79 -18.04
CA GLY C 249 44.67 -31.94 -19.13
C GLY C 249 43.21 -32.11 -19.50
N VAL C 250 42.36 -32.43 -18.53
CA VAL C 250 40.94 -32.68 -18.76
C VAL C 250 40.15 -31.40 -18.37
N PRO C 251 39.38 -30.84 -19.29
CA PRO C 251 38.54 -29.67 -18.94
C PRO C 251 37.46 -29.99 -17.92
N VAL C 252 37.10 -28.96 -17.15
CA VAL C 252 36.03 -29.00 -16.16
C VAL C 252 34.87 -28.15 -16.67
N ILE C 253 33.66 -28.71 -16.61
CA ILE C 253 32.41 -28.02 -16.89
C ILE C 253 31.74 -27.70 -15.56
N ALA C 254 31.48 -26.42 -15.30
CA ALA C 254 30.81 -26.01 -14.07
C ALA C 254 29.29 -26.02 -14.29
N ASP C 255 28.59 -26.96 -13.65
CA ASP C 255 27.19 -27.26 -13.95
C ASP C 255 26.28 -26.86 -12.78
N GLY C 256 25.42 -25.88 -12.99
CA GLY C 256 24.43 -25.60 -11.98
C GLY C 256 24.82 -24.43 -11.09
N GLY C 257 23.82 -23.71 -10.60
CA GLY C 257 24.04 -22.63 -9.67
C GLY C 257 24.28 -21.27 -10.30
N ILE C 258 24.39 -21.20 -11.63
CA ILE C 258 24.61 -19.91 -12.30
C ILE C 258 23.33 -19.08 -12.20
N LYS C 259 23.43 -17.91 -11.57
CA LYS C 259 22.31 -17.00 -11.36
C LYS C 259 22.38 -15.76 -12.23
N TYR C 260 23.57 -15.20 -12.34
CA TYR C 260 23.79 -13.96 -13.07
C TYR C 260 25.06 -14.14 -13.86
N SER C 261 25.27 -13.23 -14.83
CA SER C 261 26.43 -13.36 -15.71
C SER C 261 27.72 -13.37 -14.91
N GLY C 262 27.76 -12.67 -13.77
CA GLY C 262 28.98 -12.62 -12.99
C GLY C 262 29.39 -13.98 -12.45
N ASP C 263 28.41 -14.86 -12.24
CA ASP C 263 28.71 -16.22 -11.77
C ASP C 263 29.45 -17.00 -12.84
N ILE C 264 29.13 -16.75 -14.11
CA ILE C 264 29.87 -17.38 -15.20
C ILE C 264 31.32 -16.95 -15.16
N ALA C 265 31.55 -15.64 -14.96
CA ALA C 265 32.91 -15.13 -14.86
C ALA C 265 33.66 -15.81 -13.72
N LYS C 266 33.05 -15.91 -12.56
CA LYS C 266 33.72 -16.52 -11.41
C LYS C 266 34.03 -17.99 -11.68
N ALA C 267 33.07 -18.73 -12.23
CA ALA C 267 33.31 -20.16 -12.51
C ALA C 267 34.49 -20.34 -13.44
N LEU C 268 34.57 -19.53 -14.51
CA LEU C 268 35.68 -19.65 -15.45
C LEU C 268 36.98 -19.18 -14.82
N ALA C 269 36.94 -18.08 -14.07
CA ALA C 269 38.16 -17.59 -13.42
C ALA C 269 38.76 -18.65 -12.49
N VAL C 270 37.92 -19.39 -11.76
CA VAL C 270 38.41 -20.42 -10.85
C VAL C 270 39.07 -21.56 -11.61
N GLY C 271 38.80 -21.69 -12.91
CA GLY C 271 39.47 -22.72 -13.68
C GLY C 271 38.57 -23.62 -14.49
N ALA C 272 37.26 -23.44 -14.41
CA ALA C 272 36.38 -24.16 -15.32
C ALA C 272 36.65 -23.72 -16.76
N SER C 273 36.46 -24.65 -17.69
CA SER C 273 36.60 -24.36 -19.11
C SER C 273 35.29 -23.94 -19.76
N SER C 274 34.15 -24.39 -19.21
CA SER C 274 32.85 -24.04 -19.75
C SER C 274 31.85 -24.13 -18.61
N VAL C 275 30.64 -23.62 -18.87
CA VAL C 275 29.60 -23.54 -17.87
C VAL C 275 28.31 -24.08 -18.49
N MET C 276 27.59 -24.90 -17.73
CA MET C 276 26.30 -25.46 -18.13
C MET C 276 25.19 -24.76 -17.37
N ILE C 277 24.12 -24.41 -18.09
CA ILE C 277 23.08 -23.51 -17.58
C ILE C 277 21.70 -24.05 -17.88
N GLY C 278 20.84 -24.08 -16.85
CA GLY C 278 19.45 -24.48 -16.99
C GLY C 278 18.46 -23.33 -16.81
N SER C 279 18.32 -22.82 -15.59
CA SER C 279 17.23 -21.89 -15.30
C SER C 279 17.26 -20.66 -16.21
N LEU C 280 18.46 -20.15 -16.52
CA LEU C 280 18.57 -18.93 -17.30
C LEU C 280 18.15 -19.10 -18.75
N LEU C 281 18.00 -20.34 -19.23
CA LEU C 281 17.58 -20.59 -20.60
C LEU C 281 16.19 -21.22 -20.71
N ALA C 282 15.59 -21.64 -19.60
CA ALA C 282 14.32 -22.33 -19.68
C ALA C 282 13.19 -21.41 -20.11
N GLY C 283 13.28 -20.11 -19.82
CA GLY C 283 12.21 -19.20 -20.19
C GLY C 283 12.27 -18.63 -21.59
N THR C 284 13.08 -19.22 -22.47
CA THR C 284 13.31 -18.68 -23.80
C THR C 284 12.34 -19.29 -24.81
N ASP C 285 12.26 -18.67 -26.01
CA ASP C 285 11.31 -19.18 -26.99
C ASP C 285 11.72 -20.56 -27.47
N GLU C 286 13.03 -20.84 -27.49
CA GLU C 286 13.56 -22.06 -28.10
C GLU C 286 13.53 -23.27 -27.18
N SER C 287 13.36 -23.07 -25.87
CA SER C 287 13.30 -24.23 -24.98
C SER C 287 12.00 -25.00 -25.24
N PRO C 288 11.98 -26.30 -24.93
CA PRO C 288 10.75 -27.08 -25.15
C PRO C 288 9.63 -26.59 -24.24
N GLY C 289 8.39 -26.95 -24.58
CA GLY C 289 7.24 -26.54 -23.79
C GLY C 289 6.67 -25.21 -24.25
N GLU C 290 5.49 -24.86 -23.75
CA GLU C 290 4.81 -23.67 -24.25
C GLU C 290 4.80 -22.59 -23.19
N LEU C 291 4.62 -21.36 -23.65
CA LEU C 291 4.26 -20.26 -22.75
C LEU C 291 2.92 -20.53 -22.10
N PHE C 292 2.78 -20.08 -20.86
CA PHE C 292 1.47 -19.97 -20.25
C PHE C 292 1.45 -18.70 -19.41
N THR C 293 0.26 -18.24 -19.10
CA THR C 293 0.07 -16.98 -18.40
C THR C 293 -0.39 -17.26 -16.98
N TYR C 294 0.21 -16.58 -16.02
CA TYR C 294 -0.16 -16.72 -14.65
C TYR C 294 -0.18 -15.35 -14.03
N GLN C 295 -1.27 -15.04 -13.33
CA GLN C 295 -1.49 -13.73 -12.71
C GLN C 295 -0.87 -12.59 -13.52
N GLY C 296 -1.21 -12.53 -14.80
CA GLY C 296 -0.84 -11.41 -15.63
C GLY C 296 0.56 -11.44 -16.20
N ARG C 297 1.33 -12.50 -15.95
CA ARG C 297 2.66 -12.62 -16.52
C ARG C 297 2.84 -13.97 -17.19
N GLN C 298 3.83 -14.03 -18.09
CA GLN C 298 4.06 -15.23 -18.88
C GLN C 298 5.23 -15.99 -18.31
N TYR C 299 5.12 -17.32 -18.31
CA TYR C 299 6.09 -18.21 -17.70
C TYR C 299 6.29 -19.42 -18.60
N LYS C 300 7.37 -20.16 -18.33
CA LYS C 300 7.50 -21.51 -18.87
C LYS C 300 7.82 -22.47 -17.73
N SER C 301 7.38 -23.71 -17.91
CA SER C 301 7.72 -24.76 -16.97
C SER C 301 9.23 -24.94 -16.89
N TYR C 302 9.74 -25.17 -15.67
CA TYR C 302 11.13 -25.54 -15.45
C TYR C 302 11.18 -26.48 -14.25
N ARG C 303 11.78 -27.66 -14.45
CA ARG C 303 11.69 -28.70 -13.44
C ARG C 303 12.96 -29.51 -13.44
N GLY C 304 13.32 -30.01 -12.26
CA GLY C 304 14.44 -30.93 -12.18
C GLY C 304 14.13 -32.23 -12.88
N MET C 305 15.17 -32.82 -13.46
CA MET C 305 15.09 -34.16 -14.01
C MET C 305 14.96 -35.22 -12.92
N GLY C 306 15.23 -34.86 -11.66
CA GLY C 306 14.92 -35.74 -10.55
C GLY C 306 13.64 -35.35 -9.82
N SER C 307 12.78 -34.57 -10.46
CA SER C 307 11.48 -34.27 -9.86
C SER C 307 10.49 -35.39 -10.13
N LEU C 308 9.39 -35.41 -9.36
CA LEU C 308 8.35 -36.41 -9.62
C LEU C 308 7.82 -36.30 -11.05
N GLY C 309 7.53 -35.08 -11.50
CA GLY C 309 6.99 -34.90 -12.84
C GLY C 309 7.89 -35.47 -13.93
N ALA C 310 9.18 -35.15 -13.87
CA ALA C 310 10.09 -35.64 -14.90
C ALA C 310 10.25 -37.17 -14.85
N MET C 311 10.31 -37.75 -13.65
CA MET C 311 10.48 -39.19 -13.52
C MET C 311 9.20 -39.97 -13.87
N GLN C 312 8.05 -39.32 -13.84
CA GLN C 312 6.78 -39.96 -14.18
C GLN C 312 6.54 -39.91 -15.68
N LYS C 328 7.09 -45.82 -3.73
CA LYS C 328 7.10 -44.66 -4.61
C LYS C 328 8.48 -44.03 -4.75
N LEU C 329 8.54 -42.97 -5.54
CA LEU C 329 9.80 -42.31 -5.86
C LEU C 329 10.19 -41.33 -4.75
N VAL C 330 11.50 -41.16 -4.55
CA VAL C 330 12.02 -40.15 -3.64
C VAL C 330 12.74 -39.10 -4.47
N PRO C 331 12.08 -38.00 -4.81
CA PRO C 331 12.68 -37.04 -5.72
C PRO C 331 13.85 -36.25 -5.13
N GLU C 332 14.71 -35.73 -6.04
CA GLU C 332 15.80 -34.82 -5.69
C GLU C 332 15.71 -33.51 -6.46
N GLY C 333 14.52 -33.18 -6.94
CA GLY C 333 14.29 -31.89 -7.56
C GLY C 333 12.83 -31.53 -7.44
N ILE C 334 12.52 -30.28 -7.80
CA ILE C 334 11.15 -29.78 -7.76
C ILE C 334 10.68 -29.45 -9.17
N GLU C 335 9.38 -29.24 -9.30
CA GLU C 335 8.74 -28.77 -10.53
C GLU C 335 8.35 -27.31 -10.35
N GLY C 336 8.73 -26.46 -11.30
CA GLY C 336 8.41 -25.06 -11.16
C GLY C 336 8.16 -24.32 -12.45
N ARG C 337 8.36 -23.00 -12.40
CA ARG C 337 8.18 -22.13 -13.55
C ARG C 337 9.17 -20.97 -13.45
N VAL C 338 9.60 -20.48 -14.62
CA VAL C 338 10.43 -19.29 -14.70
C VAL C 338 9.76 -18.30 -15.65
N PRO C 339 10.07 -17.00 -15.51
CA PRO C 339 9.45 -16.00 -16.39
C PRO C 339 9.90 -16.17 -17.84
N TYR C 340 8.97 -15.92 -18.77
CA TYR C 340 9.30 -15.73 -20.18
C TYR C 340 10.38 -14.66 -20.34
N VAL C 341 11.47 -14.96 -21.04
CA VAL C 341 12.49 -13.91 -21.23
C VAL C 341 12.85 -13.65 -22.70
N GLY C 342 12.09 -14.18 -23.64
CA GLY C 342 12.45 -13.91 -25.03
C GLY C 342 13.39 -14.93 -25.64
N SER C 343 14.27 -14.53 -26.54
CA SER C 343 15.07 -15.50 -27.29
C SER C 343 16.35 -15.87 -26.54
N ILE C 344 16.82 -17.10 -26.80
CA ILE C 344 18.14 -17.50 -26.34
C ILE C 344 19.19 -16.49 -26.77
N ARG C 345 19.07 -15.98 -28.00
CA ARG C 345 20.08 -15.06 -28.52
C ARG C 345 20.24 -13.84 -27.61
N SER C 346 19.13 -13.23 -27.18
CA SER C 346 19.22 -12.05 -26.31
C SER C 346 19.77 -12.41 -24.93
N VAL C 347 19.37 -13.55 -24.39
CA VAL C 347 19.91 -14.02 -23.10
C VAL C 347 21.42 -14.23 -23.21
N VAL C 348 21.84 -15.00 -24.21
CA VAL C 348 23.26 -15.31 -24.39
C VAL C 348 24.08 -14.03 -24.55
N HIS C 349 23.58 -13.10 -25.35
CA HIS C 349 24.27 -11.83 -25.56
C HIS C 349 24.57 -11.13 -24.24
N GLN C 350 23.55 -11.04 -23.36
CA GLN C 350 23.75 -10.43 -22.06
C GLN C 350 24.75 -11.19 -21.22
N LEU C 351 24.69 -12.54 -21.23
CA LEU C 351 25.56 -13.34 -20.37
C LEU C 351 27.01 -13.20 -20.80
N LEU C 352 27.27 -13.28 -22.11
CA LEU C 352 28.63 -13.13 -22.61
C LEU C 352 29.13 -11.70 -22.44
N GLY C 353 28.24 -10.71 -22.52
CA GLY C 353 28.65 -9.34 -22.27
C GLY C 353 29.18 -9.17 -20.85
N GLY C 354 28.54 -9.84 -19.89
CA GLY C 354 29.04 -9.80 -18.52
C GLY C 354 30.40 -10.46 -18.38
N LEU C 355 30.59 -11.60 -19.05
CA LEU C 355 31.91 -12.24 -19.06
C LEU C 355 32.98 -11.32 -19.67
N ARG C 356 32.65 -10.68 -20.79
CA ARG C 356 33.60 -9.78 -21.43
C ARG C 356 34.00 -8.63 -20.51
N SER C 357 33.02 -8.04 -19.82
CA SER C 357 33.31 -6.98 -18.86
C SER C 357 34.25 -7.48 -17.76
N SER C 358 33.96 -8.66 -17.22
CA SER C 358 34.78 -9.25 -16.16
C SER C 358 36.24 -9.38 -16.59
N MET C 359 36.45 -9.93 -17.79
CA MET C 359 37.79 -10.10 -18.33
C MET C 359 38.48 -8.76 -18.53
N GLY C 360 37.75 -7.75 -18.99
CA GLY C 360 38.30 -6.41 -19.08
C GLY C 360 38.73 -5.86 -17.73
N TYR C 361 37.90 -6.06 -16.70
CA TYR C 361 38.29 -5.63 -15.35
C TYR C 361 39.55 -6.35 -14.86
N VAL C 362 39.67 -7.63 -15.16
CA VAL C 362 40.80 -8.42 -14.67
C VAL C 362 42.06 -8.17 -15.49
N GLY C 363 41.90 -7.72 -16.74
CA GLY C 363 43.03 -7.47 -17.62
C GLY C 363 43.40 -8.63 -18.52
N ALA C 364 42.47 -9.54 -18.77
CA ALA C 364 42.73 -10.79 -19.45
C ALA C 364 42.26 -10.70 -20.90
N LYS C 365 43.15 -11.07 -21.83
CA LYS C 365 42.82 -11.06 -23.25
C LYS C 365 42.10 -12.32 -23.71
N ASP C 366 42.26 -13.43 -22.99
CA ASP C 366 41.54 -14.67 -23.29
C ASP C 366 41.31 -15.40 -21.97
N ILE C 367 40.60 -16.53 -22.06
CA ILE C 367 40.14 -17.20 -20.83
C ILE C 367 41.31 -17.85 -20.11
N GLU C 368 42.28 -18.38 -20.84
CA GLU C 368 43.49 -18.92 -20.21
C GLU C 368 44.21 -17.84 -19.41
N ASP C 369 44.34 -16.65 -19.98
CA ASP C 369 44.97 -15.55 -19.26
C ASP C 369 44.12 -15.13 -18.06
N PHE C 370 42.81 -15.30 -18.18
CA PHE C 370 41.87 -14.91 -17.13
C PHE C 370 42.08 -15.76 -15.89
N GLN C 371 42.30 -17.06 -16.08
CA GLN C 371 42.48 -17.97 -14.95
C GLN C 371 43.83 -17.76 -14.30
N LYS C 372 44.84 -17.36 -15.09
CA LYS C 372 46.16 -17.09 -14.56
C LYS C 372 46.22 -15.78 -13.79
N ARG C 373 45.44 -14.78 -14.18
CA ARG C 373 45.50 -13.47 -13.54
C ARG C 373 44.56 -13.32 -12.36
N ALA C 374 43.50 -14.13 -12.29
CA ALA C 374 42.38 -13.85 -11.40
C ALA C 374 42.78 -13.97 -9.93
N GLU C 375 42.37 -13.00 -9.13
CA GLU C 375 42.48 -13.07 -7.68
C GLU C 375 41.13 -12.68 -7.08
N PHE C 376 40.76 -13.37 -6.00
CA PHE C 376 39.46 -13.22 -5.37
C PHE C 376 39.59 -12.59 -3.99
N VAL C 377 38.50 -11.96 -3.54
CA VAL C 377 38.26 -11.70 -2.13
C VAL C 377 37.03 -12.48 -1.71
N GLU C 378 37.05 -13.03 -0.50
CA GLU C 378 35.84 -13.52 0.15
C GLU C 378 35.08 -12.37 0.78
N ILE C 379 33.75 -12.37 0.66
CA ILE C 379 32.95 -11.25 1.14
C ILE C 379 31.95 -11.76 2.19
N THR C 380 31.27 -10.82 2.83
CA THR C 380 30.27 -11.09 3.86
C THR C 380 28.86 -10.93 3.28
N THR C 381 27.86 -11.31 4.09
CA THR C 381 26.48 -11.05 3.74
C THR C 381 26.26 -9.57 3.47
N ALA C 382 26.85 -8.69 4.30
CA ALA C 382 26.71 -7.26 4.06
C ALA C 382 27.34 -6.87 2.73
N GLY C 383 28.48 -7.47 2.40
CA GLY C 383 29.11 -7.16 1.13
C GLY C 383 28.28 -7.62 -0.06
N LEU C 384 27.58 -8.75 0.11
CA LEU C 384 26.69 -9.20 -0.95
C LEU C 384 25.51 -8.24 -1.12
N LYS C 385 24.92 -7.77 0.00
CA LYS C 385 23.85 -6.79 -0.10
C LYS C 385 24.32 -5.51 -0.79
N GLU C 386 25.55 -5.08 -0.49
CA GLU C 386 26.13 -3.91 -1.17
C GLU C 386 26.32 -4.16 -2.66
N SER C 387 26.63 -5.40 -3.05
CA SER C 387 26.91 -5.70 -4.45
C SER C 387 25.65 -5.58 -5.30
N HIS C 388 24.54 -6.12 -4.82
CA HIS C 388 23.25 -5.96 -5.46
C HIS C 388 22.80 -4.50 -5.43
N VAL C 389 21.78 -4.22 -6.25
CA VAL C 389 21.07 -2.95 -6.15
C VAL C 389 20.47 -2.84 -4.76
N HIS C 390 20.58 -1.65 -4.15
CA HIS C 390 20.08 -1.48 -2.80
C HIS C 390 19.61 -0.04 -2.63
N ASP C 391 18.57 0.15 -1.82
CA ASP C 391 18.08 1.47 -1.41
C ASP C 391 17.44 2.27 -2.55
N VAL C 392 17.10 1.63 -3.65
CA VAL C 392 16.51 2.29 -4.82
C VAL C 392 15.48 1.36 -5.40
N THR C 393 14.30 1.90 -5.74
CA THR C 393 13.25 1.11 -6.38
C THR C 393 13.50 1.02 -7.88
N ILE C 394 13.63 -0.19 -8.40
CA ILE C 394 13.87 -0.38 -9.83
C ILE C 394 12.55 -0.17 -10.57
N THR C 395 12.57 0.68 -11.60
CA THR C 395 11.37 0.98 -12.36
C THR C 395 11.41 0.48 -13.78
N HIS C 396 12.58 0.09 -14.27
CA HIS C 396 12.73 -0.39 -15.64
C HIS C 396 13.39 -1.75 -15.63
N GLU C 397 12.89 -2.61 -16.51
CA GLU C 397 13.57 -3.84 -16.92
C GLU C 397 15.04 -3.58 -17.25
N ALA C 398 15.93 -4.28 -16.54
CA ALA C 398 17.32 -4.37 -16.96
C ALA C 398 17.54 -5.72 -17.61
N PRO C 399 18.13 -5.79 -18.81
CA PRO C 399 18.17 -7.08 -19.54
C PRO C 399 19.11 -8.11 -18.91
N ASN C 400 19.92 -7.73 -17.91
CA ASN C 400 20.84 -8.68 -17.29
C ASN C 400 20.75 -8.65 -15.77
N TYR C 401 19.63 -8.19 -15.23
CA TYR C 401 19.50 -8.12 -13.77
C TYR C 401 18.02 -8.19 -13.42
N LYS C 402 17.55 -9.38 -13.08
CA LYS C 402 16.15 -9.62 -12.75
C LYS C 402 15.93 -9.39 -11.23
N ALA D 24 -32.72 34.78 6.16
CA ALA D 24 -33.26 35.65 5.12
C ALA D 24 -32.18 36.03 4.12
N MET D 25 -31.38 35.06 3.70
CA MET D 25 -30.39 35.32 2.67
C MET D 25 -31.06 35.31 1.30
N LYS D 26 -30.54 36.14 0.40
CA LYS D 26 -31.15 36.40 -0.90
C LYS D 26 -30.51 35.50 -1.96
N ILE D 27 -31.11 34.34 -2.15
CA ILE D 27 -30.77 33.45 -3.25
C ILE D 27 -31.78 33.74 -4.35
N VAL D 28 -31.31 34.29 -5.46
CA VAL D 28 -32.23 34.78 -6.48
C VAL D 28 -32.54 33.72 -7.53
N LYS D 29 -31.84 32.59 -7.49
CA LYS D 29 -31.83 31.71 -8.62
C LYS D 29 -31.02 30.45 -8.32
N ARG D 30 -31.45 29.33 -8.89
CA ARG D 30 -30.61 28.16 -9.09
C ARG D 30 -30.03 28.21 -10.50
N ALA D 31 -28.71 28.40 -10.60
CA ALA D 31 -28.02 28.67 -11.85
C ALA D 31 -27.32 27.42 -12.36
N LEU D 32 -27.42 27.20 -13.67
CA LEU D 32 -26.93 26.01 -14.35
C LEU D 32 -25.70 26.33 -15.20
N THR D 33 -24.89 25.30 -15.46
CA THR D 33 -23.85 25.46 -16.48
C THR D 33 -23.91 24.34 -17.51
N PHE D 34 -22.86 24.18 -18.34
CA PHE D 34 -22.97 23.37 -19.55
C PHE D 34 -23.34 21.93 -19.23
N GLU D 35 -22.67 21.34 -18.24
CA GLU D 35 -22.87 19.92 -17.92
C GLU D 35 -24.26 19.63 -17.39
N ASP D 36 -25.01 20.65 -16.96
CA ASP D 36 -26.35 20.42 -16.43
C ASP D 36 -27.42 20.28 -17.50
N VAL D 37 -27.12 20.56 -18.78
CA VAL D 37 -28.16 20.62 -19.79
C VAL D 37 -27.70 19.91 -21.05
N LEU D 38 -28.69 19.42 -21.83
CA LEU D 38 -28.48 18.89 -23.17
C LEU D 38 -29.54 19.47 -24.11
N LEU D 39 -29.20 19.50 -25.39
CA LEU D 39 -30.15 19.86 -26.45
C LEU D 39 -31.00 18.67 -26.86
N ARG D 40 -32.31 18.87 -26.99
CA ARG D 40 -33.19 17.87 -27.56
C ARG D 40 -33.04 17.87 -29.08
N PRO D 41 -33.00 16.70 -29.71
CA PRO D 41 -33.07 16.65 -31.17
C PRO D 41 -34.45 17.07 -31.65
N GLY D 42 -34.48 17.63 -32.85
CA GLY D 42 -35.73 18.05 -33.46
C GLY D 42 -35.78 17.55 -34.90
N TYR D 43 -36.95 17.70 -35.53
CA TYR D 43 -37.10 17.27 -36.91
C TYR D 43 -36.16 18.04 -37.82
N SER D 44 -35.41 17.32 -38.66
CA SER D 44 -34.36 17.95 -39.46
C SER D 44 -34.48 17.59 -40.93
N GLU D 45 -34.34 18.61 -41.79
CA GLU D 45 -34.20 18.41 -43.22
C GLU D 45 -32.81 18.78 -43.72
N VAL D 46 -31.89 19.09 -42.82
CA VAL D 46 -30.57 19.60 -43.19
C VAL D 46 -29.51 18.63 -42.71
N LEU D 47 -28.53 18.39 -43.53
CA LEU D 47 -27.36 17.63 -43.15
C LEU D 47 -26.31 18.57 -42.55
N PRO D 48 -25.46 18.04 -41.66
CA PRO D 48 -24.37 18.88 -41.10
C PRO D 48 -23.57 19.63 -42.15
N LYS D 49 -23.35 19.03 -43.33
CA LYS D 49 -22.70 19.65 -44.49
C LYS D 49 -23.27 21.04 -44.80
N GLU D 50 -24.58 21.16 -44.67
CA GLU D 50 -25.35 22.17 -45.35
C GLU D 50 -25.61 23.37 -44.46
N VAL D 51 -25.46 23.22 -43.14
CA VAL D 51 -25.82 24.33 -42.28
C VAL D 51 -24.80 25.45 -42.46
N LYS D 52 -25.22 26.66 -42.12
CA LYS D 52 -24.35 27.82 -42.23
C LYS D 52 -24.03 28.32 -40.83
N ILE D 53 -22.77 28.65 -40.60
CA ILE D 53 -22.28 28.91 -39.26
C ILE D 53 -21.71 30.32 -39.11
N HIS D 54 -21.97 31.21 -40.08
CA HIS D 54 -21.61 32.61 -39.87
C HIS D 54 -22.38 33.18 -38.68
N THR D 55 -21.87 34.27 -38.13
CA THR D 55 -22.51 34.90 -36.97
C THR D 55 -22.04 36.34 -36.88
N LYS D 56 -22.53 37.05 -35.87
CA LYS D 56 -22.10 38.42 -35.59
C LYS D 56 -21.08 38.41 -34.46
N LEU D 57 -19.94 39.07 -34.69
CA LEU D 57 -19.03 39.35 -33.57
C LEU D 57 -19.53 40.53 -32.76
N THR D 58 -19.79 41.65 -33.44
CA THR D 58 -20.30 42.87 -32.86
C THR D 58 -21.49 43.31 -33.68
N LYS D 59 -22.08 44.44 -33.30
CA LYS D 59 -23.16 44.98 -34.11
C LYS D 59 -22.76 45.12 -35.57
N ASN D 60 -21.47 45.33 -35.85
CA ASN D 60 -20.96 45.76 -37.13
C ASN D 60 -19.99 44.78 -37.80
N ILE D 61 -19.54 43.74 -37.12
CA ILE D 61 -18.55 42.81 -37.66
C ILE D 61 -19.12 41.41 -37.64
N THR D 62 -19.04 40.72 -38.77
CA THR D 62 -19.51 39.35 -38.89
C THR D 62 -18.32 38.41 -38.96
N LEU D 63 -18.52 37.21 -38.40
CA LEU D 63 -17.57 36.12 -38.44
C LEU D 63 -18.13 35.05 -39.35
N ASN D 64 -17.26 34.30 -40.01
CA ASN D 64 -17.69 33.20 -40.86
C ASN D 64 -17.80 31.89 -40.06
N MET D 65 -17.27 31.90 -38.85
CA MET D 65 -17.31 30.80 -37.89
C MET D 65 -17.32 31.50 -36.52
N PRO D 66 -17.99 30.92 -35.54
CA PRO D 66 -18.24 31.65 -34.28
C PRO D 66 -17.19 31.46 -33.19
N LEU D 67 -15.92 31.17 -33.52
CA LEU D 67 -14.90 30.89 -32.51
C LEU D 67 -13.88 32.03 -32.43
N ILE D 68 -13.51 32.40 -31.21
CA ILE D 68 -12.55 33.47 -30.95
C ILE D 68 -11.48 32.92 -30.00
N SER D 69 -10.21 33.10 -30.31
CA SER D 69 -9.18 32.65 -29.38
C SER D 69 -8.97 33.71 -28.29
N ALA D 70 -8.76 33.22 -27.07
CA ALA D 70 -8.72 34.05 -25.87
C ALA D 70 -7.53 35.00 -25.88
N ALA D 71 -7.71 36.15 -25.22
CA ALA D 71 -6.68 37.17 -25.09
C ALA D 71 -5.73 36.81 -23.95
N MET D 72 -4.93 35.76 -24.17
CA MET D 72 -4.07 35.25 -23.11
C MET D 72 -2.65 35.08 -23.64
N ASP D 73 -1.67 35.31 -22.77
CA ASP D 73 -0.29 35.23 -23.25
C ASP D 73 0.21 33.81 -23.44
N THR D 74 -0.63 32.80 -23.21
CA THR D 74 -0.34 31.43 -23.62
C THR D 74 -1.27 30.93 -24.72
N VAL D 75 -2.04 31.83 -25.36
CA VAL D 75 -2.98 31.41 -26.39
C VAL D 75 -2.78 32.20 -27.68
N THR D 76 -2.87 33.54 -27.62
CA THR D 76 -3.01 34.34 -28.85
C THR D 76 -1.92 35.39 -28.99
N GLU D 77 -0.92 35.12 -29.83
CA GLU D 77 -0.18 36.22 -30.47
C GLU D 77 -0.46 36.14 -31.98
N HIS D 78 0.42 36.66 -32.85
CA HIS D 78 -0.02 36.86 -34.24
C HIS D 78 -0.27 35.52 -34.96
N ARG D 79 0.54 34.51 -34.67
CA ARG D 79 0.41 33.27 -35.42
C ARG D 79 -0.93 32.59 -35.17
N ALA D 80 -1.42 32.62 -33.92
CA ALA D 80 -2.74 32.08 -33.64
C ALA D 80 -3.85 32.96 -34.23
N ALA D 81 -3.69 34.27 -34.12
CA ALA D 81 -4.71 35.17 -34.67
C ALA D 81 -4.83 35.03 -36.19
N ILE D 82 -3.69 34.84 -36.88
CA ILE D 82 -3.72 34.59 -38.31
C ILE D 82 -4.55 33.35 -38.62
N MET D 83 -4.26 32.25 -37.93
CA MET D 83 -4.97 31.00 -38.25
C MET D 83 -6.44 31.10 -37.89
N MET D 84 -6.78 31.73 -36.75
CA MET D 84 -8.20 31.91 -36.44
C MET D 84 -8.92 32.67 -37.54
N ALA D 85 -8.31 33.75 -38.05
CA ALA D 85 -8.98 34.54 -39.07
C ALA D 85 -9.02 33.78 -40.40
N ARG D 86 -7.96 33.05 -40.74
CA ARG D 86 -8.00 32.29 -41.99
C ARG D 86 -9.11 31.25 -41.94
N LEU D 87 -9.39 30.69 -40.77
CA LEU D 87 -10.46 29.71 -40.65
C LEU D 87 -11.84 30.35 -40.51
N GLY D 88 -11.93 31.68 -40.45
CA GLY D 88 -13.19 32.41 -40.44
C GLY D 88 -13.55 33.05 -39.11
N GLY D 89 -12.79 32.82 -38.06
CA GLY D 89 -13.10 33.39 -36.77
C GLY D 89 -12.20 34.58 -36.47
N LEU D 90 -11.73 34.68 -35.23
CA LEU D 90 -10.99 35.86 -34.82
C LEU D 90 -10.04 35.48 -33.69
N GLY D 91 -8.86 36.08 -33.66
CA GLY D 91 -7.96 36.03 -32.51
C GLY D 91 -7.88 37.38 -31.84
N VAL D 92 -7.77 37.39 -30.51
CA VAL D 92 -7.59 38.65 -29.76
C VAL D 92 -6.19 38.64 -29.18
N ILE D 93 -5.34 39.55 -29.67
CA ILE D 93 -3.98 39.67 -29.15
C ILE D 93 -4.05 40.13 -27.70
N HIS D 94 -3.32 39.43 -26.81
CA HIS D 94 -3.37 39.74 -25.39
C HIS D 94 -2.61 41.04 -25.09
N LYS D 95 -2.86 41.61 -23.92
CA LYS D 95 -2.28 42.90 -23.55
C LYS D 95 -1.17 42.77 -22.50
N ASN D 96 -0.62 41.57 -22.31
CA ASN D 96 0.50 41.42 -21.36
C ASN D 96 1.82 41.63 -22.09
N MET D 97 1.92 42.81 -22.70
CA MET D 97 3.07 43.25 -23.47
C MET D 97 2.91 44.74 -23.68
N ASP D 98 4.03 45.41 -23.94
CA ASP D 98 3.91 46.86 -24.11
C ASP D 98 3.18 47.18 -25.41
N ILE D 99 2.81 48.45 -25.55
CA ILE D 99 1.96 48.88 -26.67
C ILE D 99 2.62 48.57 -28.00
N ALA D 100 3.91 48.89 -28.14
CA ALA D 100 4.60 48.68 -29.41
C ALA D 100 4.61 47.21 -29.79
N SER D 101 4.78 46.30 -28.82
CA SER D 101 4.73 44.88 -29.12
C SER D 101 3.36 44.48 -29.62
N GLN D 102 2.30 44.99 -29.00
CA GLN D 102 0.96 44.57 -29.42
C GLN D 102 0.61 45.14 -30.78
N VAL D 103 1.06 46.37 -31.06
CA VAL D 103 0.92 46.95 -32.39
C VAL D 103 1.60 46.07 -33.44
N ARG D 104 2.83 45.62 -33.13
CA ARG D 104 3.53 44.73 -34.05
C ARG D 104 2.74 43.47 -34.31
N GLU D 105 2.16 42.88 -33.26
CA GLU D 105 1.36 41.66 -33.45
C GLU D 105 0.16 41.95 -34.34
N VAL D 106 -0.49 43.10 -34.15
CA VAL D 106 -1.63 43.47 -34.98
C VAL D 106 -1.21 43.65 -36.43
N LYS D 107 -0.10 44.35 -36.66
CA LYS D 107 0.38 44.55 -38.03
C LYS D 107 0.75 43.24 -38.71
N ARG D 108 1.39 42.32 -37.97
CA ARG D 108 1.68 41.01 -38.54
C ARG D 108 0.41 40.34 -39.07
N VAL D 109 -0.69 40.42 -38.31
CA VAL D 109 -1.91 39.74 -38.76
C VAL D 109 -2.50 40.46 -39.97
N LYS D 110 -2.54 41.81 -39.95
CA LYS D 110 -3.07 42.58 -41.08
C LYS D 110 -2.23 42.40 -42.33
N LYS D 111 -0.93 42.17 -42.18
CA LYS D 111 0.00 42.04 -43.31
C LYS D 111 0.11 40.62 -43.86
N SER D 112 -0.43 39.62 -43.15
CA SER D 112 -0.30 38.22 -43.58
C SER D 112 -0.73 38.03 -45.04
N GLU D 113 -1.87 38.59 -45.42
CA GLU D 113 -2.31 38.53 -46.81
C GLU D 113 -3.15 39.77 -47.10
N SER D 114 -3.44 39.99 -48.38
CA SER D 114 -4.19 41.19 -48.78
C SER D 114 -4.81 41.03 -50.17
N PRO D 127 -11.44 29.69 -48.08
CA PRO D 127 -12.63 30.24 -48.74
C PRO D 127 -13.54 30.91 -47.72
N ASP D 128 -13.23 30.66 -46.45
CA ASP D 128 -13.99 31.12 -45.31
C ASP D 128 -13.30 32.24 -44.56
N ALA D 129 -12.16 32.72 -45.05
CA ALA D 129 -11.33 33.64 -44.28
C ALA D 129 -12.10 34.92 -43.94
N ASN D 130 -11.92 35.37 -42.71
CA ASN D 130 -12.55 36.57 -42.17
C ASN D 130 -11.68 37.77 -42.48
N LYS D 131 -12.11 38.58 -43.44
CA LYS D 131 -11.30 39.65 -43.99
C LYS D 131 -12.01 41.00 -43.86
N ASP D 132 -11.23 42.07 -43.84
CA ASP D 132 -11.78 43.42 -43.85
C ASP D 132 -11.98 43.86 -45.29
N ASN D 133 -12.35 45.12 -45.51
CA ASN D 133 -12.66 45.56 -46.86
C ASN D 133 -11.44 45.64 -47.77
N PHE D 134 -10.23 45.36 -47.28
CA PHE D 134 -9.06 45.38 -48.14
C PHE D 134 -8.53 43.97 -48.40
N GLY D 135 -9.26 42.93 -47.99
CA GLY D 135 -8.76 41.59 -48.12
C GLY D 135 -7.74 41.23 -47.07
N ARG D 136 -7.69 41.98 -45.97
CA ARG D 136 -6.75 41.71 -44.90
C ARG D 136 -7.51 41.02 -43.78
N LEU D 137 -6.86 40.05 -43.14
CA LEU D 137 -7.52 39.30 -42.07
C LEU D 137 -7.94 40.25 -40.96
N ARG D 138 -9.05 39.96 -40.30
CA ARG D 138 -9.49 40.77 -39.19
C ARG D 138 -8.78 40.31 -37.90
N VAL D 139 -8.51 41.22 -36.99
CA VAL D 139 -7.88 40.87 -35.72
C VAL D 139 -8.41 41.79 -34.63
N GLY D 140 -8.44 41.26 -33.40
CA GLY D 140 -8.76 42.04 -32.23
C GLY D 140 -7.55 42.18 -31.30
N ALA D 141 -7.71 43.06 -30.32
CA ALA D 141 -6.63 43.35 -29.39
C ALA D 141 -7.23 43.80 -28.06
N ALA D 142 -6.68 43.27 -26.97
CA ALA D 142 -7.19 43.56 -25.64
C ALA D 142 -6.57 44.85 -25.11
N ILE D 143 -7.36 45.58 -24.30
CA ILE D 143 -6.89 46.73 -23.54
C ILE D 143 -7.53 46.66 -22.16
N GLY D 144 -6.96 47.43 -21.23
CA GLY D 144 -7.51 47.58 -19.90
C GLY D 144 -7.98 49.01 -19.68
N VAL D 145 -8.48 49.26 -18.46
CA VAL D 145 -9.03 50.57 -18.13
C VAL D 145 -7.94 51.63 -18.18
N GLY D 146 -8.34 52.85 -18.55
CA GLY D 146 -7.40 53.95 -18.58
C GLY D 146 -6.21 53.72 -19.48
N GLN D 147 -6.39 52.93 -20.55
CA GLN D 147 -5.29 52.75 -21.50
C GLN D 147 -5.66 53.36 -22.85
N MET D 148 -5.98 54.66 -22.87
CA MET D 148 -6.40 55.29 -24.11
C MET D 148 -5.25 55.36 -25.11
N ASP D 149 -4.02 55.47 -24.62
CA ASP D 149 -2.88 55.52 -25.54
C ASP D 149 -2.72 54.18 -26.27
N ARG D 150 -2.99 53.06 -25.60
CA ARG D 150 -2.97 51.77 -26.28
C ARG D 150 -4.07 51.68 -27.35
N VAL D 151 -5.28 52.16 -27.04
CA VAL D 151 -6.35 52.22 -28.04
C VAL D 151 -5.89 53.02 -29.26
N ASP D 152 -5.34 54.21 -29.03
CA ASP D 152 -4.88 55.08 -30.10
C ASP D 152 -3.95 54.33 -31.04
N ALA D 153 -2.94 53.65 -30.48
CA ALA D 153 -1.94 52.99 -31.32
C ALA D 153 -2.53 51.81 -32.05
N LEU D 154 -3.44 51.07 -31.40
CA LEU D 154 -4.07 49.92 -32.03
C LEU D 154 -4.96 50.35 -33.21
N VAL D 155 -5.70 51.44 -33.04
CA VAL D 155 -6.54 51.95 -34.13
C VAL D 155 -5.69 52.34 -35.33
N GLU D 156 -4.60 53.07 -35.10
CA GLU D 156 -3.72 53.47 -36.18
C GLU D 156 -3.09 52.26 -36.88
N ALA D 157 -2.85 51.18 -36.14
CA ALA D 157 -2.34 49.94 -36.67
C ALA D 157 -3.38 49.17 -37.46
N GLY D 158 -4.63 49.59 -37.43
CA GLY D 158 -5.68 48.94 -38.18
C GLY D 158 -6.40 47.83 -37.46
N VAL D 159 -6.43 47.83 -36.13
CA VAL D 159 -7.12 46.76 -35.43
C VAL D 159 -8.59 46.84 -35.80
N ASP D 160 -9.22 45.68 -35.90
CA ASP D 160 -10.62 45.62 -36.31
C ASP D 160 -11.56 45.80 -35.13
N VAL D 161 -11.15 45.39 -33.94
CA VAL D 161 -12.00 45.47 -32.77
C VAL D 161 -11.10 45.52 -31.54
N VAL D 162 -11.48 46.38 -30.60
CA VAL D 162 -10.80 46.51 -29.33
C VAL D 162 -11.63 45.80 -28.26
N VAL D 163 -10.96 44.99 -27.43
CA VAL D 163 -11.63 44.18 -26.42
C VAL D 163 -11.25 44.75 -25.05
N LEU D 164 -12.17 45.48 -24.43
CA LEU D 164 -11.91 46.11 -23.15
C LEU D 164 -12.16 45.09 -22.04
N ASP D 165 -11.10 44.77 -21.31
CA ASP D 165 -10.95 43.51 -20.59
C ASP D 165 -10.81 43.80 -19.11
N SER D 166 -11.77 43.39 -18.29
CA SER D 166 -11.59 43.55 -16.87
C SER D 166 -12.09 42.32 -16.13
N ALA D 167 -11.48 42.05 -14.98
CA ALA D 167 -12.02 41.04 -14.10
C ALA D 167 -13.46 41.35 -13.76
N HIS D 168 -13.83 42.63 -13.69
CA HIS D 168 -15.17 43.03 -13.29
C HIS D 168 -15.64 44.15 -14.22
N GLY D 169 -16.29 43.73 -15.31
CA GLY D 169 -16.76 44.69 -16.30
C GLY D 169 -17.80 45.66 -15.75
N HIS D 170 -18.57 45.23 -14.75
CA HIS D 170 -19.69 46.03 -14.28
C HIS D 170 -19.20 47.00 -13.20
N SER D 171 -18.42 47.97 -13.65
CA SER D 171 -17.73 48.86 -12.71
C SER D 171 -17.60 50.24 -13.33
N LYS D 172 -17.39 51.23 -12.46
CA LYS D 172 -17.28 52.62 -12.91
C LYS D 172 -16.11 52.81 -13.87
N GLY D 173 -14.97 52.20 -13.56
CA GLY D 173 -13.81 52.32 -14.43
C GLY D 173 -14.07 51.86 -15.85
N ILE D 174 -14.71 50.70 -16.00
CA ILE D 174 -15.01 50.16 -17.32
C ILE D 174 -16.03 51.02 -18.04
N ILE D 175 -17.11 51.39 -17.36
CA ILE D 175 -18.15 52.19 -17.99
C ILE D 175 -17.61 53.52 -18.45
N ASP D 176 -16.79 54.18 -17.60
CA ASP D 176 -16.21 55.45 -18.03
C ASP D 176 -15.22 55.25 -19.17
N THR D 177 -14.58 54.08 -19.25
CA THR D 177 -13.65 53.83 -20.35
C THR D 177 -14.41 53.58 -21.65
N VAL D 178 -15.51 52.81 -21.60
CA VAL D 178 -16.38 52.65 -22.77
C VAL D 178 -16.80 54.01 -23.31
N LYS D 179 -17.29 54.88 -22.43
CA LYS D 179 -17.81 56.17 -22.90
C LYS D 179 -16.71 57.00 -23.54
N ALA D 180 -15.49 56.92 -23.03
CA ALA D 180 -14.39 57.70 -23.57
C ALA D 180 -13.97 57.19 -24.93
N ILE D 181 -13.98 55.87 -25.11
CA ILE D 181 -13.57 55.29 -26.39
C ILE D 181 -14.60 55.61 -27.47
N LYS D 182 -15.88 55.44 -27.16
CA LYS D 182 -16.90 55.69 -28.16
C LYS D 182 -16.98 57.19 -28.50
N ALA D 183 -16.75 58.07 -27.54
CA ALA D 183 -16.75 59.49 -27.87
C ALA D 183 -15.59 59.83 -28.80
N LYS D 184 -14.44 59.21 -28.60
CA LYS D 184 -13.30 59.55 -29.44
C LYS D 184 -13.28 58.75 -30.73
N TYR D 185 -13.74 57.51 -30.70
CA TYR D 185 -13.74 56.64 -31.89
C TYR D 185 -15.15 56.10 -32.11
N PRO D 186 -16.06 56.93 -32.66
CA PRO D 186 -17.45 56.48 -32.85
C PRO D 186 -17.59 55.22 -33.68
N ASN D 187 -16.68 54.98 -34.61
CA ASN D 187 -16.85 53.89 -35.56
C ASN D 187 -15.94 52.70 -35.27
N LEU D 188 -15.31 52.68 -34.09
CA LEU D 188 -14.49 51.56 -33.66
C LEU D 188 -15.34 50.56 -32.89
N ASP D 189 -15.40 49.33 -33.38
CA ASP D 189 -16.10 48.27 -32.67
C ASP D 189 -15.45 47.97 -31.34
N LEU D 190 -16.26 47.97 -30.29
CA LEU D 190 -15.78 47.88 -28.92
C LEU D 190 -16.52 46.74 -28.24
N ILE D 191 -15.75 45.79 -27.73
CA ILE D 191 -16.26 44.70 -26.92
C ILE D 191 -15.83 44.98 -25.49
N ALA D 192 -16.74 44.78 -24.54
CA ALA D 192 -16.36 44.99 -23.14
C ALA D 192 -16.83 43.82 -22.29
N GLY D 193 -16.09 43.59 -21.20
CA GLY D 193 -16.34 42.47 -20.30
C GLY D 193 -15.37 42.48 -19.12
N ASN D 194 -15.45 41.50 -18.22
CA ASN D 194 -16.48 40.46 -18.30
C ASN D 194 -17.57 40.71 -17.30
N ILE D 195 -18.74 40.17 -17.63
CA ILE D 195 -19.95 40.39 -16.85
C ILE D 195 -20.64 39.04 -16.69
N ALA D 196 -21.62 39.01 -15.77
CA ALA D 196 -22.38 37.79 -15.57
C ALA D 196 -23.81 38.06 -15.14
N THR D 197 -24.32 39.29 -15.23
CA THR D 197 -25.70 39.61 -14.83
C THR D 197 -26.37 40.49 -15.89
N ALA D 198 -27.71 40.44 -15.88
CA ALA D 198 -28.53 41.29 -16.74
C ALA D 198 -28.25 42.76 -16.48
N ALA D 199 -28.14 43.15 -15.20
CA ALA D 199 -27.87 44.55 -14.87
C ALA D 199 -26.56 45.03 -15.51
N ALA D 200 -25.55 44.17 -15.52
CA ALA D 200 -24.27 44.53 -16.11
C ALA D 200 -24.38 44.65 -17.62
N ALA D 201 -25.12 43.76 -18.28
CA ALA D 201 -25.27 43.87 -19.73
C ALA D 201 -26.00 45.14 -20.10
N LYS D 202 -27.02 45.51 -19.34
CA LYS D 202 -27.70 46.78 -19.54
C LYS D 202 -26.74 47.95 -19.42
N ALA D 203 -25.90 47.94 -18.38
CA ALA D 203 -24.98 49.05 -18.15
C ALA D 203 -24.00 49.22 -19.30
N LEU D 204 -23.39 48.12 -19.75
CA LEU D 204 -22.45 48.22 -20.85
C LEU D 204 -23.15 48.62 -22.15
N CYS D 205 -24.36 48.09 -22.39
CA CYS D 205 -25.05 48.43 -23.61
C CYS D 205 -25.48 49.89 -23.63
N GLU D 206 -25.94 50.41 -22.48
CA GLU D 206 -26.29 51.83 -22.41
C GLU D 206 -25.07 52.70 -22.62
N ALA D 207 -23.89 52.25 -22.20
CA ALA D 207 -22.68 53.04 -22.40
C ALA D 207 -22.18 52.99 -23.83
N GLY D 208 -22.71 52.10 -24.67
CA GLY D 208 -22.41 52.08 -26.07
C GLY D 208 -21.50 50.96 -26.61
N VAL D 209 -21.32 49.84 -25.87
CA VAL D 209 -20.49 48.78 -26.42
C VAL D 209 -21.17 48.15 -27.64
N ASP D 210 -20.36 47.45 -28.43
CA ASP D 210 -20.81 46.78 -29.63
C ASP D 210 -20.97 45.28 -29.42
N ALA D 211 -20.46 44.76 -28.30
CA ALA D 211 -20.67 43.39 -27.86
C ALA D 211 -20.30 43.33 -26.39
N VAL D 212 -20.93 42.40 -25.66
CA VAL D 212 -20.60 42.18 -24.25
C VAL D 212 -19.99 40.80 -24.13
N LYS D 213 -19.02 40.66 -23.25
CA LYS D 213 -18.37 39.37 -23.10
C LYS D 213 -18.72 38.82 -21.72
N VAL D 214 -19.27 37.60 -21.70
CA VAL D 214 -19.89 37.04 -20.50
C VAL D 214 -19.00 35.93 -19.94
N GLY D 215 -18.67 36.02 -18.66
CA GLY D 215 -18.01 34.92 -17.98
C GLY D 215 -17.23 35.36 -16.76
N ILE D 216 -17.80 35.15 -15.57
CA ILE D 216 -17.11 35.42 -14.31
C ILE D 216 -16.88 34.08 -13.64
N GLY D 217 -15.64 33.59 -13.68
CA GLY D 217 -15.30 32.36 -13.02
C GLY D 217 -15.30 31.02 -13.76
N PRO D 218 -15.86 30.90 -14.97
CA PRO D 218 -15.92 29.56 -15.58
C PRO D 218 -14.60 29.06 -16.14
N GLY D 219 -13.58 29.92 -16.29
CA GLY D 219 -12.39 29.53 -17.02
C GLY D 219 -11.65 28.37 -16.39
N SER D 220 -11.08 27.52 -17.25
CA SER D 220 -10.33 26.36 -16.80
C SER D 220 -9.24 26.73 -15.79
N ILE D 221 -8.54 27.85 -16.03
CA ILE D 221 -7.44 28.28 -15.16
C ILE D 221 -7.85 29.27 -14.07
N CYS D 222 -9.16 29.51 -13.92
CA CYS D 222 -9.69 30.59 -13.10
C CYS D 222 -10.03 30.12 -11.69
N THR D 223 -9.65 30.93 -10.70
CA THR D 223 -9.94 30.65 -9.29
C THR D 223 -10.79 31.75 -8.65
N THR D 224 -11.27 32.70 -9.45
CA THR D 224 -12.08 33.82 -8.96
C THR D 224 -13.18 33.36 -8.00
N ARG D 225 -13.91 32.31 -8.39
CA ARG D 225 -15.06 31.91 -7.60
C ARG D 225 -14.63 31.30 -6.28
N ILE D 226 -13.45 30.70 -6.25
CA ILE D 226 -12.96 30.10 -5.03
C ILE D 226 -12.32 31.16 -4.15
N VAL D 227 -11.47 31.98 -4.73
CA VAL D 227 -10.84 33.03 -3.98
C VAL D 227 -11.80 34.14 -3.50
N SER D 228 -12.80 34.48 -4.29
CA SER D 228 -13.69 35.57 -3.91
C SER D 228 -15.10 35.13 -3.60
N GLY D 229 -15.50 33.90 -3.94
CA GLY D 229 -16.87 33.47 -3.72
C GLY D 229 -17.86 34.01 -4.73
N VAL D 230 -17.40 34.67 -5.79
CA VAL D 230 -18.24 35.38 -6.75
C VAL D 230 -18.20 34.68 -8.10
N GLY D 231 -19.37 34.55 -8.73
CA GLY D 231 -19.46 34.09 -10.10
C GLY D 231 -20.86 33.65 -10.42
N VAL D 232 -21.07 33.35 -11.70
CA VAL D 232 -22.37 32.79 -12.12
C VAL D 232 -22.11 31.67 -13.11
N PRO D 233 -22.60 30.46 -12.83
CA PRO D 233 -22.42 29.34 -13.77
C PRO D 233 -22.79 29.74 -15.19
N GLN D 234 -21.98 29.28 -16.15
CA GLN D 234 -21.87 29.98 -17.42
C GLN D 234 -23.18 29.94 -18.24
N ILE D 235 -23.89 28.81 -18.26
CA ILE D 235 -25.15 28.78 -19.01
C ILE D 235 -26.13 29.81 -18.49
N SER D 236 -26.35 29.85 -17.16
CA SER D 236 -27.32 30.82 -16.66
C SER D 236 -26.85 32.24 -16.89
N ALA D 237 -25.53 32.47 -16.85
CA ALA D 237 -24.98 33.81 -17.10
C ALA D 237 -25.21 34.24 -18.53
N ILE D 238 -24.92 33.35 -19.50
CA ILE D 238 -25.23 33.66 -20.89
C ILE D 238 -26.71 33.95 -21.04
N ASP D 239 -27.56 33.07 -20.48
CA ASP D 239 -29.00 33.21 -20.61
C ASP D 239 -29.47 34.57 -20.13
N GLU D 240 -29.02 34.97 -18.93
CA GLU D 240 -29.38 36.24 -18.35
C GLU D 240 -28.82 37.42 -19.16
N CYS D 241 -27.61 37.30 -19.67
CA CYS D 241 -27.07 38.46 -20.35
C CYS D 241 -27.68 38.63 -21.75
N VAL D 242 -27.93 37.51 -22.44
CA VAL D 242 -28.50 37.54 -23.78
C VAL D 242 -29.84 38.29 -23.81
N GLU D 243 -30.69 37.98 -22.86
CA GLU D 243 -32.03 38.52 -22.81
C GLU D 243 -32.00 40.02 -22.76
N GLU D 244 -31.04 40.55 -22.04
CA GLU D 244 -30.91 41.99 -21.87
C GLU D 244 -30.19 42.58 -23.06
N ALA D 245 -29.08 41.98 -23.47
CA ALA D 245 -28.33 42.53 -24.60
C ALA D 245 -29.14 42.47 -25.88
N ASN D 246 -30.05 41.48 -26.04
CA ASN D 246 -30.89 41.48 -27.23
C ASN D 246 -31.76 42.73 -27.33
N LYS D 247 -32.13 43.35 -26.21
CA LYS D 247 -32.96 44.54 -26.27
C LYS D 247 -32.26 45.68 -27.00
N PHE D 248 -30.93 45.64 -27.02
CA PHE D 248 -30.06 46.64 -27.63
C PHE D 248 -29.52 46.20 -28.98
N GLY D 249 -29.87 45.01 -29.44
CA GLY D 249 -29.23 44.44 -30.62
C GLY D 249 -27.74 44.23 -30.48
N VAL D 250 -27.27 43.86 -29.29
CA VAL D 250 -25.83 43.73 -29.00
C VAL D 250 -25.50 42.26 -28.82
N PRO D 251 -24.51 41.72 -29.54
CA PRO D 251 -24.18 40.30 -29.41
C PRO D 251 -23.51 39.96 -28.09
N VAL D 252 -23.62 38.70 -27.70
CA VAL D 252 -22.98 38.17 -26.48
C VAL D 252 -21.88 37.20 -26.88
N ILE D 253 -20.70 37.38 -26.29
CA ILE D 253 -19.58 36.46 -26.46
C ILE D 253 -19.50 35.61 -25.20
N ALA D 254 -19.70 34.30 -25.32
CA ALA D 254 -19.60 33.37 -24.19
C ALA D 254 -18.14 33.04 -23.96
N ASP D 255 -17.56 33.49 -22.84
CA ASP D 255 -16.11 33.43 -22.60
C ASP D 255 -15.83 32.50 -21.43
N GLY D 256 -15.16 31.39 -21.68
CA GLY D 256 -14.66 30.56 -20.60
C GLY D 256 -15.54 29.35 -20.33
N GLY D 257 -14.89 28.27 -19.91
CA GLY D 257 -15.58 27.07 -19.49
C GLY D 257 -15.90 26.07 -20.60
N ILE D 258 -15.53 26.35 -21.84
CA ILE D 258 -15.77 25.41 -22.93
C ILE D 258 -14.77 24.27 -22.81
N LYS D 259 -15.28 23.05 -22.67
CA LYS D 259 -14.43 21.87 -22.54
C LYS D 259 -14.47 20.99 -23.76
N TYR D 260 -15.63 20.86 -24.40
CA TYR D 260 -15.82 20.02 -25.57
C TYR D 260 -16.62 20.82 -26.57
N SER D 261 -16.70 20.31 -27.80
CA SER D 261 -17.43 21.04 -28.84
C SER D 261 -18.91 21.18 -28.50
N GLY D 262 -19.52 20.19 -27.81
CA GLY D 262 -20.92 20.34 -27.45
C GLY D 262 -21.22 21.57 -26.61
N ASP D 263 -20.29 21.94 -25.73
CA ASP D 263 -20.30 23.20 -25.00
C ASP D 263 -20.46 24.41 -25.94
N ILE D 264 -19.77 24.41 -27.08
CA ILE D 264 -19.96 25.51 -28.03
C ILE D 264 -21.41 25.52 -28.53
N ALA D 265 -21.91 24.37 -28.98
CA ALA D 265 -23.29 24.28 -29.45
C ALA D 265 -24.26 24.81 -28.40
N LYS D 266 -24.09 24.37 -27.15
CA LYS D 266 -24.97 24.79 -26.08
C LYS D 266 -24.94 26.29 -25.86
N ALA D 267 -23.75 26.89 -25.87
CA ALA D 267 -23.64 28.33 -25.65
C ALA D 267 -24.34 29.12 -26.76
N LEU D 268 -24.16 28.72 -28.01
CA LEU D 268 -24.80 29.43 -29.11
C LEU D 268 -26.32 29.21 -29.09
N ALA D 269 -26.75 27.98 -28.75
CA ALA D 269 -28.18 27.67 -28.68
C ALA D 269 -28.88 28.51 -27.63
N VAL D 270 -28.22 28.75 -26.50
CA VAL D 270 -28.81 29.59 -25.48
C VAL D 270 -28.92 31.04 -25.96
N GLY D 271 -28.04 31.45 -26.87
CA GLY D 271 -28.22 32.76 -27.47
C GLY D 271 -26.95 33.59 -27.61
N ALA D 272 -25.81 33.07 -27.15
CA ALA D 272 -24.55 33.72 -27.47
C ALA D 272 -24.36 33.74 -28.99
N SER D 273 -23.73 34.80 -29.48
CA SER D 273 -23.40 34.91 -30.90
C SER D 273 -22.03 34.34 -31.23
N SER D 274 -21.14 34.23 -30.25
CA SER D 274 -19.84 33.66 -30.50
C SER D 274 -19.30 33.15 -29.17
N VAL D 275 -18.21 32.41 -29.25
CA VAL D 275 -17.63 31.75 -28.09
C VAL D 275 -16.13 32.04 -28.08
N MET D 276 -15.58 32.32 -26.91
CA MET D 276 -14.15 32.55 -26.76
C MET D 276 -13.51 31.38 -26.04
N ILE D 277 -12.38 30.91 -26.56
CA ILE D 277 -11.79 29.66 -26.09
C ILE D 277 -10.32 29.87 -25.75
N GLY D 278 -9.92 29.40 -24.57
CA GLY D 278 -8.53 29.44 -24.13
C GLY D 278 -7.89 28.07 -24.11
N SER D 279 -8.34 27.19 -23.20
CA SER D 279 -7.61 25.95 -22.94
C SER D 279 -7.56 25.04 -24.18
N LEU D 280 -8.66 24.97 -24.94
CA LEU D 280 -8.68 24.07 -26.09
C LEU D 280 -7.71 24.48 -27.18
N LEU D 281 -7.21 25.71 -27.15
CA LEU D 281 -6.30 26.21 -28.17
C LEU D 281 -4.87 26.41 -27.67
N ALA D 282 -4.62 26.26 -26.38
CA ALA D 282 -3.31 26.58 -25.84
C ALA D 282 -2.27 25.50 -26.09
N GLY D 283 -2.68 24.26 -26.30
CA GLY D 283 -1.68 23.23 -26.59
C GLY D 283 -1.36 23.09 -28.07
N THR D 284 -1.58 24.13 -28.86
CA THR D 284 -1.42 24.06 -30.31
C THR D 284 -0.06 24.58 -30.76
N ASP D 285 0.32 24.19 -31.99
CA ASP D 285 1.56 24.69 -32.58
C ASP D 285 1.59 26.21 -32.58
N GLU D 286 0.44 26.83 -32.84
CA GLU D 286 0.40 28.27 -33.10
C GLU D 286 0.38 29.11 -31.84
N SER D 287 0.08 28.55 -30.68
CA SER D 287 0.03 29.38 -29.48
C SER D 287 1.44 29.76 -29.04
N PRO D 288 1.60 30.88 -28.34
CA PRO D 288 2.95 31.29 -27.94
C PRO D 288 3.53 30.24 -27.01
N GLY D 289 4.85 30.23 -26.90
CA GLY D 289 5.47 29.33 -25.95
C GLY D 289 5.85 28.00 -26.57
N GLU D 290 6.82 27.34 -25.93
CA GLU D 290 7.48 26.19 -26.51
C GLU D 290 6.88 24.90 -25.97
N LEU D 291 6.92 23.87 -26.82
CA LEU D 291 6.71 22.51 -26.34
C LEU D 291 7.77 22.14 -25.30
N PHE D 292 7.35 21.35 -24.31
CA PHE D 292 8.28 20.70 -23.41
C PHE D 292 7.76 19.30 -23.14
N THR D 293 8.63 18.46 -22.62
CA THR D 293 8.30 17.08 -22.33
C THR D 293 8.23 16.89 -20.82
N TYR D 294 7.27 16.11 -20.37
CA TYR D 294 7.14 15.69 -18.98
C TYR D 294 6.61 14.26 -18.93
N GLN D 295 7.31 13.38 -18.21
CA GLN D 295 7.00 11.96 -18.07
C GLN D 295 6.65 11.36 -19.42
N GLY D 296 7.48 11.67 -20.41
CA GLY D 296 7.43 10.99 -21.68
C GLY D 296 6.45 11.53 -22.70
N ARG D 297 5.95 12.75 -22.52
CA ARG D 297 4.87 13.16 -23.40
C ARG D 297 4.75 14.69 -23.32
N GLN D 298 4.24 15.29 -24.38
CA GLN D 298 4.47 16.70 -24.62
C GLN D 298 3.35 17.62 -24.17
N TYR D 299 3.76 18.82 -23.75
CA TYR D 299 2.86 19.81 -23.19
C TYR D 299 3.23 21.22 -23.64
N LYS D 300 2.30 22.16 -23.42
CA LYS D 300 2.61 23.58 -23.47
C LYS D 300 2.07 24.22 -22.20
N SER D 301 2.73 25.30 -21.78
CA SER D 301 2.25 26.03 -20.61
C SER D 301 0.90 26.68 -20.90
N TYR D 302 0.05 26.73 -19.88
CA TYR D 302 -1.18 27.49 -20.01
C TYR D 302 -1.48 28.08 -18.64
N ARG D 303 -1.73 29.38 -18.59
CA ARG D 303 -1.82 30.03 -17.29
C ARG D 303 -2.86 31.14 -17.35
N GLY D 304 -3.48 31.39 -16.20
CA GLY D 304 -4.40 32.49 -16.10
C GLY D 304 -3.68 33.83 -16.16
N MET D 305 -4.35 34.80 -16.76
CA MET D 305 -3.80 36.15 -16.79
C MET D 305 -3.77 36.80 -15.40
N GLY D 306 -4.56 36.30 -14.46
CA GLY D 306 -4.48 36.70 -13.07
C GLY D 306 -3.67 35.76 -12.18
N SER D 307 -2.83 34.91 -12.77
CA SER D 307 -1.93 34.08 -12.00
C SER D 307 -0.67 34.86 -11.65
N LEU D 308 0.06 34.39 -10.63
CA LEU D 308 1.30 35.07 -10.25
C LEU D 308 2.26 35.16 -11.42
N GLY D 309 2.39 34.10 -12.22
CA GLY D 309 3.36 34.13 -13.30
C GLY D 309 3.03 35.18 -14.36
N ALA D 310 1.77 35.25 -14.77
CA ALA D 310 1.37 36.25 -15.75
C ALA D 310 1.52 37.67 -15.21
N MET D 311 1.19 37.89 -13.94
CA MET D 311 1.23 39.25 -13.40
C MET D 311 2.65 39.73 -13.10
N GLN D 312 3.64 38.85 -13.12
CA GLN D 312 5.00 39.24 -12.80
C GLN D 312 5.84 39.34 -14.06
N LEU D 329 -4.35 42.81 -4.49
N LEU D 329 0.60 40.15 -3.79
CA LEU D 329 -4.23 42.27 -5.84
CA LEU D 329 -0.41 39.87 -4.79
C LEU D 329 -3.79 40.82 -5.75
C LEU D 329 -1.31 38.71 -4.37
N VAL D 330 -4.57 40.04 -5.00
N VAL D 330 -2.60 38.88 -4.62
CA VAL D 330 -4.32 38.63 -4.73
CA VAL D 330 -3.63 37.86 -4.36
C VAL D 330 -4.65 37.83 -5.99
C VAL D 330 -4.18 37.40 -5.71
N PRO D 331 -3.95 36.72 -6.29
N PRO D 331 -3.69 36.29 -6.27
CA PRO D 331 -4.12 36.08 -7.59
CA PRO D 331 -4.05 35.94 -7.65
C PRO D 331 -5.48 35.42 -7.75
C PRO D 331 -5.47 35.41 -7.76
N GLU D 332 -6.00 35.49 -8.97
CA GLU D 332 -7.22 34.86 -9.39
C GLU D 332 -7.11 33.78 -10.47
N GLY D 333 -5.90 33.29 -10.72
CA GLY D 333 -5.71 32.18 -11.64
C GLY D 333 -4.50 31.39 -11.22
N ILE D 334 -4.29 30.26 -11.91
CA ILE D 334 -3.19 29.35 -11.66
C ILE D 334 -2.32 29.24 -12.92
N GLU D 335 -1.12 28.69 -12.72
CA GLU D 335 -0.18 28.39 -13.78
C GLU D 335 -0.18 26.88 -14.01
N GLY D 336 -0.41 26.46 -15.25
CA GLY D 336 -0.51 25.04 -15.53
C GLY D 336 0.09 24.56 -16.84
N ARG D 337 -0.30 23.35 -17.26
CA ARG D 337 0.11 22.83 -18.56
C ARG D 337 -1.04 22.08 -19.17
N VAL D 338 -1.05 22.02 -20.50
CA VAL D 338 -2.06 21.27 -21.27
C VAL D 338 -1.35 20.36 -22.27
N PRO D 339 -1.92 19.21 -22.64
CA PRO D 339 -1.27 18.36 -23.63
C PRO D 339 -1.11 19.08 -24.97
N TYR D 340 -0.03 18.74 -25.68
CA TYR D 340 0.12 19.20 -27.05
C TYR D 340 -0.84 18.45 -27.96
N VAL D 341 -1.59 19.20 -28.79
CA VAL D 341 -2.67 18.63 -29.58
C VAL D 341 -2.51 18.95 -31.07
N GLY D 342 -1.36 19.47 -31.48
CA GLY D 342 -1.19 19.71 -32.92
C GLY D 342 -1.59 21.12 -33.35
N SER D 343 -2.04 21.29 -34.59
CA SER D 343 -2.35 22.62 -35.09
C SER D 343 -3.75 23.09 -34.70
N ILE D 344 -3.91 24.41 -34.63
CA ILE D 344 -5.24 25.01 -34.48
C ILE D 344 -6.19 24.55 -35.59
N ARG D 345 -5.67 24.36 -36.80
CA ARG D 345 -6.53 23.89 -37.90
C ARG D 345 -7.26 22.61 -37.53
N SER D 346 -6.54 21.64 -36.97
CA SER D 346 -7.16 20.36 -36.68
C SER D 346 -8.10 20.47 -35.48
N VAL D 347 -7.78 21.33 -34.51
CA VAL D 347 -8.68 21.55 -33.38
C VAL D 347 -9.98 22.19 -33.85
N VAL D 348 -9.87 23.30 -34.58
CA VAL D 348 -11.05 24.03 -35.06
C VAL D 348 -11.92 23.16 -35.94
N HIS D 349 -11.30 22.34 -36.81
CA HIS D 349 -12.07 21.43 -37.64
C HIS D 349 -12.98 20.55 -36.79
N GLN D 350 -12.42 19.99 -35.71
CA GLN D 350 -13.21 19.13 -34.82
C GLN D 350 -14.29 19.93 -34.11
N LEU D 351 -13.95 21.11 -33.60
CA LEU D 351 -14.92 21.93 -32.89
C LEU D 351 -16.10 22.31 -33.79
N LEU D 352 -15.82 22.81 -34.99
CA LEU D 352 -16.91 23.20 -35.89
C LEU D 352 -17.66 21.98 -36.40
N GLY D 353 -16.99 20.84 -36.52
CA GLY D 353 -17.68 19.62 -36.86
C GLY D 353 -18.74 19.25 -35.83
N GLY D 354 -18.42 19.45 -34.56
CA GLY D 354 -19.41 19.17 -33.53
C GLY D 354 -20.59 20.12 -33.59
N LEU D 355 -20.31 21.42 -33.81
CA LEU D 355 -21.37 22.41 -33.99
C LEU D 355 -22.28 22.07 -35.17
N ARG D 356 -21.71 21.67 -36.30
CA ARG D 356 -22.52 21.29 -37.46
C ARG D 356 -23.41 20.09 -37.17
N SER D 357 -22.86 19.07 -36.52
CA SER D 357 -23.67 17.93 -36.12
C SER D 357 -24.82 18.37 -35.23
N SER D 358 -24.52 19.24 -34.25
CA SER D 358 -25.56 19.71 -33.33
C SER D 358 -26.68 20.42 -34.10
N MET D 359 -26.31 21.31 -35.01
CA MET D 359 -27.31 22.02 -35.81
C MET D 359 -28.09 21.05 -36.68
N GLY D 360 -27.41 20.03 -37.22
CA GLY D 360 -28.11 18.97 -37.93
C GLY D 360 -29.12 18.24 -37.06
N TYR D 361 -28.73 17.86 -35.84
CA TYR D 361 -29.69 17.19 -34.93
C TYR D 361 -30.87 18.08 -34.60
N VAL D 362 -30.67 19.38 -34.51
CA VAL D 362 -31.72 20.30 -34.13
C VAL D 362 -32.57 20.72 -35.33
N GLY D 363 -32.08 20.51 -36.56
CA GLY D 363 -32.81 20.87 -37.74
C GLY D 363 -32.61 22.31 -38.17
N ALA D 364 -31.51 22.95 -37.78
CA ALA D 364 -31.28 24.37 -37.98
C ALA D 364 -30.46 24.64 -39.22
N LYS D 365 -30.95 25.55 -40.07
CA LYS D 365 -30.24 25.97 -41.28
C LYS D 365 -29.09 26.92 -40.97
N ASP D 366 -29.17 27.67 -39.87
CA ASP D 366 -28.16 28.66 -39.52
C ASP D 366 -28.29 28.97 -38.03
N ILE D 367 -27.36 29.79 -37.52
CA ILE D 367 -27.29 30.00 -36.06
C ILE D 367 -28.60 30.57 -35.53
N GLU D 368 -29.17 31.54 -36.24
CA GLU D 368 -30.34 32.22 -35.72
C GLU D 368 -31.52 31.26 -35.64
N ASP D 369 -31.64 30.38 -36.65
CA ASP D 369 -32.67 29.35 -36.63
C ASP D 369 -32.38 28.31 -35.55
N PHE D 370 -31.09 28.05 -35.28
CA PHE D 370 -30.68 27.15 -34.20
C PHE D 370 -31.14 27.68 -32.85
N GLN D 371 -30.97 28.98 -32.63
CA GLN D 371 -31.39 29.58 -31.37
C GLN D 371 -32.91 29.57 -31.22
N LYS D 372 -33.65 29.79 -32.32
CA LYS D 372 -35.11 29.78 -32.21
C LYS D 372 -35.67 28.37 -32.04
N ARG D 373 -34.99 27.36 -32.55
CA ARG D 373 -35.50 25.98 -32.47
C ARG D 373 -35.06 25.26 -31.20
N ALA D 374 -34.00 25.71 -30.55
CA ALA D 374 -33.36 24.93 -29.51
C ALA D 374 -34.30 24.74 -28.32
N GLU D 375 -34.43 23.48 -27.88
CA GLU D 375 -35.06 23.18 -26.61
C GLU D 375 -34.12 22.30 -25.80
N PHE D 376 -34.04 22.54 -24.49
CA PHE D 376 -33.10 21.86 -23.61
C PHE D 376 -33.81 20.93 -22.64
N VAL D 377 -33.06 19.94 -22.16
CA VAL D 377 -33.44 19.23 -20.93
C VAL D 377 -32.34 19.48 -19.90
N GLU D 378 -32.75 19.53 -18.64
CA GLU D 378 -31.82 19.47 -17.51
C GLU D 378 -31.55 18.02 -17.17
N ILE D 379 -30.30 17.69 -16.82
CA ILE D 379 -29.90 16.32 -16.55
C ILE D 379 -29.29 16.25 -15.16
N THR D 380 -29.04 15.02 -14.70
CA THR D 380 -28.44 14.77 -13.41
C THR D 380 -26.99 14.35 -13.58
N THR D 381 -26.32 14.12 -12.45
CA THR D 381 -24.97 13.55 -12.46
C THR D 381 -24.95 12.18 -13.14
N ALA D 382 -25.96 11.34 -12.89
CA ALA D 382 -26.04 10.05 -13.57
C ALA D 382 -26.19 10.23 -15.08
N GLY D 383 -26.98 11.23 -15.49
CA GLY D 383 -27.14 11.48 -16.92
C GLY D 383 -25.86 11.96 -17.57
N LEU D 384 -25.07 12.74 -16.82
CA LEU D 384 -23.79 13.20 -17.35
C LEU D 384 -22.81 12.03 -17.51
N LYS D 385 -22.80 11.10 -16.55
CA LYS D 385 -21.91 9.96 -16.69
C LYS D 385 -22.32 9.09 -17.88
N GLU D 386 -23.64 8.97 -18.12
CA GLU D 386 -24.13 8.23 -19.26
C GLU D 386 -23.71 8.89 -20.58
N SER D 387 -23.59 10.23 -20.57
CA SER D 387 -23.27 10.99 -21.77
C SER D 387 -21.82 10.78 -22.21
N HIS D 388 -20.88 10.86 -21.26
CA HIS D 388 -19.50 10.49 -21.55
C HIS D 388 -19.36 9.01 -21.89
N VAL D 389 -18.16 8.67 -22.36
CA VAL D 389 -17.77 7.28 -22.50
C VAL D 389 -17.82 6.62 -21.13
N HIS D 390 -18.36 5.42 -21.07
CA HIS D 390 -18.45 4.74 -19.77
C HIS D 390 -18.32 3.25 -19.96
N ASP D 391 -17.66 2.61 -18.99
CA ASP D 391 -17.57 1.16 -18.85
C ASP D 391 -16.70 0.50 -19.92
N VAL D 392 -15.92 1.27 -20.67
CA VAL D 392 -15.06 0.77 -21.73
C VAL D 392 -13.75 1.53 -21.66
N THR D 393 -12.62 0.81 -21.75
CA THR D 393 -11.31 1.44 -21.72
C THR D 393 -10.94 1.96 -23.10
N ILE D 394 -10.66 3.25 -23.21
CA ILE D 394 -10.32 3.87 -24.49
C ILE D 394 -8.90 3.47 -24.88
N THR D 395 -8.74 2.93 -26.08
CA THR D 395 -7.41 2.52 -26.53
C THR D 395 -6.79 3.43 -27.57
N HIS D 396 -7.58 4.23 -28.27
CA HIS D 396 -7.11 5.09 -29.36
C HIS D 396 -7.48 6.53 -29.03
N GLU D 397 -6.53 7.46 -29.07
CA GLU D 397 -6.99 8.78 -28.68
C GLU D 397 -7.72 9.33 -29.89
N ALA D 398 -8.91 9.75 -29.69
CA ALA D 398 -10.00 10.31 -30.47
C ALA D 398 -9.80 11.81 -30.64
N PRO D 399 -9.96 12.30 -31.87
CA PRO D 399 -9.54 13.68 -32.16
C PRO D 399 -10.41 14.73 -31.51
N ASN D 400 -11.62 14.37 -31.05
CA ASN D 400 -12.52 15.35 -30.48
C ASN D 400 -13.00 14.99 -29.07
N TYR D 401 -12.37 14.02 -28.41
CA TYR D 401 -12.86 13.58 -27.11
C TYR D 401 -11.69 13.14 -26.25
N LYS D 402 -11.43 13.82 -25.15
CA LYS D 402 -10.25 13.50 -24.37
C LYS D 402 -10.49 13.71 -22.87
N ALA E 24 43.18 -24.49 -6.06
CA ALA E 24 44.33 -23.58 -5.97
C ALA E 24 43.97 -22.14 -6.36
N MET E 25 42.70 -21.77 -6.17
CA MET E 25 42.27 -20.40 -6.45
C MET E 25 42.86 -19.47 -5.41
N LYS E 26 42.99 -18.22 -5.78
CA LYS E 26 43.90 -17.33 -5.08
C LYS E 26 43.02 -16.27 -4.41
N ILE E 27 42.70 -16.49 -3.14
CA ILE E 27 41.88 -15.59 -2.33
C ILE E 27 42.82 -14.79 -1.46
N VAL E 28 42.92 -13.48 -1.74
CA VAL E 28 43.92 -12.67 -1.07
C VAL E 28 43.48 -12.28 0.34
N LYS E 29 42.18 -12.10 0.56
CA LYS E 29 41.70 -11.70 1.88
C LYS E 29 40.20 -11.85 1.95
N ARG E 30 39.68 -11.70 3.17
CA ARG E 30 38.26 -11.53 3.43
C ARG E 30 38.01 -10.03 3.57
N ALA E 31 37.11 -9.49 2.74
CA ALA E 31 36.93 -8.05 2.64
C ALA E 31 35.58 -7.66 3.25
N LEU E 32 35.58 -6.55 3.98
CA LEU E 32 34.43 -6.08 4.74
C LEU E 32 33.84 -4.83 4.10
N THR E 33 32.56 -4.59 4.36
CA THR E 33 32.04 -3.27 4.02
C THR E 33 31.39 -2.61 5.21
N PHE E 34 30.67 -1.51 4.98
CA PHE E 34 30.29 -0.61 6.08
C PHE E 34 29.54 -1.35 7.18
N GLU E 35 28.57 -2.20 6.80
CA GLU E 35 27.74 -2.86 7.80
C GLU E 35 28.47 -3.96 8.56
N ASP E 36 29.72 -4.30 8.20
CA ASP E 36 30.48 -5.30 8.94
C ASP E 36 31.24 -4.73 10.13
N VAL E 37 31.25 -3.40 10.32
CA VAL E 37 32.12 -2.77 11.29
C VAL E 37 31.37 -1.66 12.02
N LEU E 38 31.86 -1.36 13.22
CA LEU E 38 31.43 -0.21 14.00
C LEU E 38 32.64 0.44 14.62
N LEU E 39 32.55 1.75 14.83
CA LEU E 39 33.57 2.48 15.58
C LEU E 39 33.40 2.31 17.07
N ARG E 40 34.52 2.12 17.78
CA ARG E 40 34.47 2.09 19.23
C ARG E 40 34.44 3.52 19.78
N PRO E 41 33.64 3.77 20.81
CA PRO E 41 33.68 5.09 21.47
C PRO E 41 35.03 5.29 22.12
N GLY E 42 35.45 6.57 22.19
CA GLY E 42 36.67 6.93 22.85
C GLY E 42 36.42 8.03 23.87
N TYR E 43 37.43 8.24 24.72
CA TYR E 43 37.36 9.37 25.65
C TYR E 43 37.22 10.68 24.87
N SER E 44 36.17 11.43 25.16
CA SER E 44 35.83 12.61 24.38
C SER E 44 35.84 13.87 25.24
N GLU E 45 36.53 14.89 24.76
CA GLU E 45 36.55 16.21 25.35
C GLU E 45 35.79 17.23 24.53
N VAL E 46 35.10 16.80 23.46
CA VAL E 46 34.50 17.74 22.52
C VAL E 46 33.03 17.39 22.33
N LEU E 47 32.25 18.36 22.20
CA LEU E 47 30.87 18.19 21.78
C LEU E 47 30.80 18.16 20.25
N PRO E 48 29.79 17.48 19.70
CA PRO E 48 29.62 17.47 18.25
C PRO E 48 29.58 18.85 17.61
N LYS E 49 28.98 19.87 18.25
CA LYS E 49 28.85 21.18 17.58
C LYS E 49 30.19 21.89 17.41
N GLU E 50 31.23 21.45 18.12
CA GLU E 50 32.49 22.19 18.11
C GLU E 50 33.60 21.43 17.39
N VAL E 51 33.32 20.28 16.77
CA VAL E 51 34.32 19.61 15.94
C VAL E 51 34.43 20.34 14.60
N LYS E 52 35.58 20.16 13.96
CA LYS E 52 35.95 20.77 12.68
C LYS E 52 35.86 19.69 11.60
N ILE E 53 35.16 19.99 10.50
CA ILE E 53 34.95 18.96 9.49
C ILE E 53 35.54 19.35 8.13
N HIS E 54 36.49 20.26 8.11
CA HIS E 54 37.19 20.57 6.86
C HIS E 54 38.09 19.40 6.47
N THR E 55 38.42 19.31 5.19
CA THR E 55 39.22 18.20 4.70
C THR E 55 39.83 18.60 3.37
N LYS E 56 40.58 17.68 2.78
CA LYS E 56 41.21 17.91 1.49
C LYS E 56 40.45 17.19 0.40
N LEU E 57 40.13 17.91 -0.68
CA LEU E 57 39.61 17.26 -1.88
C LEU E 57 40.73 16.64 -2.69
N THR E 58 41.77 17.43 -2.97
CA THR E 58 42.93 16.99 -3.71
C THR E 58 44.15 17.46 -2.93
N LYS E 59 45.34 17.18 -3.48
CA LYS E 59 46.56 17.67 -2.84
C LYS E 59 46.57 19.19 -2.69
N ASN E 60 45.77 19.92 -3.48
CA ASN E 60 45.83 21.38 -3.47
C ASN E 60 44.51 22.08 -3.15
N ILE E 61 43.38 21.37 -3.15
CA ILE E 61 42.05 21.98 -2.98
C ILE E 61 41.45 21.48 -1.68
N THR E 62 41.01 22.41 -0.83
CA THR E 62 40.32 22.05 0.41
C THR E 62 38.81 22.10 0.21
N LEU E 63 38.12 21.37 1.08
CA LEU E 63 36.67 21.45 1.27
C LEU E 63 36.41 21.91 2.70
N ASN E 64 35.26 22.57 2.91
CA ASN E 64 34.91 22.98 4.26
C ASN E 64 34.07 21.93 4.95
N MET E 65 33.56 20.98 4.19
CA MET E 65 32.80 19.84 4.68
C MET E 65 33.10 18.70 3.67
N PRO E 66 32.97 17.45 4.11
CA PRO E 66 33.60 16.43 3.26
C PRO E 66 32.68 15.71 2.27
N LEU E 67 31.63 16.35 1.75
CA LEU E 67 30.68 15.67 0.88
C LEU E 67 30.74 16.21 -0.55
N ILE E 68 30.63 15.29 -1.51
CA ILE E 68 30.69 15.58 -2.93
C ILE E 68 29.47 14.93 -3.58
N SER E 69 28.74 15.67 -4.41
CA SER E 69 27.60 15.09 -5.10
C SER E 69 28.09 14.38 -6.36
N ALA E 70 27.52 13.20 -6.62
CA ALA E 70 28.03 12.34 -7.68
C ALA E 70 27.81 12.96 -9.06
N ALA E 71 28.70 12.58 -9.99
CA ALA E 71 28.66 13.08 -11.37
C ALA E 71 27.68 12.26 -12.20
N MET E 72 26.38 12.41 -11.91
CA MET E 72 25.35 11.59 -12.52
C MET E 72 24.25 12.49 -13.03
N ASP E 73 23.61 12.07 -14.14
CA ASP E 73 22.64 12.95 -14.80
C ASP E 73 21.29 12.99 -14.08
N THR E 74 21.17 12.33 -12.92
CA THR E 74 20.04 12.55 -12.04
C THR E 74 20.47 13.13 -10.70
N VAL E 75 21.72 13.56 -10.55
CA VAL E 75 22.21 14.10 -9.27
C VAL E 75 22.71 15.52 -9.40
N THR E 76 23.66 15.77 -10.31
CA THR E 76 24.41 17.03 -10.29
C THR E 76 24.43 17.76 -11.63
N GLU E 77 23.61 18.81 -11.74
CA GLU E 77 23.88 19.88 -12.70
C GLU E 77 24.08 21.16 -11.89
N HIS E 78 23.83 22.34 -12.47
CA HIS E 78 24.33 23.56 -11.82
C HIS E 78 23.62 23.84 -10.48
N ARG E 79 22.31 23.58 -10.37
CA ARG E 79 21.63 23.87 -9.11
C ARG E 79 22.24 23.07 -7.96
N ALA E 80 22.44 21.76 -8.17
CA ALA E 80 23.02 20.92 -7.12
C ALA E 80 24.44 21.34 -6.79
N ALA E 81 25.24 21.64 -7.82
CA ALA E 81 26.64 22.01 -7.59
C ALA E 81 26.75 23.33 -6.84
N ILE E 82 25.85 24.27 -7.13
CA ILE E 82 25.85 25.53 -6.40
C ILE E 82 25.59 25.28 -4.91
N MET E 83 24.52 24.53 -4.60
CA MET E 83 24.19 24.29 -3.19
C MET E 83 25.29 23.51 -2.48
N MET E 84 25.85 22.48 -3.13
CA MET E 84 26.91 21.71 -2.48
C MET E 84 28.08 22.61 -2.11
N ALA E 85 28.49 23.49 -3.04
CA ALA E 85 29.59 24.40 -2.76
C ALA E 85 29.22 25.42 -1.70
N ARG E 86 28.01 25.97 -1.78
CA ARG E 86 27.57 26.91 -0.75
C ARG E 86 27.63 26.29 0.63
N LEU E 87 27.35 24.99 0.73
CA LEU E 87 27.35 24.30 2.01
C LEU E 87 28.75 23.85 2.44
N GLY E 88 29.77 24.10 1.63
CA GLY E 88 31.13 23.80 1.98
C GLY E 88 31.75 22.69 1.18
N GLY E 89 30.95 21.99 0.38
CA GLY E 89 31.34 20.78 -0.33
C GLY E 89 31.67 21.04 -1.79
N LEU E 90 31.28 20.12 -2.65
CA LEU E 90 31.55 20.25 -4.07
C LEU E 90 30.53 19.43 -4.85
N GLY E 91 30.12 19.93 -6.02
CA GLY E 91 29.39 19.15 -6.99
C GLY E 91 30.25 18.90 -8.23
N VAL E 92 30.11 17.71 -8.82
CA VAL E 92 30.80 17.36 -10.06
C VAL E 92 29.73 17.28 -11.16
N ILE E 93 29.78 18.23 -12.10
CA ILE E 93 28.85 18.23 -13.23
C ILE E 93 29.06 16.97 -14.05
N HIS E 94 27.98 16.24 -14.34
CA HIS E 94 28.13 14.99 -15.07
C HIS E 94 28.50 15.28 -16.54
N LYS E 95 29.00 14.25 -17.23
CA LYS E 95 29.49 14.42 -18.59
C LYS E 95 28.56 13.85 -19.65
N ASN E 96 27.31 13.58 -19.30
CA ASN E 96 26.35 13.02 -20.24
C ASN E 96 25.61 14.16 -20.95
N MET E 97 26.42 14.99 -21.60
CA MET E 97 25.95 16.18 -22.32
C MET E 97 27.12 16.67 -23.17
N ASP E 98 26.78 17.48 -24.16
CA ASP E 98 27.78 17.99 -25.08
C ASP E 98 28.73 18.92 -24.33
N ILE E 99 29.89 19.17 -24.93
CA ILE E 99 30.91 20.00 -24.28
C ILE E 99 30.38 21.38 -23.96
N ALA E 100 29.72 22.02 -24.94
CA ALA E 100 29.17 23.36 -24.72
C ALA E 100 28.19 23.40 -23.55
N SER E 101 27.37 22.35 -23.39
CA SER E 101 26.41 22.34 -22.29
C SER E 101 27.11 22.21 -20.95
N GLN E 102 28.15 21.37 -20.88
CA GLN E 102 28.86 21.21 -19.63
C GLN E 102 29.65 22.46 -19.27
N VAL E 103 30.22 23.14 -20.27
CA VAL E 103 30.83 24.45 -20.04
C VAL E 103 29.80 25.43 -19.49
N ARG E 104 28.62 25.45 -20.10
CA ARG E 104 27.54 26.32 -19.64
C ARG E 104 27.23 26.08 -18.16
N GLU E 105 27.09 24.79 -17.78
CA GLU E 105 26.80 24.45 -16.39
C GLU E 105 27.90 24.92 -15.45
N VAL E 106 29.17 24.67 -15.82
CA VAL E 106 30.28 25.13 -14.99
C VAL E 106 30.23 26.64 -14.80
N LYS E 107 29.97 27.38 -15.87
CA LYS E 107 29.98 28.85 -15.75
C LYS E 107 28.81 29.36 -14.93
N ARG E 108 27.65 28.69 -14.97
CA ARG E 108 26.55 29.04 -14.06
C ARG E 108 26.96 28.88 -12.60
N VAL E 109 27.72 27.83 -12.28
CA VAL E 109 28.20 27.70 -10.90
C VAL E 109 29.22 28.80 -10.59
N LYS E 110 30.16 29.06 -11.51
CA LYS E 110 31.21 30.04 -11.28
C LYS E 110 30.67 31.47 -11.22
N LYS E 111 29.57 31.76 -11.91
CA LYS E 111 29.02 33.12 -11.96
C LYS E 111 28.03 33.39 -10.83
N SER E 112 28.00 32.54 -9.82
CA SER E 112 26.97 32.62 -8.79
C SER E 112 27.48 33.35 -7.55
N LYS E 124 26.06 35.44 6.42
CA LYS E 124 25.09 35.12 5.39
C LYS E 124 24.41 33.83 5.73
N GLU E 125 23.61 33.36 4.79
CA GLU E 125 22.93 32.09 4.88
C GLU E 125 23.99 30.98 4.81
N TYR E 126 25.05 31.23 4.06
CA TYR E 126 26.12 30.24 3.86
C TYR E 126 27.55 30.69 4.13
N PRO E 127 27.88 30.79 5.48
CA PRO E 127 29.27 31.22 5.74
C PRO E 127 30.38 30.20 5.46
N ASP E 128 30.03 28.94 5.23
CA ASP E 128 31.04 27.91 4.98
C ASP E 128 31.26 27.66 3.50
N ALA E 129 30.79 28.57 2.63
CA ALA E 129 30.85 28.34 1.19
C ALA E 129 32.27 28.03 0.73
N ASN E 130 32.37 27.10 -0.19
CA ASN E 130 33.66 26.66 -0.73
C ASN E 130 33.94 27.45 -2.00
N LYS E 131 34.87 28.41 -1.90
CA LYS E 131 35.15 29.38 -2.95
C LYS E 131 36.60 29.30 -3.41
N ASP E 132 36.86 29.71 -4.64
CA ASP E 132 38.22 29.80 -5.13
C ASP E 132 38.82 31.14 -4.70
N ASN E 133 40.05 31.42 -5.15
CA ASN E 133 40.75 32.63 -4.74
C ASN E 133 40.09 33.91 -5.25
N PHE E 134 39.11 33.81 -6.14
CA PHE E 134 38.38 34.97 -6.63
C PHE E 134 37.02 35.12 -5.99
N GLY E 135 36.66 34.28 -5.02
CA GLY E 135 35.35 34.36 -4.42
C GLY E 135 34.24 33.69 -5.19
N ARG E 136 34.57 32.87 -6.18
CA ARG E 136 33.59 32.11 -6.94
C ARG E 136 33.47 30.72 -6.34
N LEU E 137 32.25 30.17 -6.34
CA LEU E 137 32.04 28.82 -5.89
C LEU E 137 32.91 27.86 -6.69
N ARG E 138 33.52 26.89 -6.01
CA ARG E 138 34.24 25.85 -6.74
C ARG E 138 33.29 24.85 -7.35
N VAL E 139 33.72 24.25 -8.46
CA VAL E 139 32.94 23.21 -9.11
C VAL E 139 33.89 22.24 -9.80
N GLY E 140 33.47 20.98 -9.88
CA GLY E 140 34.19 19.98 -10.65
C GLY E 140 33.39 19.54 -11.86
N ALA E 141 34.05 18.88 -12.80
CA ALA E 141 33.34 18.38 -13.97
C ALA E 141 33.95 17.06 -14.39
N ALA E 142 33.09 16.12 -14.82
CA ALA E 142 33.54 14.79 -15.19
C ALA E 142 33.99 14.75 -16.65
N ILE E 143 35.04 13.99 -16.91
CA ILE E 143 35.49 13.71 -18.27
C ILE E 143 35.69 12.20 -18.39
N GLY E 144 35.80 11.74 -19.64
CA GLY E 144 36.15 10.37 -19.92
C GLY E 144 37.51 10.25 -20.59
N VAL E 145 37.89 8.99 -20.85
CA VAL E 145 39.17 8.69 -21.50
C VAL E 145 39.27 9.36 -22.86
N GLY E 146 40.41 9.98 -23.12
CA GLY E 146 40.65 10.58 -24.43
C GLY E 146 39.65 11.64 -24.84
N GLN E 147 39.14 12.40 -23.88
CA GLN E 147 38.29 13.55 -24.22
C GLN E 147 39.07 14.84 -23.98
N MET E 148 40.16 15.05 -24.71
CA MET E 148 41.03 16.18 -24.43
C MET E 148 40.34 17.49 -24.84
N ASP E 149 39.49 17.43 -25.86
CA ASP E 149 38.71 18.60 -26.26
C ASP E 149 37.83 19.10 -25.12
N ARG E 150 37.21 18.16 -24.38
CA ARG E 150 36.36 18.57 -23.27
C ARG E 150 37.20 19.17 -22.13
N VAL E 151 38.35 18.57 -21.84
CA VAL E 151 39.30 19.13 -20.87
C VAL E 151 39.67 20.56 -21.26
N ASP E 152 40.06 20.77 -22.51
CA ASP E 152 40.44 22.10 -22.97
C ASP E 152 39.35 23.12 -22.64
N ALA E 153 38.10 22.76 -22.92
CA ALA E 153 37.00 23.71 -22.76
C ALA E 153 36.68 23.95 -21.30
N LEU E 154 36.64 22.88 -20.50
CA LEU E 154 36.40 23.01 -19.07
C LEU E 154 37.47 23.88 -18.40
N VAL E 155 38.73 23.71 -18.81
CA VAL E 155 39.80 24.51 -18.22
C VAL E 155 39.59 25.98 -18.55
N GLU E 156 39.27 26.28 -19.81
CA GLU E 156 39.02 27.65 -20.21
C GLU E 156 37.81 28.22 -19.51
N ALA E 157 36.82 27.38 -19.18
CA ALA E 157 35.66 27.85 -18.44
C ALA E 157 35.94 28.09 -16.96
N GLY E 158 37.13 27.76 -16.46
CA GLY E 158 37.47 28.00 -15.07
C GLY E 158 37.15 26.88 -14.12
N VAL E 159 37.09 25.63 -14.60
CA VAL E 159 36.72 24.54 -13.70
C VAL E 159 37.81 24.39 -12.64
N ASP E 160 37.42 23.99 -11.45
CA ASP E 160 38.38 23.90 -10.36
C ASP E 160 39.08 22.54 -10.34
N VAL E 161 38.35 21.48 -10.68
CA VAL E 161 38.94 20.15 -10.71
C VAL E 161 38.24 19.35 -11.80
N VAL E 162 39.01 18.55 -12.52
CA VAL E 162 38.48 17.63 -13.53
C VAL E 162 38.47 16.23 -12.94
N VAL E 163 37.37 15.51 -13.15
CA VAL E 163 37.18 14.19 -12.55
C VAL E 163 37.17 13.18 -13.70
N LEU E 164 38.30 12.50 -13.88
CA LEU E 164 38.43 11.48 -14.91
C LEU E 164 37.79 10.19 -14.41
N ASP E 165 36.61 9.87 -14.94
CA ASP E 165 35.86 8.68 -14.53
C ASP E 165 35.97 7.57 -15.56
N SER E 166 36.15 6.35 -15.06
CA SER E 166 35.97 5.14 -15.84
C SER E 166 35.42 4.07 -14.93
N ALA E 167 34.68 3.14 -15.55
CA ALA E 167 34.33 1.90 -14.84
C ALA E 167 35.57 1.22 -14.28
N HIS E 168 36.71 1.33 -14.96
CA HIS E 168 37.91 0.61 -14.58
C HIS E 168 39.09 1.58 -14.66
N GLY E 169 39.35 2.26 -13.54
CA GLY E 169 40.41 3.26 -13.50
C GLY E 169 41.82 2.68 -13.59
N HIS E 170 42.00 1.41 -13.25
CA HIS E 170 43.33 0.80 -13.25
C HIS E 170 43.59 0.17 -14.62
N SER E 171 43.78 1.05 -15.60
CA SER E 171 43.83 0.62 -17.00
C SER E 171 44.76 1.54 -17.76
N LYS E 172 45.30 1.02 -18.87
CA LYS E 172 46.24 1.80 -19.68
C LYS E 172 45.63 3.10 -20.16
N GLY E 173 44.38 3.04 -20.64
CA GLY E 173 43.74 4.25 -21.16
C GLY E 173 43.63 5.35 -20.13
N ILE E 174 43.26 5.01 -18.90
CA ILE E 174 43.15 6.01 -17.85
C ILE E 174 44.51 6.59 -17.52
N ILE E 175 45.52 5.72 -17.36
CA ILE E 175 46.85 6.20 -16.97
C ILE E 175 47.44 7.08 -18.06
N ASP E 176 47.30 6.67 -19.34
CA ASP E 176 47.80 7.52 -20.42
C ASP E 176 47.05 8.85 -20.47
N THR E 177 45.75 8.83 -20.12
CA THR E 177 45.00 10.08 -20.09
C THR E 177 45.46 10.97 -18.95
N VAL E 178 45.71 10.39 -17.77
CA VAL E 178 46.24 11.18 -16.65
C VAL E 178 47.54 11.86 -17.06
N LYS E 179 48.47 11.08 -17.65
CA LYS E 179 49.75 11.63 -18.05
C LYS E 179 49.60 12.76 -19.07
N ALA E 180 48.68 12.58 -20.03
CA ALA E 180 48.50 13.58 -21.08
C ALA E 180 47.91 14.87 -20.52
N ILE E 181 46.92 14.76 -19.62
CA ILE E 181 46.34 15.95 -19.02
C ILE E 181 47.37 16.68 -18.17
N LYS E 182 48.14 15.94 -17.36
CA LYS E 182 49.13 16.62 -16.51
C LYS E 182 50.27 17.22 -17.33
N ALA E 183 50.57 16.66 -18.50
CA ALA E 183 51.61 17.25 -19.33
C ALA E 183 51.13 18.58 -19.93
N LYS E 184 49.86 18.65 -20.32
CA LYS E 184 49.36 19.87 -20.97
C LYS E 184 48.91 20.91 -19.95
N TYR E 185 48.42 20.49 -18.79
CA TYR E 185 47.90 21.41 -17.76
C TYR E 185 48.51 21.04 -16.41
N PRO E 186 49.79 21.38 -16.18
CA PRO E 186 50.45 20.95 -14.95
C PRO E 186 49.73 21.36 -13.68
N ASN E 187 48.97 22.46 -13.71
CA ASN E 187 48.37 23.01 -12.50
C ASN E 187 46.87 22.76 -12.42
N LEU E 188 46.34 21.89 -13.27
CA LEU E 188 44.95 21.47 -13.17
C LEU E 188 44.86 20.33 -12.18
N ASP E 189 44.08 20.50 -11.11
CA ASP E 189 43.80 19.42 -10.18
C ASP E 189 43.01 18.32 -10.87
N LEU E 190 43.52 17.10 -10.81
CA LEU E 190 42.93 15.98 -11.53
C LEU E 190 42.61 14.85 -10.55
N ILE E 191 41.34 14.43 -10.53
CA ILE E 191 40.87 13.24 -9.82
C ILE E 191 40.69 12.13 -10.84
N ALA E 192 41.04 10.90 -10.48
CA ALA E 192 40.84 9.77 -11.39
C ALA E 192 40.30 8.57 -10.64
N GLY E 193 39.53 7.76 -11.35
CA GLY E 193 38.91 6.56 -10.79
C GLY E 193 38.08 5.84 -11.84
N ASN E 194 37.40 4.76 -11.45
CA ASN E 194 37.42 4.30 -10.06
C ASN E 194 38.32 3.07 -9.87
N ILE E 195 38.83 2.92 -8.64
CA ILE E 195 39.77 1.86 -8.32
C ILE E 195 39.32 1.17 -7.03
N ALA E 196 39.97 0.05 -6.74
CA ALA E 196 39.62 -0.70 -5.53
C ALA E 196 40.79 -1.49 -4.96
N THR E 197 42.02 -1.30 -5.44
CA THR E 197 43.17 -2.05 -4.96
C THR E 197 44.35 -1.10 -4.72
N ALA E 198 45.25 -1.55 -3.84
CA ALA E 198 46.48 -0.81 -3.57
C ALA E 198 47.31 -0.62 -4.83
N ALA E 199 47.47 -1.69 -5.63
CA ALA E 199 48.23 -1.58 -6.87
C ALA E 199 47.63 -0.51 -7.79
N ALA E 200 46.30 -0.42 -7.85
CA ALA E 200 45.69 0.61 -8.67
C ALA E 200 46.00 2.00 -8.14
N ALA E 201 45.92 2.18 -6.81
CA ALA E 201 46.24 3.49 -6.23
C ALA E 201 47.68 3.89 -6.53
N LYS E 202 48.59 2.92 -6.47
CA LYS E 202 49.99 3.22 -6.75
C LYS E 202 50.16 3.64 -8.21
N ALA E 203 49.48 2.96 -9.14
CA ALA E 203 49.60 3.32 -10.55
C ALA E 203 49.14 4.74 -10.79
N LEU E 204 47.99 5.13 -10.23
CA LEU E 204 47.46 6.45 -10.54
C LEU E 204 48.28 7.56 -9.87
N CYS E 205 48.66 7.34 -8.61
CA CYS E 205 49.51 8.31 -7.92
C CYS E 205 50.82 8.52 -8.66
N GLU E 206 51.43 7.42 -9.15
CA GLU E 206 52.67 7.58 -9.90
C GLU E 206 52.43 8.25 -11.26
N ALA E 207 51.25 8.06 -11.84
CA ALA E 207 50.89 8.79 -13.04
C ALA E 207 50.69 10.28 -12.76
N GLY E 208 50.45 10.65 -11.50
CA GLY E 208 50.47 12.05 -11.12
C GLY E 208 49.10 12.64 -10.83
N VAL E 209 48.16 11.82 -10.37
CA VAL E 209 46.85 12.35 -10.02
C VAL E 209 46.95 13.15 -8.73
N ASP E 210 45.92 13.93 -8.45
CA ASP E 210 45.86 14.72 -7.23
C ASP E 210 44.87 14.16 -6.22
N ALA E 211 44.10 13.16 -6.61
CA ALA E 211 43.19 12.40 -5.75
C ALA E 211 42.81 11.15 -6.53
N VAL E 212 42.57 10.05 -5.81
CA VAL E 212 42.00 8.86 -6.42
C VAL E 212 40.59 8.66 -5.87
N LYS E 213 39.72 8.09 -6.70
CA LYS E 213 38.35 7.85 -6.29
C LYS E 213 38.10 6.36 -6.21
N VAL E 214 37.60 5.89 -5.06
CA VAL E 214 37.58 4.47 -4.72
C VAL E 214 36.16 3.97 -4.72
N GLY E 215 35.92 2.88 -5.44
CA GLY E 215 34.62 2.24 -5.40
C GLY E 215 34.29 1.48 -6.66
N ILE E 216 34.40 0.15 -6.62
CA ILE E 216 34.02 -0.70 -7.74
C ILE E 216 32.89 -1.59 -7.24
N GLY E 217 31.66 -1.28 -7.64
CA GLY E 217 30.51 -2.04 -7.24
C GLY E 217 29.57 -1.52 -6.14
N PRO E 218 30.01 -0.60 -5.26
CA PRO E 218 29.19 -0.32 -4.07
C PRO E 218 27.93 0.51 -4.35
N GLY E 219 27.83 1.14 -5.52
CA GLY E 219 26.74 2.08 -5.75
C GLY E 219 25.38 1.43 -5.64
N SER E 220 24.44 2.16 -5.02
CA SER E 220 23.06 1.73 -4.89
C SER E 220 22.49 1.24 -6.24
N ILE E 221 22.78 1.96 -7.32
CA ILE E 221 22.20 1.64 -8.62
C ILE E 221 23.13 0.76 -9.46
N CYS E 222 24.25 0.33 -8.87
CA CYS E 222 25.29 -0.41 -9.58
C CYS E 222 25.03 -1.91 -9.57
N THR E 223 25.27 -2.56 -10.71
CA THR E 223 25.18 -4.02 -10.82
C THR E 223 26.50 -4.65 -11.26
N THR E 224 27.58 -3.85 -11.33
CA THR E 224 28.88 -4.32 -11.82
C THR E 224 29.29 -5.63 -11.16
N ARG E 225 29.23 -5.70 -9.83
CA ARG E 225 29.64 -6.92 -9.14
C ARG E 225 28.76 -8.11 -9.53
N ILE E 226 27.48 -7.87 -9.81
CA ILE E 226 26.60 -8.98 -10.16
C ILE E 226 26.78 -9.38 -11.62
N VAL E 227 26.97 -8.40 -12.50
CA VAL E 227 27.07 -8.64 -13.93
C VAL E 227 28.44 -9.15 -14.34
N SER E 228 29.50 -8.68 -13.66
CA SER E 228 30.86 -9.06 -14.03
C SER E 228 31.57 -9.87 -12.95
N GLY E 229 31.02 -9.95 -11.75
CA GLY E 229 31.67 -10.69 -10.68
C GLY E 229 32.84 -9.99 -10.03
N VAL E 230 33.04 -8.70 -10.36
CA VAL E 230 34.22 -7.94 -10.00
C VAL E 230 33.86 -6.88 -8.96
N GLY E 231 34.69 -6.75 -7.93
CA GLY E 231 34.52 -5.68 -6.97
C GLY E 231 35.24 -5.98 -5.67
N VAL E 232 35.29 -4.96 -4.81
CA VAL E 232 35.87 -5.13 -3.48
C VAL E 232 34.94 -4.43 -2.52
N PRO E 233 34.47 -5.10 -1.47
CA PRO E 233 33.63 -4.43 -0.47
C PRO E 233 34.27 -3.14 0.03
N GLN E 234 33.43 -2.11 0.22
CA GLN E 234 33.89 -0.72 0.15
C GLN E 234 34.82 -0.35 1.31
N ILE E 235 34.57 -0.85 2.52
CA ILE E 235 35.50 -0.56 3.62
C ILE E 235 36.91 -1.07 3.31
N SER E 236 37.01 -2.33 2.89
CA SER E 236 38.32 -2.91 2.61
C SER E 236 38.98 -2.21 1.42
N ALA E 237 38.18 -1.82 0.42
CA ALA E 237 38.72 -1.08 -0.72
C ALA E 237 39.33 0.25 -0.26
N ILE E 238 38.58 1.02 0.53
CA ILE E 238 39.12 2.29 1.06
C ILE E 238 40.38 2.02 1.88
N ASP E 239 40.31 1.04 2.78
CA ASP E 239 41.45 0.76 3.64
C ASP E 239 42.72 0.53 2.81
N GLU E 240 42.66 -0.35 1.81
CA GLU E 240 43.93 -0.65 1.16
C GLU E 240 44.35 0.46 0.20
N CYS E 241 43.39 1.21 -0.35
CA CYS E 241 43.79 2.33 -1.23
C CYS E 241 44.35 3.50 -0.41
N VAL E 242 43.77 3.79 0.76
CA VAL E 242 44.31 4.85 1.61
C VAL E 242 45.73 4.54 2.04
N GLU E 243 45.98 3.28 2.44
CA GLU E 243 47.32 2.91 2.88
C GLU E 243 48.36 3.22 1.80
N GLU E 244 48.02 2.98 0.54
CA GLU E 244 48.97 3.23 -0.53
C GLU E 244 48.97 4.70 -0.96
N ALA E 245 47.79 5.30 -1.10
CA ALA E 245 47.72 6.70 -1.54
C ALA E 245 48.39 7.63 -0.55
N ASN E 246 48.34 7.31 0.75
CA ASN E 246 49.00 8.16 1.74
C ASN E 246 50.52 8.21 1.52
N LYS E 247 51.12 7.14 1.01
CA LYS E 247 52.55 7.16 0.72
C LYS E 247 52.92 8.29 -0.24
N PHE E 248 51.95 8.75 -1.04
CA PHE E 248 52.15 9.82 -2.01
C PHE E 248 51.55 11.14 -1.57
N GLY E 249 50.90 11.18 -0.41
CA GLY E 249 50.19 12.38 -0.01
C GLY E 249 48.93 12.65 -0.81
N VAL E 250 48.31 11.61 -1.36
CA VAL E 250 47.21 11.75 -2.30
C VAL E 250 45.90 11.42 -1.56
N PRO E 251 44.95 12.35 -1.48
CA PRO E 251 43.68 12.05 -0.81
C PRO E 251 42.87 11.01 -1.55
N VAL E 252 42.05 10.28 -0.79
CA VAL E 252 41.15 9.25 -1.30
C VAL E 252 39.72 9.72 -1.14
N ILE E 253 38.95 9.62 -2.22
CA ILE E 253 37.52 9.93 -2.24
C ILE E 253 36.75 8.61 -2.19
N ALA E 254 35.94 8.43 -1.13
CA ALA E 254 35.13 7.22 -0.99
C ALA E 254 33.82 7.38 -1.77
N ASP E 255 33.69 6.67 -2.88
CA ASP E 255 32.60 6.90 -3.83
C ASP E 255 31.65 5.70 -3.83
N GLY E 256 30.40 5.94 -3.42
CA GLY E 256 29.33 4.98 -3.61
C GLY E 256 29.06 4.11 -2.38
N GLY E 257 27.81 3.70 -2.22
CA GLY E 257 27.45 2.78 -1.16
C GLY E 257 27.09 3.41 0.17
N ILE E 258 27.11 4.74 0.27
CA ILE E 258 26.70 5.43 1.49
C ILE E 258 25.19 5.39 1.59
N LYS E 259 24.68 4.78 2.65
CA LYS E 259 23.24 4.65 2.89
C LYS E 259 22.76 5.53 4.02
N TYR E 260 23.60 5.70 5.06
CA TYR E 260 23.27 6.43 6.26
C TYR E 260 24.47 7.28 6.64
N SER E 261 24.25 8.27 7.49
CA SER E 261 25.34 9.14 7.89
C SER E 261 26.46 8.38 8.61
N GLY E 262 26.13 7.27 9.28
CA GLY E 262 27.19 6.50 9.91
C GLY E 262 28.19 5.90 8.93
N ASP E 263 27.78 5.67 7.69
CA ASP E 263 28.71 5.16 6.69
C ASP E 263 29.71 6.24 6.29
N ILE E 264 29.26 7.48 6.23
CA ILE E 264 30.18 8.60 6.02
C ILE E 264 31.24 8.60 7.11
N ALA E 265 30.80 8.51 8.36
CA ALA E 265 31.75 8.52 9.47
C ALA E 265 32.77 7.40 9.30
N LYS E 266 32.30 6.19 8.97
CA LYS E 266 33.21 5.06 8.83
C LYS E 266 34.19 5.25 7.69
N ALA E 267 33.69 5.70 6.53
CA ALA E 267 34.58 5.90 5.38
C ALA E 267 35.67 6.90 5.74
N LEU E 268 35.31 7.99 6.41
CA LEU E 268 36.31 8.98 6.78
C LEU E 268 37.25 8.43 7.84
N ALA E 269 36.73 7.63 8.79
CA ALA E 269 37.56 7.13 9.87
C ALA E 269 38.59 6.12 9.38
N VAL E 270 38.23 5.34 8.34
CA VAL E 270 39.20 4.41 7.76
C VAL E 270 40.29 5.15 6.99
N GLY E 271 40.05 6.39 6.58
CA GLY E 271 41.12 7.14 5.95
C GLY E 271 40.76 7.92 4.70
N ALA E 272 39.54 7.75 4.19
CA ALA E 272 39.11 8.58 3.06
C ALA E 272 39.10 10.05 3.48
N SER E 273 39.49 10.94 2.56
CA SER E 273 39.44 12.38 2.84
C SER E 273 38.08 12.99 2.54
N SER E 274 37.33 12.40 1.62
CA SER E 274 35.99 12.87 1.32
C SER E 274 35.16 11.68 0.83
N VAL E 275 33.87 11.94 0.64
CA VAL E 275 32.88 10.94 0.30
C VAL E 275 32.02 11.47 -0.83
N MET E 276 31.79 10.64 -1.85
CA MET E 276 30.90 10.99 -2.94
C MET E 276 29.58 10.24 -2.80
N ILE E 277 28.48 10.94 -3.05
CA ILE E 277 27.13 10.44 -2.75
C ILE E 277 26.20 10.75 -3.92
N GLY E 278 25.40 9.76 -4.31
CA GLY E 278 24.38 9.89 -5.33
C GLY E 278 22.98 9.72 -4.78
N SER E 279 22.61 8.51 -4.34
CA SER E 279 21.22 8.21 -4.02
C SER E 279 20.67 9.12 -2.93
N LEU E 280 21.50 9.53 -1.98
CA LEU E 280 21.00 10.38 -0.91
C LEU E 280 20.67 11.79 -1.38
N LEU E 281 21.19 12.21 -2.53
CA LEU E 281 20.93 13.54 -3.05
C LEU E 281 20.02 13.55 -4.26
N ALA E 282 19.70 12.37 -4.82
CA ALA E 282 18.91 12.32 -6.05
C ALA E 282 17.47 12.76 -5.84
N GLY E 283 16.93 12.59 -4.64
CA GLY E 283 15.54 12.96 -4.43
C GLY E 283 15.33 14.37 -3.91
N THR E 284 16.30 15.26 -4.11
CA THR E 284 16.20 16.61 -3.57
C THR E 284 15.65 17.57 -4.62
N ASP E 285 15.24 18.76 -4.16
CA ASP E 285 14.76 19.79 -5.09
C ASP E 285 15.78 20.12 -6.16
N GLU E 286 17.06 20.10 -5.79
CA GLU E 286 18.09 20.70 -6.64
C GLU E 286 18.66 19.72 -7.65
N SER E 287 18.41 18.42 -7.52
CA SER E 287 18.92 17.52 -8.53
C SER E 287 18.15 17.73 -9.83
N PRO E 288 18.79 17.52 -10.97
CA PRO E 288 18.07 17.67 -12.24
C PRO E 288 17.06 16.55 -12.38
N GLY E 289 16.12 16.75 -13.27
CA GLY E 289 15.15 15.67 -13.24
C GLY E 289 13.90 16.08 -12.51
N GLU E 290 12.77 15.60 -13.02
CA GLU E 290 11.46 16.08 -12.63
C GLU E 290 10.88 15.29 -11.45
N LEU E 291 10.22 16.01 -10.54
CA LEU E 291 9.32 15.35 -9.60
C LEU E 291 8.16 14.69 -10.32
N PHE E 292 7.78 13.53 -9.84
CA PHE E 292 6.54 12.90 -10.27
C PHE E 292 5.94 12.15 -9.09
N THR E 293 4.65 11.87 -9.21
CA THR E 293 3.90 11.16 -8.19
C THR E 293 3.63 9.73 -8.68
N TYR E 294 3.90 8.75 -7.82
CA TYR E 294 3.46 7.36 -7.98
C TYR E 294 2.59 7.05 -6.78
N GLN E 295 1.32 6.72 -6.99
CA GLN E 295 0.49 6.17 -5.92
C GLN E 295 0.55 7.02 -4.65
N GLY E 296 0.34 8.33 -4.80
CA GLY E 296 0.23 9.21 -3.65
C GLY E 296 1.52 9.66 -3.01
N ARG E 297 2.67 9.33 -3.58
CA ARG E 297 3.94 9.80 -3.04
C ARG E 297 4.78 10.38 -4.17
N GLN E 298 5.56 11.41 -3.86
CA GLN E 298 6.43 12.04 -4.85
C GLN E 298 7.79 11.36 -4.93
N TYR E 299 8.31 11.24 -6.15
CA TYR E 299 9.59 10.60 -6.41
C TYR E 299 10.35 11.41 -7.44
N LYS E 300 11.65 11.12 -7.54
CA LYS E 300 12.47 11.55 -8.67
C LYS E 300 13.19 10.33 -9.21
N SER E 301 13.49 10.34 -10.50
CA SER E 301 14.21 9.20 -11.05
C SER E 301 15.67 9.26 -10.60
N TYR E 302 16.25 8.08 -10.45
CA TYR E 302 17.65 7.91 -10.07
C TYR E 302 18.13 6.75 -10.94
N ARG E 303 19.27 6.89 -11.60
CA ARG E 303 19.67 5.80 -12.48
C ARG E 303 21.18 5.77 -12.61
N GLY E 304 21.70 4.56 -12.82
CA GLY E 304 23.13 4.43 -13.05
C GLY E 304 23.53 5.08 -14.37
N MET E 305 24.72 5.66 -14.38
CA MET E 305 25.29 6.14 -15.64
C MET E 305 25.62 5.00 -16.60
N GLY E 306 25.60 3.75 -16.12
CA GLY E 306 25.77 2.61 -17.01
C GLY E 306 24.49 1.85 -17.20
N SER E 307 23.36 2.48 -16.90
CA SER E 307 22.06 1.91 -17.25
C SER E 307 21.76 2.17 -18.72
N LEU E 308 20.82 1.38 -19.26
CA LEU E 308 20.38 1.58 -20.63
C LEU E 308 19.87 3.00 -20.85
N GLY E 309 19.04 3.49 -19.94
CA GLY E 309 18.45 4.81 -20.12
C GLY E 309 19.47 5.92 -20.17
N ALA E 310 20.48 5.85 -19.29
CA ALA E 310 21.50 6.89 -19.30
C ALA E 310 22.41 6.77 -20.51
N MET E 311 22.72 5.54 -20.94
CA MET E 311 23.56 5.39 -22.11
C MET E 311 22.85 5.77 -23.40
N GLN E 312 21.51 5.76 -23.43
CA GLN E 312 20.76 6.09 -24.67
C GLN E 312 21.22 7.47 -25.18
N LYS E 328 22.84 -4.20 -29.03
CA LYS E 328 22.19 -4.13 -27.73
C LYS E 328 23.22 -3.96 -26.61
N LEU E 329 22.98 -2.97 -25.76
CA LEU E 329 23.95 -2.66 -24.73
C LEU E 329 23.88 -3.69 -23.59
N VAL E 330 25.04 -3.91 -22.98
CA VAL E 330 25.11 -4.69 -21.75
C VAL E 330 25.34 -3.73 -20.59
N PRO E 331 24.31 -3.37 -19.84
CA PRO E 331 24.44 -2.35 -18.80
C PRO E 331 25.12 -2.87 -17.54
N GLU E 332 25.56 -1.91 -16.72
CA GLU E 332 26.12 -2.18 -15.40
C GLU E 332 25.44 -1.33 -14.33
N GLY E 333 24.23 -0.85 -14.62
CA GLY E 333 23.42 -0.19 -13.61
C GLY E 333 21.97 -0.29 -14.02
N ILE E 334 21.09 0.14 -13.11
CA ILE E 334 19.66 0.04 -13.32
C ILE E 334 19.06 1.44 -13.35
N GLU E 335 17.80 1.50 -13.78
CA GLU E 335 17.01 2.72 -13.82
C GLU E 335 15.93 2.61 -12.76
N GLY E 336 15.86 3.62 -11.89
CA GLY E 336 14.93 3.51 -10.80
C GLY E 336 14.42 4.83 -10.29
N ARG E 337 13.97 4.84 -9.04
CA ARG E 337 13.41 6.05 -8.46
C ARG E 337 13.69 6.05 -6.97
N VAL E 338 13.80 7.25 -6.40
CA VAL E 338 13.96 7.45 -4.96
C VAL E 338 12.87 8.39 -4.49
N PRO E 339 12.40 8.27 -3.26
CA PRO E 339 11.41 9.23 -2.80
C PRO E 339 11.96 10.65 -2.73
N TYR E 340 11.06 11.63 -2.92
CA TYR E 340 11.40 13.03 -2.75
C TYR E 340 11.68 13.30 -1.27
N VAL E 341 12.77 14.03 -0.99
CA VAL E 341 13.21 14.28 0.38
C VAL E 341 13.37 15.76 0.70
N GLY E 342 13.05 16.69 -0.22
CA GLY E 342 13.17 18.10 0.10
C GLY E 342 14.47 18.73 -0.38
N SER E 343 15.02 19.69 0.37
CA SER E 343 16.19 20.42 -0.10
C SER E 343 17.47 19.64 0.20
N ILE E 344 18.48 19.84 -0.65
CA ILE E 344 19.81 19.33 -0.36
C ILE E 344 20.26 19.82 1.00
N ARG E 345 19.92 21.06 1.34
CA ARG E 345 20.36 21.65 2.61
C ARG E 345 19.92 20.79 3.79
N SER E 346 18.65 20.41 3.82
CA SER E 346 18.13 19.62 4.92
C SER E 346 18.77 18.22 4.95
N VAL E 347 18.99 17.62 3.78
CA VAL E 347 19.70 16.33 3.74
C VAL E 347 21.13 16.48 4.26
N VAL E 348 21.86 17.47 3.73
CA VAL E 348 23.25 17.66 4.13
C VAL E 348 23.35 17.93 5.63
N HIS E 349 22.41 18.71 6.18
CA HIS E 349 22.41 18.98 7.61
C HIS E 349 22.36 17.67 8.40
N GLN E 350 21.45 16.76 8.02
CA GLN E 350 21.37 15.48 8.70
C GLN E 350 22.66 14.68 8.53
N LEU E 351 23.19 14.66 7.31
CA LEU E 351 24.38 13.86 7.06
C LEU E 351 25.56 14.36 7.89
N LEU E 352 25.77 15.68 7.94
CA LEU E 352 26.88 16.21 8.70
C LEU E 352 26.65 16.08 10.19
N GLY E 353 25.38 16.12 10.62
CA GLY E 353 25.10 15.96 12.04
C GLY E 353 25.50 14.59 12.53
N GLY E 354 25.29 13.55 11.70
CA GLY E 354 25.75 12.23 12.08
C GLY E 354 27.26 12.14 12.14
N LEU E 355 27.95 12.79 11.19
CA LEU E 355 29.40 12.82 11.23
C LEU E 355 29.90 13.51 12.50
N ARG E 356 29.33 14.67 12.80
CA ARG E 356 29.71 15.38 14.02
C ARG E 356 29.47 14.52 15.26
N SER E 357 28.30 13.90 15.36
CA SER E 357 28.01 12.98 16.47
C SER E 357 29.08 11.90 16.58
N SER E 358 29.45 11.29 15.45
CA SER E 358 30.46 10.26 15.41
C SER E 358 31.81 10.77 15.94
N MET E 359 32.21 11.95 15.49
CA MET E 359 33.46 12.52 15.98
C MET E 359 33.37 12.84 17.46
N GLY E 360 32.20 13.31 17.92
CA GLY E 360 31.97 13.44 19.35
C GLY E 360 32.24 12.16 20.12
N TYR E 361 31.69 11.03 19.62
CA TYR E 361 31.86 9.77 20.33
C TYR E 361 33.29 9.27 20.32
N VAL E 362 34.01 9.52 19.22
CA VAL E 362 35.39 9.06 19.12
C VAL E 362 36.34 10.00 19.85
N GLY E 363 35.91 11.23 20.14
CA GLY E 363 36.77 12.19 20.81
C GLY E 363 37.63 13.00 19.89
N ALA E 364 37.23 13.15 18.62
CA ALA E 364 38.06 13.71 17.58
C ALA E 364 37.67 15.16 17.34
N LYS E 365 38.67 16.02 17.19
CA LYS E 365 38.39 17.43 17.07
C LYS E 365 38.37 17.85 15.60
N ASP E 366 38.92 17.00 14.72
CA ASP E 366 38.97 17.24 13.27
C ASP E 366 39.15 15.88 12.60
N ILE E 367 39.07 15.88 11.26
CA ILE E 367 39.08 14.62 10.52
C ILE E 367 40.39 13.88 10.70
N GLU E 368 41.51 14.58 10.66
CA GLU E 368 42.80 13.92 10.83
C GLU E 368 42.90 13.26 12.19
N ASP E 369 42.47 13.94 13.24
CA ASP E 369 42.46 13.35 14.58
C ASP E 369 41.49 12.18 14.63
N PHE E 370 40.41 12.25 13.85
CA PHE E 370 39.41 11.18 13.80
C PHE E 370 40.02 9.90 13.23
N GLN E 371 40.81 10.01 12.15
CA GLN E 371 41.43 8.84 11.55
C GLN E 371 42.57 8.31 12.42
N LYS E 372 43.26 9.21 13.13
CA LYS E 372 44.33 8.79 14.04
C LYS E 372 43.78 7.97 15.22
N ARG E 373 42.62 8.35 15.74
CA ARG E 373 42.05 7.75 16.95
C ARG E 373 41.21 6.52 16.67
N ALA E 374 40.64 6.42 15.47
CA ALA E 374 39.57 5.46 15.21
C ALA E 374 40.02 4.03 15.46
N GLU E 375 39.20 3.28 16.19
CA GLU E 375 39.35 1.84 16.34
C GLU E 375 38.00 1.21 16.06
N PHE E 376 38.03 0.10 15.33
CA PHE E 376 36.84 -0.58 14.88
C PHE E 376 36.68 -1.91 15.60
N VAL E 377 35.43 -2.37 15.68
CA VAL E 377 35.15 -3.78 15.93
C VAL E 377 34.44 -4.33 14.70
N GLU E 378 34.66 -5.61 14.42
CA GLU E 378 33.89 -6.34 13.44
C GLU E 378 32.68 -6.95 14.12
N ILE E 379 31.50 -6.82 13.49
CA ILE E 379 30.28 -7.30 14.10
C ILE E 379 29.68 -8.40 13.24
N THR E 380 28.74 -9.13 13.83
CA THR E 380 28.04 -10.22 13.19
C THR E 380 26.71 -9.71 12.65
N THR E 381 26.00 -10.59 11.94
CA THR E 381 24.65 -10.29 11.48
C THR E 381 23.73 -9.93 12.65
N ALA E 382 23.80 -10.69 13.74
CA ALA E 382 22.99 -10.34 14.91
C ALA E 382 23.38 -8.97 15.45
N GLY E 383 24.67 -8.62 15.40
CA GLY E 383 25.08 -7.30 15.83
C GLY E 383 24.53 -6.21 14.94
N LEU E 384 24.42 -6.48 13.63
CA LEU E 384 23.81 -5.50 12.75
C LEU E 384 22.32 -5.38 13.03
N LYS E 385 21.63 -6.50 13.24
CA LYS E 385 20.22 -6.44 13.62
C LYS E 385 20.04 -5.63 14.91
N GLU E 386 20.91 -5.86 15.91
CA GLU E 386 20.85 -5.09 17.15
C GLU E 386 21.09 -3.60 16.92
N SER E 387 21.93 -3.25 15.93
CA SER E 387 22.31 -1.85 15.73
C SER E 387 21.16 -1.05 15.14
N HIS E 388 20.43 -1.64 14.20
CA HIS E 388 19.23 -1.04 13.67
C HIS E 388 18.14 -0.99 14.73
N VAL E 389 17.07 -0.25 14.40
CA VAL E 389 15.85 -0.35 15.19
C VAL E 389 15.35 -1.77 15.11
N HIS E 390 14.87 -2.30 16.24
CA HIS E 390 14.42 -3.68 16.27
C HIS E 390 13.34 -3.82 17.32
N ASP E 391 12.37 -4.68 17.03
CA ASP E 391 11.35 -5.11 17.98
C ASP E 391 10.41 -3.98 18.39
N VAL E 392 10.35 -2.91 17.59
CA VAL E 392 9.37 -1.85 17.77
C VAL E 392 8.92 -1.43 16.37
N THR E 393 7.66 -1.05 16.24
CA THR E 393 7.15 -0.54 14.97
C THR E 393 7.33 0.97 14.93
N ILE E 394 8.06 1.45 13.91
CA ILE E 394 8.25 2.88 13.72
C ILE E 394 6.94 3.50 13.21
N THR E 395 6.51 4.57 13.88
CA THR E 395 5.27 5.26 13.54
C THR E 395 5.47 6.69 13.06
N HIS E 396 6.67 7.24 13.21
CA HIS E 396 6.97 8.61 12.82
C HIS E 396 8.23 8.61 11.98
N GLU E 397 8.25 9.45 10.96
CA GLU E 397 9.43 9.57 10.13
C GLU E 397 10.59 10.21 10.89
N ALA E 398 11.77 9.63 10.74
CA ALA E 398 13.00 10.19 11.29
C ALA E 398 13.80 10.84 10.18
N PRO E 399 14.29 12.08 10.33
CA PRO E 399 14.97 12.72 9.20
C PRO E 399 16.27 12.04 8.82
N ASN E 400 16.79 11.11 9.62
CA ASN E 400 18.09 10.51 9.31
C ASN E 400 18.05 8.99 9.37
N TYR E 401 16.87 8.37 9.31
CA TYR E 401 16.76 6.92 9.41
C TYR E 401 15.47 6.47 8.74
N LYS E 402 15.62 5.71 7.66
CA LYS E 402 14.51 5.08 6.96
C LYS E 402 14.85 3.62 7.16
N VAL E 403 13.87 2.82 7.55
CA VAL E 403 14.11 1.41 7.86
C VAL E 403 14.81 0.55 6.82
N ALA F 24 45.58 -0.30 7.23
CA ALA F 24 45.72 0.96 7.94
C ALA F 24 44.60 1.17 8.98
N MET F 25 43.52 0.41 8.89
CA MET F 25 42.45 0.55 9.86
C MET F 25 42.65 -0.46 10.97
N LYS F 26 42.29 -0.07 12.19
CA LYS F 26 42.53 -0.89 13.37
C LYS F 26 41.22 -1.56 13.79
N ILE F 27 41.10 -2.87 13.47
CA ILE F 27 40.02 -3.73 13.96
C ILE F 27 40.51 -4.36 15.25
N VAL F 28 39.92 -3.98 16.38
CA VAL F 28 40.41 -4.49 17.66
C VAL F 28 39.92 -5.91 17.93
N LYS F 29 38.66 -6.21 17.58
CA LYS F 29 38.13 -7.52 17.86
C LYS F 29 36.89 -7.76 17.02
N ARG F 30 36.50 -9.03 16.93
CA ARG F 30 35.17 -9.44 16.53
C ARG F 30 34.27 -9.47 17.77
N ALA F 31 33.21 -8.67 17.77
CA ALA F 31 32.37 -8.47 18.94
C ALA F 31 30.98 -9.06 18.71
N LEU F 32 30.40 -9.59 19.79
CA LEU F 32 29.22 -10.44 19.75
C LEU F 32 28.08 -9.78 20.52
N THR F 33 26.84 -10.12 20.19
CA THR F 33 25.72 -9.71 21.03
C THR F 33 24.92 -10.95 21.45
N PHE F 34 23.69 -10.73 21.98
CA PHE F 34 22.99 -11.82 22.67
C PHE F 34 22.69 -12.98 21.72
N GLU F 35 22.20 -12.68 20.53
CA GLU F 35 21.84 -13.73 19.59
C GLU F 35 23.03 -14.53 19.10
N ASP F 36 24.27 -14.12 19.42
CA ASP F 36 25.46 -14.85 18.98
C ASP F 36 25.93 -15.93 19.96
N VAL F 37 25.37 -16.02 21.16
CA VAL F 37 25.87 -16.96 22.16
C VAL F 37 24.70 -17.64 22.87
N LEU F 38 24.99 -18.80 23.45
CA LEU F 38 24.06 -19.54 24.30
C LEU F 38 24.83 -20.06 25.51
N LEU F 39 24.13 -20.13 26.64
CA LEU F 39 24.66 -20.78 27.84
C LEU F 39 24.64 -22.29 27.69
N ARG F 40 25.76 -22.94 28.06
CA ARG F 40 25.80 -24.40 28.16
C ARG F 40 25.11 -24.83 29.45
N PRO F 41 24.24 -25.82 29.41
CA PRO F 41 23.68 -26.33 30.66
C PRO F 41 24.78 -27.01 31.47
N GLY F 42 24.57 -27.06 32.79
CA GLY F 42 25.51 -27.67 33.69
C GLY F 42 24.82 -28.63 34.65
N TYR F 43 25.63 -29.38 35.40
CA TYR F 43 25.08 -30.27 36.43
C TYR F 43 24.34 -29.45 37.48
N SER F 44 23.09 -29.85 37.77
CA SER F 44 22.24 -29.02 38.63
C SER F 44 21.63 -29.81 39.77
N GLU F 45 21.67 -29.24 40.98
CA GLU F 45 20.96 -29.79 42.12
C GLU F 45 19.89 -28.83 42.62
N VAL F 46 19.58 -27.78 41.86
CA VAL F 46 18.62 -26.79 42.31
C VAL F 46 17.48 -26.72 41.31
N LEU F 47 16.29 -26.46 41.83
CA LEU F 47 15.09 -26.17 41.05
C LEU F 47 14.96 -24.67 40.83
N PRO F 48 14.42 -24.27 39.68
CA PRO F 48 14.20 -22.84 39.40
C PRO F 48 13.55 -22.07 40.55
N LYS F 49 12.59 -22.65 41.26
CA LYS F 49 11.99 -21.92 42.36
C LYS F 49 12.90 -21.86 43.58
N GLU F 50 13.96 -22.66 43.63
CA GLU F 50 14.87 -22.66 44.78
C GLU F 50 15.95 -21.58 44.69
N VAL F 51 16.20 -21.01 43.51
CA VAL F 51 17.36 -20.15 43.36
C VAL F 51 17.04 -18.76 43.92
N LYS F 52 18.10 -18.04 44.28
CA LYS F 52 18.01 -16.70 44.85
C LYS F 52 18.43 -15.69 43.79
N ILE F 53 17.61 -14.66 43.57
CA ILE F 53 17.90 -13.72 42.49
C ILE F 53 18.23 -12.31 42.99
N HIS F 54 18.61 -12.15 44.26
CA HIS F 54 19.05 -10.84 44.74
C HIS F 54 20.40 -10.47 44.12
N THR F 55 20.68 -9.17 44.08
CA THR F 55 21.91 -8.69 43.47
C THR F 55 22.21 -7.29 44.00
N LYS F 56 23.24 -6.67 43.44
CA LYS F 56 23.66 -5.33 43.82
C LYS F 56 23.35 -4.36 42.70
N LEU F 57 22.67 -3.27 43.03
CA LEU F 57 22.52 -2.16 42.10
C LEU F 57 23.78 -1.31 42.05
N THR F 58 24.28 -0.92 43.22
CA THR F 58 25.52 -0.18 43.37
C THR F 58 26.34 -0.85 44.47
N LYS F 59 27.48 -0.23 44.77
CA LYS F 59 28.30 -0.70 45.88
C LYS F 59 27.52 -0.76 47.18
N ASN F 60 26.49 0.08 47.33
CA ASN F 60 25.85 0.24 48.63
C ASN F 60 24.36 -0.05 48.63
N ILE F 61 23.76 -0.31 47.47
CA ILE F 61 22.33 -0.57 47.37
C ILE F 61 22.13 -1.95 46.74
N THR F 62 21.34 -2.78 47.39
CA THR F 62 21.00 -4.10 46.86
C THR F 62 19.64 -4.05 46.17
N LEU F 63 19.38 -5.06 45.35
CA LEU F 63 18.09 -5.30 44.74
C LEU F 63 17.64 -6.71 45.12
N ASN F 64 16.32 -6.92 45.22
CA ASN F 64 15.80 -8.27 45.48
C ASN F 64 15.55 -9.05 44.20
N MET F 65 15.54 -8.36 43.06
CA MET F 65 15.46 -8.95 41.71
C MET F 65 16.30 -7.99 40.85
N PRO F 66 16.92 -8.44 39.77
CA PRO F 66 17.91 -7.61 39.04
C PRO F 66 17.35 -6.79 37.90
N LEU F 67 16.08 -6.38 37.92
CA LEU F 67 15.51 -5.63 36.80
C LEU F 67 15.32 -4.17 37.17
N ILE F 68 15.58 -3.28 36.20
CA ILE F 68 15.49 -1.83 36.35
C ILE F 68 14.72 -1.29 35.15
N SER F 69 13.69 -0.49 35.39
CA SER F 69 12.93 0.10 34.29
C SER F 69 13.61 1.36 33.77
N ALA F 70 13.65 1.49 32.44
CA ALA F 70 14.48 2.50 31.79
C ALA F 70 14.03 3.92 32.15
N ALA F 71 14.96 4.87 32.08
CA ALA F 71 14.69 6.27 32.38
C ALA F 71 14.15 6.99 31.13
N MET F 72 12.93 6.62 30.75
CA MET F 72 12.37 7.06 29.47
C MET F 72 10.95 7.54 29.67
N ASP F 73 10.54 8.58 28.93
CA ASP F 73 9.24 9.17 29.22
C ASP F 73 8.07 8.36 28.67
N THR F 74 8.31 7.23 28.01
CA THR F 74 7.24 6.26 27.75
C THR F 74 7.45 4.98 28.57
N VAL F 75 8.32 5.02 29.58
CA VAL F 75 8.54 3.85 30.42
C VAL F 75 8.28 4.13 31.89
N THR F 76 8.98 5.11 32.49
CA THR F 76 9.03 5.21 33.95
C THR F 76 8.67 6.60 34.47
N GLU F 77 7.49 6.71 35.08
CA GLU F 77 7.18 7.79 36.01
C GLU F 77 6.76 7.11 37.32
N HIS F 78 5.95 7.75 38.18
CA HIS F 78 5.88 7.23 39.55
C HIS F 78 5.21 5.85 39.60
N ARG F 79 4.14 5.61 38.84
CA ARG F 79 3.45 4.33 38.95
C ARG F 79 4.37 3.17 38.60
N ALA F 80 5.11 3.28 37.50
CA ALA F 80 6.02 2.22 37.11
C ALA F 80 7.15 2.08 38.13
N ALA F 81 7.63 3.20 38.66
CA ALA F 81 8.71 3.10 39.64
C ALA F 81 8.23 2.43 40.92
N ILE F 82 6.98 2.70 41.31
CA ILE F 82 6.40 2.05 42.49
C ILE F 82 6.31 0.54 42.28
N MET F 83 5.77 0.11 41.13
CA MET F 83 5.63 -1.32 40.90
C MET F 83 6.97 -2.03 40.81
N MET F 84 7.97 -1.41 40.18
CA MET F 84 9.27 -2.06 40.07
C MET F 84 9.90 -2.29 41.44
N ALA F 85 9.79 -1.30 42.33
CA ALA F 85 10.35 -1.46 43.66
C ALA F 85 9.53 -2.41 44.51
N ARG F 86 8.20 -2.39 44.37
CA ARG F 86 7.38 -3.38 45.05
C ARG F 86 7.76 -4.80 44.67
N LEU F 87 8.20 -5.01 43.43
CA LEU F 87 8.57 -6.35 42.97
C LEU F 87 10.03 -6.69 43.28
N GLY F 88 10.78 -5.78 43.90
CA GLY F 88 12.15 -6.02 44.29
C GLY F 88 13.19 -5.35 43.43
N GLY F 89 12.78 -4.70 42.34
CA GLY F 89 13.71 -4.03 41.44
C GLY F 89 13.78 -2.55 41.70
N LEU F 90 13.91 -1.78 40.62
CA LEU F 90 14.02 -0.34 40.77
C LEU F 90 13.46 0.33 39.51
N GLY F 91 12.91 1.51 39.69
CA GLY F 91 12.51 2.36 38.57
C GLY F 91 13.30 3.65 38.61
N VAL F 92 13.69 4.14 37.43
CA VAL F 92 14.46 5.39 37.34
C VAL F 92 13.56 6.42 36.65
N ILE F 93 13.17 7.45 37.40
CA ILE F 93 12.34 8.52 36.85
C ILE F 93 13.13 9.27 35.78
N HIS F 94 12.52 9.49 34.61
CA HIS F 94 13.26 10.12 33.51
C HIS F 94 13.41 11.63 33.77
N LYS F 95 14.29 12.26 33.00
CA LYS F 95 14.60 13.66 33.22
C LYS F 95 13.98 14.59 32.18
N ASN F 96 13.08 14.09 31.33
CA ASN F 96 12.48 14.95 30.32
C ASN F 96 11.27 15.69 30.90
N MET F 97 11.52 16.38 32.02
CA MET F 97 10.55 17.20 32.74
C MET F 97 11.32 18.19 33.60
N ASP F 98 10.64 19.22 34.07
CA ASP F 98 11.36 20.21 34.87
C ASP F 98 11.67 19.64 36.24
N ILE F 99 12.55 20.34 36.97
CA ILE F 99 13.04 19.82 38.24
C ILE F 99 11.88 19.62 39.21
N ALA F 100 10.95 20.58 39.25
CA ALA F 100 9.81 20.48 40.15
C ALA F 100 9.01 19.21 39.90
N SER F 101 8.73 18.89 38.63
CA SER F 101 7.95 17.69 38.32
C SER F 101 8.70 16.43 38.71
N GLN F 102 10.01 16.39 38.43
CA GLN F 102 10.76 15.17 38.74
C GLN F 102 10.85 14.95 40.26
N VAL F 103 10.99 16.04 41.03
CA VAL F 103 10.92 15.94 42.48
C VAL F 103 9.58 15.39 42.92
N ARG F 104 8.49 15.83 42.28
CA ARG F 104 7.18 15.33 42.67
C ARG F 104 7.04 13.86 42.31
N GLU F 105 7.68 13.40 41.25
CA GLU F 105 7.63 11.97 40.95
C GLU F 105 8.37 11.18 42.03
N VAL F 106 9.56 11.62 42.41
CA VAL F 106 10.34 10.93 43.43
C VAL F 106 9.56 10.84 44.74
N LYS F 107 8.94 11.94 45.15
CA LYS F 107 8.23 11.92 46.43
C LYS F 107 7.01 11.02 46.41
N ARG F 108 6.37 10.91 45.26
CA ARG F 108 5.23 10.05 45.10
C ARG F 108 5.64 8.60 45.33
N VAL F 109 6.81 8.20 44.86
CA VAL F 109 7.32 6.86 45.10
C VAL F 109 7.74 6.72 46.56
N LYS F 110 8.43 7.74 47.10
CA LYS F 110 8.91 7.65 48.47
C LYS F 110 7.78 7.62 49.49
N LYS F 111 6.63 8.23 49.18
CA LYS F 111 5.52 8.22 50.12
C LYS F 111 4.57 7.06 49.91
N SER F 112 4.79 6.25 48.89
CA SER F 112 3.87 5.17 48.57
C SER F 112 3.95 4.05 49.62
N LYS F 124 2.45 -8.72 52.77
CA LYS F 124 1.81 -9.94 52.28
C LYS F 124 1.87 -10.02 50.76
N GLU F 125 1.34 -8.99 50.10
CA GLU F 125 1.20 -9.03 48.65
C GLU F 125 2.51 -8.70 47.93
N TYR F 126 3.37 -7.88 48.53
CA TYR F 126 4.66 -7.54 47.92
C TYR F 126 5.79 -7.84 48.91
N PRO F 127 6.07 -9.12 49.16
CA PRO F 127 7.05 -9.46 50.20
C PRO F 127 8.50 -9.18 49.80
N ASP F 128 8.79 -9.02 48.51
CA ASP F 128 10.16 -8.78 48.07
C ASP F 128 10.44 -7.31 47.80
N ALA F 129 9.62 -6.41 48.33
CA ALA F 129 9.74 -4.98 48.00
C ALA F 129 11.09 -4.43 48.42
N ASN F 130 11.65 -3.58 47.57
CA ASN F 130 12.97 -2.96 47.75
C ASN F 130 12.78 -1.64 48.49
N LYS F 131 13.27 -1.58 49.72
CA LYS F 131 12.99 -0.47 50.61
C LYS F 131 14.27 0.07 51.25
N ASP F 132 14.25 1.37 51.54
CA ASP F 132 15.39 2.01 52.19
C ASP F 132 15.32 1.74 53.68
N ASN F 133 16.19 2.39 54.44
CA ASN F 133 16.31 2.11 55.86
C ASN F 133 15.08 2.57 56.63
N PHE F 134 14.30 3.48 56.06
CA PHE F 134 13.06 3.95 56.67
C PHE F 134 11.84 3.15 56.23
N GLY F 135 12.04 2.07 55.46
CA GLY F 135 10.90 1.32 54.96
C GLY F 135 10.15 1.97 53.81
N ARG F 136 10.78 2.92 53.12
CA ARG F 136 10.18 3.55 51.95
C ARG F 136 10.74 2.88 50.70
N LEU F 137 9.93 2.81 49.65
CA LEU F 137 10.37 2.22 48.39
C LEU F 137 11.59 2.96 47.84
N ARG F 138 12.54 2.22 47.29
CA ARG F 138 13.70 2.84 46.68
C ARG F 138 13.33 3.39 45.29
N VAL F 139 13.97 4.46 44.87
CA VAL F 139 13.71 5.03 43.55
C VAL F 139 14.98 5.70 43.05
N GLY F 140 15.17 5.65 41.73
CA GLY F 140 16.23 6.35 41.07
C GLY F 140 15.70 7.52 40.26
N ALA F 141 16.56 8.48 39.92
CA ALA F 141 16.17 9.58 39.07
C ALA F 141 17.32 9.93 38.15
N ALA F 142 16.99 10.22 36.89
CA ALA F 142 18.01 10.57 35.92
C ALA F 142 18.35 12.05 36.00
N ILE F 143 19.62 12.36 35.71
CA ILE F 143 20.12 13.72 35.54
C ILE F 143 21.04 13.77 34.33
N GLY F 144 21.32 14.98 33.86
CA GLY F 144 22.26 15.20 32.79
C GLY F 144 23.54 15.86 33.29
N VAL F 145 24.51 15.99 32.37
CA VAL F 145 25.76 16.69 32.67
C VAL F 145 25.47 18.08 33.21
N GLY F 146 26.18 18.46 34.27
CA GLY F 146 26.16 19.81 34.79
C GLY F 146 24.97 20.16 35.65
N GLN F 147 23.98 19.28 35.79
CA GLN F 147 22.72 19.65 36.41
C GLN F 147 22.78 19.51 37.94
N MET F 148 23.71 20.24 38.55
CA MET F 148 23.81 20.23 40.01
C MET F 148 22.53 20.72 40.67
N ASP F 149 21.86 21.70 40.06
CA ASP F 149 20.61 22.18 40.64
C ASP F 149 19.59 21.04 40.75
N ARG F 150 19.50 20.20 39.72
CA ARG F 150 18.57 19.08 39.77
C ARG F 150 19.00 18.06 40.84
N VAL F 151 20.31 17.81 40.98
CA VAL F 151 20.80 16.89 42.00
C VAL F 151 20.41 17.37 43.39
N ASP F 152 20.60 18.66 43.68
CA ASP F 152 20.26 19.18 45.00
C ASP F 152 18.79 18.93 45.32
N ALA F 153 17.91 19.14 44.36
CA ALA F 153 16.47 18.98 44.60
C ALA F 153 16.11 17.52 44.80
N LEU F 154 16.74 16.63 44.04
CA LEU F 154 16.46 15.20 44.18
C LEU F 154 16.94 14.65 45.52
N VAL F 155 18.17 15.01 45.92
CA VAL F 155 18.68 14.63 47.24
C VAL F 155 17.74 15.10 48.34
N GLU F 156 17.21 16.32 48.19
CA GLU F 156 16.30 16.84 49.19
C GLU F 156 14.95 16.14 49.13
N ALA F 157 14.59 15.61 47.96
CA ALA F 157 13.36 14.83 47.83
C ALA F 157 13.51 13.42 48.36
N GLY F 158 14.72 13.02 48.77
CA GLY F 158 14.95 11.70 49.30
C GLY F 158 15.24 10.64 48.25
N VAL F 159 15.89 11.00 47.14
CA VAL F 159 16.16 10.01 46.11
C VAL F 159 17.23 9.04 46.63
N ASP F 160 17.14 7.80 46.17
CA ASP F 160 18.07 6.77 46.63
C ASP F 160 19.34 6.70 45.79
N VAL F 161 19.22 7.00 44.51
CA VAL F 161 20.34 6.93 43.59
C VAL F 161 20.05 7.86 42.42
N VAL F 162 21.04 8.62 42.01
CA VAL F 162 20.91 9.44 40.81
C VAL F 162 21.64 8.74 39.69
N VAL F 163 21.05 8.82 38.50
CA VAL F 163 21.59 8.15 37.33
C VAL F 163 21.98 9.24 36.36
N LEU F 164 23.28 9.46 36.26
CA LEU F 164 23.81 10.43 35.30
C LEU F 164 23.84 9.73 33.94
N ASP F 165 22.89 10.06 33.07
CA ASP F 165 22.87 9.56 31.70
C ASP F 165 23.54 10.53 30.75
N SER F 166 24.25 9.98 29.80
CA SER F 166 24.67 10.68 28.61
C SER F 166 24.66 9.68 27.48
N ALA F 167 24.43 10.18 26.27
CA ALA F 167 24.74 9.38 25.09
C ALA F 167 26.17 8.86 25.13
N HIS F 168 27.07 9.61 25.75
CA HIS F 168 28.50 9.25 25.75
C HIS F 168 29.08 9.48 27.15
N GLY F 169 29.02 8.43 27.97
CA GLY F 169 29.51 8.51 29.34
C GLY F 169 31.01 8.71 29.45
N HIS F 170 31.78 8.27 28.46
CA HIS F 170 33.24 8.36 28.51
C HIS F 170 33.70 9.72 27.96
N SER F 171 33.46 10.76 28.75
CA SER F 171 33.64 12.14 28.29
C SER F 171 34.02 13.04 29.45
N LYS F 172 34.65 14.17 29.12
CA LYS F 172 35.07 15.11 30.17
C LYS F 172 33.85 15.63 30.93
N GLY F 173 32.75 15.94 30.23
CA GLY F 173 31.56 16.47 30.90
C GLY F 173 31.04 15.52 31.98
N ILE F 174 30.88 14.25 31.65
CA ILE F 174 30.38 13.27 32.60
C ILE F 174 31.34 13.14 33.78
N ILE F 175 32.62 12.99 33.49
CA ILE F 175 33.57 12.74 34.56
C ILE F 175 33.66 13.95 35.49
N ASP F 176 33.67 15.17 34.93
CA ASP F 176 33.63 16.37 35.76
C ASP F 176 32.37 16.42 36.60
N THR F 177 31.24 16.00 36.04
CA THR F 177 30.00 15.99 36.81
C THR F 177 30.05 14.96 37.94
N VAL F 178 30.58 13.76 37.67
CA VAL F 178 30.76 12.75 38.73
C VAL F 178 31.56 13.32 39.88
N LYS F 179 32.74 13.89 39.58
CA LYS F 179 33.59 14.45 40.62
C LYS F 179 32.88 15.52 41.43
N ALA F 180 32.10 16.38 40.76
CA ALA F 180 31.41 17.46 41.47
C ALA F 180 30.31 16.90 42.37
N ILE F 181 29.58 15.91 41.90
CA ILE F 181 28.51 15.35 42.73
C ILE F 181 29.12 14.61 43.91
N LYS F 182 30.17 13.81 43.66
CA LYS F 182 30.81 13.07 44.75
C LYS F 182 31.51 14.01 45.72
N ALA F 183 32.06 15.13 45.25
CA ALA F 183 32.66 16.09 46.18
C ALA F 183 31.60 16.73 47.06
N LYS F 184 30.41 16.98 46.52
CA LYS F 184 29.38 17.65 47.31
C LYS F 184 28.53 16.66 48.12
N TYR F 185 28.26 15.47 47.57
CA TYR F 185 27.43 14.48 48.24
C TYR F 185 28.21 13.17 48.31
N PRO F 186 29.16 13.08 49.23
CA PRO F 186 30.03 11.88 49.29
C PRO F 186 29.29 10.57 49.41
N ASN F 187 28.10 10.55 50.02
CA ASN F 187 27.40 9.31 50.33
C ASN F 187 26.14 9.11 49.49
N LEU F 188 25.93 9.91 48.45
CA LEU F 188 24.87 9.69 47.48
C LEU F 188 25.33 8.63 46.47
N ASP F 189 24.55 7.56 46.25
CA ASP F 189 24.97 6.61 45.22
C ASP F 189 24.73 7.19 43.83
N LEU F 190 25.74 7.04 42.98
CA LEU F 190 25.76 7.65 41.67
C LEU F 190 26.06 6.56 40.65
N ILE F 191 25.13 6.39 39.70
CA ILE F 191 25.34 5.56 38.53
C ILE F 191 25.67 6.51 37.39
N ALA F 192 26.65 6.16 36.56
CA ALA F 192 26.95 6.96 35.37
C ALA F 192 27.08 6.09 34.14
N GLY F 193 26.73 6.68 32.99
CA GLY F 193 26.74 5.98 31.71
C GLY F 193 26.32 6.93 30.59
N ASN F 194 26.19 6.41 29.36
CA ASN F 194 26.49 5.00 29.10
C ASN F 194 27.86 4.78 28.47
N ILE F 195 28.42 3.59 28.67
CA ILE F 195 29.75 3.29 28.21
C ILE F 195 29.73 1.95 27.49
N ALA F 196 30.82 1.67 26.76
CA ALA F 196 30.92 0.38 26.06
C ALA F 196 32.34 -0.16 25.99
N THR F 197 33.31 0.40 26.72
CA THR F 197 34.69 -0.08 26.67
C THR F 197 35.27 -0.23 28.08
N ALA F 198 36.37 -1.00 28.15
CA ALA F 198 37.08 -1.14 29.42
C ALA F 198 37.71 0.17 29.85
N ALA F 199 38.28 0.94 28.91
CA ALA F 199 38.86 2.24 29.25
C ALA F 199 37.82 3.18 29.85
N ALA F 200 36.59 3.15 29.34
CA ALA F 200 35.53 3.98 29.91
C ALA F 200 35.16 3.53 31.32
N ALA F 201 35.02 2.22 31.52
CA ALA F 201 34.72 1.70 32.84
C ALA F 201 35.78 2.14 33.85
N LYS F 202 37.06 2.02 33.48
CA LYS F 202 38.13 2.43 34.38
C LYS F 202 38.04 3.91 34.72
N ALA F 203 37.74 4.75 33.71
CA ALA F 203 37.67 6.19 33.93
C ALA F 203 36.56 6.57 34.90
N LEU F 204 35.38 5.95 34.76
CA LEU F 204 34.27 6.27 35.65
C LEU F 204 34.51 5.73 37.07
N CYS F 205 35.03 4.51 37.19
CA CYS F 205 35.33 3.96 38.50
C CYS F 205 36.34 4.83 39.24
N GLU F 206 37.41 5.25 38.56
CA GLU F 206 38.39 6.14 39.19
C GLU F 206 37.78 7.49 39.55
N ALA F 207 36.86 8.00 38.72
CA ALA F 207 36.12 9.22 39.07
C ALA F 207 35.25 9.04 40.31
N GLY F 208 34.94 7.82 40.68
CA GLY F 208 34.21 7.53 41.89
C GLY F 208 32.74 7.12 41.74
N VAL F 209 32.32 6.58 40.58
CA VAL F 209 30.92 6.16 40.46
C VAL F 209 30.67 4.94 41.34
N ASP F 210 29.41 4.68 41.62
CA ASP F 210 29.02 3.53 42.42
C ASP F 210 28.50 2.39 41.56
N ALA F 211 28.30 2.62 40.26
CA ALA F 211 27.87 1.66 39.26
C ALA F 211 28.06 2.31 37.90
N VAL F 212 28.38 1.50 36.89
CA VAL F 212 28.50 1.98 35.53
C VAL F 212 27.38 1.35 34.72
N LYS F 213 26.86 2.09 33.75
CA LYS F 213 25.77 1.62 32.89
C LYS F 213 26.34 1.40 31.51
N VAL F 214 26.12 0.20 30.97
CA VAL F 214 26.80 -0.22 29.77
C VAL F 214 25.77 -0.37 28.65
N GLY F 215 26.02 0.30 27.53
CA GLY F 215 25.27 0.08 26.31
C GLY F 215 25.27 1.29 25.39
N ILE F 216 26.01 1.23 24.29
CA ILE F 216 25.98 2.25 23.26
C ILE F 216 25.37 1.62 22.01
N GLY F 217 24.13 1.96 21.71
CA GLY F 217 23.50 1.48 20.49
C GLY F 217 22.63 0.22 20.48
N PRO F 218 22.52 -0.58 21.55
CA PRO F 218 21.71 -1.79 21.42
C PRO F 218 20.22 -1.55 21.61
N GLY F 219 19.83 -0.38 22.11
CA GLY F 219 18.44 -0.14 22.42
C GLY F 219 17.53 -0.40 21.23
N SER F 220 16.35 -0.97 21.52
CA SER F 220 15.36 -1.27 20.48
C SER F 220 15.05 -0.05 19.62
N ILE F 221 14.81 1.10 20.27
CA ILE F 221 14.49 2.36 19.60
C ILE F 221 15.71 3.19 19.22
N CYS F 222 16.92 2.67 19.43
CA CYS F 222 18.17 3.42 19.25
C CYS F 222 18.68 3.33 17.81
N THR F 223 19.08 4.49 17.26
CA THR F 223 19.72 4.54 15.95
C THR F 223 21.16 5.04 16.01
N THR F 224 21.75 5.17 17.21
CA THR F 224 23.11 5.71 17.32
C THR F 224 24.09 5.03 16.37
N ARG F 225 24.05 3.71 16.29
CA ARG F 225 25.06 3.00 15.50
C ARG F 225 24.87 3.24 14.01
N ILE F 226 23.64 3.51 13.59
CA ILE F 226 23.38 3.76 12.17
C ILE F 226 23.71 5.20 11.80
N VAL F 227 23.36 6.15 12.67
CA VAL F 227 23.53 7.55 12.29
C VAL F 227 24.97 8.01 12.57
N SER F 228 25.66 7.43 13.56
CA SER F 228 27.04 7.82 13.85
C SER F 228 28.06 6.74 13.51
N GLY F 229 27.63 5.50 13.30
CA GLY F 229 28.59 4.42 13.07
C GLY F 229 29.33 3.93 14.30
N VAL F 230 28.93 4.35 15.51
CA VAL F 230 29.66 4.10 16.76
C VAL F 230 28.86 3.14 17.63
N GLY F 231 29.54 2.15 18.19
CA GLY F 231 28.91 1.25 19.14
C GLY F 231 29.72 -0.01 19.32
N VAL F 232 29.28 -0.82 20.28
CA VAL F 232 29.88 -2.13 20.54
C VAL F 232 28.76 -3.12 20.81
N PRO F 233 28.68 -4.24 20.08
CA PRO F 233 27.66 -5.26 20.38
C PRO F 233 27.64 -5.63 21.85
N GLN F 234 26.43 -5.81 22.40
CA GLN F 234 26.20 -5.61 23.83
C GLN F 234 26.85 -6.70 24.69
N ILE F 235 26.81 -7.97 24.28
CA ILE F 235 27.52 -9.01 25.04
C ILE F 235 29.00 -8.68 25.20
N SER F 236 29.68 -8.33 24.10
CA SER F 236 31.10 -7.97 24.20
C SER F 236 31.30 -6.71 25.04
N ALA F 237 30.38 -5.73 24.93
CA ALA F 237 30.51 -4.52 25.74
C ALA F 237 30.43 -4.84 27.23
N ILE F 238 29.41 -5.62 27.63
CA ILE F 238 29.29 -6.03 29.03
C ILE F 238 30.56 -6.73 29.48
N ASP F 239 31.00 -7.71 28.69
CA ASP F 239 32.16 -8.51 29.04
C ASP F 239 33.38 -7.63 29.31
N GLU F 240 33.65 -6.69 28.42
CA GLU F 240 34.82 -5.83 28.55
C GLU F 240 34.70 -4.93 29.78
N CYS F 241 33.49 -4.42 30.05
CA CYS F 241 33.32 -3.49 31.16
C CYS F 241 33.28 -4.20 32.52
N VAL F 242 32.71 -5.41 32.58
CA VAL F 242 32.68 -6.16 33.83
C VAL F 242 34.09 -6.52 34.29
N GLU F 243 34.86 -7.15 33.41
CA GLU F 243 36.27 -7.39 33.66
C GLU F 243 37.04 -6.18 34.18
N GLU F 244 36.72 -4.98 33.71
CA GLU F 244 37.40 -3.81 34.26
C GLU F 244 36.73 -3.32 35.54
N ALA F 245 35.40 -3.19 35.52
CA ALA F 245 34.70 -2.69 36.70
C ALA F 245 34.90 -3.58 37.92
N ASN F 246 34.97 -4.91 37.74
CA ASN F 246 35.17 -5.80 38.89
C ASN F 246 36.41 -5.43 39.68
N LYS F 247 37.46 -4.97 38.99
CA LYS F 247 38.69 -4.61 39.70
C LYS F 247 38.44 -3.50 40.71
N PHE F 248 37.34 -2.77 40.59
CA PHE F 248 37.00 -1.69 41.49
C PHE F 248 35.86 -2.05 42.43
N GLY F 249 35.36 -3.28 42.35
CA GLY F 249 34.14 -3.66 43.07
C GLY F 249 32.92 -2.90 42.62
N VAL F 250 32.89 -2.43 41.37
CA VAL F 250 31.83 -1.56 40.88
C VAL F 250 30.86 -2.40 40.07
N PRO F 251 29.57 -2.41 40.40
CA PRO F 251 28.61 -3.20 39.61
C PRO F 251 28.40 -2.61 38.23
N VAL F 252 28.07 -3.49 37.27
CA VAL F 252 27.72 -3.13 35.89
C VAL F 252 26.21 -3.32 35.67
N ILE F 253 25.56 -2.30 35.14
CA ILE F 253 24.17 -2.38 34.72
C ILE F 253 24.14 -2.56 33.20
N ALA F 254 23.55 -3.66 32.74
CA ALA F 254 23.44 -3.94 31.30
C ALA F 254 22.18 -3.27 30.77
N ASP F 255 22.37 -2.23 29.93
CA ASP F 255 21.29 -1.33 29.54
C ASP F 255 21.01 -1.46 28.05
N GLY F 256 19.91 -2.08 27.70
CA GLY F 256 19.46 -1.93 26.32
C GLY F 256 19.63 -3.20 25.54
N GLY F 257 18.70 -3.46 24.61
CA GLY F 257 18.81 -4.59 23.72
C GLY F 257 18.25 -5.90 24.25
N ILE F 258 17.63 -5.90 25.42
CA ILE F 258 17.01 -7.11 25.96
C ILE F 258 15.71 -7.34 25.21
N LYS F 259 15.60 -8.48 24.53
CA LYS F 259 14.45 -8.83 23.70
C LYS F 259 13.58 -9.88 24.36
N TYR F 260 14.21 -10.82 25.07
CA TYR F 260 13.55 -11.97 25.66
C TYR F 260 14.18 -12.23 27.02
N SER F 261 13.50 -13.03 27.85
CA SER F 261 14.05 -13.34 29.17
C SER F 261 15.42 -14.01 29.09
N GLY F 262 15.70 -14.76 28.02
CA GLY F 262 16.99 -15.39 27.88
C GLY F 262 18.13 -14.40 27.81
N ASP F 263 17.85 -13.19 27.26
CA ASP F 263 18.87 -12.16 27.16
C ASP F 263 19.23 -11.62 28.55
N ILE F 264 18.26 -11.55 29.45
CA ILE F 264 18.54 -11.19 30.83
C ILE F 264 19.52 -12.18 31.44
N ALA F 265 19.25 -13.47 31.28
CA ALA F 265 20.13 -14.49 31.84
C ALA F 265 21.51 -14.41 31.24
N LYS F 266 21.61 -14.23 29.92
CA LYS F 266 22.91 -14.08 29.28
C LYS F 266 23.67 -12.87 29.83
N ALA F 267 22.99 -11.73 29.99
CA ALA F 267 23.66 -10.53 30.51
C ALA F 267 24.22 -10.77 31.92
N LEU F 268 23.40 -11.31 32.81
CA LEU F 268 23.83 -11.57 34.17
C LEU F 268 24.94 -12.62 34.21
N ALA F 269 24.85 -13.64 33.37
CA ALA F 269 25.88 -14.69 33.34
C ALA F 269 27.22 -14.14 32.90
N VAL F 270 27.22 -13.23 31.91
CA VAL F 270 28.46 -12.60 31.48
C VAL F 270 29.07 -11.76 32.60
N GLY F 271 28.26 -11.31 33.56
CA GLY F 271 28.85 -10.56 34.67
C GLY F 271 28.17 -9.27 35.08
N ALA F 272 27.12 -8.88 34.38
CA ALA F 272 26.34 -7.73 34.81
C ALA F 272 25.65 -8.06 36.13
N SER F 273 25.50 -7.03 36.97
CA SER F 273 24.78 -7.21 38.24
C SER F 273 23.30 -6.95 38.11
N SER F 274 22.89 -6.14 37.14
CA SER F 274 21.48 -5.90 36.90
C SER F 274 21.31 -5.53 35.44
N VAL F 275 20.05 -5.40 35.03
CA VAL F 275 19.67 -5.19 33.63
C VAL F 275 18.62 -4.10 33.58
N MET F 276 18.79 -3.14 32.68
CA MET F 276 17.82 -2.08 32.48
C MET F 276 17.01 -2.36 31.21
N ILE F 277 15.69 -2.25 31.32
CA ILE F 277 14.79 -2.68 30.27
C ILE F 277 13.84 -1.54 29.91
N GLY F 278 13.61 -1.34 28.62
CA GLY F 278 12.68 -0.33 28.16
C GLY F 278 11.51 -0.90 27.38
N SER F 279 11.77 -1.46 26.19
CA SER F 279 10.66 -1.86 25.32
C SER F 279 9.77 -2.92 25.97
N LEU F 280 10.36 -3.83 26.76
CA LEU F 280 9.54 -4.89 27.34
C LEU F 280 8.61 -4.37 28.41
N LEU F 281 8.81 -3.14 28.88
CA LEU F 281 7.97 -2.56 29.92
C LEU F 281 7.11 -1.41 29.41
N ALA F 282 7.36 -0.90 28.21
CA ALA F 282 6.61 0.26 27.73
C ALA F 282 5.16 -0.09 27.43
N GLY F 283 4.84 -1.36 27.21
CA GLY F 283 3.49 -1.74 26.86
C GLY F 283 2.61 -2.10 28.03
N THR F 284 3.00 -1.70 29.25
CA THR F 284 2.28 -2.09 30.46
C THR F 284 1.32 -1.00 30.89
N ASP F 285 0.38 -1.39 31.77
CA ASP F 285 -0.57 -0.43 32.32
C ASP F 285 0.15 0.70 33.05
N GLU F 286 1.26 0.40 33.72
CA GLU F 286 1.89 1.36 34.61
C GLU F 286 2.81 2.35 33.90
N SER F 287 3.20 2.09 32.66
CA SER F 287 4.06 3.02 31.97
C SER F 287 3.26 4.26 31.60
N PRO F 288 3.93 5.39 31.35
CA PRO F 288 3.19 6.60 31.02
C PRO F 288 2.55 6.48 29.65
N GLY F 289 1.48 7.20 29.45
CA GLY F 289 0.92 7.12 28.12
C GLY F 289 -0.35 6.27 28.08
N GLU F 290 -1.25 6.64 27.17
CA GLU F 290 -2.52 5.94 27.03
C GLU F 290 -2.41 4.78 26.05
N LEU F 291 -3.20 3.74 26.31
CA LEU F 291 -3.50 2.75 25.28
C LEU F 291 -4.17 3.40 24.07
N PHE F 292 -3.84 2.89 22.89
CA PHE F 292 -4.61 3.22 21.69
C PHE F 292 -4.73 1.96 20.83
N THR F 293 -5.69 1.99 19.93
CA THR F 293 -5.97 0.87 19.03
C THR F 293 -5.48 1.20 17.62
N TYR F 294 -4.78 0.26 17.03
CA TYR F 294 -4.38 0.37 15.68
C TYR F 294 -4.77 -0.94 15.02
N GLN F 295 -5.63 -0.82 14.02
CA GLN F 295 -6.07 -1.98 13.22
C GLN F 295 -6.41 -3.16 14.11
N GLY F 296 -7.33 -2.91 15.02
CA GLY F 296 -7.92 -3.96 15.81
C GLY F 296 -7.11 -4.46 16.99
N ARG F 297 -5.90 -3.92 17.21
CA ARG F 297 -5.05 -4.34 18.31
C ARG F 297 -4.61 -3.15 19.17
N GLN F 298 -4.28 -3.38 20.43
CA GLN F 298 -3.92 -2.31 21.35
C GLN F 298 -2.41 -2.14 21.48
N TYR F 299 -1.99 -0.89 21.63
CA TYR F 299 -0.58 -0.48 21.66
C TYR F 299 -0.41 0.69 22.62
N LYS F 300 0.83 0.92 23.01
CA LYS F 300 1.23 2.16 23.67
C LYS F 300 2.43 2.72 22.92
N SER F 301 2.58 4.05 22.94
CA SER F 301 3.73 4.67 22.30
C SER F 301 5.00 4.27 23.03
N TYR F 302 6.09 4.19 22.27
CA TYR F 302 7.41 3.99 22.86
C TYR F 302 8.42 4.67 21.96
N ARG F 303 9.29 5.50 22.54
CA ARG F 303 10.16 6.32 21.72
C ARG F 303 11.50 6.52 22.41
N GLY F 304 12.54 6.68 21.61
CA GLY F 304 13.83 7.01 22.16
C GLY F 304 13.80 8.39 22.78
N MET F 305 14.56 8.55 23.87
CA MET F 305 14.76 9.88 24.44
C MET F 305 15.58 10.78 23.53
N GLY F 306 16.26 10.20 22.55
CA GLY F 306 16.93 10.95 21.50
C GLY F 306 16.13 11.07 20.22
N SER F 307 14.83 10.76 20.25
CA SER F 307 14.00 10.93 19.07
C SER F 307 13.51 12.37 18.97
N LEU F 308 13.05 12.77 17.78
CA LEU F 308 12.50 14.12 17.63
C LEU F 308 11.36 14.37 18.62
N GLY F 309 10.42 13.44 18.71
CA GLY F 309 9.28 13.65 19.59
C GLY F 309 9.69 13.96 21.01
N ALA F 310 10.64 13.20 21.54
CA ALA F 310 11.05 13.38 22.93
C ALA F 310 11.82 14.69 23.12
N MET F 311 12.66 15.08 22.15
CA MET F 311 13.49 16.26 22.33
C MET F 311 12.73 17.56 22.12
N GLN F 312 11.55 17.51 21.51
CA GLN F 312 10.76 18.70 21.26
C GLN F 312 9.68 18.90 22.32
N LYS F 313 9.78 18.21 23.45
CA LYS F 313 8.71 18.22 24.45
C LYS F 313 8.54 19.58 25.11
N LEU F 329 18.09 19.73 14.59
N LEU F 329 20.97 18.62 18.58
CA LEU F 329 18.18 18.51 15.39
CA LEU F 329 21.69 17.69 17.72
C LEU F 329 18.47 17.28 14.53
C LEU F 329 20.73 16.86 16.91
N VAL F 330 19.44 16.51 15.01
N VAL F 330 21.29 16.13 15.96
CA VAL F 330 19.83 15.23 14.43
CA VAL F 330 20.51 15.30 15.04
C VAL F 330 19.53 14.15 15.45
C VAL F 330 19.99 14.08 15.79
N PRO F 331 18.42 13.43 15.30
N PRO F 331 18.75 13.62 15.54
CA PRO F 331 18.04 12.46 16.34
CA PRO F 331 18.18 12.57 16.40
C PRO F 331 18.93 11.23 16.30
C PRO F 331 18.98 11.27 16.32
N GLU F 332 19.02 10.58 17.45
CA GLU F 332 19.57 9.25 17.62
C GLU F 332 18.57 8.18 18.05
N GLY F 333 17.29 8.40 17.78
CA GLY F 333 16.27 7.42 18.12
C GLY F 333 15.02 7.68 17.31
N ILE F 334 14.06 6.76 17.43
CA ILE F 334 12.84 6.84 16.66
C ILE F 334 11.65 6.89 17.61
N GLU F 335 10.50 7.22 17.02
CA GLU F 335 9.21 7.22 17.70
C GLU F 335 8.42 6.03 17.20
N GLY F 336 7.87 5.24 18.11
CA GLY F 336 7.16 4.05 17.68
C GLY F 336 6.08 3.54 18.60
N ARG F 337 5.69 2.27 18.47
CA ARG F 337 4.66 1.69 19.33
C ARG F 337 5.02 0.24 19.64
N VAL F 338 4.51 -0.25 20.77
CA VAL F 338 4.70 -1.66 21.14
C VAL F 338 3.35 -2.23 21.55
N PRO F 339 3.14 -3.53 21.41
CA PRO F 339 1.85 -4.12 21.81
C PRO F 339 1.58 -3.89 23.29
N TYR F 340 0.30 -3.75 23.63
CA TYR F 340 -0.11 -3.76 25.03
C TYR F 340 0.05 -5.15 25.64
N VAL F 341 0.65 -5.24 26.83
CA VAL F 341 0.97 -6.54 27.44
C VAL F 341 0.45 -6.65 28.87
N GLY F 342 -0.46 -5.77 29.27
CA GLY F 342 -1.00 -5.85 30.61
C GLY F 342 -0.11 -5.27 31.69
N SER F 343 -0.05 -5.89 32.85
CA SER F 343 0.62 -5.29 34.00
C SER F 343 2.12 -5.55 33.99
N ILE F 344 2.89 -4.60 34.54
CA ILE F 344 4.30 -4.86 34.84
C ILE F 344 4.46 -6.14 35.66
N ARG F 345 3.50 -6.41 36.54
CA ARG F 345 3.62 -7.60 37.38
C ARG F 345 3.63 -8.87 36.55
N SER F 346 2.77 -8.98 35.55
CA SER F 346 2.76 -10.19 34.75
C SER F 346 4.01 -10.27 33.87
N VAL F 347 4.46 -9.14 33.31
CA VAL F 347 5.68 -9.15 32.50
C VAL F 347 6.88 -9.55 33.35
N VAL F 348 7.05 -8.90 34.51
CA VAL F 348 8.20 -9.24 35.37
C VAL F 348 8.15 -10.71 35.77
N HIS F 349 6.95 -11.24 36.02
CA HIS F 349 6.83 -12.66 36.40
C HIS F 349 7.41 -13.57 35.32
N GLN F 350 7.06 -13.30 34.05
CA GLN F 350 7.62 -14.08 32.95
C GLN F 350 9.13 -13.89 32.81
N LEU F 351 9.62 -12.65 32.93
CA LEU F 351 11.06 -12.41 32.76
C LEU F 351 11.88 -13.10 33.84
N LEU F 352 11.47 -12.96 35.11
CA LEU F 352 12.19 -13.62 36.19
C LEU F 352 12.03 -15.14 36.13
N GLY F 353 10.90 -15.64 35.62
CA GLY F 353 10.78 -17.08 35.48
C GLY F 353 11.75 -17.64 34.45
N GLY F 354 12.00 -16.89 33.38
CA GLY F 354 13.04 -17.28 32.43
C GLY F 354 14.41 -17.35 33.07
N LEU F 355 14.75 -16.33 33.88
CA LEU F 355 16.02 -16.30 34.61
C LEU F 355 16.13 -17.45 35.59
N ARG F 356 15.06 -17.75 36.33
CA ARG F 356 15.08 -18.87 37.27
C ARG F 356 15.32 -20.18 36.54
N SER F 357 14.63 -20.37 35.41
CA SER F 357 14.87 -21.54 34.57
C SER F 357 16.33 -21.61 34.14
N SER F 358 16.87 -20.48 33.69
CA SER F 358 18.26 -20.44 33.25
C SER F 358 19.21 -20.85 34.37
N MET F 359 18.99 -20.32 35.57
CA MET F 359 19.86 -20.66 36.69
C MET F 359 19.69 -22.13 37.04
N GLY F 360 18.46 -22.64 36.89
CA GLY F 360 18.24 -24.06 37.05
C GLY F 360 19.07 -24.89 36.10
N TYR F 361 19.12 -24.49 34.81
CA TYR F 361 19.86 -25.32 33.86
C TYR F 361 21.36 -25.25 34.09
N VAL F 362 21.85 -24.12 34.61
CA VAL F 362 23.27 -23.94 34.85
C VAL F 362 23.69 -24.53 36.18
N GLY F 363 22.73 -24.81 37.06
CA GLY F 363 23.04 -25.37 38.36
C GLY F 363 23.34 -24.34 39.43
N ALA F 364 22.95 -23.09 39.22
CA ALA F 364 23.39 -21.99 40.06
C ALA F 364 22.39 -21.68 41.17
N LYS F 365 22.88 -21.57 42.40
CA LYS F 365 21.98 -21.23 43.49
C LYS F 365 21.72 -19.74 43.61
N ASP F 366 22.62 -18.89 43.09
CA ASP F 366 22.42 -17.45 43.17
C ASP F 366 23.20 -16.81 42.02
N ILE F 367 23.05 -15.48 41.89
CA ILE F 367 23.62 -14.82 40.72
C ILE F 367 25.13 -14.95 40.71
N GLU F 368 25.76 -14.83 41.88
CA GLU F 368 27.21 -14.95 41.95
C GLU F 368 27.68 -16.35 41.55
N ASP F 369 26.96 -17.38 42.00
CA ASP F 369 27.29 -18.73 41.58
C ASP F 369 27.00 -18.92 40.09
N PHE F 370 25.96 -18.24 39.58
CA PHE F 370 25.60 -18.31 38.16
C PHE F 370 26.73 -17.77 37.29
N GLN F 371 27.36 -16.66 37.72
CA GLN F 371 28.44 -16.06 36.93
C GLN F 371 29.69 -16.92 36.99
N LYS F 372 29.95 -17.56 38.14
CA LYS F 372 31.12 -18.42 38.30
C LYS F 372 31.00 -19.70 37.49
N ARG F 373 29.79 -20.26 37.36
CA ARG F 373 29.54 -21.49 36.63
C ARG F 373 29.34 -21.32 35.13
N ALA F 374 29.02 -20.11 34.66
CA ALA F 374 28.50 -19.96 33.30
C ALA F 374 29.56 -20.26 32.25
N GLU F 375 29.20 -21.11 31.28
CA GLU F 375 29.99 -21.33 30.07
C GLU F 375 29.11 -21.10 28.85
N PHE F 376 29.66 -20.50 27.81
CA PHE F 376 28.92 -20.12 26.61
C PHE F 376 29.41 -20.88 25.38
N VAL F 377 28.55 -21.03 24.40
CA VAL F 377 28.99 -21.33 23.04
C VAL F 377 28.60 -20.18 22.12
N GLU F 378 29.44 -19.94 21.12
CA GLU F 378 29.09 -19.09 20.01
C GLU F 378 28.32 -19.88 18.98
N ILE F 379 27.27 -19.28 18.41
CA ILE F 379 26.42 -19.99 17.46
C ILE F 379 26.40 -19.24 16.13
N THR F 380 25.86 -19.91 15.11
CA THR F 380 25.72 -19.32 13.79
C THR F 380 24.29 -18.84 13.58
N THR F 381 24.06 -18.20 12.44
CA THR F 381 22.72 -17.78 12.04
C THR F 381 21.77 -18.98 11.96
N ALA F 382 22.20 -20.08 11.32
CA ALA F 382 21.42 -21.31 11.36
C ALA F 382 21.13 -21.73 12.80
N GLY F 383 22.12 -21.62 13.70
CA GLY F 383 21.88 -21.96 15.09
C GLY F 383 20.84 -21.06 15.73
N LEU F 384 20.86 -19.77 15.41
CA LEU F 384 19.84 -18.86 15.90
C LEU F 384 18.47 -19.24 15.37
N LYS F 385 18.36 -19.56 14.07
CA LYS F 385 17.06 -19.96 13.55
C LYS F 385 16.58 -21.26 14.19
N GLU F 386 17.50 -22.19 14.49
CA GLU F 386 17.14 -23.42 15.22
C GLU F 386 16.60 -23.11 16.61
N SER F 387 17.10 -22.04 17.23
CA SER F 387 16.78 -21.73 18.62
C SER F 387 15.37 -21.15 18.76
N HIS F 388 15.01 -20.22 17.88
CA HIS F 388 13.63 -19.78 17.75
C HIS F 388 12.72 -20.93 17.31
N VAL F 389 11.41 -20.65 17.38
CA VAL F 389 10.44 -21.55 16.79
C VAL F 389 10.69 -21.57 15.28
N HIS F 390 10.55 -22.75 14.69
CA HIS F 390 10.81 -22.89 13.27
C HIS F 390 9.95 -24.02 12.74
N ASP F 391 9.49 -23.87 11.50
CA ASP F 391 8.80 -24.92 10.75
C ASP F 391 7.45 -25.31 11.35
N VAL F 392 6.87 -24.43 12.16
CA VAL F 392 5.54 -24.63 12.73
C VAL F 392 4.88 -23.27 12.82
N THR F 393 3.60 -23.20 12.47
CA THR F 393 2.86 -21.95 12.54
C THR F 393 2.27 -21.77 13.94
N ILE F 394 2.69 -20.71 14.64
CA ILE F 394 2.17 -20.45 15.97
C ILE F 394 0.70 -20.02 15.88
N THR F 395 -0.16 -20.72 16.63
CA THR F 395 -1.58 -20.41 16.68
C THR F 395 -2.06 -19.86 18.01
N HIS F 396 -1.33 -20.12 19.09
CA HIS F 396 -1.72 -19.63 20.39
C HIS F 396 -0.68 -18.68 20.92
N GLU F 397 -1.08 -17.96 21.95
CA GLU F 397 -0.35 -16.75 22.29
C GLU F 397 0.59 -17.15 23.44
N ALA F 398 1.82 -16.94 23.31
CA ALA F 398 2.62 -17.43 24.45
C ALA F 398 3.03 -16.26 25.32
N PRO F 399 2.93 -16.36 26.64
CA PRO F 399 3.17 -15.18 27.49
C PRO F 399 4.60 -14.67 27.47
N ASN F 400 5.54 -15.51 27.09
CA ASN F 400 6.94 -15.13 27.07
C ASN F 400 7.65 -15.25 25.72
N TYR F 401 6.90 -15.48 24.65
CA TYR F 401 7.50 -15.57 23.35
C TYR F 401 6.69 -14.90 22.25
N LYS F 402 7.30 -13.93 21.58
CA LYS F 402 6.69 -13.22 20.45
C LYS F 402 7.71 -13.15 19.34
N ALA G 24 36.41 -11.54 30.25
CA ALA G 24 36.85 -12.91 30.50
C ALA G 24 35.67 -13.87 30.60
N MET G 25 34.59 -13.60 29.88
CA MET G 25 33.54 -14.60 29.77
C MET G 25 34.10 -15.83 29.07
N LYS G 26 33.49 -16.96 29.36
CA LYS G 26 34.05 -18.25 28.99
C LYS G 26 33.24 -18.81 27.82
N ILE G 27 33.78 -18.68 26.61
CA ILE G 27 33.21 -19.28 25.41
C ILE G 27 34.06 -20.51 25.08
N VAL G 28 33.45 -21.70 25.18
CA VAL G 28 34.25 -22.90 25.06
C VAL G 28 34.45 -23.29 23.60
N LYS G 29 33.47 -23.02 22.73
CA LYS G 29 33.63 -23.36 21.32
C LYS G 29 32.60 -22.61 20.49
N ARG G 30 32.80 -22.66 19.19
CA ARG G 30 31.81 -22.24 18.22
C ARG G 30 31.05 -23.48 17.78
N ALA G 31 29.74 -23.48 18.00
CA ALA G 31 28.92 -24.68 17.82
C ALA G 31 28.06 -24.57 16.57
N LEU G 32 27.98 -25.68 15.83
CA LEU G 32 27.30 -25.74 14.55
C LEU G 32 25.98 -26.50 14.65
N THR G 33 25.08 -26.23 13.72
CA THR G 33 23.94 -27.13 13.58
C THR G 33 23.78 -27.59 12.13
N PHE G 34 22.63 -28.19 11.82
CA PHE G 34 22.48 -28.98 10.60
C PHE G 34 22.78 -28.15 9.34
N GLU G 35 22.18 -26.97 9.23
CA GLU G 35 22.35 -26.17 8.02
C GLU G 35 23.76 -25.61 7.87
N ASP G 36 24.63 -25.74 8.88
CA ASP G 36 26.01 -25.25 8.75
C ASP G 36 26.92 -26.22 8.00
N VAL G 37 26.50 -27.45 7.75
CA VAL G 37 27.41 -28.47 7.24
C VAL G 37 26.72 -29.27 6.13
N LEU G 38 27.55 -29.86 5.27
CA LEU G 38 27.10 -30.80 4.25
C LEU G 38 28.06 -31.96 4.19
N LEU G 39 27.54 -33.14 3.84
CA LEU G 39 28.39 -34.31 3.64
C LEU G 39 29.04 -34.27 2.27
N ARG G 40 30.33 -34.63 2.22
CA ARG G 40 30.99 -34.74 0.93
C ARG G 40 30.65 -36.09 0.28
N PRO G 41 30.39 -36.11 -1.02
CA PRO G 41 30.23 -37.39 -1.72
C PRO G 41 31.52 -38.20 -1.61
N GLY G 42 31.39 -39.54 -1.61
CA GLY G 42 32.53 -40.42 -1.64
C GLY G 42 32.42 -41.43 -2.77
N TYR G 43 33.53 -42.14 -3.01
CA TYR G 43 33.49 -43.23 -3.98
C TYR G 43 32.51 -44.30 -3.51
N SER G 44 31.60 -44.72 -4.39
CA SER G 44 30.49 -45.55 -4.00
C SER G 44 30.35 -46.78 -4.90
N GLU G 45 30.16 -47.94 -4.27
CA GLU G 45 29.82 -49.16 -4.99
C GLU G 45 28.46 -49.70 -4.57
N VAL G 46 27.63 -48.87 -3.96
CA VAL G 46 26.33 -49.32 -3.50
C VAL G 46 25.26 -48.36 -3.99
N LEU G 47 24.13 -48.90 -4.35
CA LEU G 47 22.95 -48.11 -4.69
C LEU G 47 22.13 -47.86 -3.44
N PRO G 48 21.36 -46.78 -3.41
CA PRO G 48 20.50 -46.52 -2.24
C PRO G 48 19.58 -47.67 -1.88
N LYS G 49 19.07 -48.42 -2.86
CA LYS G 49 18.18 -49.54 -2.55
C LYS G 49 18.89 -50.66 -1.80
N GLU G 50 20.23 -50.67 -1.83
CA GLU G 50 20.99 -51.78 -1.31
C GLU G 50 21.50 -51.56 0.12
N VAL G 51 21.56 -50.32 0.59
CA VAL G 51 22.20 -50.06 1.87
C VAL G 51 21.33 -50.61 3.00
N LYS G 52 21.99 -50.87 4.13
CA LYS G 52 21.33 -51.40 5.31
C LYS G 52 21.22 -50.28 6.35
N ILE G 53 20.03 -50.10 6.91
CA ILE G 53 19.81 -48.96 7.78
C ILE G 53 19.41 -49.38 9.20
N HIS G 54 19.65 -50.63 9.58
CA HIS G 54 19.47 -51.04 10.96
C HIS G 54 20.48 -50.33 11.86
N THR G 55 20.15 -50.24 13.15
CA THR G 55 20.96 -49.48 14.10
C THR G 55 20.58 -49.90 15.51
N LYS G 56 21.15 -49.22 16.50
CA LYS G 56 20.90 -49.51 17.91
C LYS G 56 19.97 -48.45 18.48
N LEU G 57 18.93 -48.89 19.18
CA LEU G 57 18.15 -47.98 20.01
C LEU G 57 18.85 -47.80 21.35
N THR G 58 19.11 -48.90 22.04
CA THR G 58 19.81 -48.93 23.30
C THR G 58 20.91 -49.96 23.18
N LYS G 59 21.67 -50.13 24.27
CA LYS G 59 22.71 -51.14 24.29
C LYS G 59 22.16 -52.52 23.94
N ASN G 60 20.88 -52.78 24.26
CA ASN G 60 20.30 -54.11 24.12
C ASN G 60 19.16 -54.18 23.10
N ILE G 61 18.73 -53.08 22.52
CA ILE G 61 17.58 -53.06 21.63
C ILE G 61 18.00 -52.48 20.28
N THR G 62 17.76 -53.23 19.22
CA THR G 62 18.05 -52.78 17.86
C THR G 62 16.80 -52.17 17.20
N LEU G 63 17.06 -51.33 16.20
CA LEU G 63 16.04 -50.83 15.30
C LEU G 63 16.34 -51.37 13.91
N ASN G 64 15.28 -51.64 13.15
CA ASN G 64 15.48 -51.97 11.75
C ASN G 64 15.57 -50.72 10.87
N MET G 65 15.17 -49.58 11.41
CA MET G 65 15.26 -48.27 10.74
C MET G 65 15.52 -47.28 11.87
N PRO G 66 16.21 -46.18 11.60
CA PRO G 66 16.67 -45.37 12.74
C PRO G 66 15.75 -44.23 13.21
N LEU G 67 14.42 -44.33 13.01
CA LEU G 67 13.49 -43.25 13.35
C LEU G 67 12.64 -43.59 14.57
N ILE G 68 12.49 -42.61 15.46
CA ILE G 68 11.68 -42.73 16.68
C ILE G 68 10.69 -41.57 16.70
N SER G 69 9.41 -41.84 16.97
CA SER G 69 8.45 -40.75 17.03
C SER G 69 8.44 -40.16 18.44
N ALA G 70 8.27 -38.84 18.51
CA ALA G 70 8.44 -38.12 19.78
C ALA G 70 7.36 -38.47 20.81
N ALA G 71 7.72 -38.33 22.08
CA ALA G 71 6.82 -38.59 23.20
C ALA G 71 5.99 -37.33 23.49
N MET G 72 5.07 -37.05 22.58
CA MET G 72 4.31 -35.80 22.60
C MET G 72 2.83 -36.10 22.38
N ASP G 73 1.97 -35.36 23.09
CA ASP G 73 0.54 -35.63 23.00
C ASP G 73 -0.07 -35.17 21.66
N THR G 74 0.71 -34.59 20.75
CA THR G 74 0.25 -34.37 19.39
C THR G 74 1.04 -35.19 18.37
N VAL G 75 1.81 -36.17 18.83
CA VAL G 75 2.54 -37.04 17.90
C VAL G 75 2.24 -38.51 18.18
N THR G 76 2.56 -39.03 19.38
CA THR G 76 2.61 -40.48 19.57
C THR G 76 1.62 -40.98 20.62
N GLU G 77 0.55 -41.65 20.16
CA GLU G 77 -0.18 -42.62 20.95
C GLU G 77 -0.15 -43.94 20.20
N HIS G 78 -1.08 -44.87 20.45
CA HIS G 78 -0.83 -46.24 19.98
C HIS G 78 -0.82 -46.34 18.47
N ARG G 79 -1.66 -45.58 17.76
N ARG G 79 -1.62 -45.60 17.72
CA ARG G 79 -1.69 -45.68 16.31
CA ARG G 79 -1.64 -45.69 16.27
C ARG G 79 -0.38 -45.29 15.64
C ARG G 79 -0.36 -45.27 15.59
N ALA G 80 0.21 -44.18 16.05
CA ALA G 80 1.50 -43.80 15.50
C ALA G 80 2.60 -44.77 15.92
N ALA G 81 2.58 -45.23 17.17
CA ALA G 81 3.64 -46.11 17.65
C ALA G 81 3.58 -47.48 16.96
N ILE G 82 2.38 -47.99 16.66
CA ILE G 82 2.27 -49.22 15.91
C ILE G 82 2.91 -49.08 14.53
N MET G 83 2.62 -47.98 13.82
CA MET G 83 3.18 -47.82 12.48
C MET G 83 4.70 -47.68 12.54
N MET G 84 5.21 -46.86 13.47
CA MET G 84 6.66 -46.71 13.63
C MET G 84 7.34 -48.06 13.80
N ALA G 85 6.78 -48.92 14.66
CA ALA G 85 7.38 -50.23 14.88
C ALA G 85 7.21 -51.15 13.67
N ARG G 86 6.04 -51.12 13.04
CA ARG G 86 5.82 -51.92 11.84
C ARG G 86 6.85 -51.59 10.75
N LEU G 87 7.24 -50.32 10.65
CA LEU G 87 8.18 -49.88 9.63
C LEU G 87 9.62 -50.04 10.09
N GLY G 88 9.85 -50.50 11.32
CA GLY G 88 11.17 -50.85 11.78
C GLY G 88 11.71 -49.95 12.87
N GLY G 89 10.97 -48.93 13.27
CA GLY G 89 11.39 -47.96 14.26
C GLY G 89 10.72 -48.17 15.59
N LEU G 90 10.41 -47.04 16.26
CA LEU G 90 9.82 -47.07 17.59
C LEU G 90 8.98 -45.83 17.78
N GLY G 91 7.89 -45.96 18.54
CA GLY G 91 7.14 -44.82 19.03
C GLY G 91 7.25 -44.77 20.54
N VAL G 92 7.27 -43.55 21.10
CA VAL G 92 7.32 -43.39 22.55
C VAL G 92 5.99 -42.77 22.97
N ILE G 93 5.17 -43.54 23.69
CA ILE G 93 3.88 -43.07 24.18
C ILE G 93 4.11 -41.92 25.15
N HIS G 94 3.39 -40.82 24.95
CA HIS G 94 3.66 -39.66 25.81
C HIS G 94 3.10 -39.91 27.21
N LYS G 95 3.54 -39.09 28.17
CA LYS G 95 3.17 -39.27 29.57
C LYS G 95 2.10 -38.29 30.03
N ASN G 96 1.50 -37.53 29.12
CA ASN G 96 0.48 -36.56 29.50
C ASN G 96 -0.89 -37.25 29.56
N MET G 97 -0.92 -38.32 30.35
CA MET G 97 -2.10 -39.12 30.59
C MET G 97 -1.91 -39.87 31.89
N ASP G 98 -2.99 -40.44 32.37
CA ASP G 98 -3.00 -41.20 33.59
C ASP G 98 -2.28 -42.55 33.37
N ILE G 99 -1.86 -43.18 34.47
CA ILE G 99 -1.04 -44.39 34.36
C ILE G 99 -1.80 -45.48 33.63
N ALA G 100 -3.07 -45.67 33.97
CA ALA G 100 -3.89 -46.70 33.33
C ALA G 100 -4.02 -46.47 31.83
N SER G 101 -4.09 -45.20 31.40
CA SER G 101 -4.23 -44.93 29.97
C SER G 101 -2.93 -45.25 29.23
N GLN G 102 -1.79 -44.94 29.85
CA GLN G 102 -0.52 -45.22 29.20
C GLN G 102 -0.26 -46.71 29.15
N VAL G 103 -0.62 -47.43 30.22
CA VAL G 103 -0.56 -48.90 30.22
C VAL G 103 -1.37 -49.49 29.07
N ARG G 104 -2.61 -49.03 28.87
CA ARG G 104 -3.38 -49.55 27.75
C ARG G 104 -2.88 -49.08 26.39
N GLU G 105 -2.24 -47.90 26.28
CA GLU G 105 -1.61 -47.59 25.01
C GLU G 105 -0.48 -48.57 24.73
N VAL G 106 0.36 -48.84 25.74
CA VAL G 106 1.43 -49.83 25.58
C VAL G 106 0.87 -51.19 25.16
N LYS G 107 -0.18 -51.66 25.85
CA LYS G 107 -0.70 -52.98 25.54
C LYS G 107 -1.25 -53.04 24.12
N ARG G 108 -1.84 -51.95 23.65
CA ARG G 108 -2.34 -51.88 22.28
C ARG G 108 -1.22 -51.85 21.23
N VAL G 109 -0.04 -51.31 21.53
CA VAL G 109 1.03 -51.30 20.54
C VAL G 109 1.66 -52.69 20.39
N LYS G 110 1.86 -53.35 21.53
CA LYS G 110 2.49 -54.66 21.58
C LYS G 110 1.65 -55.79 21.02
N LYS G 111 1.53 -55.78 19.71
CA LYS G 111 0.79 -56.75 18.97
C LYS G 111 1.73 -57.55 18.09
N SER G 112 1.25 -58.69 17.65
CA SER G 112 2.00 -59.57 16.77
C SER G 112 2.06 -58.97 15.37
N GLU G 113 2.96 -59.46 14.55
CA GLU G 113 3.04 -58.97 13.19
C GLU G 113 3.53 -60.05 12.25
N LYS G 124 6.65 -60.53 5.87
CA LYS G 124 5.33 -60.71 5.26
C LYS G 124 4.88 -59.40 4.63
N GLU G 125 3.92 -58.81 5.33
CA GLU G 125 3.32 -57.54 4.93
C GLU G 125 4.16 -56.38 5.43
N TYR G 126 4.68 -56.50 6.66
CA TYR G 126 5.63 -55.56 7.26
C TYR G 126 6.89 -56.34 7.57
N PRO G 127 7.71 -56.64 6.55
CA PRO G 127 8.88 -57.52 6.77
C PRO G 127 9.95 -56.90 7.64
N ASP G 128 9.91 -55.58 7.87
CA ASP G 128 10.93 -54.93 8.69
C ASP G 128 10.42 -54.58 10.06
N ALA G 129 9.28 -55.15 10.48
CA ALA G 129 8.70 -54.86 11.78
C ALA G 129 9.73 -55.06 12.89
N ASN G 130 9.74 -54.11 13.83
CA ASN G 130 10.66 -54.14 14.96
C ASN G 130 9.98 -54.81 16.16
N LYS G 131 10.43 -56.02 16.49
CA LYS G 131 9.70 -56.93 17.37
C LYS G 131 10.61 -57.42 18.48
N ASP G 132 10.00 -57.76 19.62
CA ASP G 132 10.75 -58.24 20.77
C ASP G 132 10.98 -59.74 20.62
N ASN G 133 11.49 -60.37 21.66
CA ASN G 133 11.78 -61.79 21.67
C ASN G 133 10.55 -62.68 21.48
N PHE G 134 9.39 -62.18 21.88
CA PHE G 134 8.15 -62.93 21.74
C PHE G 134 7.35 -62.63 20.47
N GLY G 135 7.91 -61.85 19.56
CA GLY G 135 7.23 -61.48 18.34
C GLY G 135 6.28 -60.31 18.45
N ARG G 136 6.28 -59.57 19.55
CA ARG G 136 5.38 -58.44 19.70
C ARG G 136 6.11 -57.14 19.35
N LEU G 137 5.40 -56.21 18.72
CA LEU G 137 6.00 -54.93 18.35
C LEU G 137 6.60 -54.27 19.57
N ARG G 138 7.78 -53.68 19.40
CA ARG G 138 8.39 -52.94 20.48
C ARG G 138 7.79 -51.55 20.61
N VAL G 139 7.82 -51.01 21.82
CA VAL G 139 7.23 -49.72 22.12
C VAL G 139 7.96 -49.13 23.32
N GLY G 140 8.04 -47.80 23.37
CA GLY G 140 8.53 -47.09 24.52
C GLY G 140 7.42 -46.27 25.17
N ALA G 141 7.70 -45.85 26.40
CA ALA G 141 6.77 -45.04 27.15
C ALA G 141 7.57 -44.04 27.97
N ALA G 142 7.11 -42.79 27.96
CA ALA G 142 7.80 -41.72 28.66
C ALA G 142 7.38 -41.71 30.12
N ILE G 143 8.34 -41.35 30.98
CA ILE G 143 8.08 -41.14 32.40
C ILE G 143 8.79 -39.87 32.82
N GLY G 144 8.38 -39.34 33.97
CA GLY G 144 9.04 -38.20 34.58
C GLY G 144 9.74 -38.59 35.88
N VAL G 145 10.40 -37.60 36.47
CA VAL G 145 11.10 -37.80 37.72
C VAL G 145 10.10 -38.23 38.80
N GLY G 146 10.53 -39.16 39.65
CA GLY G 146 9.72 -39.54 40.79
C GLY G 146 8.43 -40.24 40.45
N GLN G 147 8.38 -40.94 39.32
CA GLN G 147 7.15 -41.63 38.96
C GLN G 147 7.37 -43.14 39.00
N MET G 148 7.79 -43.66 40.14
CA MET G 148 8.01 -45.10 40.23
C MET G 148 6.74 -45.90 40.03
N ASP G 149 5.62 -45.41 40.56
CA ASP G 149 4.35 -46.11 40.37
C ASP G 149 4.05 -46.30 38.88
N ARG G 150 4.31 -45.28 38.07
CA ARG G 150 4.11 -45.40 36.62
C ARG G 150 5.05 -46.43 36.02
N VAL G 151 6.33 -46.39 36.43
CA VAL G 151 7.30 -47.37 35.93
C VAL G 151 6.85 -48.79 36.27
N ASP G 152 6.44 -49.00 37.51
CA ASP G 152 5.97 -50.32 37.96
C ASP G 152 4.88 -50.86 37.04
N ALA G 153 3.91 -50.02 36.71
CA ALA G 153 2.79 -50.44 35.87
C ALA G 153 3.22 -50.61 34.42
N LEU G 154 4.15 -49.79 33.93
CA LEU G 154 4.64 -49.95 32.57
C LEU G 154 5.43 -51.25 32.41
N VAL G 155 6.25 -51.60 33.41
CA VAL G 155 6.98 -52.86 33.39
C VAL G 155 6.01 -54.03 33.29
N GLU G 156 4.99 -54.04 34.14
CA GLU G 156 4.08 -55.18 34.15
C GLU G 156 3.27 -55.26 32.86
N ALA G 157 3.08 -54.16 32.15
CA ALA G 157 2.48 -54.19 30.82
C ALA G 157 3.44 -54.63 29.73
N GLY G 158 4.71 -54.87 30.07
CA GLY G 158 5.69 -55.35 29.11
C GLY G 158 6.36 -54.31 28.24
N VAL G 159 6.40 -53.04 28.66
CA VAL G 159 7.03 -52.01 27.84
C VAL G 159 8.49 -52.38 27.56
N ASP G 160 8.95 -52.09 26.33
CA ASP G 160 10.30 -52.49 25.97
C ASP G 160 11.34 -51.51 26.49
N VAL G 161 11.00 -50.23 26.59
CA VAL G 161 11.97 -49.22 27.01
C VAL G 161 11.21 -48.08 27.68
N VAL G 162 11.78 -47.56 28.75
CA VAL G 162 11.21 -46.43 29.43
C VAL G 162 12.08 -45.22 29.08
N VAL G 163 11.43 -44.13 28.77
CA VAL G 163 12.12 -42.91 28.36
C VAL G 163 11.93 -41.87 29.46
N LEU G 164 12.99 -41.64 30.22
CA LEU G 164 12.97 -40.68 31.32
C LEU G 164 13.30 -39.30 30.76
N ASP G 165 12.29 -38.47 30.61
CA ASP G 165 12.44 -37.14 30.02
C ASP G 165 12.41 -36.06 31.09
N SER G 166 13.34 -35.13 30.99
CA SER G 166 13.34 -33.91 31.75
C SER G 166 13.84 -32.82 30.84
N ALA G 167 13.34 -31.59 31.06
CA ALA G 167 13.95 -30.46 30.38
C ALA G 167 15.46 -30.45 30.59
N HIS G 168 15.94 -30.88 31.76
CA HIS G 168 17.36 -30.83 32.09
C HIS G 168 17.81 -32.18 32.65
N GLY G 169 18.30 -33.05 31.76
CA GLY G 169 18.66 -34.40 32.14
C GLY G 169 19.89 -34.49 33.03
N HIS G 170 20.76 -33.48 32.99
CA HIS G 170 22.00 -33.47 33.78
C HIS G 170 21.76 -32.89 35.18
N SER G 171 20.91 -33.58 35.94
CA SER G 171 20.41 -33.06 37.19
C SER G 171 20.34 -34.17 38.23
N LYS G 172 20.44 -33.78 39.50
CA LYS G 172 20.43 -34.79 40.56
C LYS G 172 19.12 -35.59 40.55
N GLY G 173 18.00 -34.94 40.25
CA GLY G 173 16.73 -35.66 40.23
C GLY G 173 16.67 -36.72 39.16
N ILE G 174 17.15 -36.41 37.95
CA ILE G 174 17.22 -37.42 36.89
C ILE G 174 18.20 -38.53 37.25
N ILE G 175 19.41 -38.16 37.67
CA ILE G 175 20.43 -39.17 37.95
C ILE G 175 19.97 -40.09 39.07
N ASP G 176 19.33 -39.54 40.10
CA ASP G 176 18.84 -40.38 41.19
C ASP G 176 17.70 -41.28 40.73
N THR G 177 16.85 -40.77 39.83
CA THR G 177 15.78 -41.60 39.29
C THR G 177 16.35 -42.73 38.43
N VAL G 178 17.38 -42.44 37.63
CA VAL G 178 18.04 -43.50 36.88
C VAL G 178 18.53 -44.61 37.80
N LYS G 179 19.27 -44.24 38.85
CA LYS G 179 19.82 -45.24 39.76
C LYS G 179 18.70 -46.04 40.42
N ALA G 180 17.63 -45.37 40.83
CA ALA G 180 16.54 -46.08 41.49
C ALA G 180 15.86 -47.08 40.55
N ILE G 181 15.62 -46.69 39.30
CA ILE G 181 14.99 -47.60 38.34
C ILE G 181 15.89 -48.80 38.04
N LYS G 182 17.17 -48.54 37.74
CA LYS G 182 18.06 -49.65 37.42
C LYS G 182 18.26 -50.59 38.62
N ALA G 183 18.21 -50.06 39.85
CA ALA G 183 18.31 -50.92 41.02
C ALA G 183 17.07 -51.80 41.17
N LYS G 184 15.90 -51.26 40.86
CA LYS G 184 14.69 -52.06 41.01
C LYS G 184 14.44 -52.96 39.81
N TYR G 185 14.76 -52.50 38.60
CA TYR G 185 14.56 -53.30 37.38
C TYR G 185 15.85 -53.35 36.59
N PRO G 186 16.79 -54.21 36.99
CA PRO G 186 18.11 -54.21 36.32
C PRO G 186 18.04 -54.55 34.85
N ASN G 187 17.03 -55.30 34.41
CA ASN G 187 16.95 -55.69 33.00
C ASN G 187 16.02 -54.81 32.17
N LEU G 188 15.52 -53.71 32.72
CA LEU G 188 14.66 -52.80 31.96
C LEU G 188 15.52 -51.78 31.23
N ASP G 189 15.38 -51.72 29.91
CA ASP G 189 16.09 -50.73 29.10
C ASP G 189 15.60 -49.32 29.43
N LEU G 190 16.55 -48.42 29.71
CA LEU G 190 16.22 -47.10 30.22
C LEU G 190 16.96 -46.05 29.42
N ILE G 191 16.21 -45.17 28.76
CA ILE G 191 16.71 -43.99 28.06
C ILE G 191 16.50 -42.78 28.96
N ALA G 192 17.46 -41.87 28.99
CA ALA G 192 17.32 -40.64 29.77
C ALA G 192 17.77 -39.44 28.95
N GLY G 193 17.15 -38.30 29.24
CA GLY G 193 17.44 -37.03 28.59
C GLY G 193 16.63 -35.91 29.22
N ASN G 194 16.79 -34.68 28.69
CA ASN G 194 17.70 -34.43 27.58
C ASN G 194 18.98 -33.74 28.03
N ILE G 195 20.06 -33.95 27.26
CA ILE G 195 21.38 -33.41 27.57
C ILE G 195 21.96 -32.77 26.33
N ALA G 196 23.03 -31.98 26.54
CA ALA G 196 23.75 -31.43 25.40
C ALA G 196 25.25 -31.27 25.61
N THR G 197 25.85 -31.92 26.62
CA THR G 197 27.27 -31.76 26.87
C THR G 197 27.90 -33.12 27.16
N ALA G 198 29.23 -33.18 27.04
CA ALA G 198 29.95 -34.41 27.33
C ALA G 198 29.87 -34.75 28.81
N ALA G 199 30.00 -33.74 29.69
CA ALA G 199 29.90 -34.01 31.13
C ALA G 199 28.54 -34.61 31.48
N ALA G 200 27.48 -34.14 30.82
CA ALA G 200 26.16 -34.70 31.08
C ALA G 200 26.07 -36.14 30.59
N ALA G 201 26.64 -36.42 29.41
CA ALA G 201 26.60 -37.80 28.90
C ALA G 201 27.35 -38.74 29.83
N LYS G 202 28.50 -38.30 30.34
CA LYS G 202 29.26 -39.12 31.29
C LYS G 202 28.45 -39.38 32.55
N ALA G 203 27.77 -38.36 33.08
CA ALA G 203 26.97 -38.54 34.29
C ALA G 203 25.85 -39.56 34.08
N LEU G 204 25.14 -39.48 32.95
CA LEU G 204 24.05 -40.40 32.72
C LEU G 204 24.56 -41.82 32.47
N CYS G 205 25.68 -41.96 31.74
CA CYS G 205 26.22 -43.29 31.48
C CYS G 205 26.64 -43.98 32.77
N GLU G 206 27.29 -43.24 33.68
CA GLU G 206 27.75 -43.89 34.90
C GLU G 206 26.59 -44.07 35.87
N ALA G 207 25.50 -43.31 35.69
CA ALA G 207 24.28 -43.59 36.43
C ALA G 207 23.62 -44.87 35.95
N GLY G 208 23.90 -45.31 34.72
CA GLY G 208 23.40 -46.61 34.27
C GLY G 208 22.46 -46.61 33.07
N VAL G 209 22.34 -45.49 32.34
CA VAL G 209 21.34 -45.48 31.26
C VAL G 209 21.75 -46.42 30.13
N ASP G 210 20.77 -46.83 29.33
CA ASP G 210 21.05 -47.68 28.18
C ASP G 210 21.11 -46.88 26.87
N ALA G 211 20.79 -45.59 26.93
CA ALA G 211 20.96 -44.62 25.85
C ALA G 211 20.72 -43.24 26.45
N VAL G 212 21.35 -42.22 25.86
CA VAL G 212 21.14 -40.83 26.27
C VAL G 212 20.49 -40.10 25.12
N LYS G 213 19.58 -39.18 25.42
CA LYS G 213 18.89 -38.47 24.37
C LYS G 213 19.37 -37.03 24.36
N VAL G 214 19.81 -36.55 23.20
CA VAL G 214 20.55 -35.30 23.07
C VAL G 214 19.66 -34.27 22.40
N GLY G 215 19.55 -33.10 23.01
CA GLY G 215 18.80 -31.99 22.44
C GLY G 215 18.26 -31.04 23.49
N ILE G 216 18.94 -29.91 23.71
CA ILE G 216 18.42 -28.84 24.55
C ILE G 216 18.19 -27.65 23.62
N GLY G 217 16.94 -27.40 23.24
CA GLY G 217 16.63 -26.26 22.44
C GLY G 217 16.27 -26.40 20.95
N PRO G 218 16.65 -27.50 20.27
CA PRO G 218 16.51 -27.51 18.81
C PRO G 218 15.09 -27.78 18.31
N GLY G 219 14.16 -28.14 19.17
CA GLY G 219 12.85 -28.58 18.70
C GLY G 219 12.12 -27.46 17.97
N SER G 220 11.39 -27.84 16.92
CA SER G 220 10.61 -26.86 16.15
C SER G 220 9.73 -25.99 17.05
N ILE G 221 9.10 -26.59 18.05
CA ILE G 221 8.15 -25.93 18.93
C ILE G 221 8.81 -25.42 20.22
N CYS G 222 10.13 -25.53 20.31
CA CYS G 222 10.87 -25.30 21.56
C CYS G 222 11.34 -23.85 21.68
N THR G 223 11.10 -23.22 22.85
CA THR G 223 11.55 -21.86 23.10
C THR G 223 12.60 -21.79 24.20
N THR G 224 13.08 -22.95 24.69
CA THR G 224 14.02 -23.00 25.79
C THR G 224 15.17 -22.01 25.61
N ARG G 225 15.80 -22.01 24.44
CA ARG G 225 16.98 -21.18 24.23
C ARG G 225 16.64 -19.70 24.26
N ILE G 226 15.40 -19.35 23.93
CA ILE G 226 14.99 -17.95 23.93
C ILE G 226 14.58 -17.53 25.33
N VAL G 227 13.86 -18.40 26.02
CA VAL G 227 13.31 -18.07 27.33
C VAL G 227 14.39 -18.12 28.42
N SER G 228 15.32 -19.07 28.32
CA SER G 228 16.36 -19.21 29.34
C SER G 228 17.75 -18.89 28.82
N GLY G 229 17.95 -18.77 27.51
CA GLY G 229 19.28 -18.53 26.99
C GLY G 229 20.20 -19.74 26.97
N VAL G 230 19.67 -20.94 27.23
CA VAL G 230 20.45 -22.15 27.42
C VAL G 230 20.24 -23.07 26.23
N GLY G 231 21.31 -23.65 25.71
CA GLY G 231 21.20 -24.62 24.64
C GLY G 231 22.53 -24.81 23.94
N VAL G 232 22.59 -25.87 23.13
CA VAL G 232 23.75 -26.14 22.29
C VAL G 232 23.30 -26.52 20.89
N PRO G 233 23.78 -25.84 19.85
CA PRO G 233 23.36 -26.19 18.48
C PRO G 233 23.54 -27.68 18.19
N GLN G 234 22.54 -28.26 17.51
CA GLN G 234 22.31 -29.71 17.63
C GLN G 234 23.46 -30.55 17.08
N ILE G 235 24.04 -30.18 15.93
CA ILE G 235 25.16 -30.96 15.40
C ILE G 235 26.32 -31.02 16.40
N SER G 236 26.73 -29.87 16.95
CA SER G 236 27.82 -29.90 17.92
C SER G 236 27.44 -30.65 19.18
N ALA G 237 26.17 -30.55 19.59
CA ALA G 237 25.70 -31.27 20.76
C ALA G 237 25.80 -32.77 20.55
N ILE G 238 25.34 -33.26 19.39
CA ILE G 238 25.47 -34.68 19.08
C ILE G 238 26.92 -35.11 19.08
N ASP G 239 27.77 -34.34 18.41
CA ASP G 239 29.18 -34.71 18.28
C ASP G 239 29.87 -34.82 19.63
N GLU G 240 29.69 -33.83 20.50
CA GLU G 240 30.27 -33.85 21.84
C GLU G 240 29.75 -35.04 22.66
N CYS G 241 28.44 -35.30 22.62
CA CYS G 241 27.90 -36.35 23.48
C CYS G 241 28.20 -37.75 22.94
N VAL G 242 28.22 -37.92 21.61
CA VAL G 242 28.58 -39.22 21.05
C VAL G 242 30.00 -39.60 21.48
N GLU G 243 30.93 -38.63 21.44
CA GLU G 243 32.31 -38.93 21.79
C GLU G 243 32.43 -39.43 23.22
N GLU G 244 31.66 -38.85 24.13
CA GLU G 244 31.72 -39.29 25.52
C GLU G 244 30.95 -40.59 25.72
N ALA G 245 29.74 -40.71 25.14
CA ALA G 245 28.92 -41.90 25.32
C ALA G 245 29.56 -43.15 24.71
N ASN G 246 30.27 -43.00 23.59
CA ASN G 246 30.97 -44.14 23.00
C ASN G 246 31.95 -44.77 23.97
N LYS G 247 32.53 -43.99 24.89
CA LYS G 247 33.44 -44.55 25.88
C LYS G 247 32.74 -45.57 26.78
N PHE G 248 31.44 -45.43 26.95
CA PHE G 248 30.65 -46.33 27.77
C PHE G 248 29.87 -47.34 26.95
N GLY G 249 30.02 -47.32 25.62
CA GLY G 249 29.22 -48.18 24.76
C GLY G 249 27.74 -47.81 24.72
N VAL G 250 27.41 -46.54 24.91
CA VAL G 250 26.03 -46.09 25.09
C VAL G 250 25.59 -45.33 23.83
N PRO G 251 24.48 -45.71 23.20
CA PRO G 251 24.02 -45.00 21.99
C PRO G 251 23.46 -43.62 22.30
N VAL G 252 23.58 -42.72 21.32
CA VAL G 252 23.03 -41.37 21.41
C VAL G 252 21.79 -41.28 20.51
N ILE G 253 20.72 -40.73 21.05
CA ILE G 253 19.52 -40.43 20.27
C ILE G 253 19.49 -38.93 20.01
N ALA G 254 19.48 -38.54 18.74
CA ALA G 254 19.46 -37.13 18.32
C ALA G 254 18.01 -36.66 18.26
N ASP G 255 17.62 -35.82 19.21
CA ASP G 255 16.21 -35.51 19.45
C ASP G 255 15.94 -34.05 19.17
N GLY G 256 15.20 -33.77 18.11
CA GLY G 256 14.74 -32.41 17.87
C GLY G 256 15.49 -31.72 16.73
N GLY G 257 14.80 -30.82 16.06
CA GLY G 257 15.46 -29.97 15.08
C GLY G 257 15.56 -30.58 13.69
N ILE G 258 15.07 -31.80 13.47
CA ILE G 258 15.07 -32.40 12.14
C ILE G 258 14.00 -31.72 11.31
N LYS G 259 14.41 -31.12 10.19
CA LYS G 259 13.51 -30.40 9.29
C LYS G 259 13.30 -31.11 7.97
N TYR G 260 14.32 -31.80 7.49
CA TYR G 260 14.30 -32.45 6.18
C TYR G 260 15.02 -33.78 6.33
N SER G 261 14.83 -34.66 5.33
CA SER G 261 15.46 -35.98 5.43
C SER G 261 16.99 -35.89 5.51
N GLY G 262 17.58 -34.83 4.94
CA GLY G 262 19.03 -34.68 5.01
C GLY G 262 19.56 -34.45 6.41
N ASP G 263 18.74 -33.86 7.28
CA ASP G 263 19.17 -33.68 8.67
C ASP G 263 19.28 -35.02 9.38
N ILE G 264 18.42 -35.98 9.04
CA ILE G 264 18.55 -37.31 9.59
C ILE G 264 19.90 -37.89 9.21
N ALA G 265 20.26 -37.79 7.93
CA ALA G 265 21.54 -38.32 7.47
C ALA G 265 22.71 -37.66 8.17
N LYS G 266 22.66 -36.33 8.34
CA LYS G 266 23.78 -35.65 8.99
C LYS G 266 23.90 -36.06 10.45
N ALA G 267 22.75 -36.21 11.11
CA ALA G 267 22.74 -36.58 12.52
C ALA G 267 23.38 -37.95 12.73
N LEU G 268 23.02 -38.93 11.89
CA LEU G 268 23.61 -40.26 11.99
C LEU G 268 25.09 -40.23 11.61
N ALA G 269 25.45 -39.49 10.55
CA ALA G 269 26.84 -39.43 10.12
C ALA G 269 27.74 -38.88 11.22
N VAL G 270 27.27 -37.90 12.00
CA VAL G 270 28.04 -37.35 13.09
C VAL G 270 28.21 -38.37 14.23
N GLY G 271 27.37 -39.39 14.30
CA GLY G 271 27.61 -40.44 15.26
C GLY G 271 26.39 -40.84 16.06
N ALA G 272 25.28 -40.12 15.90
CA ALA G 272 24.05 -40.55 16.55
C ALA G 272 23.61 -41.91 16.00
N SER G 273 23.01 -42.72 16.89
CA SER G 273 22.51 -44.02 16.49
C SER G 273 21.06 -44.00 16.03
N SER G 274 20.31 -43.01 16.44
CA SER G 274 18.94 -42.88 16.01
C SER G 274 18.49 -41.43 16.15
N VAL G 275 17.38 -41.09 15.52
CA VAL G 275 16.84 -39.74 15.58
C VAL G 275 15.38 -39.70 16.03
N MET G 276 15.04 -38.79 16.91
CA MET G 276 13.68 -38.61 17.41
C MET G 276 13.06 -37.44 16.64
N ILE G 277 11.82 -37.61 16.19
CA ILE G 277 11.17 -36.65 15.30
C ILE G 277 9.78 -36.34 15.80
N GLY G 278 9.47 -35.05 15.92
CA GLY G 278 8.13 -34.61 16.26
C GLY G 278 7.40 -33.98 15.09
N SER G 279 7.87 -32.81 14.62
CA SER G 279 7.05 -32.00 13.72
C SER G 279 6.76 -32.73 12.42
N LEU G 280 7.74 -33.48 11.91
CA LEU G 280 7.55 -34.19 10.64
C LEU G 280 6.53 -35.31 10.71
N LEU G 281 6.07 -35.68 11.92
CA LEU G 281 5.11 -36.75 12.09
C LEU G 281 3.78 -36.28 12.66
N ALA G 282 3.71 -35.04 13.15
CA ALA G 282 2.49 -34.54 13.77
C ALA G 282 1.35 -34.33 12.78
N GLY G 283 1.65 -34.12 11.50
CA GLY G 283 0.59 -33.86 10.55
C GLY G 283 0.05 -35.10 9.87
N THR G 284 0.27 -36.27 10.47
CA THR G 284 -0.11 -37.54 9.85
C THR G 284 -1.48 -38.01 10.32
N ASP G 285 -2.09 -38.89 9.51
CA ASP G 285 -3.33 -39.56 9.91
C ASP G 285 -3.21 -40.17 11.30
N GLU G 286 -2.06 -40.79 11.60
CA GLU G 286 -1.93 -41.59 12.81
C GLU G 286 -1.71 -40.77 14.09
N SER G 287 -1.30 -39.51 13.98
CA SER G 287 -1.01 -38.78 15.21
C SER G 287 -2.32 -38.40 15.91
N PRO G 288 -2.29 -38.14 17.22
CA PRO G 288 -3.53 -37.82 17.93
C PRO G 288 -4.09 -36.51 17.41
N GLY G 289 -5.35 -36.24 17.70
CA GLY G 289 -5.73 -34.94 17.20
C GLY G 289 -6.41 -35.03 15.84
N GLU G 290 -7.41 -34.20 15.71
CA GLU G 290 -8.25 -34.21 14.54
C GLU G 290 -7.79 -33.20 13.48
N LEU G 291 -8.22 -33.41 12.25
CA LEU G 291 -7.89 -32.48 11.18
C LEU G 291 -8.75 -31.21 11.24
N PHE G 292 -8.16 -30.09 10.85
CA PHE G 292 -8.98 -28.90 10.63
C PHE G 292 -8.50 -28.16 9.38
N THR G 293 -9.38 -27.29 8.88
CA THR G 293 -9.09 -26.51 7.69
C THR G 293 -8.78 -25.06 8.05
N TYR G 294 -7.80 -24.47 7.38
CA TYR G 294 -7.50 -23.06 7.54
C TYR G 294 -7.12 -22.52 6.17
N GLN G 295 -7.81 -21.49 5.73
CA GLN G 295 -7.60 -20.83 4.43
C GLN G 295 -7.44 -21.86 3.32
N GLY G 296 -8.37 -22.81 3.29
CA GLY G 296 -8.43 -23.79 2.21
C GLY G 296 -7.42 -24.91 2.28
N ARG G 297 -6.76 -25.11 3.42
CA ARG G 297 -5.78 -26.17 3.59
C ARG G 297 -5.97 -26.87 4.92
N GLN G 298 -5.60 -28.14 4.97
CA GLN G 298 -5.76 -28.97 6.16
C GLN G 298 -4.50 -28.98 7.01
N TYR G 299 -4.70 -28.92 8.32
CA TYR G 299 -3.62 -28.87 9.28
C TYR G 299 -3.95 -29.81 10.43
N LYS G 300 -2.99 -29.94 11.32
CA LYS G 300 -3.18 -30.65 12.55
C LYS G 300 -2.46 -29.85 13.63
N SER G 301 -2.99 -29.87 14.84
CA SER G 301 -2.36 -29.22 15.97
C SER G 301 -1.03 -29.89 16.31
N TYR G 302 -0.03 -29.08 16.67
CA TYR G 302 1.25 -29.58 17.16
C TYR G 302 1.76 -28.57 18.18
N ARG G 303 2.20 -29.06 19.35
CA ARG G 303 2.50 -28.17 20.46
C ARG G 303 3.58 -28.79 21.33
N GLY G 304 4.38 -27.94 21.96
CA GLY G 304 5.38 -28.43 22.86
C GLY G 304 4.76 -28.95 24.14
N MET G 305 5.39 -29.97 24.70
CA MET G 305 4.95 -30.47 26.01
C MET G 305 5.19 -29.43 27.10
N GLY G 306 6.04 -28.45 26.85
CA GLY G 306 6.17 -27.37 27.78
C GLY G 306 5.43 -26.11 27.40
N SER G 307 4.46 -26.28 26.50
CA SER G 307 3.63 -25.12 26.15
C SER G 307 2.55 -24.91 27.19
N LEU G 308 1.92 -23.75 27.26
CA LEU G 308 0.83 -23.54 28.21
C LEU G 308 -0.27 -24.60 28.07
N GLY G 309 -0.72 -24.85 26.86
CA GLY G 309 -1.78 -25.80 26.61
C GLY G 309 -1.49 -27.23 27.03
N ALA G 310 -0.28 -27.72 26.79
CA ALA G 310 0.11 -29.06 27.18
C ALA G 310 0.11 -29.20 28.70
N MET G 311 0.60 -28.17 29.35
CA MET G 311 0.71 -28.10 30.79
C MET G 311 -0.62 -28.05 31.55
N GLN G 312 -1.59 -27.34 31.00
CA GLN G 312 -2.89 -27.23 31.63
C GLN G 312 -3.49 -28.62 31.67
N LYS G 313 -3.30 -29.36 30.59
CA LYS G 313 -3.82 -30.70 30.52
C LYS G 313 -3.28 -31.53 31.68
N VAL G 330 6.53 -21.21 33.93
CA VAL G 330 6.96 -20.45 32.74
C VAL G 330 7.21 -21.36 31.55
N PRO G 331 6.41 -21.19 30.49
CA PRO G 331 6.45 -22.15 29.39
C PRO G 331 7.75 -22.10 28.58
N GLU G 332 8.12 -23.25 28.03
CA GLU G 332 9.30 -23.38 27.17
C GLU G 332 8.92 -24.02 25.82
N GLY G 333 7.68 -23.82 25.40
CA GLY G 333 7.29 -24.20 24.05
C GLY G 333 6.04 -23.47 23.65
N ILE G 334 5.63 -23.66 22.40
CA ILE G 334 4.46 -22.97 21.86
C ILE G 334 3.43 -24.00 21.38
N GLU G 335 2.23 -23.49 21.12
CA GLU G 335 1.14 -24.25 20.53
C GLU G 335 0.97 -23.76 19.10
N GLY G 336 0.95 -24.71 18.15
CA GLY G 336 0.91 -24.37 16.75
C GLY G 336 0.17 -25.38 15.91
N ARG G 337 0.43 -25.35 14.60
CA ARG G 337 -0.19 -26.25 13.65
C ARG G 337 0.83 -26.57 12.58
N VAL G 338 0.72 -27.77 12.00
CA VAL G 338 1.51 -28.18 10.85
C VAL G 338 0.58 -28.67 9.75
N PRO G 339 0.99 -28.63 8.48
CA PRO G 339 0.10 -29.09 7.40
C PRO G 339 -0.14 -30.58 7.48
N TYR G 340 -1.33 -30.99 7.07
CA TYR G 340 -1.66 -32.41 6.97
C TYR G 340 -0.89 -33.03 5.81
N VAL G 341 -0.19 -34.14 6.08
CA VAL G 341 0.69 -34.72 5.09
C VAL G 341 0.35 -36.17 4.78
N GLY G 342 -0.77 -36.68 5.29
CA GLY G 342 -1.16 -38.03 4.95
C GLY G 342 -0.69 -39.09 5.93
N SER G 343 -0.27 -40.25 5.42
CA SER G 343 0.03 -41.39 6.28
C SER G 343 1.46 -41.35 6.77
N ILE G 344 1.65 -41.86 7.98
CA ILE G 344 3.00 -42.06 8.49
C ILE G 344 3.88 -42.88 7.53
N ARG G 345 3.30 -43.82 6.85
CA ARG G 345 4.04 -44.63 5.93
C ARG G 345 4.66 -43.83 4.79
N SER G 346 3.91 -42.88 4.26
CA SER G 346 4.38 -42.06 3.15
C SER G 346 5.47 -41.10 3.60
N VAL G 347 5.32 -40.54 4.82
CA VAL G 347 6.36 -39.67 5.38
C VAL G 347 7.65 -40.44 5.63
N VAL G 348 7.52 -41.60 6.28
CA VAL G 348 8.70 -42.42 6.57
C VAL G 348 9.39 -42.87 5.30
N HIS G 349 8.61 -43.29 4.30
CA HIS G 349 9.20 -43.68 3.03
C HIS G 349 10.10 -42.58 2.45
N GLN G 350 9.60 -41.34 2.44
CA GLN G 350 10.40 -40.23 1.97
C GLN G 350 11.63 -39.99 2.85
N LEU G 351 11.45 -40.01 4.18
CA LEU G 351 12.58 -39.73 5.06
C LEU G 351 13.68 -40.76 4.88
N LEU G 352 13.31 -42.05 4.85
CA LEU G 352 14.31 -43.09 4.70
C LEU G 352 14.88 -43.11 3.28
N GLY G 353 14.07 -42.72 2.29
CA GLY G 353 14.61 -42.56 0.95
C GLY G 353 15.75 -41.56 0.89
N GLY G 354 15.63 -40.47 1.66
CA GLY G 354 16.69 -39.48 1.69
C GLY G 354 17.93 -39.98 2.39
N LEU G 355 17.75 -40.75 3.47
CA LEU G 355 18.87 -41.39 4.16
C LEU G 355 19.57 -42.39 3.26
N ARG G 356 18.81 -43.23 2.57
CA ARG G 356 19.42 -44.19 1.64
C ARG G 356 20.18 -43.47 0.54
N SER G 357 19.61 -42.38 0.03
CA SER G 357 20.31 -41.60 -0.97
C SER G 357 21.64 -41.09 -0.42
N SER G 358 21.63 -40.64 0.85
CA SER G 358 22.83 -40.08 1.45
C SER G 358 23.92 -41.14 1.60
N MET G 359 23.54 -42.32 2.10
CA MET G 359 24.50 -43.41 2.23
C MET G 359 25.05 -43.82 0.88
N GLY G 360 24.20 -43.83 -0.16
CA GLY G 360 24.67 -44.10 -1.51
C GLY G 360 25.68 -43.08 -2.02
N TYR G 361 25.44 -41.79 -1.74
CA TYR G 361 26.43 -40.78 -2.13
C TYR G 361 27.72 -40.94 -1.37
N VAL G 362 27.65 -41.34 -0.10
CA VAL G 362 28.88 -41.48 0.69
C VAL G 362 29.56 -42.82 0.39
N GLY G 363 28.86 -43.77 -0.21
CA GLY G 363 29.45 -45.08 -0.46
C GLY G 363 29.35 -46.02 0.71
N ALA G 364 28.47 -45.75 1.67
CA ALA G 364 28.34 -46.57 2.85
C ALA G 364 27.29 -47.65 2.66
N LYS G 365 27.61 -48.87 3.05
CA LYS G 365 26.64 -49.94 2.91
C LYS G 365 25.87 -50.22 4.20
N ASP G 366 26.27 -49.60 5.32
CA ASP G 366 25.50 -49.67 6.56
C ASP G 366 25.86 -48.46 7.42
N ILE G 367 25.13 -48.28 8.52
CA ILE G 367 25.27 -47.02 9.24
C ILE G 367 26.62 -46.91 9.94
N GLU G 368 27.20 -48.03 10.40
CA GLU G 368 28.54 -47.97 10.97
C GLU G 368 29.56 -47.50 9.94
N ASP G 369 29.43 -47.99 8.70
CA ASP G 369 30.34 -47.59 7.63
C ASP G 369 30.09 -46.13 7.24
N PHE G 370 28.83 -45.70 7.29
CA PHE G 370 28.47 -44.32 7.01
C PHE G 370 29.15 -43.38 8.00
N GLN G 371 29.14 -43.75 9.28
CA GLN G 371 29.81 -42.93 10.28
C GLN G 371 31.32 -42.91 10.08
N LYS G 372 31.91 -44.02 9.64
CA LYS G 372 33.36 -44.08 9.48
C LYS G 372 33.83 -43.29 8.27
N ARG G 373 33.04 -43.29 7.19
CA ARG G 373 33.42 -42.63 5.94
C ARG G 373 33.11 -41.14 5.94
N ALA G 374 32.13 -40.70 6.71
CA ALA G 374 31.55 -39.38 6.52
C ALA G 374 32.60 -38.30 6.69
N GLU G 375 32.69 -37.41 5.70
CA GLU G 375 33.46 -36.18 5.78
C GLU G 375 32.55 -35.02 5.45
N PHE G 376 32.65 -33.96 6.24
CA PHE G 376 31.80 -32.79 6.14
C PHE G 376 32.59 -31.60 5.61
N VAL G 377 31.85 -30.64 5.04
CA VAL G 377 32.34 -29.29 4.82
C VAL G 377 31.42 -28.34 5.60
N GLU G 378 32.00 -27.28 6.14
CA GLU G 378 31.23 -26.18 6.68
C GLU G 378 30.88 -25.22 5.54
N ILE G 379 29.63 -24.73 5.55
CA ILE G 379 29.19 -23.84 4.47
C ILE G 379 28.78 -22.49 5.04
N THR G 380 28.44 -21.55 4.16
CA THR G 380 28.02 -20.22 4.55
C THR G 380 26.51 -20.11 4.36
N THR G 381 25.96 -18.97 4.80
CA THR G 381 24.60 -18.60 4.43
C THR G 381 24.39 -18.59 2.92
N ALA G 382 25.40 -18.14 2.15
CA ALA G 382 25.29 -18.21 0.70
C ALA G 382 25.20 -19.65 0.21
N GLY G 383 25.96 -20.56 0.83
CA GLY G 383 25.91 -21.96 0.40
C GLY G 383 24.59 -22.59 0.74
N LEU G 384 24.00 -22.19 1.87
CA LEU G 384 22.66 -22.69 2.21
C LEU G 384 21.61 -22.22 1.21
N LYS G 385 21.65 -20.97 0.80
CA LYS G 385 20.72 -20.55 -0.24
C LYS G 385 20.90 -21.37 -1.52
N GLU G 386 22.16 -21.61 -1.88
CA GLU G 386 22.43 -22.43 -3.06
C GLU G 386 21.88 -23.83 -2.87
N SER G 387 21.92 -24.36 -1.64
CA SER G 387 21.48 -25.72 -1.38
C SER G 387 19.98 -25.87 -1.57
N HIS G 388 19.21 -24.95 -1.01
CA HIS G 388 17.77 -24.95 -1.25
C HIS G 388 17.46 -24.68 -2.71
N VAL G 389 16.17 -24.82 -3.03
CA VAL G 389 15.65 -24.33 -4.28
C VAL G 389 15.79 -22.81 -4.33
N HIS G 390 16.15 -22.26 -5.50
CA HIS G 390 16.33 -20.82 -5.60
C HIS G 390 16.05 -20.35 -7.02
N ASP G 391 15.51 -19.13 -7.14
CA ASP G 391 15.30 -18.45 -8.41
C ASP G 391 14.37 -19.21 -9.34
N VAL G 392 13.50 -20.01 -8.76
CA VAL G 392 12.48 -20.71 -9.51
C VAL G 392 11.26 -20.83 -8.62
N THR G 393 10.09 -20.52 -9.18
CA THR G 393 8.85 -20.60 -8.42
C THR G 393 8.36 -22.04 -8.40
N ILE G 394 8.24 -22.61 -7.20
CA ILE G 394 7.75 -23.98 -7.06
C ILE G 394 6.25 -24.00 -7.33
N THR G 395 5.82 -24.83 -8.27
CA THR G 395 4.42 -24.87 -8.70
C THR G 395 3.69 -26.16 -8.34
N HIS G 396 4.42 -27.22 -8.01
CA HIS G 396 3.86 -28.49 -7.59
C HIS G 396 4.50 -28.93 -6.29
N GLU G 397 3.74 -29.55 -5.43
CA GLU G 397 4.27 -30.05 -4.16
C GLU G 397 5.22 -31.22 -4.41
N ALA G 398 6.34 -31.25 -3.69
CA ALA G 398 7.31 -32.32 -3.77
C ALA G 398 7.09 -33.06 -2.44
N PRO G 399 7.03 -34.39 -2.44
CA PRO G 399 6.66 -35.09 -1.21
C PRO G 399 7.71 -35.02 -0.10
N ASN G 400 8.92 -34.55 -0.40
CA ASN G 400 9.98 -34.49 0.60
C ASN G 400 10.63 -33.11 0.69
N TYR G 401 9.95 -32.06 0.24
CA TYR G 401 10.58 -30.73 0.26
C TYR G 401 9.48 -29.68 0.31
N LYS G 402 9.25 -29.10 1.49
CA LYS G 402 8.35 -27.93 1.64
C LYS G 402 8.97 -26.76 2.42
N ALA H 24 -34.60 33.14 -20.59
CA ALA H 24 -35.62 32.81 -21.57
C ALA H 24 -35.23 31.58 -22.41
N MET H 25 -34.21 30.84 -21.96
CA MET H 25 -33.87 29.60 -22.62
C MET H 25 -34.91 28.55 -22.27
N LYS H 26 -35.28 27.75 -23.25
CA LYS H 26 -36.44 26.89 -23.12
C LYS H 26 -35.96 25.53 -22.62
N ILE H 27 -36.19 25.25 -21.34
CA ILE H 27 -35.88 23.95 -20.73
C ILE H 27 -37.18 23.18 -20.63
N VAL H 28 -37.29 22.10 -21.39
CA VAL H 28 -38.54 21.36 -21.46
C VAL H 28 -38.82 20.64 -20.14
N LYS H 29 -37.80 20.04 -19.54
CA LYS H 29 -38.01 19.13 -18.42
C LYS H 29 -36.67 18.78 -17.81
N ARG H 30 -36.72 18.13 -16.66
CA ARG H 30 -35.56 17.48 -16.07
C ARG H 30 -35.66 16.00 -16.41
N ALA H 31 -34.62 15.46 -17.02
CA ALA H 31 -34.66 14.11 -17.57
C ALA H 31 -33.73 13.20 -16.77
N LEU H 32 -34.16 11.96 -16.58
CA LEU H 32 -33.52 11.00 -15.72
C LEU H 32 -32.96 9.86 -16.55
N THR H 33 -31.92 9.21 -16.05
CA THR H 33 -31.51 7.96 -16.69
C THR H 33 -31.48 6.84 -15.65
N PHE H 34 -31.01 5.67 -16.08
CA PHE H 34 -31.19 4.44 -15.30
C PHE H 34 -30.79 4.62 -13.84
N GLU H 35 -29.59 5.17 -13.60
CA GLU H 35 -29.07 5.28 -12.24
C GLU H 35 -29.84 6.28 -11.39
N ASP H 36 -30.75 7.07 -11.97
CA ASP H 36 -31.57 8.00 -11.19
C ASP H 36 -32.81 7.36 -10.60
N VAL H 37 -33.17 6.13 -10.99
CA VAL H 37 -34.42 5.55 -10.52
C VAL H 37 -34.17 4.13 -10.00
N LEU H 38 -35.10 3.68 -9.14
CA LEU H 38 -35.20 2.28 -8.74
C LEU H 38 -36.66 1.87 -8.74
N LEU H 39 -36.89 0.59 -8.99
CA LEU H 39 -38.21 -0.02 -8.89
C LEU H 39 -38.57 -0.32 -7.44
N ARG H 40 -39.80 0.00 -7.05
CA ARG H 40 -40.31 -0.40 -5.75
C ARG H 40 -40.77 -1.85 -5.80
N PRO H 41 -40.46 -2.65 -4.76
CA PRO H 41 -41.01 -4.01 -4.70
C PRO H 41 -42.53 -3.91 -4.59
N GLY H 42 -43.21 -4.94 -5.11
CA GLY H 42 -44.65 -5.02 -4.98
C GLY H 42 -45.05 -6.41 -4.49
N TYR H 43 -46.33 -6.54 -4.13
CA TYR H 43 -46.81 -7.83 -3.65
C TYR H 43 -46.66 -8.86 -4.76
N SER H 44 -46.04 -9.99 -4.43
CA SER H 44 -45.72 -11.01 -5.42
C SER H 44 -46.28 -12.37 -5.02
N GLU H 45 -46.91 -13.03 -5.99
CA GLU H 45 -47.26 -14.43 -5.89
C GLU H 45 -46.48 -15.30 -6.87
N VAL H 46 -45.41 -14.80 -7.47
CA VAL H 46 -44.69 -15.54 -8.49
C VAL H 46 -43.20 -15.59 -8.14
N LEU H 47 -42.61 -16.71 -8.40
CA LEU H 47 -41.17 -16.88 -8.26
C LEU H 47 -40.48 -16.53 -9.58
N PRO H 48 -39.23 -16.09 -9.52
CA PRO H 48 -38.54 -15.69 -10.75
C PRO H 48 -38.52 -16.76 -11.84
N LYS H 49 -38.42 -18.06 -11.50
CA LYS H 49 -38.44 -19.09 -12.53
C LYS H 49 -39.81 -19.23 -13.20
N GLU H 50 -40.87 -18.67 -12.60
CA GLU H 50 -42.22 -18.78 -13.15
C GLU H 50 -42.59 -17.62 -14.06
N VAL H 51 -41.85 -16.50 -14.04
CA VAL H 51 -42.27 -15.39 -14.87
C VAL H 51 -41.99 -15.71 -16.34
N LYS H 52 -42.75 -15.06 -17.21
CA LYS H 52 -42.62 -15.14 -18.65
C LYS H 52 -41.89 -13.92 -19.20
N ILE H 53 -40.87 -14.15 -20.01
CA ILE H 53 -40.09 -13.03 -20.51
C ILE H 53 -40.15 -12.90 -22.04
N HIS H 54 -41.11 -13.55 -22.69
CA HIS H 54 -41.25 -13.29 -24.12
C HIS H 54 -41.81 -11.88 -24.33
N THR H 55 -41.63 -11.38 -25.55
CA THR H 55 -41.97 -9.99 -25.83
C THR H 55 -42.05 -9.81 -27.34
N LYS H 56 -42.30 -8.57 -27.74
CA LYS H 56 -42.43 -8.20 -29.14
C LYS H 56 -41.26 -7.36 -29.60
N LEU H 57 -40.66 -7.79 -30.70
CA LEU H 57 -39.63 -7.01 -31.37
C LEU H 57 -40.27 -5.91 -32.20
N THR H 58 -41.18 -6.30 -33.10
CA THR H 58 -41.97 -5.39 -33.91
C THR H 58 -43.43 -5.75 -33.75
N LYS H 59 -44.28 -5.04 -34.48
CA LYS H 59 -45.71 -5.36 -34.48
C LYS H 59 -45.96 -6.82 -34.81
N ASN H 60 -45.07 -7.46 -35.58
CA ASN H 60 -45.33 -8.77 -36.17
C ASN H 60 -44.35 -9.85 -35.76
N ILE H 61 -43.26 -9.53 -35.08
CA ILE H 61 -42.21 -10.48 -34.74
C ILE H 61 -42.11 -10.57 -33.22
N THR H 62 -42.22 -11.78 -32.68
CA THR H 62 -42.04 -11.96 -31.26
C THR H 62 -40.63 -12.45 -30.97
N LEU H 63 -40.18 -12.20 -29.74
CA LEU H 63 -38.92 -12.71 -29.22
C LEU H 63 -39.28 -13.59 -28.03
N ASN H 64 -38.49 -14.63 -27.81
CA ASN H 64 -38.72 -15.42 -26.61
C ASN H 64 -37.97 -14.89 -25.39
N MET H 65 -37.02 -14.01 -25.59
CA MET H 65 -36.39 -13.26 -24.51
C MET H 65 -36.23 -11.84 -25.04
N PRO H 66 -36.01 -10.85 -24.15
CA PRO H 66 -36.09 -9.48 -24.67
C PRO H 66 -34.78 -8.82 -25.08
N LEU H 67 -33.75 -9.57 -25.49
CA LEU H 67 -32.43 -9.01 -25.73
C LEU H 67 -32.03 -9.07 -27.21
N ILE H 68 -31.45 -7.97 -27.71
CA ILE H 68 -30.98 -7.84 -29.09
C ILE H 68 -29.51 -7.40 -29.05
N SER H 69 -28.66 -8.05 -29.85
CA SER H 69 -27.27 -7.60 -29.91
C SER H 69 -27.13 -6.48 -30.92
N ALA H 70 -26.28 -5.50 -30.57
CA ALA H 70 -26.13 -4.28 -31.34
C ALA H 70 -25.59 -4.56 -32.73
N ALA H 71 -25.96 -3.68 -33.67
CA ALA H 71 -25.48 -3.75 -35.05
C ALA H 71 -24.12 -3.06 -35.17
N MET H 72 -23.11 -3.71 -34.59
CA MET H 72 -21.77 -3.14 -34.50
C MET H 72 -20.73 -4.15 -34.99
N ASP H 73 -19.67 -3.66 -35.65
CA ASP H 73 -18.70 -4.58 -36.23
C ASP H 73 -17.76 -5.18 -35.18
N THR H 74 -17.92 -4.83 -33.90
CA THR H 74 -17.29 -5.57 -32.83
C THR H 74 -18.30 -6.32 -31.97
N VAL H 75 -19.55 -6.44 -32.40
CA VAL H 75 -20.51 -7.18 -31.60
C VAL H 75 -21.14 -8.32 -32.40
N THR H 76 -21.74 -8.01 -33.56
CA THR H 76 -22.66 -8.95 -34.21
C THR H 76 -22.28 -9.23 -35.67
N GLU H 77 -21.85 -10.46 -35.87
CA GLU H 77 -21.63 -11.06 -37.15
C GLU H 77 -22.41 -12.37 -37.05
N HIS H 78 -22.27 -13.31 -37.98
CA HIS H 78 -23.16 -14.47 -37.94
C HIS H 78 -23.07 -15.27 -36.62
N ARG H 79 -21.86 -15.47 -36.07
CA ARG H 79 -21.76 -16.32 -34.88
C ARG H 79 -22.57 -15.75 -33.71
N ALA H 80 -22.41 -14.45 -33.45
CA ALA H 80 -23.17 -13.85 -32.37
C ALA H 80 -24.66 -13.86 -32.67
N ALA H 81 -25.04 -13.62 -33.94
CA ALA H 81 -26.46 -13.61 -34.29
C ALA H 81 -27.08 -15.00 -34.14
N ILE H 82 -26.34 -16.05 -34.48
CA ILE H 82 -26.86 -17.41 -34.29
C ILE H 82 -27.09 -17.69 -32.81
N MET H 83 -26.13 -17.30 -31.95
CA MET H 83 -26.31 -17.51 -30.51
C MET H 83 -27.47 -16.69 -29.97
N MET H 84 -27.58 -15.41 -30.34
CA MET H 84 -28.68 -14.59 -29.82
C MET H 84 -30.04 -15.18 -30.17
N ALA H 85 -30.18 -15.72 -31.40
CA ALA H 85 -31.44 -16.33 -31.82
C ALA H 85 -31.68 -17.67 -31.10
N ARG H 86 -30.64 -18.50 -30.97
CA ARG H 86 -30.79 -19.77 -30.26
C ARG H 86 -31.27 -19.54 -28.83
N LEU H 87 -30.76 -18.50 -28.17
CA LEU H 87 -31.16 -18.15 -26.82
C LEU H 87 -32.53 -17.48 -26.74
N GLY H 88 -33.12 -17.12 -27.87
CA GLY H 88 -34.47 -16.62 -27.91
C GLY H 88 -34.61 -15.16 -28.33
N GLY H 89 -33.51 -14.43 -28.47
CA GLY H 89 -33.55 -13.04 -28.87
C GLY H 89 -33.22 -12.86 -30.33
N LEU H 90 -32.35 -11.89 -30.63
CA LEU H 90 -32.06 -11.56 -32.03
C LEU H 90 -30.69 -10.91 -32.11
N GLY H 91 -30.00 -11.14 -33.20
CA GLY H 91 -28.81 -10.37 -33.54
C GLY H 91 -29.05 -9.55 -34.80
N VAL H 92 -28.45 -8.36 -34.85
CA VAL H 92 -28.57 -7.48 -36.01
C VAL H 92 -27.20 -7.37 -36.65
N ILE H 93 -27.04 -7.93 -37.86
CA ILE H 93 -25.77 -7.86 -38.56
C ILE H 93 -25.47 -6.41 -38.91
N HIS H 94 -24.26 -5.95 -38.58
CA HIS H 94 -23.93 -4.56 -38.87
C HIS H 94 -23.75 -4.36 -40.37
N LYS H 95 -23.71 -3.09 -40.75
CA LYS H 95 -23.70 -2.70 -42.16
C LYS H 95 -22.36 -2.14 -42.60
N ASN H 96 -21.31 -2.25 -41.77
CA ASN H 96 -19.98 -1.76 -42.14
C ASN H 96 -19.24 -2.83 -42.95
N MET H 97 -19.87 -3.23 -44.05
CA MET H 97 -19.32 -4.21 -44.99
C MET H 97 -20.10 -4.07 -46.29
N ASP H 98 -19.54 -4.59 -47.38
CA ASP H 98 -20.26 -4.46 -48.63
C ASP H 98 -21.48 -5.38 -48.64
N ILE H 99 -22.35 -5.16 -49.64
CA ILE H 99 -23.64 -5.86 -49.66
C ILE H 99 -23.43 -7.37 -49.72
N ALA H 100 -22.54 -7.84 -50.58
CA ALA H 100 -22.30 -9.29 -50.70
C ALA H 100 -21.87 -9.89 -49.37
N SER H 101 -21.07 -9.16 -48.59
CA SER H 101 -20.61 -9.71 -47.31
C SER H 101 -21.72 -9.75 -46.29
N GLN H 102 -22.64 -8.78 -46.32
CA GLN H 102 -23.74 -8.82 -45.36
C GLN H 102 -24.79 -9.84 -45.75
N VAL H 103 -25.00 -10.05 -47.06
CA VAL H 103 -25.80 -11.18 -47.51
C VAL H 103 -25.22 -12.49 -47.00
N ARG H 104 -23.91 -12.68 -47.18
CA ARG H 104 -23.25 -13.90 -46.74
C ARG H 104 -23.45 -14.13 -45.24
N GLU H 105 -23.35 -13.07 -44.44
CA GLU H 105 -23.59 -13.19 -43.01
C GLU H 105 -25.04 -13.60 -42.68
N VAL H 106 -26.00 -12.98 -43.32
CA VAL H 106 -27.41 -13.31 -43.09
C VAL H 106 -27.68 -14.76 -43.48
N LYS H 107 -27.19 -15.18 -44.64
CA LYS H 107 -27.44 -16.56 -45.07
C LYS H 107 -26.84 -17.56 -44.09
N ARG H 108 -25.67 -17.26 -43.52
CA ARG H 108 -25.08 -18.15 -42.52
C ARG H 108 -26.00 -18.34 -41.33
N VAL H 109 -26.68 -17.28 -40.91
CA VAL H 109 -27.64 -17.43 -39.82
C VAL H 109 -28.85 -18.21 -40.29
N LYS H 110 -29.38 -17.88 -41.47
CA LYS H 110 -30.62 -18.51 -41.93
C LYS H 110 -30.41 -19.98 -42.23
N LYS H 111 -29.18 -20.39 -42.54
CA LYS H 111 -28.90 -21.78 -42.90
C LYS H 111 -28.37 -22.60 -41.73
N SER H 112 -28.18 -21.98 -40.57
CA SER H 112 -27.71 -22.74 -39.41
C SER H 112 -28.67 -23.87 -39.07
N GLU H 113 -29.97 -23.60 -39.13
CA GLU H 113 -31.00 -24.57 -38.78
C GLU H 113 -32.20 -24.37 -39.69
N SER H 114 -33.01 -25.43 -39.82
CA SER H 114 -34.27 -25.33 -40.54
C SER H 114 -35.22 -26.40 -40.05
N GLY H 115 -36.51 -26.20 -40.35
CA GLY H 115 -37.53 -27.14 -39.92
C GLY H 115 -37.29 -28.55 -40.41
N GLY H 116 -36.79 -28.71 -41.64
CA GLY H 116 -36.58 -30.03 -42.19
C GLY H 116 -35.34 -30.77 -41.74
N ILE H 117 -34.47 -30.13 -40.96
CA ILE H 117 -33.22 -30.74 -40.51
C ILE H 117 -33.30 -30.88 -39.00
N LYS H 118 -33.42 -32.12 -38.54
CA LYS H 118 -33.63 -32.43 -37.13
C LYS H 118 -32.29 -32.50 -36.40
N ASP H 119 -31.71 -31.34 -36.14
CA ASP H 119 -30.47 -31.29 -35.37
C ASP H 119 -30.83 -31.45 -33.91
N LEU H 120 -30.78 -32.69 -33.43
CA LEU H 120 -31.29 -33.03 -32.11
C LEU H 120 -30.47 -32.37 -31.00
N LYS H 121 -29.16 -32.24 -31.20
CA LYS H 121 -28.31 -31.56 -30.23
C LYS H 121 -28.81 -30.14 -29.99
N LYS H 122 -28.80 -29.31 -31.04
CA LYS H 122 -29.15 -27.89 -30.94
C LYS H 122 -30.59 -27.72 -30.46
N ARG H 123 -31.49 -28.62 -30.85
CA ARG H 123 -32.89 -28.47 -30.45
C ARG H 123 -33.09 -28.77 -28.97
N LYS H 124 -32.28 -29.65 -28.39
CA LYS H 124 -32.41 -29.89 -26.95
C LYS H 124 -31.71 -28.81 -26.13
N GLU H 125 -30.53 -28.36 -26.56
CA GLU H 125 -29.81 -27.34 -25.81
C GLU H 125 -30.52 -25.99 -25.82
N TYR H 126 -31.22 -25.66 -26.90
CA TYR H 126 -31.76 -24.32 -27.11
C TYR H 126 -33.27 -24.40 -27.34
N PRO H 127 -34.04 -24.82 -26.33
CA PRO H 127 -35.49 -24.99 -26.55
C PRO H 127 -36.24 -23.70 -26.79
N ASP H 128 -35.65 -22.55 -26.47
CA ASP H 128 -36.30 -21.26 -26.62
C ASP H 128 -35.90 -20.56 -27.89
N ALA H 129 -35.22 -21.25 -28.79
CA ALA H 129 -34.68 -20.64 -30.00
C ALA H 129 -35.77 -19.85 -30.73
N ASN H 130 -35.38 -18.70 -31.27
CA ASN H 130 -36.30 -17.80 -31.94
C ASN H 130 -36.22 -18.03 -33.45
N LYS H 131 -37.26 -18.67 -34.01
CA LYS H 131 -37.27 -19.18 -35.37
C LYS H 131 -38.45 -18.62 -36.16
N ASP H 132 -38.27 -18.57 -37.49
CA ASP H 132 -39.31 -18.14 -38.41
C ASP H 132 -40.21 -19.34 -38.73
N ASN H 133 -41.16 -19.19 -39.64
CA ASN H 133 -42.12 -20.27 -39.85
C ASN H 133 -41.55 -21.46 -40.63
N PHE H 134 -40.32 -21.37 -41.12
CA PHE H 134 -39.66 -22.51 -41.72
C PHE H 134 -38.69 -23.19 -40.76
N GLY H 135 -38.69 -22.78 -39.49
CA GLY H 135 -37.77 -23.34 -38.53
C GLY H 135 -36.36 -22.84 -38.62
N ARG H 136 -36.15 -21.68 -39.25
CA ARG H 136 -34.83 -21.07 -39.37
C ARG H 136 -34.69 -19.99 -38.32
N LEU H 137 -33.48 -19.85 -37.77
CA LEU H 137 -33.19 -18.78 -36.83
C LEU H 137 -33.52 -17.43 -37.47
N ARG H 138 -34.18 -16.56 -36.70
CA ARG H 138 -34.39 -15.21 -37.18
C ARG H 138 -33.11 -14.39 -37.04
N VAL H 139 -33.00 -13.36 -37.87
CA VAL H 139 -31.83 -12.48 -37.89
C VAL H 139 -32.26 -11.11 -38.43
N GLY H 140 -31.65 -10.05 -37.91
CA GLY H 140 -31.85 -8.71 -38.40
C GLY H 140 -30.63 -8.22 -39.14
N ALA H 141 -30.80 -7.14 -39.90
CA ALA H 141 -29.68 -6.55 -40.60
C ALA H 141 -29.84 -5.04 -40.65
N ALA H 142 -28.74 -4.32 -40.45
CA ALA H 142 -28.73 -2.87 -40.47
C ALA H 142 -28.60 -2.34 -41.88
N ILE H 143 -29.25 -1.21 -42.14
CA ILE H 143 -29.11 -0.47 -43.39
C ILE H 143 -29.06 1.01 -43.05
N GLY H 144 -28.61 1.81 -44.02
CA GLY H 144 -28.58 3.25 -43.89
C GLY H 144 -29.57 3.91 -44.82
N VAL H 145 -29.67 5.24 -44.68
CA VAL H 145 -30.51 6.06 -45.53
C VAL H 145 -30.28 5.73 -46.99
N GLY H 146 -31.37 5.53 -47.74
CA GLY H 146 -31.30 5.39 -49.17
C GLY H 146 -30.48 4.22 -49.68
N GLN H 147 -30.35 3.15 -48.90
CA GLN H 147 -29.57 1.99 -49.33
C GLN H 147 -30.51 0.89 -49.83
N MET H 148 -31.24 1.23 -50.89
CA MET H 148 -32.32 0.34 -51.31
C MET H 148 -31.77 -0.95 -51.92
N ASP H 149 -30.59 -0.88 -52.57
CA ASP H 149 -29.98 -2.08 -53.12
C ASP H 149 -29.65 -3.09 -52.01
N ARG H 150 -29.20 -2.59 -50.85
CA ARG H 150 -28.88 -3.46 -49.73
C ARG H 150 -30.13 -4.15 -49.20
N VAL H 151 -31.23 -3.39 -49.08
CA VAL H 151 -32.50 -3.97 -48.64
C VAL H 151 -32.93 -5.10 -49.56
N ASP H 152 -32.90 -4.87 -50.87
CA ASP H 152 -33.34 -5.90 -51.80
C ASP H 152 -32.51 -7.16 -51.61
N ALA H 153 -31.19 -7.00 -51.49
CA ALA H 153 -30.34 -8.17 -51.32
C ALA H 153 -30.61 -8.85 -49.98
N LEU H 154 -30.86 -8.05 -48.94
CA LEU H 154 -31.14 -8.64 -47.63
C LEU H 154 -32.47 -9.40 -47.63
N VAL H 155 -33.49 -8.86 -48.31
CA VAL H 155 -34.77 -9.56 -48.39
C VAL H 155 -34.57 -10.90 -49.09
N GLU H 156 -33.90 -10.89 -50.24
CA GLU H 156 -33.67 -12.12 -51.00
C GLU H 156 -32.87 -13.14 -50.19
N ALA H 157 -32.02 -12.65 -49.28
CA ALA H 157 -31.24 -13.53 -48.42
C ALA H 157 -32.07 -14.13 -47.28
N GLY H 158 -33.31 -13.69 -47.10
CA GLY H 158 -34.15 -14.22 -46.04
C GLY H 158 -34.11 -13.46 -44.73
N VAL H 159 -33.67 -12.19 -44.72
CA VAL H 159 -33.60 -11.46 -43.47
C VAL H 159 -35.00 -11.28 -42.92
N ASP H 160 -35.13 -11.37 -41.59
CA ASP H 160 -36.42 -11.30 -40.93
C ASP H 160 -36.85 -9.88 -40.63
N VAL H 161 -35.90 -9.00 -40.40
CA VAL H 161 -36.21 -7.63 -40.04
C VAL H 161 -35.05 -6.75 -40.46
N VAL H 162 -35.37 -5.60 -41.02
CA VAL H 162 -34.38 -4.63 -41.44
C VAL H 162 -34.37 -3.52 -40.41
N VAL H 163 -33.17 -3.09 -40.02
CA VAL H 163 -32.97 -2.09 -38.98
C VAL H 163 -32.39 -0.85 -39.66
N LEU H 164 -33.21 0.16 -39.87
CA LEU H 164 -32.80 1.39 -40.54
C LEU H 164 -32.16 2.30 -39.50
N ASP H 165 -30.82 2.37 -39.50
CA ASP H 165 -30.04 3.11 -38.51
C ASP H 165 -29.60 4.46 -39.07
N SER H 166 -29.81 5.52 -38.28
CA SER H 166 -29.13 6.79 -38.48
C SER H 166 -28.80 7.40 -37.13
N ALA H 167 -27.75 8.24 -37.10
CA ALA H 167 -27.50 9.01 -35.89
C ALA H 167 -28.73 9.84 -35.51
N HIS H 168 -29.55 10.23 -36.49
CA HIS H 168 -30.68 11.12 -36.22
C HIS H 168 -31.88 10.59 -36.98
N GLY H 169 -32.68 9.75 -36.30
CA GLY H 169 -33.83 9.13 -36.94
C GLY H 169 -34.92 10.11 -37.31
N HIS H 170 -35.02 11.22 -36.57
CA HIS H 170 -36.12 12.18 -36.78
C HIS H 170 -35.74 13.15 -37.89
N SER H 171 -35.71 12.62 -39.11
CA SER H 171 -35.18 13.37 -40.23
C SER H 171 -35.91 13.00 -41.51
N LYS H 172 -35.88 13.93 -42.46
CA LYS H 172 -36.50 13.69 -43.76
C LYS H 172 -35.90 12.48 -44.45
N GLY H 173 -34.56 12.37 -44.43
CA GLY H 173 -33.92 11.24 -45.10
C GLY H 173 -34.41 9.90 -44.58
N ILE H 174 -34.58 9.79 -43.26
CA ILE H 174 -35.07 8.55 -42.66
C ILE H 174 -36.54 8.33 -42.98
N ILE H 175 -37.36 9.37 -42.84
CA ILE H 175 -38.79 9.19 -43.06
C ILE H 175 -39.06 8.79 -44.51
N ASP H 176 -38.34 9.39 -45.46
CA ASP H 176 -38.50 9.02 -46.87
C ASP H 176 -38.05 7.58 -47.11
N THR H 177 -36.97 7.15 -46.46
CA THR H 177 -36.55 5.77 -46.61
C THR H 177 -37.62 4.83 -46.06
N VAL H 178 -38.20 5.16 -44.91
CA VAL H 178 -39.23 4.30 -44.33
C VAL H 178 -40.39 4.13 -45.31
N LYS H 179 -40.83 5.25 -45.90
CA LYS H 179 -41.98 5.20 -46.81
C LYS H 179 -41.66 4.43 -48.08
N ALA H 180 -40.41 4.52 -48.56
CA ALA H 180 -40.04 3.78 -49.77
C ALA H 180 -39.98 2.29 -49.49
N ILE H 181 -39.37 1.89 -48.36
CA ILE H 181 -39.27 0.47 -48.01
C ILE H 181 -40.65 -0.12 -47.77
N LYS H 182 -41.47 0.57 -46.95
CA LYS H 182 -42.81 0.04 -46.69
C LYS H 182 -43.64 -0.05 -47.97
N ALA H 183 -43.47 0.88 -48.91
CA ALA H 183 -44.18 0.77 -50.17
C ALA H 183 -43.71 -0.45 -50.96
N LYS H 184 -42.40 -0.69 -51.00
CA LYS H 184 -41.88 -1.77 -51.83
C LYS H 184 -42.02 -3.14 -51.16
N TYR H 185 -41.94 -3.22 -49.83
CA TYR H 185 -42.05 -4.48 -49.12
C TYR H 185 -43.05 -4.31 -47.97
N PRO H 186 -44.34 -4.29 -48.27
CA PRO H 186 -45.33 -4.00 -47.22
C PRO H 186 -45.28 -4.96 -46.06
N ASN H 187 -44.81 -6.20 -46.28
CA ASN H 187 -44.80 -7.22 -45.25
C ASN H 187 -43.42 -7.43 -44.62
N LEU H 188 -42.44 -6.61 -44.96
CA LEU H 188 -41.13 -6.68 -44.32
C LEU H 188 -41.16 -5.90 -43.00
N ASP H 189 -40.79 -6.53 -41.88
CA ASP H 189 -40.75 -5.73 -40.65
C ASP H 189 -39.57 -4.79 -40.70
N LEU H 190 -39.82 -3.55 -40.30
CA LEU H 190 -38.86 -2.46 -40.43
C LEU H 190 -38.74 -1.75 -39.09
N ILE H 191 -37.53 -1.71 -38.55
CA ILE H 191 -37.19 -0.94 -37.36
C ILE H 191 -36.46 0.30 -37.81
N ALA H 192 -36.76 1.45 -37.18
CA ALA H 192 -36.05 2.68 -37.51
C ALA H 192 -35.63 3.43 -36.26
N GLY H 193 -34.45 4.03 -36.32
CA GLY H 193 -33.96 4.85 -35.23
C GLY H 193 -32.74 5.60 -35.72
N ASN H 194 -32.07 6.32 -34.82
CA ASN H 194 -32.49 6.41 -33.42
C ASN H 194 -33.17 7.74 -33.12
N ILE H 195 -34.08 7.70 -32.12
CA ILE H 195 -34.89 8.85 -31.73
C ILE H 195 -34.82 9.00 -30.22
N ALA H 196 -35.36 10.12 -29.74
CA ALA H 196 -35.40 10.31 -28.30
C ALA H 196 -36.55 11.21 -27.85
N THR H 197 -37.48 11.62 -28.72
CA THR H 197 -38.60 12.47 -28.35
C THR H 197 -39.90 11.86 -28.84
N ALA H 198 -41.00 12.27 -28.19
CA ALA H 198 -42.32 11.82 -28.61
C ALA H 198 -42.63 12.26 -30.04
N ALA H 199 -42.25 13.47 -30.41
CA ALA H 199 -42.55 13.96 -31.76
C ALA H 199 -41.89 13.07 -32.81
N ALA H 200 -40.67 12.60 -32.52
CA ALA H 200 -39.98 11.71 -33.43
C ALA H 200 -40.69 10.38 -33.54
N ALA H 201 -41.11 9.83 -32.39
CA ALA H 201 -41.85 8.57 -32.40
C ALA H 201 -43.14 8.70 -33.18
N LYS H 202 -43.84 9.83 -33.02
CA LYS H 202 -45.05 10.06 -33.79
C LYS H 202 -44.75 10.09 -35.27
N ALA H 203 -43.67 10.78 -35.67
CA ALA H 203 -43.34 10.88 -37.09
C ALA H 203 -42.98 9.53 -37.68
N LEU H 204 -42.16 8.73 -36.98
CA LEU H 204 -41.82 7.42 -37.51
C LEU H 204 -43.01 6.47 -37.54
N CYS H 205 -43.87 6.52 -36.51
CA CYS H 205 -45.05 5.66 -36.53
C CYS H 205 -46.01 6.05 -37.65
N GLU H 206 -46.23 7.35 -37.87
CA GLU H 206 -47.06 7.77 -39.00
C GLU H 206 -46.45 7.38 -40.33
N ALA H 207 -45.13 7.21 -40.41
CA ALA H 207 -44.51 6.83 -41.67
C ALA H 207 -44.58 5.33 -41.93
N GLY H 208 -44.93 4.53 -40.93
CA GLY H 208 -45.18 3.12 -41.11
C GLY H 208 -44.19 2.14 -40.48
N VAL H 209 -43.32 2.60 -39.55
CA VAL H 209 -42.37 1.66 -38.96
C VAL H 209 -43.12 0.60 -38.15
N ASP H 210 -42.44 -0.53 -37.97
CA ASP H 210 -42.99 -1.59 -37.14
C ASP H 210 -42.40 -1.58 -35.73
N ALA H 211 -41.38 -0.76 -35.48
CA ALA H 211 -40.84 -0.55 -34.15
C ALA H 211 -39.87 0.62 -34.24
N VAL H 212 -39.79 1.39 -33.17
CA VAL H 212 -38.86 2.52 -33.08
C VAL H 212 -37.79 2.18 -32.07
N LYS H 213 -36.59 2.64 -32.34
CA LYS H 213 -35.43 2.33 -31.54
C LYS H 213 -34.95 3.65 -30.93
N VAL H 214 -34.88 3.68 -29.60
CA VAL H 214 -34.72 4.89 -28.79
C VAL H 214 -33.32 4.93 -28.18
N GLY H 215 -32.62 6.05 -28.34
CA GLY H 215 -31.30 6.19 -27.74
C GLY H 215 -30.45 7.17 -28.51
N ILE H 216 -30.30 8.39 -28.00
CA ILE H 216 -29.40 9.37 -28.57
C ILE H 216 -28.39 9.71 -27.48
N GLY H 217 -27.20 9.15 -27.59
CA GLY H 217 -26.15 9.43 -26.62
C GLY H 217 -25.86 8.47 -25.47
N PRO H 218 -26.71 7.48 -25.18
CA PRO H 218 -26.44 6.68 -23.97
C PRO H 218 -25.39 5.59 -24.15
N GLY H 219 -24.94 5.29 -25.36
CA GLY H 219 -24.07 4.15 -25.56
C GLY H 219 -22.74 4.28 -24.82
N SER H 220 -22.24 3.15 -24.32
CA SER H 220 -20.94 3.12 -23.63
C SER H 220 -19.85 3.82 -24.43
N ILE H 221 -19.78 3.57 -25.73
CA ILE H 221 -18.73 4.10 -26.60
C ILE H 221 -19.14 5.37 -27.32
N CYS H 222 -20.31 5.90 -27.03
CA CYS H 222 -20.90 7.04 -27.72
C CYS H 222 -20.39 8.35 -27.13
N THR H 223 -20.02 9.29 -28.00
CA THR H 223 -19.67 10.65 -27.57
C THR H 223 -20.63 11.72 -28.09
N THR H 224 -21.78 11.32 -28.64
CA THR H 224 -22.69 12.28 -29.29
C THR H 224 -23.05 13.44 -28.38
N ARG H 225 -23.46 13.13 -27.15
CA ARG H 225 -23.88 14.19 -26.23
C ARG H 225 -22.74 15.14 -25.91
N ILE H 226 -21.50 14.64 -25.90
CA ILE H 226 -20.37 15.48 -25.56
C ILE H 226 -19.90 16.28 -26.77
N VAL H 227 -19.95 15.67 -27.94
CA VAL H 227 -19.47 16.29 -29.17
C VAL H 227 -20.49 17.26 -29.75
N SER H 228 -21.78 16.98 -29.61
CA SER H 228 -22.80 17.82 -30.22
C SER H 228 -23.66 18.53 -29.20
N GLY H 229 -23.58 18.15 -27.92
CA GLY H 229 -24.47 18.71 -26.93
C GLY H 229 -25.89 18.20 -27.01
N VAL H 230 -26.16 17.20 -27.85
CA VAL H 230 -27.53 16.75 -28.12
C VAL H 230 -27.72 15.39 -27.46
N GLY H 231 -28.83 15.25 -26.74
CA GLY H 231 -29.21 13.93 -26.25
C GLY H 231 -30.34 14.06 -25.26
N VAL H 232 -30.88 12.90 -24.89
CA VAL H 232 -31.91 12.83 -23.85
C VAL H 232 -31.57 11.66 -22.93
N PRO H 233 -31.43 11.86 -21.62
CA PRO H 233 -31.17 10.72 -20.72
C PRO H 233 -32.18 9.60 -20.94
N GLN H 234 -31.68 8.36 -20.86
CA GLN H 234 -32.31 7.25 -21.57
C GLN H 234 -33.66 6.85 -20.97
N ILE H 235 -33.80 6.93 -19.63
CA ILE H 235 -35.08 6.57 -19.01
C ILE H 235 -36.19 7.50 -19.48
N SER H 236 -35.97 8.82 -19.35
CA SER H 236 -36.93 9.79 -19.85
C SER H 236 -37.18 9.64 -21.34
N ALA H 237 -36.13 9.32 -22.11
CA ALA H 237 -36.32 9.18 -23.56
C ALA H 237 -37.23 8.00 -23.88
N ILE H 238 -37.02 6.87 -23.21
CA ILE H 238 -37.90 5.72 -23.38
C ILE H 238 -39.32 6.09 -22.97
N ASP H 239 -39.45 6.72 -21.80
CA ASP H 239 -40.77 7.05 -21.25
C ASP H 239 -41.59 7.89 -22.23
N GLU H 240 -40.95 8.88 -22.85
CA GLU H 240 -41.62 9.82 -23.75
C GLU H 240 -41.98 9.15 -25.06
N CYS H 241 -41.10 8.30 -25.59
CA CYS H 241 -41.33 7.65 -26.86
C CYS H 241 -42.33 6.51 -26.73
N VAL H 242 -42.33 5.81 -25.58
CA VAL H 242 -43.30 4.74 -25.35
C VAL H 242 -44.71 5.30 -25.31
N GLU H 243 -44.91 6.43 -24.61
CA GLU H 243 -46.24 7.01 -24.50
C GLU H 243 -46.82 7.36 -25.86
N GLU H 244 -45.97 7.81 -26.80
CA GLU H 244 -46.48 8.13 -28.13
C GLU H 244 -46.60 6.85 -28.99
N ALA H 245 -45.57 5.99 -28.98
CA ALA H 245 -45.60 4.81 -29.84
C ALA H 245 -46.73 3.85 -29.46
N ASN H 246 -47.06 3.77 -28.16
CA ASN H 246 -48.20 2.92 -27.75
C ASN H 246 -49.50 3.35 -28.41
N LYS H 247 -49.64 4.63 -28.80
CA LYS H 247 -50.84 5.05 -29.49
C LYS H 247 -50.99 4.40 -30.85
N PHE H 248 -49.88 3.93 -31.42
CA PHE H 248 -49.86 3.27 -32.71
C PHE H 248 -49.67 1.77 -32.58
N GLY H 249 -49.60 1.25 -31.36
CA GLY H 249 -49.27 -0.15 -31.19
C GLY H 249 -47.88 -0.52 -31.64
N VAL H 250 -46.92 0.38 -31.50
CA VAL H 250 -45.56 0.21 -32.03
C VAL H 250 -44.61 -0.06 -30.88
N PRO H 251 -43.91 -1.20 -30.87
CA PRO H 251 -42.95 -1.47 -29.80
C PRO H 251 -41.76 -0.51 -29.86
N VAL H 252 -41.19 -0.24 -28.69
CA VAL H 252 -39.99 0.58 -28.53
C VAL H 252 -38.82 -0.31 -28.15
N ILE H 253 -37.68 -0.11 -28.82
CA ILE H 253 -36.45 -0.81 -28.48
C ILE H 253 -35.53 0.17 -27.74
N ALA H 254 -35.20 -0.16 -26.50
CA ALA H 254 -34.27 0.67 -25.72
C ALA H 254 -32.85 0.34 -26.15
N ASP H 255 -32.18 1.28 -26.80
CA ASP H 255 -30.89 1.00 -27.40
C ASP H 255 -29.81 1.83 -26.72
N GLY H 256 -28.91 1.15 -26.01
CA GLY H 256 -27.68 1.74 -25.51
C GLY H 256 -27.76 2.09 -24.03
N GLY H 257 -26.60 2.08 -23.37
CA GLY H 257 -26.48 2.53 -22.00
C GLY H 257 -26.77 1.48 -20.95
N ILE H 258 -27.05 0.24 -21.35
CA ILE H 258 -27.25 -0.85 -20.39
C ILE H 258 -25.89 -1.26 -19.83
N LYS H 259 -25.71 -1.06 -18.53
CA LYS H 259 -24.49 -1.40 -17.79
C LYS H 259 -24.63 -2.68 -16.99
N TYR H 260 -25.82 -2.92 -16.45
CA TYR H 260 -26.07 -4.04 -15.56
C TYR H 260 -27.43 -4.62 -15.87
N SER H 261 -27.65 -5.85 -15.39
CA SER H 261 -28.94 -6.49 -15.63
C SER H 261 -30.10 -5.67 -15.08
N GLY H 262 -29.88 -4.89 -14.02
CA GLY H 262 -30.95 -4.07 -13.49
C GLY H 262 -31.39 -2.96 -14.42
N ASP H 263 -30.49 -2.50 -15.29
CA ASP H 263 -30.89 -1.50 -16.28
C ASP H 263 -31.84 -2.09 -17.31
N ILE H 264 -31.68 -3.37 -17.62
CA ILE H 264 -32.61 -4.04 -18.51
C ILE H 264 -34.00 -4.04 -17.91
N ALA H 265 -34.09 -4.38 -16.61
CA ALA H 265 -35.40 -4.40 -15.97
C ALA H 265 -36.02 -3.01 -15.97
N LYS H 266 -35.24 -1.99 -15.64
CA LYS H 266 -35.77 -0.63 -15.59
C LYS H 266 -36.28 -0.20 -16.96
N ALA H 267 -35.51 -0.49 -18.02
CA ALA H 267 -35.91 -0.11 -19.36
C ALA H 267 -37.24 -0.74 -19.76
N LEU H 268 -37.38 -2.04 -19.50
CA LEU H 268 -38.61 -2.74 -19.86
C LEU H 268 -39.77 -2.26 -18.99
N ALA H 269 -39.52 -2.07 -17.69
CA ALA H 269 -40.56 -1.60 -16.79
C ALA H 269 -41.12 -0.24 -17.23
N VAL H 270 -40.25 0.67 -17.69
CA VAL H 270 -40.73 1.98 -18.15
C VAL H 270 -41.58 1.85 -19.42
N GLY H 271 -41.39 0.80 -20.20
CA GLY H 271 -42.29 0.54 -21.30
C GLY H 271 -41.62 0.03 -22.56
N ALA H 272 -40.30 -0.07 -22.58
CA ALA H 272 -39.67 -0.65 -23.76
C ALA H 272 -40.14 -2.09 -23.92
N SER H 273 -40.20 -2.56 -25.16
CA SER H 273 -40.54 -3.96 -25.39
C SER H 273 -39.31 -4.84 -25.51
N SER H 274 -38.17 -4.26 -25.84
CA SER H 274 -36.93 -5.02 -25.91
C SER H 274 -35.78 -4.06 -25.72
N VAL H 275 -34.58 -4.62 -25.63
CA VAL H 275 -33.39 -3.86 -25.26
C VAL H 275 -32.26 -4.28 -26.18
N MET H 276 -31.48 -3.32 -26.66
CA MET H 276 -30.34 -3.58 -27.51
C MET H 276 -29.05 -3.30 -26.73
N ILE H 277 -28.08 -4.20 -26.86
CA ILE H 277 -26.91 -4.20 -25.99
C ILE H 277 -25.64 -4.36 -26.81
N GLY H 278 -24.66 -3.50 -26.55
CA GLY H 278 -23.38 -3.59 -27.22
C GLY H 278 -22.25 -4.07 -26.32
N SER H 279 -21.86 -3.25 -25.35
CA SER H 279 -20.62 -3.51 -24.63
C SER H 279 -20.68 -4.80 -23.82
N LEU H 280 -21.85 -5.20 -23.34
CA LEU H 280 -21.93 -6.43 -22.55
C LEU H 280 -21.74 -7.68 -23.40
N LEU H 281 -21.84 -7.57 -24.72
CA LEU H 281 -21.69 -8.72 -25.59
C LEU H 281 -20.41 -8.69 -26.42
N ALA H 282 -19.64 -7.60 -26.36
CA ALA H 282 -18.49 -7.45 -27.24
C ALA H 282 -17.31 -8.33 -26.80
N GLY H 283 -17.20 -8.65 -25.52
CA GLY H 283 -16.05 -9.40 -25.06
C GLY H 283 -16.27 -10.90 -25.02
N THR H 284 -17.20 -11.39 -25.83
CA THR H 284 -17.56 -12.80 -25.82
C THR H 284 -16.85 -13.55 -26.94
N ASP H 285 -16.87 -14.89 -26.83
CA ASP H 285 -16.28 -15.72 -27.87
C ASP H 285 -16.91 -15.41 -29.22
N GLU H 286 -18.22 -15.19 -29.24
CA GLU H 286 -18.97 -15.18 -30.48
C GLU H 286 -18.91 -13.85 -31.22
N SER H 287 -18.50 -12.77 -30.56
CA SER H 287 -18.37 -11.52 -31.28
C SER H 287 -17.18 -11.60 -32.23
N PRO H 288 -17.21 -10.87 -33.33
CA PRO H 288 -16.07 -10.89 -34.25
C PRO H 288 -14.87 -10.19 -33.62
N GLY H 289 -13.72 -10.46 -34.18
CA GLY H 289 -12.55 -9.90 -33.56
C GLY H 289 -11.85 -10.92 -32.66
N GLU H 290 -10.54 -10.77 -32.56
CA GLU H 290 -9.68 -11.77 -31.94
C GLU H 290 -9.39 -11.36 -30.50
N LEU H 291 -9.33 -12.35 -29.60
CA LEU H 291 -8.79 -12.09 -28.27
C LEU H 291 -7.38 -11.53 -28.38
N PHE H 292 -7.08 -10.52 -27.58
CA PHE H 292 -5.70 -10.09 -27.40
C PHE H 292 -5.43 -9.90 -25.92
N THR H 293 -4.15 -9.75 -25.60
CA THR H 293 -3.69 -9.63 -24.22
C THR H 293 -3.06 -8.26 -24.02
N TYR H 294 -3.53 -7.55 -22.99
CA TYR H 294 -2.88 -6.36 -22.47
C TYR H 294 -2.44 -6.72 -21.05
N GLN H 295 -1.14 -6.62 -20.78
CA GLN H 295 -0.60 -6.80 -19.43
C GLN H 295 -1.16 -8.07 -18.79
N GLY H 296 -1.07 -9.19 -19.52
CA GLY H 296 -1.45 -10.49 -19.02
C GLY H 296 -2.92 -10.62 -18.67
N ARG H 297 -3.80 -10.09 -19.51
CA ARG H 297 -5.24 -10.04 -19.31
C ARG H 297 -5.87 -10.03 -20.70
N GLN H 298 -7.00 -10.69 -20.87
CA GLN H 298 -7.56 -10.85 -22.20
C GLN H 298 -8.68 -9.87 -22.48
N TYR H 299 -8.68 -9.33 -23.70
CA TYR H 299 -9.63 -8.31 -24.12
C TYR H 299 -10.10 -8.60 -25.54
N LYS H 300 -11.20 -7.94 -25.90
CA LYS H 300 -11.57 -7.79 -27.30
C LYS H 300 -11.78 -6.31 -27.58
N SER H 301 -11.60 -5.95 -28.84
CA SER H 301 -11.87 -4.59 -29.27
C SER H 301 -13.36 -4.29 -29.24
N TYR H 302 -13.69 -3.04 -28.91
CA TYR H 302 -15.08 -2.60 -28.95
C TYR H 302 -15.05 -1.10 -29.29
N ARG H 303 -15.72 -0.73 -30.37
CA ARG H 303 -15.63 0.64 -30.88
C ARG H 303 -16.98 1.11 -31.38
N GLY H 304 -17.22 2.41 -31.26
CA GLY H 304 -18.41 2.98 -31.85
C GLY H 304 -18.37 2.87 -33.36
N MET H 305 -19.55 2.69 -33.95
CA MET H 305 -19.62 2.73 -35.41
C MET H 305 -19.39 4.13 -35.95
N GLY H 306 -19.45 5.15 -35.08
CA GLY H 306 -19.05 6.49 -35.42
C GLY H 306 -17.64 6.86 -34.98
N SER H 307 -16.81 5.88 -34.61
CA SER H 307 -15.41 6.14 -34.32
C SER H 307 -14.61 6.22 -35.63
N LEU H 308 -13.45 6.90 -35.55
CA LEU H 308 -12.55 6.94 -36.70
C LEU H 308 -12.22 5.55 -37.22
N GLY H 309 -11.93 4.61 -36.31
CA GLY H 309 -11.60 3.26 -36.74
C GLY H 309 -12.70 2.61 -37.55
N ALA H 310 -13.95 2.74 -37.09
CA ALA H 310 -15.06 2.12 -37.80
C ALA H 310 -15.32 2.80 -39.14
N MET H 311 -15.19 4.12 -39.20
CA MET H 311 -15.48 4.84 -40.43
C MET H 311 -14.38 4.72 -41.47
N GLN H 312 -13.18 4.22 -41.12
CA GLN H 312 -12.10 4.15 -42.10
C GLN H 312 -12.46 3.21 -43.26
N LYS H 313 -13.30 2.21 -43.00
CA LYS H 313 -14.18 1.57 -43.98
C LYS H 313 -13.49 1.29 -45.31
N LEU H 329 -19.29 13.82 -40.12
CA LEU H 329 -17.93 13.43 -40.49
C LEU H 329 -16.97 13.28 -39.30
N VAL H 330 -16.95 14.25 -38.38
CA VAL H 330 -16.07 14.14 -37.21
C VAL H 330 -16.64 13.03 -36.34
N PRO H 331 -15.82 12.30 -35.59
CA PRO H 331 -16.33 11.08 -34.96
C PRO H 331 -17.31 11.37 -33.83
N GLU H 332 -18.20 10.40 -33.60
CA GLU H 332 -19.13 10.46 -32.48
C GLU H 332 -19.04 9.21 -31.63
N GLY H 333 -17.90 8.51 -31.67
CA GLY H 333 -17.59 7.43 -30.76
C GLY H 333 -16.10 7.26 -30.58
N ILE H 334 -15.72 6.33 -29.70
CA ILE H 334 -14.32 6.05 -29.43
C ILE H 334 -14.02 4.60 -29.79
N GLU H 335 -12.72 4.30 -29.83
CA GLU H 335 -12.21 2.96 -30.09
C GLU H 335 -11.67 2.42 -28.77
N GLY H 336 -12.14 1.23 -28.38
CA GLY H 336 -11.79 0.76 -27.06
C GLY H 336 -11.61 -0.73 -26.96
N ARG H 337 -11.49 -1.22 -25.73
CA ARG H 337 -11.43 -2.65 -25.44
C ARG H 337 -12.33 -2.94 -24.25
N VAL H 338 -12.82 -4.18 -24.18
CA VAL H 338 -13.59 -4.64 -23.03
C VAL H 338 -13.02 -5.98 -22.59
N PRO H 339 -13.16 -6.35 -21.31
CA PRO H 339 -12.58 -7.61 -20.85
C PRO H 339 -13.26 -8.79 -21.53
N TYR H 340 -12.47 -9.83 -21.78
CA TYR H 340 -13.04 -11.08 -22.26
C TYR H 340 -13.86 -11.75 -21.15
N VAL H 341 -15.09 -12.16 -21.47
CA VAL H 341 -16.00 -12.69 -20.47
C VAL H 341 -16.54 -14.07 -20.81
N GLY H 342 -15.96 -14.75 -21.79
CA GLY H 342 -16.46 -16.07 -22.10
C GLY H 342 -17.59 -16.09 -23.10
N SER H 343 -18.55 -17.01 -22.97
CA SER H 343 -19.57 -17.18 -24.00
C SER H 343 -20.73 -16.21 -23.81
N ILE H 344 -21.36 -15.85 -24.93
CA ILE H 344 -22.63 -15.12 -24.89
C ILE H 344 -23.64 -15.84 -24.00
N ARG H 345 -23.60 -17.15 -23.99
CA ARG H 345 -24.53 -17.89 -23.18
C ARG H 345 -24.45 -17.57 -21.68
N SER H 346 -23.26 -17.48 -21.10
CA SER H 346 -23.16 -17.20 -19.67
C SER H 346 -23.51 -15.76 -19.38
N VAL H 347 -23.21 -14.85 -20.31
CA VAL H 347 -23.60 -13.45 -20.15
C VAL H 347 -25.12 -13.32 -20.17
N VAL H 348 -25.76 -13.84 -21.21
CA VAL H 348 -27.21 -13.74 -21.32
C VAL H 348 -27.91 -14.42 -20.14
N HIS H 349 -27.41 -15.59 -19.72
CA HIS H 349 -27.98 -16.27 -18.55
C HIS H 349 -28.06 -15.35 -17.33
N GLN H 350 -26.98 -14.59 -17.09
CA GLN H 350 -26.94 -13.68 -15.95
C GLN H 350 -27.89 -12.49 -16.18
N LEU H 351 -27.93 -11.94 -17.39
CA LEU H 351 -28.79 -10.80 -17.65
C LEU H 351 -30.26 -11.16 -17.47
N LEU H 352 -30.68 -12.31 -18.00
CA LEU H 352 -32.06 -12.74 -17.84
C LEU H 352 -32.37 -13.19 -16.41
N GLY H 353 -31.37 -13.73 -15.70
CA GLY H 353 -31.59 -14.06 -14.31
C GLY H 353 -31.92 -12.82 -13.49
N GLY H 354 -31.27 -11.70 -13.81
CA GLY H 354 -31.55 -10.47 -13.08
C GLY H 354 -32.92 -9.92 -13.41
N LEU H 355 -33.31 -10.00 -14.68
CA LEU H 355 -34.65 -9.59 -15.09
C LEU H 355 -35.72 -10.43 -14.39
N ARG H 356 -35.55 -11.75 -14.38
CA ARG H 356 -36.52 -12.62 -13.73
C ARG H 356 -36.66 -12.26 -12.26
N SER H 357 -35.53 -12.01 -11.59
CA SER H 357 -35.55 -11.58 -10.20
C SER H 357 -36.32 -10.29 -10.04
N SER H 358 -36.04 -9.31 -10.90
CA SER H 358 -36.76 -8.03 -10.87
C SER H 358 -38.26 -8.24 -10.97
N MET H 359 -38.69 -9.08 -11.91
CA MET H 359 -40.12 -9.30 -12.09
C MET H 359 -40.72 -10.00 -10.89
N GLY H 360 -39.97 -10.92 -10.27
CA GLY H 360 -40.42 -11.51 -9.01
C GLY H 360 -40.62 -10.48 -7.92
N TYR H 361 -39.68 -9.52 -7.82
CA TYR H 361 -39.81 -8.47 -6.81
C TYR H 361 -41.01 -7.58 -7.04
N VAL H 362 -41.37 -7.33 -8.30
CA VAL H 362 -42.55 -6.51 -8.60
C VAL H 362 -43.83 -7.32 -8.54
N GLY H 363 -43.73 -8.64 -8.55
CA GLY H 363 -44.92 -9.46 -8.63
C GLY H 363 -45.47 -9.61 -10.03
N ALA H 364 -44.65 -9.37 -11.05
CA ALA H 364 -45.09 -9.37 -12.43
C ALA H 364 -44.99 -10.76 -13.04
N LYS H 365 -46.08 -11.22 -13.65
CA LYS H 365 -46.09 -12.54 -14.27
C LYS H 365 -45.48 -12.53 -15.67
N ASP H 366 -45.37 -11.37 -16.29
CA ASP H 366 -44.89 -11.25 -17.68
C ASP H 366 -44.58 -9.78 -17.92
N ILE H 367 -44.02 -9.48 -19.10
CA ILE H 367 -43.45 -8.15 -19.31
C ILE H 367 -44.53 -7.07 -19.31
N GLU H 368 -45.69 -7.34 -19.95
CA GLU H 368 -46.73 -6.31 -19.90
C GLU H 368 -47.25 -6.10 -18.49
N ASP H 369 -47.37 -7.17 -17.71
CA ASP H 369 -47.75 -7.05 -16.31
C ASP H 369 -46.72 -6.23 -15.55
N PHE H 370 -45.45 -6.42 -15.88
CA PHE H 370 -44.34 -5.69 -15.27
C PHE H 370 -44.50 -4.19 -15.50
N GLN H 371 -44.78 -3.81 -16.75
CA GLN H 371 -44.97 -2.41 -17.09
C GLN H 371 -46.18 -1.80 -16.39
N LYS H 372 -47.25 -2.58 -16.23
CA LYS H 372 -48.45 -2.06 -15.59
C LYS H 372 -48.33 -1.98 -14.07
N ARG H 373 -47.55 -2.85 -13.45
CA ARG H 373 -47.36 -2.82 -12.00
C ARG H 373 -46.28 -1.85 -11.55
N ALA H 374 -45.30 -1.56 -12.39
CA ALA H 374 -44.05 -0.99 -11.91
C ALA H 374 -44.25 0.40 -11.34
N GLU H 375 -43.74 0.64 -10.13
CA GLU H 375 -43.69 1.98 -9.55
C GLU H 375 -42.24 2.29 -9.22
N PHE H 376 -41.78 3.48 -9.61
CA PHE H 376 -40.39 3.88 -9.40
C PHE H 376 -40.27 4.87 -8.25
N VAL H 377 -39.05 4.96 -7.70
CA VAL H 377 -38.65 6.09 -6.87
C VAL H 377 -37.45 6.74 -7.53
N GLU H 378 -37.34 8.05 -7.37
CA GLU H 378 -36.15 8.78 -7.78
C GLU H 378 -35.17 8.72 -6.62
N ILE H 379 -33.89 8.54 -6.92
CA ILE H 379 -32.88 8.47 -5.86
C ILE H 379 -31.87 9.59 -6.04
N THR H 380 -31.04 9.77 -5.03
CA THR H 380 -29.99 10.76 -5.04
C THR H 380 -28.64 10.09 -5.28
N THR H 381 -27.58 10.90 -5.28
CA THR H 381 -26.24 10.36 -5.42
C THR H 381 -25.90 9.41 -4.28
N ALA H 382 -26.19 9.81 -3.03
CA ALA H 382 -25.98 8.91 -1.90
C ALA H 382 -26.77 7.62 -2.07
N GLY H 383 -27.99 7.70 -2.61
CA GLY H 383 -28.78 6.50 -2.82
C GLY H 383 -28.12 5.55 -3.81
N LEU H 384 -27.50 6.10 -4.85
CA LEU H 384 -26.76 5.26 -5.79
C LEU H 384 -25.54 4.63 -5.13
N LYS H 385 -24.79 5.40 -4.33
CA LYS H 385 -23.69 4.81 -3.56
C LYS H 385 -24.18 3.64 -2.70
N GLU H 386 -25.26 3.85 -1.95
CA GLU H 386 -25.85 2.81 -1.12
C GLU H 386 -26.23 1.57 -1.93
N SER H 387 -26.64 1.78 -3.19
CA SER H 387 -27.15 0.70 -4.02
C SER H 387 -26.03 -0.21 -4.50
N HIS H 388 -24.92 0.39 -4.91
CA HIS H 388 -23.74 -0.42 -5.21
C HIS H 388 -23.16 -1.05 -3.94
N VAL H 389 -22.22 -1.97 -4.16
CA VAL H 389 -21.40 -2.49 -3.08
C VAL H 389 -20.59 -1.33 -2.46
N HIS H 390 -20.56 -1.28 -1.13
CA HIS H 390 -19.86 -0.19 -0.47
C HIS H 390 -19.25 -0.69 0.82
N ASP H 391 -18.13 -0.08 1.20
CA ASP H 391 -17.45 -0.31 2.47
C ASP H 391 -16.92 -1.74 2.61
N VAL H 392 -16.75 -2.45 1.51
CA VAL H 392 -16.21 -3.80 1.54
C VAL H 392 -15.33 -3.98 0.31
N THR H 393 -14.13 -4.53 0.51
CA THR H 393 -13.24 -4.86 -0.59
C THR H 393 -13.68 -6.17 -1.22
N ILE H 394 -13.99 -6.14 -2.51
CA ILE H 394 -14.44 -7.33 -3.23
C ILE H 394 -13.23 -8.20 -3.56
N THR H 395 -13.30 -9.48 -3.21
CA THR H 395 -12.19 -10.40 -3.44
C THR H 395 -12.46 -11.49 -4.47
N HIS H 396 -13.70 -11.64 -4.94
CA HIS H 396 -14.08 -12.65 -5.92
C HIS H 396 -14.94 -12.00 -6.98
N GLU H 397 -14.76 -12.40 -8.24
CA GLU H 397 -15.63 -11.84 -9.28
C GLU H 397 -17.05 -12.38 -9.11
N ALA H 398 -18.00 -11.48 -9.03
CA ALA H 398 -19.37 -11.92 -9.16
C ALA H 398 -19.72 -12.01 -10.64
N PRO H 399 -20.47 -13.03 -11.06
CA PRO H 399 -20.73 -13.21 -12.50
C PRO H 399 -21.61 -12.14 -13.11
N ASN H 400 -22.33 -11.36 -12.28
CA ASN H 400 -23.26 -10.36 -12.79
C ASN H 400 -22.98 -8.97 -12.21
N TYR H 401 -21.76 -8.73 -11.72
CA TYR H 401 -21.44 -7.44 -11.09
C TYR H 401 -19.95 -7.17 -11.27
N LYS H 402 -19.61 -6.29 -12.20
CA LYS H 402 -18.21 -6.03 -12.52
C LYS H 402 -17.80 -4.59 -12.18
P IMP I . -11.94 24.53 10.76
O1P IMP I . -10.66 23.77 11.02
O2P IMP I . -12.80 24.00 9.63
O3P IMP I . -11.59 25.97 10.54
O5' IMP I . -12.88 24.44 12.04
C5' IMP I . -12.43 24.79 13.34
C4' IMP I . -13.55 24.66 14.36
O4' IMP I . -13.89 23.28 14.57
C3' IMP I . -13.27 25.17 15.77
O3' IMP I . -13.33 26.57 15.86
C2' IMP I . -14.32 24.44 16.61
O2' IMP I . -15.57 25.13 16.59
C1' IMP I . -14.51 23.12 15.84
N9 IMP I . -13.88 21.96 16.51
C8 IMP I . -12.65 21.87 17.09
N7 IMP I . -12.48 20.60 17.56
C5 IMP I . -13.59 19.89 17.27
C6 IMP I . -13.90 18.56 17.51
O6 IMP I . -12.98 17.75 17.72
N1 IMP I . -15.13 18.10 17.08
C2 IMP I . -16.01 18.96 16.44
N3 IMP I . -15.69 20.28 16.20
C4 IMP I . -14.48 20.73 16.61
C7 8L4 J . -17.18 19.28 19.86
C13 8L4 J . -15.88 14.48 22.25
C17 8L4 J . -21.46 15.95 23.52
C18 8L4 J . -21.57 16.78 24.62
C19 8L4 J . -22.81 17.13 25.10
C20 8L4 J . -23.95 16.67 24.47
C21 8L4 J . -23.85 15.85 23.37
C22 8L4 J . -22.61 15.50 22.90
C1 8L4 J . -16.19 16.86 22.49
C10 8L4 J . -19.07 15.89 23.43
C11 8L4 J . -16.68 15.54 23.00
C12 8L4 J . -16.38 15.40 24.49
C2 8L4 J . -15.06 17.44 23.00
C3 8L4 J . -14.60 18.63 22.50
C4 8L4 J . -15.30 19.23 21.47
C5 8L4 J . -16.43 18.63 20.96
C6 8L4 J . -16.88 17.45 21.47
N1 8L4 J . -17.03 20.58 19.73
N2 8L4 J . -17.98 18.57 19.09
N3 8L4 J . -18.09 15.36 22.73
N4 8L4 J . -20.27 15.57 23.00
O1 8L4 J . -17.68 21.32 18.76
O2 8L4 J . -18.88 16.63 24.37
CL 8L4 J . -25.57 17.10 25.09
C1 EDO K . -25.64 42.05 -6.29
O1 EDO K . -25.68 41.24 -7.48
C2 EDO K . -24.41 41.71 -5.45
O2 EDO K . -24.45 40.35 -4.97
K K L . -12.81 27.99 -12.83
K K M . -16.68 17.88 9.41
P IMP N . -24.63 -4.27 6.18
O1P IMP N . -23.32 -4.92 5.80
O2P IMP N . -24.84 -3.98 7.66
O3P IMP N . -24.74 -2.99 5.38
O5' IMP N . -25.85 -5.12 5.58
C5' IMP N . -26.16 -6.43 6.05
C4' IMP N . -27.53 -6.85 5.57
O4' IMP N . -27.51 -7.10 4.16
C3' IMP N . -28.09 -8.13 6.16
O3' IMP N . -28.61 -7.92 7.46
C2' IMP N . -29.15 -8.53 5.13
O2' IMP N . -30.33 -7.78 5.34
C1' IMP N . -28.52 -8.04 3.83
N9 IMP N . -27.89 -9.10 3.04
C8 IMP N . -27.04 -10.09 3.46
N7 IMP N . -26.67 -10.80 2.37
C5 IMP N . -27.22 -10.26 1.26
C6 IMP N . -27.15 -10.59 -0.09
O6 IMP N . -26.23 -11.28 -0.55
N1 IMP N . -27.87 -9.81 -0.98
C2 IMP N . -28.63 -8.76 -0.52
N3 IMP N . -28.69 -8.43 0.81
C4 IMP N . -28.00 -9.19 1.69
C7 8L4 O . -31.27 -11.16 -0.62
C13 8L4 O . -29.61 -14.46 -4.65
C17 8L4 O . -35.36 -13.45 -5.16
C18 8L4 O . -36.19 -14.31 -4.46
C19 8L4 O . -37.56 -14.20 -4.59
C20 8L4 O . -38.12 -13.26 -5.42
C21 8L4 O . -37.28 -12.42 -6.13
C22 8L4 O . -35.91 -12.50 -5.99
C1 8L4 O . -30.65 -14.30 -2.49
C10 8L4 O . -33.27 -14.30 -4.33
C11 8L4 O . -30.87 -14.77 -3.89
C12 8L4 O . -31.11 -16.26 -3.92
C2 8L4 O . -30.04 -15.10 -1.54
C3 8L4 O . -29.83 -14.61 -0.27
C4 8L4 O . -30.23 -13.32 0.05
C5 8L4 O . -30.83 -12.55 -0.92
C6 8L4 O . -31.03 -13.02 -2.18
N1 8L4 O . -31.61 -10.91 0.61
N2 8L4 O . -31.34 -10.25 -1.58
N3 8L4 O . -31.98 -14.06 -4.51
N4 8L4 O . -34.03 -13.49 -5.07
O1 8L4 O . -32.03 -9.65 0.96
O2 8L4 O . -33.69 -15.13 -3.58
CL 8L4 O . -39.89 -13.12 -5.63
P IMP P . 20.61 -24.42 -13.00
O1P IMP P . 21.39 -23.78 -14.11
O2P IMP P . 19.11 -24.41 -13.11
O3P IMP P . 21.01 -23.80 -11.67
O5' IMP P . 21.03 -25.94 -12.81
C5' IMP P . 20.85 -26.91 -13.84
C4' IMP P . 21.57 -28.19 -13.49
O4' IMP P . 20.91 -28.82 -12.36
C3' IMP P . 21.56 -29.29 -14.54
O3' IMP P . 22.49 -29.04 -15.59
C2' IMP P . 21.88 -30.53 -13.71
O2' IMP P . 23.26 -30.60 -13.40
C1' IMP P . 21.13 -30.21 -12.41
N9 IMP P . 19.83 -30.88 -12.30
C8 IMP P . 18.81 -30.99 -13.21
N7 IMP P . 17.81 -31.68 -12.60
C5 IMP P . 18.17 -31.98 -11.34
C6 IMP P . 17.53 -32.66 -10.28
O6 IMP P . 16.32 -32.87 -10.26
N1 IMP P . 18.21 -32.79 -9.09
C2 IMP P . 19.48 -32.28 -8.93
N3 IMP P . 20.09 -31.62 -9.97
C4 IMP P . 19.44 -31.48 -11.14
C7 8L4 Q . 20.14 -35.72 -9.52
C13 8L4 Q . 15.72 -38.80 -8.07
C17 8L4 Q . 20.81 -41.12 -6.20
C18 8L4 Q . 21.35 -42.00 -7.10
C19 8L4 Q . 22.48 -42.72 -6.83
C20 8L4 Q . 23.10 -42.57 -5.62
C21 8L4 Q . 22.57 -41.69 -4.69
C22 8L4 Q . 21.43 -40.98 -4.98
C1 8L4 Q . 17.57 -38.48 -9.62
C10 8L4 Q . 18.97 -40.41 -7.54
C11 8L4 Q . 16.97 -39.44 -8.63
C12 8L4 Q . 16.55 -40.72 -9.31
C2 8L4 Q . 17.16 -38.46 -10.93
C3 8L4 Q . 17.71 -37.54 -11.81
C4 8L4 Q . 18.68 -36.64 -11.38
C5 8L4 Q . 19.10 -36.66 -10.06
C6 8L4 Q . 18.54 -37.57 -9.21
N1 8L4 Q . 21.01 -35.10 -10.29
N2 8L4 Q . 20.24 -35.47 -8.22
N3 8L4 Q . 17.91 -39.63 -7.53
N4 8L4 Q . 19.70 -40.40 -6.44
O1 8L4 Q . 21.00 -35.30 -11.65
O2 8L4 Q . 19.24 -41.08 -8.51
CL 8L4 Q . 24.57 -43.52 -5.25
K K R . 25.67 -2.33 -5.94
P IMP S . -11.00 28.56 -20.87
O1P IMP S . -9.59 28.12 -20.57
O2P IMP S . -11.46 28.53 -22.31
O3P IMP S . -11.97 27.80 -19.99
O5' IMP S . -11.14 30.05 -20.31
C5' IMP S . -10.43 31.14 -20.89
C4' IMP S . -10.92 32.44 -20.31
O4' IMP S . -10.60 32.53 -18.91
C3' IMP S . -10.34 33.72 -20.88
O3' IMP S . -10.86 34.06 -22.15
C2' IMP S . -10.63 34.75 -19.79
O2' IMP S . -11.97 35.25 -19.89
C1' IMP S . -10.54 33.89 -18.52
N9 IMP S . -9.29 34.12 -17.77
C8 IMP S . -8.02 34.17 -18.26
N7 IMP S . -7.17 34.36 -17.19
C5 IMP S . -7.89 34.39 -16.05
C6 IMP S . -7.53 34.55 -14.71
O6 IMP S . -6.39 34.23 -14.31
N1 IMP S . -8.54 34.55 -13.78
C2 IMP S . -9.85 34.41 -14.16
N3 IMP S . -10.20 34.23 -15.47
C4 IMP S . -9.22 34.23 -16.41
C7 8L4 T . -9.72 38.00 -13.70
C13 8L4 T . -5.67 39.00 -10.05
C17 8L4 T . -10.45 42.35 -9.08
C18 8L4 T . -10.40 43.55 -9.75
C19 8L4 T . -11.39 44.49 -9.55
C20 8L4 T . -12.42 44.22 -8.67
C21 8L4 T . -12.46 43.03 -8.00
C22 8L4 T . -11.48 42.08 -8.20
C1 8L4 T . -6.81 39.68 -12.09
C10 8L4 T . -8.44 41.41 -10.00
C11 8L4 T . -6.48 40.11 -10.69
C12 8L4 T . -5.62 41.36 -10.73
C2 8L4 T . -5.90 39.82 -13.13
C3 8L4 T . -6.25 39.37 -14.39
C4 8L4 T . -7.48 38.78 -14.61
C5 8L4 T . -8.38 38.64 -13.57
C6 8L4 T . -8.01 39.08 -12.32
N1 8L4 T . -10.32 37.87 -14.86
N2 8L4 T . -10.36 37.53 -12.64
N3 8L4 T . -7.70 40.33 -9.93
N4 8L4 T . -9.51 41.40 -9.24
O1 8L4 T . -9.75 38.34 -16.01
O2 8L4 T . -8.14 42.32 -10.73
CL 8L4 T . -13.70 45.43 -8.37
K K U . -22.20 7.94 -23.94
P IMP V . 25.39 5.86 -4.53
O1P IMP V . 25.75 7.06 -3.69
O2P IMP V . 24.03 5.82 -5.20
O3P IMP V . 25.42 4.61 -3.68
O5' IMP V . 26.54 5.62 -5.62
C5' IMP V . 26.91 6.61 -6.57
C4' IMP V . 28.13 6.18 -7.35
O4' IMP V . 27.85 4.99 -8.11
C3' IMP V . 28.63 7.16 -8.39
O3' IMP V . 29.34 8.24 -7.82
C2' IMP V . 29.47 6.26 -9.31
O2' IMP V . 30.74 6.02 -8.73
C1' IMP V . 28.70 4.95 -9.25
N9 IMP V . 27.86 4.72 -10.44
C8 IMP V . 27.00 5.59 -11.07
N7 IMP V . 26.44 4.93 -12.11
C5 IMP V . 26.91 3.68 -12.15
C6 IMP V . 26.66 2.59 -12.99
O6 IMP V . 25.67 2.57 -13.74
N1 IMP V . 27.31 1.41 -12.76
C2 IMP V . 28.21 1.32 -11.71
N3 IMP V . 28.46 2.37 -10.86
C4 IMP V . 27.81 3.53 -11.09
C7 8L4 W . 30.45 1.94 -14.43
C13 8L4 W . 27.97 -0.16 -18.95
C17 8L4 W . 33.68 -1.71 -18.57
C18 8L4 W . 34.57 -0.82 -19.15
C19 8L4 W . 35.93 -1.09 -19.21
C20 8L4 W . 36.41 -2.29 -18.68
C21 8L4 W . 35.53 -3.19 -18.10
C22 8L4 W . 34.18 -2.90 -18.05
C1 8L4 W . 29.40 1.60 -18.04
C10 8L4 W . 31.64 -0.44 -18.91
C11 8L4 W . 29.33 0.50 -19.06
C12 8L4 W . 29.48 1.10 -20.45
C2 8L4 W . 28.98 2.89 -18.33
C3 8L4 W . 29.05 3.88 -17.36
C4 8L4 W . 29.52 3.57 -16.08
C5 8L4 W . 29.94 2.28 -15.79
C6 8L4 W . 29.87 1.30 -16.76
N1 8L4 W . 30.82 2.93 -13.62
N2 8L4 W . 30.56 0.67 -14.03
N3 8L4 W . 30.31 -0.52 -18.70
N4 8L4 W . 32.33 -1.50 -18.47
O1 8L4 W . 31.31 2.65 -12.35
O2 8L4 W . 32.15 0.53 -19.44
CL 8L4 W . 38.17 -2.67 -18.76
C1 EDO X . 38.16 5.35 18.91
O1 EDO X . 37.50 4.52 17.97
C2 EDO X . 38.92 4.47 19.89
O2 EDO X . 38.02 3.95 20.86
K K Y . 19.52 -0.23 17.96
P IMP Z . 15.48 -1.30 25.18
O1P IMP Z . 16.11 -2.21 24.14
O2P IMP Z . 14.21 -0.71 24.58
O3P IMP Z . 15.26 -2.01 26.48
O5' IMP Z . 16.52 -0.11 25.37
C5' IMP Z . 16.31 0.92 26.34
C4' IMP Z . 17.53 1.81 26.52
O4' IMP Z . 17.85 2.50 25.29
C3' IMP Z . 17.41 2.94 27.54
O3' IMP Z . 17.52 2.48 28.88
C2' IMP Z . 18.54 3.88 27.12
O2' IMP Z . 19.79 3.43 27.60
C1' IMP Z . 18.55 3.70 25.59
N9 IMP Z . 17.90 4.80 24.88
C8 IMP Z . 16.71 5.42 25.18
N7 IMP Z . 16.47 6.37 24.24
C5 IMP Z . 17.49 6.36 23.33
C6 IMP Z . 17.72 7.11 22.18
O6 IMP Z . 16.80 7.72 21.64
N1 IMP Z . 18.87 6.86 21.46
C2 IMP Z . 19.75 5.89 21.89
N3 IMP Z . 19.51 5.13 23.02
C4 IMP Z . 18.38 5.37 23.74
C7 8L4 AA . 21.34 8.68 23.41
C13 8L4 AA . 20.02 12.95 20.19
C17 8L4 AA . 25.89 12.89 21.41
C18 8L4 AA . 26.25 13.62 22.55
C19 8L4 AA . 27.58 13.78 22.91
C20 8L4 AA . 28.56 13.22 22.12
C21 8L4 AA . 28.24 12.49 20.97
C22 8L4 AA . 26.90 12.34 20.63
C1 8L4 AA . 20.51 12.20 22.44
C10 8L4 AA . 23.46 13.14 21.61
C11 8L4 AA . 20.96 13.15 21.38
C12 8L4 AA . 20.77 14.60 21.84
C2 8L4 AA . 19.52 12.53 23.37
C3 8L4 AA . 19.12 11.60 24.33
C4 8L4 AA . 19.71 10.34 24.35
C5 8L4 AA . 20.68 10.01 23.40
C6 8L4 AA . 21.08 10.93 22.45
N1 8L4 AA . 21.41 8.01 24.56
N2 8L4 AA . 21.90 8.22 22.29
N3 8L4 AA . 22.32 12.81 20.98
N4 8L4 AA . 24.59 12.70 21.02
O1 8L4 AA . 22.03 6.78 24.67
O2 8L4 AA . 23.46 13.77 22.66
CL 8L4 AA . 30.28 13.45 22.55
C7 8L4 BA . 11.41 -28.86 27.93
C13 8L4 BA . 8.15 -25.67 30.88
C17 8L4 BA . 13.12 -26.55 33.79
C18 8L4 BA . 13.14 -27.66 34.62
C19 8L4 BA . 14.25 -27.90 35.42
C20 8L4 BA . 15.33 -27.03 35.40
C21 8L4 BA . 15.29 -25.93 34.57
C22 8L4 BA . 14.20 -25.69 33.77
C1 8L4 BA . 8.96 -27.93 30.60
C10 8L4 BA . 10.96 -26.93 32.83
C11 8L4 BA . 8.84 -26.81 31.59
C12 8L4 BA . 8.02 -27.20 32.80
C2 8L4 BA . 8.00 -28.91 30.51
C3 8L4 BA . 8.16 -29.89 29.56
C4 8L4 BA . 9.26 -29.91 28.71
C5 8L4 BA . 10.20 -28.92 28.82
C6 8L4 BA . 10.04 -27.94 29.76
N1 8L4 BA . 11.84 -29.89 27.23
N2 8L4 BA . 12.09 -27.73 27.84
N3 8L4 BA . 10.15 -26.35 31.97
N4 8L4 BA . 12.08 -26.26 33.01
O1 8L4 BA . 11.20 -31.11 27.27
O2 8L4 BA . 10.70 -27.95 33.39
CL 8L4 BA . 16.77 -27.30 36.42
K K CA . 13.67 -24.08 18.93
K K DA . 19.79 -26.32 -4.93
P IMP EA . 10.88 -31.55 16.52
O1P IMP EA . 11.89 -30.58 15.97
O2P IMP EA . 9.49 -31.00 16.49
O3P IMP EA . 11.12 -32.91 15.86
O5' IMP EA . 11.25 -31.67 18.05
C5' IMP EA . 10.57 -32.57 18.93
C4' IMP EA . 11.29 -32.62 20.26
O4' IMP EA . 11.16 -31.36 20.97
C3' IMP EA . 10.78 -33.63 21.28
O3' IMP EA . 11.19 -34.94 20.99
C2' IMP EA . 11.32 -33.09 22.61
O2' IMP EA . 12.68 -33.45 22.80
C1' IMP EA . 11.29 -31.58 22.36
N9 IMP EA . 10.15 -30.92 23.04
C8 IMP EA . 8.82 -31.31 23.11
N7 IMP EA . 8.14 -30.35 23.80
C5 IMP EA . 9.01 -29.37 24.15
C6 IMP EA . 8.84 -28.19 24.86
O6 IMP EA . 7.73 -27.63 24.85
N1 IMP EA . 9.95 -27.40 25.07
C2 IMP EA . 11.19 -27.78 24.60
N3 IMP EA . 11.36 -28.95 23.89
C4 IMP EA . 10.27 -29.73 23.68
K K FA . -25.84 -2.26 -1.77
P IMP GA . -23.96 0.04 -25.37
O1P IMP GA . -22.49 -0.20 -25.61
O2P IMP GA . -24.80 -1.18 -25.11
O3P IMP GA . -24.10 0.97 -24.19
O5' IMP GA . -24.52 0.87 -26.62
C5' IMP GA . -24.60 0.32 -27.92
C4' IMP GA . -25.35 1.26 -28.84
O4' IMP GA . -24.57 2.44 -29.08
C3' IMP GA . -25.65 0.75 -30.24
O3' IMP GA . -26.73 -0.18 -30.28
C2' IMP GA . -25.90 2.04 -31.02
O2' IMP GA . -27.23 2.52 -30.81
C1' IMP GA . -24.95 3.02 -30.32
N9 IMP GA . -23.74 3.32 -31.10
C8 IMP GA . -22.91 2.45 -31.77
N7 IMP GA . -21.91 3.18 -32.32
C5 IMP GA . -22.07 4.49 -31.99
C6 IMP GA . -21.33 5.65 -32.27
O6 IMP GA . -20.12 5.62 -32.52
N1 IMP GA . -21.80 6.84 -31.78
C2 IMP GA . -22.96 6.89 -31.03
N3 IMP GA . -23.67 5.74 -30.74
C4 IMP GA . -23.22 4.57 -31.23
C7 8L4 HA . -24.30 7.69 -34.28
C13 8L4 HA . -19.87 9.96 -36.88
C17 8L4 HA . -24.94 13.10 -37.78
C18 8L4 HA . -25.71 12.67 -38.86
C19 8L4 HA . -26.87 13.37 -39.25
C20 8L4 HA . -27.26 14.50 -38.54
C21 8L4 HA . -26.49 14.93 -37.47
C22 8L4 HA . -25.35 14.23 -37.08
C1 8L4 HA . -21.91 8.61 -37.04
C10 8L4 HA . -23.20 11.38 -37.83
C11 8L4 HA . -21.25 9.85 -37.54
C12 8L4 HA . -20.97 9.70 -39.05
C2 8L4 HA . -21.68 7.39 -37.64
C3 8L4 HA . -22.30 6.25 -37.15
C4 8L4 HA . -23.16 6.34 -36.06
C5 8L4 HA . -23.39 7.57 -35.46
C6 8L4 HA . -22.76 8.71 -35.95
N1 8L4 HA . -25.17 6.71 -34.01
N2 8L4 HA . -24.24 8.77 -33.50
N3 8L4 HA . -22.08 11.00 -37.20
N4 8L4 HA . -23.80 12.48 -37.35
O1 8L4 HA . -26.02 6.76 -32.91
O2 8L4 HA . -23.66 10.75 -38.77
CL 8L4 HA . -28.73 15.41 -39.02
#